data_7QJE
#
_entry.id   7QJE
#
_cell.length_a   1.00
_cell.length_b   1.00
_cell.length_c   1.00
_cell.angle_alpha   90.00
_cell.angle_beta   90.00
_cell.angle_gamma   90.00
#
_symmetry.space_group_name_H-M   'P 1'
#
loop_
_entity.id
_entity.type
_entity.pdbx_description
1 polymer 'Gamma-tubulin complex component 4'
2 polymer 'Gamma-tubulin complex component 5'
3 polymer 'Gamma-tubulin complex component 6'
4 polymer 'Tubulin gamma-1 chain'
#
loop_
_entity_poly.entity_id
_entity_poly.type
_entity_poly.pdbx_seq_one_letter_code
_entity_poly.pdbx_strand_id
1 'polypeptide(L)'
;MIHELLLALSGYPGSIFTWNKRSGLQVSQDFPFLHPSETSVLNRLCRLGTDYIRFTEFIEQYTGHVQQQDHHPSQQGQGG
LHGIYLRAFCTGLDSVLQPYRQALLDLEQEFLGDPHLSISHVNYFLDQFQLLFPSVMVVVEQIKSQKIHGCQILETVYKH
SCGGLPPVRSALEKILAVCHGVMYKQLSAWMLHGLLLDQHEEFFIKQGPSSGNVSAQPEEDEEDLGIGGLTGKQLRELQD
LRLIEEENMLAPSLKQFSLRVEILPSYIPVRVAEKILFVGESVQMFENQNVNLTRKGSILKNQEDTFAAELHRLKQQPLF
SLVDFEQVVDRIRSTVAEHLWKLMVEESDLLGQLKIIKDFYLLGRGELFQAFIDTAQHMLKTPPTAVTEHDVNVAFQQSA
HKVLLDDDNLLPLLHLTIEYHGKEHKADATQAREGPSRETSPREAPASGWAALGLSYKVQWPLHILFTPAVLEKYNVVFK
YLLSVRRVQAELQHCWALQMQRKHLKSNQTDAIKWRLRNHMAFLVDNLQYYLQVDVLESQFSQLLHQINSTRDFESIRLA
HDHFLSNLLAQSFILLKPVFHCLNEILDLCHSFCSLVSQNLGPLDERGAAQLSILVKGFSRQSSLLFKILSSVRNHQINS
DLAQLLLRLDYNKYYTQAGGTLGSFGM
;
I,K
2 'polypeptide(L)'
;MARHGPPWSRLDAQQERDVRELVRGVAGLQDEADPNFQLALNFAWSNFRFHRFLDVNSHKIEKTIEGIYEKFVIHSDLSK
AASWKRLTEEFLNAPLPSIKEIKTDAHYSILSLLLCLSDSPSNSSYVETPRNKEVEKKDDFDWGKYLMEDEEMDIGPYMD
TPNWSEESEEENDQQPLSREDSGIQVDRTPLEEQDQNRKLDPCISWKDEPDDRSWLEHHVVHQYWTARPSQFPHSLHLHS
NLAAVWDQHLYSSDPLYVPDDRVLVTETQVIRETLWLLSGVKKLFIFQLIDGKVTVRNNIIVTHLTHSCLRSVLEQIAAY
GQVVFRLQEFIDEVMGHSSESMLPGSGSVPKKSTEAPFRTYQAFMWALYKYFISFKEELAEIEKCIINNDTTITLAIVVD
KLAPRLSQLKVLHKVFSTGVAEVPPDTRNVVRASHLLNTLYKAILEYDNVGEASEQTVSLLFSLWVETVRPYLQTVDEWI
VHGHLWDGAREFIIQRNKNVPVNHRDFWYATYTLYSVSEKTENEEKMSDNASASSGSDQGPSSRQHTMVSFLKPVLKQII
MAGKSMQLLKNLQCAESTTCQAGARDAERKSLYTLFLESVQSRLRHGEDSTPQVLTEQQATKENLMKMQSIAESHLELDD
VHDPLLAINFARMYLEQSDFHEKFAGGDVCVDRSSESVTCQTFELTLRSCLYPHIDKQYLDCCGNLMQTLKKDYRLVEYL
QAMRNFFLMEGGDTMYDFYTSIFDKIREKETWQNVSFLNVQLQEAVGQRYPEDSSRLSISFENVDTAKKKLPVHILDGLT
LSYKVPWPVDIVISLECQKIYNQVFLLLLQIKWAKYSLDVLLFGELVSTAEKPRLKEGLIHEQDTVAQFGPQKEPVRQQI
HRMFLLRVKLMHFVNSLHNYIMTRILHSTGLEFQHQVEEAKDLDQLIKIHYRYLSTIHDRCLLREKVSFVKEAIMKVLNL
ALMFADGWQAGLGTWRMESIEKMESDFKNCHMFLVTILNKAVCRGSFPHLESLALSLMAGMEQS
;
J
3 'polypeptide(L)'
;MASITQLFDDLCEALLPAAKTHLGQRSVNRKRAKRSLKKVAYNALFTNLFQDETQQLQPDMSKLPARNKILMLSFDLRVG
GLGPKADRLEELVEELEAAPCCPLLEVGSVLDLLVQLAGSGPPQVLPRKRDYFLNNKHVGRNVPYSGYDCDDLSVFEMDV
QSLISREECLCHSMIQETLQVMEAAPGTGLPTVGLFSFGDPCGDRFERDTRVSLFGALVHSRTYDMDVRLGLPPVPDNAD
LSGLAIKVPPSVDQWEDEGFQSASNLTPDSQSEPSVTPDVDLWEAALTYEASKRRCWERVGCPPGHREEPYLTEAGRDAF
DKFCRLHQGELQLLAGGVLQAPQPVLVKECELVKDVLNVLIGVVSATFSLCQPAQAFVVKRGVHVSGASPESISSLLSEV
AEYGTCYTRLSHFSLQPVLDSLYSKGLVFQAFTSGLRRYLQYYRACVLSTPPTLSLLTIGFLFKKLGRQLRYLAELCGVG
AVLPGTCGGGPRAAFPTGVKLLSYLYQEALHNCSNEHYPVLLSLLKTSCEPYTRFIHDWVYSGVFRDAYGEFMIQVNHEY
LSFRDKLYWTHGYVLISKEVEDCVPVFLKHIAHDIYVCGKTINLLKLCCPRHYLCWSDVPVPRISVIFSLEELKEIEKDC
AVYVGRMERVARHSSVSKEEKELRMEIAKQELIAHAREAASRVLSALSDRQMSERMALDARKREQFQRLKEQFVKDQERR
QAARQEELDDDFSYARELRDRERRLKSLEEELERKARQALVDHYSKLSAEAARREQKALWRIQRHRLESARLRFLLEDEK
HIQEMLKAVSEAHQPQEPPDVLLSVHPQVTSPGPEHPEGGQGCDSGSAEQHSPAWDGWNRPGLLTPQPLKPLAVGAGGRG
LQQAEGARPFSDSLSIGDFLPVGPGAEPSVQTGMVPLLEVALQTINLDLPPSAPGEAPAAASTQPSRPQEYDFSTVLRPA
VATSPAPGPLQAAECSLGSSGLQLWEDSCGKMDACGSASRETLLPSHPPRRAALEEGSSQPTERLFGQVSGGGLPTGDYA
SEIAPTRPRWNTHGHVSDASIRVGENVSDVAPTQPRWNTHGHVSNASISLGESVSDVAPTRPRWNIHGHVSNASIRVGEN
VSDVAPTRPRWNTHGHVSNASIRVGENVSDVAPTRPRWNTHGHVSDASISLGESVSDMAPARPRWNTHGHVSDASISLGE
SVSDMAPTRPRWNTHGHVSDTSIRVGENVSDVAPIRSRCNTHGHVSDASISLGEPVSDVVSTRPRWNTHVPIPPPHMVLG
ALSPEAEPNTPRPQQSPPGHTSQSALSLGAQSTVLDCGPRLPVEVGPSLSSPSSGCGEGSISVGENVSDVAPTQPWWPNT
PGDSVSEELGPGRSGDTEDLSPNWPLNSQEDTAAQSSPGRGEEAEASAAEAQGGEQAYLAGLAGQYHLERYPDSYESMSE
PPIAHLLRPVLPRAFAFPVDPQVQSAADETAVQLSELLTLPVLMKRSITAPLAAHISLVNKAAVDYFFVELHLEAHYEAL
RHFLLMEDGEFAQSLSDLLFEKLGAGQTPGELLNPLVLNSVLSKALQCSLHGDTPHASNLSLALKYLPEVFAPNAPDVLS
CLELRYKVDWPLNIVITEGCVSKYSGVFSFLLQLKLMMWALKDVCFHLKRTALLSHMAGSVQFRQLQLFKHEMQHFVKVI
QGYIANQILHVTWCEFRARLATVGDLEEIQRAHAEYLHKAVFRGLLTEKAAPVMNVIHSIFSLVLKFRSQLISQAWGPPG
GPRGAEHPNFALMQQSYNTFKYYSHFLFKVVTKLVNRGYQPHLEDFLLRINFNNYYQDA
;
L
4 'polypeptide(L)'
;MPREIITLQLGQCGNQIGFEFWKQLCAEHGISPEGIVEEFATEGTDRKDVFFYQADDEHYIPRAVLLDLEPRVIHSILNS
PYAKLYNPENIYLSEHGGGAGNNWASGFSQGEKIHEDIFDIIDREADGSDSLEGFVLCHSIAGGTGSGLGSYLLERLNDR
YPKKLVQTYSVFPNQDEMSDVVVQPYNSLLTLKRLTQNADCVVVLDNTALNRIATDRLHIQNPSFSQINQLVSTIMSAST
TTLRYPGYMNNDLIGLIASLIPTPRLHFLMTGYTPLTTDQSVASVRKTTVLDVMRRLLQPKNVMVSTGRDRQTNHCYIAI
LNIIQGEVDPTQVHKSLQRIRERKLANFIPWGPASIQVALSRKSPYLPSAHRVSGLMMANHTSISSLFERTCRQYDKLRK
REAFLEQFRKEDMFKDNFDEMDTSREIVQQLIDEYHAATRPDYISWGTQEQ
;
W,X,Y,Z
#
# COMPACT_ATOMS: atom_id res chain seq x y z
N MET A 1 -76.27 -51.19 23.97
CA MET A 1 -77.06 -52.03 23.07
C MET A 1 -77.17 -51.38 21.71
N ILE A 2 -77.60 -50.13 21.73
CA ILE A 2 -77.66 -49.31 20.53
C ILE A 2 -76.68 -48.14 20.61
N HIS A 3 -75.81 -48.16 21.63
CA HIS A 3 -74.49 -47.55 21.56
C HIS A 3 -73.35 -48.56 21.66
N GLU A 4 -73.55 -49.67 22.39
CA GLU A 4 -72.52 -50.71 22.52
C GLU A 4 -72.22 -51.39 21.20
N LEU A 5 -73.28 -51.71 20.43
CA LEU A 5 -73.11 -52.24 19.08
C LEU A 5 -72.40 -51.23 18.18
N LEU A 6 -72.75 -49.95 18.30
CA LEU A 6 -72.14 -48.92 17.47
C LEU A 6 -70.67 -48.69 17.84
N LEU A 7 -70.30 -48.97 19.10
CA LEU A 7 -68.88 -49.02 19.47
C LEU A 7 -68.17 -50.22 18.86
N ALA A 8 -68.82 -51.38 18.81
CA ALA A 8 -68.17 -52.56 18.24
C ALA A 8 -68.05 -52.45 16.73
N LEU A 9 -68.96 -51.72 16.09
CA LEU A 9 -68.90 -51.51 14.64
C LEU A 9 -67.74 -50.61 14.25
N SER A 10 -67.32 -49.73 15.14
CA SER A 10 -66.23 -48.80 14.86
C SER A 10 -64.88 -49.41 15.21
N GLY A 11 -63.83 -48.59 15.25
CA GLY A 11 -62.48 -49.09 15.43
C GLY A 11 -62.11 -49.55 16.82
N TYR A 12 -62.96 -50.40 17.40
CA TYR A 12 -62.73 -51.08 18.66
C TYR A 12 -63.13 -52.54 18.47
N PRO A 13 -62.37 -53.50 19.01
CA PRO A 13 -62.69 -54.92 18.76
C PRO A 13 -63.70 -55.49 19.73
N GLY A 14 -64.32 -54.63 20.55
CA GLY A 14 -65.26 -55.01 21.58
C GLY A 14 -64.74 -56.04 22.59
N SER A 15 -65.69 -56.57 23.34
CA SER A 15 -65.51 -57.75 24.19
C SER A 15 -66.85 -58.44 24.38
N ILE A 16 -67.93 -57.66 24.24
CA ILE A 16 -69.27 -58.20 24.06
C ILE A 16 -69.38 -58.95 22.74
N PHE A 17 -68.93 -58.33 21.66
CA PHE A 17 -68.82 -58.97 20.36
C PHE A 17 -67.35 -59.30 20.18
N THR A 18 -66.99 -60.56 20.42
CA THR A 18 -65.62 -60.98 20.62
C THR A 18 -64.88 -61.02 19.29
N TRP A 19 -63.73 -60.35 19.24
CA TRP A 19 -62.90 -60.33 18.04
C TRP A 19 -62.06 -61.60 17.97
N ASN A 20 -62.19 -62.33 16.87
CA ASN A 20 -61.42 -63.55 16.64
C ASN A 20 -60.88 -63.54 15.23
N LYS A 21 -59.70 -64.13 15.04
CA LYS A 21 -59.09 -64.22 13.73
C LYS A 21 -59.71 -65.32 12.88
N ARG A 22 -60.49 -66.21 13.48
CA ARG A 22 -61.22 -67.23 12.76
C ARG A 22 -62.67 -66.84 12.51
N SER A 23 -63.29 -66.10 13.43
CA SER A 23 -64.60 -65.50 13.20
C SER A 23 -64.77 -64.22 14.00
N GLY A 24 -64.49 -63.08 13.36
CA GLY A 24 -64.65 -61.76 13.96
C GLY A 24 -66.04 -61.43 14.46
N LEU A 25 -66.08 -60.67 15.57
CA LEU A 25 -67.29 -60.11 16.20
C LEU A 25 -68.42 -61.12 16.37
N GLN A 26 -68.15 -62.18 17.13
CA GLN A 26 -69.20 -63.15 17.42
C GLN A 26 -70.04 -62.63 18.56
N VAL A 27 -71.36 -62.60 18.37
CA VAL A 27 -72.26 -62.58 19.51
C VAL A 27 -72.47 -64.03 19.97
N SER A 28 -72.18 -64.26 21.25
CA SER A 28 -72.47 -65.56 21.84
C SER A 28 -73.30 -65.41 23.09
N GLN A 29 -73.13 -64.31 23.82
CA GLN A 29 -73.98 -63.98 24.95
C GLN A 29 -75.38 -63.61 24.44
N ASP A 30 -76.34 -64.46 24.73
CA ASP A 30 -77.71 -64.40 24.23
C ASP A 30 -78.58 -63.63 25.20
N PHE A 31 -78.52 -62.29 25.14
CA PHE A 31 -79.06 -61.39 26.16
C PHE A 31 -80.56 -61.60 26.35
N PRO A 32 -81.01 -61.76 27.60
CA PRO A 32 -82.44 -61.65 27.94
C PRO A 32 -82.98 -60.22 28.06
N PHE A 33 -82.37 -59.26 27.39
CA PHE A 33 -83.19 -58.22 26.79
C PHE A 33 -82.74 -58.02 25.35
N LEU A 34 -82.37 -59.12 24.68
CA LEU A 34 -82.52 -59.22 23.22
C LEU A 34 -83.53 -60.28 22.85
N HIS A 35 -84.19 -60.06 21.71
CA HIS A 35 -85.01 -61.09 21.11
C HIS A 35 -84.10 -62.12 20.45
N PRO A 36 -84.45 -63.42 20.52
CA PRO A 36 -83.55 -64.46 19.98
C PRO A 36 -83.37 -64.41 18.45
N SER A 37 -84.26 -63.73 17.73
CA SER A 37 -84.07 -63.59 16.30
C SER A 37 -83.11 -62.46 15.96
N GLU A 38 -82.80 -61.59 16.94
CA GLU A 38 -81.77 -60.60 16.73
C GLU A 38 -80.37 -61.20 16.65
N THR A 39 -80.18 -62.42 17.16
CA THR A 39 -78.88 -63.09 17.09
C THR A 39 -78.44 -63.27 15.64
N SER A 40 -79.33 -63.82 14.81
CA SER A 40 -79.07 -63.93 13.37
C SER A 40 -78.92 -62.55 12.74
N VAL A 41 -79.67 -61.56 13.23
CA VAL A 41 -79.55 -60.20 12.72
C VAL A 41 -78.17 -59.64 13.02
N LEU A 42 -77.66 -59.93 14.23
CA LEU A 42 -76.32 -59.52 14.59
C LEU A 42 -75.29 -60.27 13.78
N ASN A 43 -75.59 -61.53 13.43
CA ASN A 43 -74.70 -62.30 12.57
C ASN A 43 -74.68 -61.74 11.16
N ARG A 44 -75.78 -61.10 10.75
CA ARG A 44 -75.76 -60.37 9.49
C ARG A 44 -74.95 -59.08 9.62
N LEU A 45 -75.06 -58.41 10.77
CA LEU A 45 -74.47 -57.08 10.91
C LEU A 45 -72.96 -57.14 11.12
N CYS A 46 -72.48 -58.14 11.87
CA CYS A 46 -71.12 -58.15 12.40
C CYS A 46 -70.05 -58.30 11.33
N ARG A 47 -70.41 -58.82 10.16
CA ARG A 47 -69.45 -58.90 9.05
C ARG A 47 -69.03 -57.52 8.58
N LEU A 48 -69.97 -56.56 8.60
CA LEU A 48 -69.66 -55.18 8.22
C LEU A 48 -68.66 -54.55 9.17
N GLY A 49 -68.95 -54.63 10.48
CA GLY A 49 -68.03 -54.09 11.48
C GLY A 49 -66.69 -54.79 11.48
N THR A 50 -66.68 -56.11 11.21
CA THR A 50 -65.44 -56.86 11.05
C THR A 50 -64.59 -56.27 9.93
N ASP A 51 -65.23 -55.96 8.79
CA ASP A 51 -64.51 -55.31 7.69
C ASP A 51 -64.00 -53.94 8.12
N TYR A 52 -64.81 -53.20 8.89
CA TYR A 52 -64.38 -51.88 9.37
C TYR A 52 -63.18 -52.02 10.31
N ILE A 53 -63.16 -53.09 11.10
CA ILE A 53 -62.02 -53.32 11.99
C ILE A 53 -60.78 -53.64 11.17
N ARG A 54 -60.94 -54.44 10.10
CA ARG A 54 -59.79 -54.84 9.29
C ARG A 54 -59.19 -53.64 8.57
N PHE A 55 -60.04 -52.78 8.02
CA PHE A 55 -59.57 -51.53 7.39
C PHE A 55 -58.90 -50.62 8.42
N THR A 56 -59.44 -50.58 9.64
CA THR A 56 -58.82 -49.79 10.70
C THR A 56 -57.46 -50.38 11.07
N GLU A 57 -57.36 -51.71 11.08
CA GLU A 57 -56.09 -52.37 11.38
C GLU A 57 -55.07 -52.10 10.30
N PHE A 58 -55.51 -52.09 9.05
CA PHE A 58 -54.64 -51.83 7.90
C PHE A 58 -54.06 -50.42 7.95
N ILE A 59 -54.85 -49.44 8.39
CA ILE A 59 -54.28 -48.10 8.56
C ILE A 59 -53.34 -48.05 9.77
N GLU A 60 -53.67 -48.78 10.85
CA GLU A 60 -52.81 -48.72 12.04
C GLU A 60 -51.50 -49.48 11.84
N GLN A 61 -51.51 -50.51 11.02
CA GLN A 61 -50.35 -51.40 10.90
C GLN A 61 -49.28 -50.80 10.02
N TYR A 62 -49.67 -50.10 8.96
CA TYR A 62 -48.75 -49.82 7.86
C TYR A 62 -48.58 -48.34 7.59
N THR A 63 -47.33 -47.86 7.73
CA THR A 63 -47.02 -46.42 7.47
C THR A 63 -45.78 -46.32 6.59
N GLY A 79 -42.97 -49.66 6.71
CA GLY A 79 -42.58 -50.86 5.95
C GLY A 79 -43.65 -51.94 6.04
N GLY A 80 -43.40 -53.10 5.42
CA GLY A 80 -44.24 -54.27 5.64
C GLY A 80 -45.24 -54.24 4.52
N LEU A 81 -45.74 -53.02 4.23
CA LEU A 81 -46.34 -52.65 2.96
C LEU A 81 -46.03 -51.21 2.51
N HIS A 82 -44.77 -50.74 2.51
CA HIS A 82 -44.51 -49.35 2.11
C HIS A 82 -44.27 -49.25 0.61
N GLY A 83 -43.76 -48.08 0.24
CA GLY A 83 -44.10 -47.36 -0.96
C GLY A 83 -44.86 -46.12 -0.55
N ILE A 84 -44.59 -45.03 -1.27
CA ILE A 84 -45.32 -43.79 -1.01
C ILE A 84 -46.77 -43.92 -1.44
N TYR A 85 -47.06 -44.87 -2.33
CA TYR A 85 -48.41 -45.09 -2.79
C TYR A 85 -49.29 -45.78 -1.75
N LEU A 86 -48.70 -46.51 -0.79
CA LEU A 86 -49.58 -47.13 0.20
C LEU A 86 -49.64 -46.30 1.49
N ARG A 87 -48.68 -45.40 1.69
CA ARG A 87 -48.93 -44.25 2.55
C ARG A 87 -50.12 -43.43 2.03
N ALA A 88 -50.21 -43.26 0.70
CA ALA A 88 -51.41 -42.70 0.10
C ALA A 88 -52.63 -43.62 0.22
N PHE A 89 -52.45 -44.94 0.15
CA PHE A 89 -53.58 -45.88 0.23
C PHE A 89 -54.19 -45.89 1.63
N CYS A 90 -53.37 -45.82 2.68
CA CYS A 90 -53.92 -45.71 4.03
C CYS A 90 -54.55 -44.35 4.27
N THR A 91 -54.00 -43.30 3.64
CA THR A 91 -54.63 -41.98 3.65
C THR A 91 -56.01 -42.02 3.00
N GLY A 92 -56.14 -42.77 1.90
CA GLY A 92 -57.44 -42.92 1.27
C GLY A 92 -58.37 -43.84 2.02
N LEU A 93 -57.83 -44.85 2.68
CA LEU A 93 -58.65 -45.80 3.44
C LEU A 93 -59.27 -45.13 4.67
N ASP A 94 -58.54 -44.21 5.30
CA ASP A 94 -59.15 -43.41 6.37
C ASP A 94 -60.28 -42.53 5.84
N SER A 95 -60.11 -41.98 4.63
CA SER A 95 -61.14 -41.14 4.03
C SER A 95 -62.39 -41.93 3.66
N VAL A 96 -62.24 -43.21 3.28
CA VAL A 96 -63.44 -43.99 2.99
C VAL A 96 -64.08 -44.51 4.27
N LEU A 97 -63.34 -44.56 5.38
CA LEU A 97 -64.01 -44.92 6.63
C LEU A 97 -64.69 -43.75 7.34
N GLN A 98 -64.44 -42.50 6.92
CA GLN A 98 -65.14 -41.36 7.51
C GLN A 98 -66.68 -41.33 7.40
N PRO A 99 -67.32 -41.60 6.24
CA PRO A 99 -68.79 -41.55 6.22
C PRO A 99 -69.47 -42.62 7.06
N TYR A 100 -68.80 -43.73 7.35
CA TYR A 100 -69.31 -44.70 8.31
C TYR A 100 -69.39 -44.11 9.71
N ARG A 101 -68.39 -43.32 10.10
CA ARG A 101 -68.42 -42.60 11.37
C ARG A 101 -69.58 -41.60 11.39
N GLN A 102 -69.79 -40.91 10.26
CA GLN A 102 -70.91 -39.97 10.14
C GLN A 102 -72.26 -40.68 10.30
N ALA A 103 -72.40 -41.86 9.69
CA ALA A 103 -73.66 -42.60 9.79
C ALA A 103 -73.91 -43.13 11.19
N LEU A 104 -72.85 -43.53 11.91
CA LEU A 104 -73.03 -43.94 13.30
C LEU A 104 -73.40 -42.75 14.19
N LEU A 105 -72.88 -41.56 13.86
CA LEU A 105 -73.31 -40.34 14.55
C LEU A 105 -74.78 -40.05 14.30
N ASP A 106 -75.25 -40.28 13.06
CA ASP A 106 -76.66 -40.11 12.75
C ASP A 106 -77.54 -41.11 13.52
N LEU A 107 -77.05 -42.35 13.67
CA LEU A 107 -77.75 -43.33 14.50
C LEU A 107 -77.82 -42.88 15.96
N GLU A 108 -76.72 -42.32 16.48
CA GLU A 108 -76.70 -41.85 17.87
C GLU A 108 -77.69 -40.70 18.09
N GLN A 109 -77.78 -39.79 17.12
CA GLN A 109 -78.78 -38.71 17.20
C GLN A 109 -80.20 -39.25 17.06
N GLU A 110 -80.39 -40.29 16.24
CA GLU A 110 -81.70 -40.93 16.12
C GLU A 110 -82.12 -41.58 17.44
N PHE A 111 -81.17 -42.17 18.16
CA PHE A 111 -81.51 -42.76 19.45
C PHE A 111 -81.68 -41.72 20.55
N LEU A 112 -81.17 -40.50 20.34
CA LEU A 112 -81.69 -39.38 21.12
C LEU A 112 -83.16 -39.14 20.82
N GLY A 113 -83.55 -39.26 19.55
CA GLY A 113 -84.95 -39.07 19.18
C GLY A 113 -85.88 -40.17 19.67
N ASP A 114 -85.56 -41.43 19.38
CA ASP A 114 -86.41 -42.57 19.72
C ASP A 114 -85.56 -43.75 20.20
N PRO A 115 -85.55 -44.04 21.50
CA PRO A 115 -84.75 -45.16 22.00
C PRO A 115 -85.47 -46.50 22.03
N HIS A 116 -86.71 -46.58 21.53
CA HIS A 116 -87.46 -47.83 21.54
C HIS A 116 -87.29 -48.65 20.27
N LEU A 117 -86.43 -48.21 19.35
CA LEU A 117 -86.22 -48.93 18.10
C LEU A 117 -85.36 -50.16 18.34
N SER A 118 -85.70 -51.27 17.69
CA SER A 118 -85.01 -52.53 17.89
C SER A 118 -83.70 -52.57 17.10
N ILE A 119 -83.00 -53.70 17.21
CA ILE A 119 -81.70 -53.89 16.57
C ILE A 119 -81.85 -54.06 15.06
N SER A 120 -82.99 -54.61 14.61
CA SER A 120 -83.24 -54.81 13.19
C SER A 120 -83.35 -53.47 12.46
N HIS A 121 -83.81 -52.43 13.15
CA HIS A 121 -83.79 -51.08 12.58
C HIS A 121 -82.36 -50.60 12.36
N VAL A 122 -81.45 -50.95 13.26
CA VAL A 122 -80.04 -50.54 13.12
C VAL A 122 -79.39 -51.28 11.97
N ASN A 123 -79.65 -52.60 11.87
CA ASN A 123 -79.15 -53.39 10.76
C ASN A 123 -79.71 -52.90 9.43
N TYR A 124 -80.98 -52.51 9.41
CA TYR A 124 -81.61 -51.95 8.23
C TYR A 124 -81.01 -50.61 7.84
N PHE A 125 -80.69 -49.78 8.83
CA PHE A 125 -80.06 -48.49 8.54
C PHE A 125 -78.65 -48.68 8.01
N LEU A 126 -77.94 -49.69 8.49
CA LEU A 126 -76.60 -49.98 8.00
C LEU A 126 -76.59 -51.12 6.99
N ASP A 127 -77.69 -51.29 6.25
CA ASP A 127 -77.68 -52.14 5.07
C ASP A 127 -77.09 -51.45 3.85
N GLN A 128 -77.02 -50.11 3.86
CA GLN A 128 -76.40 -49.37 2.76
C GLN A 128 -74.90 -49.57 2.69
N PHE A 129 -74.23 -49.74 3.83
CA PHE A 129 -72.79 -49.92 3.88
C PHE A 129 -72.39 -51.39 3.77
N GLN A 130 -73.37 -52.29 3.69
CA GLN A 130 -73.08 -53.69 3.37
C GLN A 130 -73.02 -53.92 1.87
N LEU A 131 -73.15 -52.85 1.08
CA LEU A 131 -72.98 -52.88 -0.36
C LEU A 131 -71.61 -52.36 -0.77
N LEU A 132 -71.10 -51.39 -0.01
CA LEU A 132 -69.81 -50.78 -0.28
C LEU A 132 -68.66 -51.62 0.29
N PHE A 133 -68.73 -51.93 1.59
CA PHE A 133 -67.62 -52.56 2.31
C PHE A 133 -67.25 -53.98 1.85
N PRO A 134 -68.17 -54.94 1.61
CA PRO A 134 -67.71 -56.26 1.13
C PRO A 134 -67.06 -56.23 -0.23
N SER A 135 -67.46 -55.31 -1.11
CA SER A 135 -66.87 -55.23 -2.44
C SER A 135 -65.46 -54.63 -2.42
N VAL A 136 -65.21 -53.67 -1.53
CA VAL A 136 -63.86 -53.12 -1.39
C VAL A 136 -62.97 -53.93 -0.47
N MET A 137 -63.54 -54.89 0.26
CA MET A 137 -62.73 -55.78 1.10
C MET A 137 -61.84 -56.68 0.25
N VAL A 138 -62.37 -57.16 -0.89
CA VAL A 138 -61.67 -58.10 -1.75
C VAL A 138 -60.45 -57.46 -2.41
N VAL A 139 -60.51 -56.15 -2.68
CA VAL A 139 -59.36 -55.45 -3.26
C VAL A 139 -58.20 -55.42 -2.28
N VAL A 140 -58.48 -55.10 -1.01
CA VAL A 140 -57.46 -55.09 0.03
C VAL A 140 -56.94 -56.50 0.31
N GLU A 141 -57.82 -57.51 0.20
CA GLU A 141 -57.36 -58.89 0.34
C GLU A 141 -56.45 -59.32 -0.81
N GLN A 142 -56.72 -58.85 -2.02
CA GLN A 142 -55.84 -59.13 -3.14
C GLN A 142 -54.51 -58.40 -3.01
N ILE A 143 -54.54 -57.21 -2.43
CA ILE A 143 -53.31 -56.46 -2.17
C ILE A 143 -52.49 -57.15 -1.08
N LYS A 144 -53.16 -57.75 -0.09
CA LYS A 144 -52.45 -58.45 0.98
C LYS A 144 -51.88 -59.79 0.51
N SER A 145 -52.67 -60.56 -0.25
CA SER A 145 -52.26 -61.92 -0.62
C SER A 145 -51.16 -61.91 -1.67
N GLN A 146 -51.30 -61.10 -2.72
CA GLN A 146 -50.29 -60.95 -3.74
C GLN A 146 -49.30 -59.84 -3.40
N LYS A 147 -48.07 -59.94 -3.91
CA LYS A 147 -47.07 -58.88 -3.70
C LYS A 147 -47.32 -57.71 -4.64
N ILE A 148 -48.42 -56.99 -4.41
CA ILE A 148 -48.76 -55.80 -5.17
C ILE A 148 -48.77 -54.61 -4.22
N HIS A 149 -47.72 -53.80 -4.27
CA HIS A 149 -47.57 -52.69 -3.33
C HIS A 149 -47.04 -51.42 -3.99
N GLY A 150 -46.70 -51.51 -5.28
CA GLY A 150 -46.14 -50.36 -5.99
C GLY A 150 -47.19 -49.64 -6.80
N CYS A 151 -46.83 -49.18 -8.00
CA CYS A 151 -47.81 -48.56 -8.89
C CYS A 151 -48.87 -49.54 -9.38
N GLN A 152 -48.60 -50.84 -9.30
CA GLN A 152 -49.64 -51.81 -9.59
C GLN A 152 -50.73 -51.86 -8.53
N ILE A 153 -50.56 -51.19 -7.38
CA ILE A 153 -51.73 -51.06 -6.49
C ILE A 153 -52.73 -50.11 -7.12
N LEU A 154 -52.23 -49.08 -7.85
CA LEU A 154 -53.11 -48.20 -8.61
C LEU A 154 -53.80 -48.97 -9.73
N GLU A 155 -53.10 -49.94 -10.30
CA GLU A 155 -53.71 -50.85 -11.26
C GLU A 155 -54.82 -51.68 -10.63
N THR A 156 -54.56 -52.29 -9.46
CA THR A 156 -55.53 -53.25 -8.95
C THR A 156 -56.69 -52.54 -8.27
N VAL A 157 -56.53 -51.26 -7.94
CA VAL A 157 -57.66 -50.42 -7.60
C VAL A 157 -58.43 -50.03 -8.87
N TYR A 158 -57.72 -49.69 -9.95
CA TYR A 158 -58.38 -49.19 -11.16
C TYR A 158 -59.15 -50.29 -11.88
N LYS A 159 -58.76 -51.55 -11.69
CA LYS A 159 -59.53 -52.66 -12.22
C LYS A 159 -60.90 -52.77 -11.54
N HIS A 160 -60.98 -52.44 -10.26
CA HIS A 160 -62.22 -52.55 -9.50
C HIS A 160 -62.94 -51.23 -9.32
N SER A 161 -62.32 -50.09 -9.64
CA SER A 161 -62.95 -48.78 -9.44
C SER A 161 -63.89 -48.41 -10.58
N CYS A 162 -63.96 -49.26 -11.62
CA CYS A 162 -64.81 -49.02 -12.78
C CYS A 162 -66.18 -49.69 -12.62
N GLY A 163 -66.58 -49.93 -11.37
CA GLY A 163 -67.53 -50.92 -10.89
C GLY A 163 -68.99 -50.81 -11.29
N GLY A 164 -69.84 -51.42 -10.48
CA GLY A 164 -71.22 -51.54 -10.87
C GLY A 164 -72.19 -50.93 -9.87
N LEU A 165 -71.64 -50.36 -8.80
CA LEU A 165 -72.47 -49.80 -7.74
C LEU A 165 -71.94 -48.40 -7.43
N PRO A 166 -72.80 -47.39 -7.35
CA PRO A 166 -72.32 -46.01 -7.08
C PRO A 166 -71.59 -45.81 -5.76
N PRO A 167 -71.95 -46.49 -4.64
CA PRO A 167 -71.09 -46.33 -3.45
C PRO A 167 -69.66 -46.89 -3.59
N VAL A 168 -69.50 -48.10 -4.15
CA VAL A 168 -68.15 -48.67 -4.27
C VAL A 168 -67.33 -47.89 -5.29
N ARG A 169 -67.99 -47.31 -6.30
CA ARG A 169 -67.33 -46.41 -7.23
C ARG A 169 -66.78 -45.19 -6.52
N SER A 170 -67.55 -44.60 -5.59
CA SER A 170 -67.07 -43.42 -4.86
C SER A 170 -65.91 -43.75 -3.90
N ALA A 171 -65.99 -44.87 -3.20
CA ALA A 171 -64.93 -45.25 -2.26
C ALA A 171 -63.60 -45.52 -2.98
N LEU A 172 -63.66 -46.31 -4.05
CA LEU A 172 -62.45 -46.59 -4.80
C LEU A 172 -61.96 -45.37 -5.58
N GLU A 173 -62.88 -44.43 -5.89
CA GLU A 173 -62.49 -43.14 -6.45
C GLU A 173 -61.62 -42.35 -5.48
N LYS A 174 -62.01 -42.31 -4.20
CA LYS A 174 -61.20 -41.58 -3.20
C LYS A 174 -59.81 -42.18 -3.05
N ILE A 175 -59.73 -43.52 -2.99
CA ILE A 175 -58.45 -44.20 -2.81
C ILE A 175 -57.55 -44.01 -4.03
N LEU A 176 -58.12 -44.17 -5.23
CA LEU A 176 -57.37 -43.97 -6.46
C LEU A 176 -56.92 -42.52 -6.62
N ALA A 177 -57.73 -41.57 -6.14
CA ALA A 177 -57.44 -40.15 -6.29
C ALA A 177 -56.20 -39.74 -5.51
N VAL A 178 -56.08 -40.18 -4.25
CA VAL A 178 -54.89 -39.80 -3.48
C VAL A 178 -53.64 -40.50 -4.01
N CYS A 179 -53.79 -41.71 -4.57
CA CYS A 179 -52.65 -42.35 -5.23
C CYS A 179 -52.18 -41.61 -6.49
N HIS A 180 -53.11 -41.13 -7.33
CA HIS A 180 -52.72 -40.26 -8.44
C HIS A 180 -52.12 -38.94 -7.96
N GLY A 181 -52.54 -38.44 -6.79
CA GLY A 181 -51.95 -37.22 -6.27
C GLY A 181 -50.47 -37.34 -5.96
N VAL A 182 -50.06 -38.48 -5.37
CA VAL A 182 -48.63 -38.76 -5.18
C VAL A 182 -47.91 -38.86 -6.52
N MET A 183 -48.50 -39.59 -7.47
CA MET A 183 -47.86 -39.80 -8.78
C MET A 183 -47.67 -38.50 -9.55
N TYR A 184 -48.62 -37.57 -9.47
CA TYR A 184 -48.47 -36.30 -10.18
C TYR A 184 -47.49 -35.36 -9.51
N LYS A 185 -47.32 -35.43 -8.18
CA LYS A 185 -46.22 -34.67 -7.58
C LYS A 185 -44.85 -35.19 -8.00
N GLN A 186 -44.70 -36.52 -8.10
CA GLN A 186 -43.40 -37.04 -8.54
C GLN A 186 -43.20 -36.84 -10.05
N LEU A 187 -44.29 -36.76 -10.83
CA LEU A 187 -44.16 -36.31 -12.21
C LEU A 187 -43.84 -34.82 -12.33
N SER A 188 -44.22 -34.01 -11.33
CA SER A 188 -43.78 -32.62 -11.32
C SER A 188 -42.29 -32.51 -11.05
N ALA A 189 -41.74 -33.39 -10.20
CA ALA A 189 -40.30 -33.45 -10.04
C ALA A 189 -39.61 -33.99 -11.31
N TRP A 190 -40.32 -34.84 -12.06
CA TRP A 190 -39.82 -35.28 -13.37
C TRP A 190 -39.77 -34.15 -14.39
N MET A 191 -40.78 -33.27 -14.40
CA MET A 191 -40.89 -32.31 -15.50
C MET A 191 -40.35 -30.92 -15.15
N LEU A 192 -40.01 -30.68 -13.88
CA LEU A 192 -39.49 -29.37 -13.50
C LEU A 192 -38.07 -29.42 -12.94
N HIS A 193 -37.69 -30.51 -12.30
CA HIS A 193 -36.36 -30.63 -11.72
C HIS A 193 -35.52 -31.71 -12.37
N GLY A 194 -36.11 -32.55 -13.21
CA GLY A 194 -35.38 -33.64 -13.84
C GLY A 194 -35.06 -34.76 -12.88
N LEU A 195 -35.78 -34.85 -11.77
CA LEU A 195 -35.46 -35.76 -10.69
C LEU A 195 -36.17 -37.08 -10.91
N LEU A 196 -35.42 -38.15 -10.78
CA LEU A 196 -35.94 -39.50 -10.92
C LEU A 196 -35.54 -40.29 -9.69
N LEU A 197 -36.30 -41.36 -9.42
CA LEU A 197 -36.33 -42.07 -8.15
C LEU A 197 -36.50 -41.14 -6.96
N ASP A 198 -37.51 -40.25 -7.03
CA ASP A 198 -38.01 -39.51 -5.88
C ASP A 198 -38.34 -40.48 -4.75
N GLN A 199 -39.21 -41.44 -5.04
CA GLN A 199 -39.24 -42.73 -4.36
C GLN A 199 -38.45 -43.75 -5.16
N HIS A 200 -37.30 -44.17 -4.63
CA HIS A 200 -36.49 -45.23 -5.26
C HIS A 200 -37.29 -46.53 -5.37
N GLU A 201 -36.99 -47.35 -6.39
CA GLU A 201 -37.96 -47.97 -7.29
C GLU A 201 -39.30 -48.31 -6.67
N GLU A 202 -40.37 -47.63 -7.11
CA GLU A 202 -41.77 -47.92 -6.66
C GLU A 202 -42.07 -47.49 -5.22
N GLN A 256 -30.20 -40.92 -16.53
CA GLN A 256 -31.56 -41.23 -16.96
C GLN A 256 -31.90 -42.73 -16.89
N PHE A 257 -32.89 -43.07 -16.07
CA PHE A 257 -33.36 -44.45 -15.97
C PHE A 257 -34.79 -44.49 -16.50
N SER A 258 -35.03 -45.42 -17.43
CA SER A 258 -36.15 -45.34 -18.36
C SER A 258 -37.47 -45.75 -17.69
N LEU A 259 -38.58 -45.39 -18.34
CA LEU A 259 -39.90 -45.60 -17.77
C LEU A 259 -40.49 -46.89 -18.36
N ARG A 260 -40.63 -47.94 -17.55
CA ARG A 260 -41.06 -49.25 -18.04
C ARG A 260 -42.27 -49.76 -17.25
N VAL A 261 -42.69 -51.01 -17.52
CA VAL A 261 -44.04 -51.47 -17.18
C VAL A 261 -44.08 -52.37 -15.93
N GLU A 262 -42.93 -52.62 -15.30
CA GLU A 262 -42.96 -53.28 -13.98
C GLU A 262 -43.36 -52.28 -12.92
N ILE A 263 -43.34 -51.01 -13.29
CA ILE A 263 -43.31 -49.88 -12.39
C ILE A 263 -44.30 -48.82 -12.88
N LEU A 264 -44.90 -49.07 -14.06
CA LEU A 264 -45.94 -48.20 -14.59
C LEU A 264 -47.29 -48.85 -14.32
N PRO A 265 -48.33 -48.09 -13.99
CA PRO A 265 -49.70 -48.63 -14.09
C PRO A 265 -50.03 -49.04 -15.51
N SER A 266 -50.59 -50.25 -15.65
CA SER A 266 -50.81 -50.84 -16.96
C SER A 266 -52.06 -50.34 -17.66
N TYR A 267 -52.89 -49.54 -16.98
CA TYR A 267 -53.99 -48.87 -17.63
C TYR A 267 -53.59 -47.57 -18.32
N ILE A 268 -52.42 -47.03 -17.98
CA ILE A 268 -51.85 -45.87 -18.67
C ILE A 268 -51.19 -46.38 -19.95
N PRO A 269 -51.52 -45.82 -21.13
CA PRO A 269 -50.87 -46.26 -22.37
C PRO A 269 -49.40 -45.91 -22.42
N VAL A 270 -48.63 -46.68 -23.20
CA VAL A 270 -47.17 -46.56 -23.20
C VAL A 270 -46.70 -45.30 -23.94
N ARG A 271 -47.40 -44.89 -25.00
CA ARG A 271 -46.95 -43.80 -25.87
C ARG A 271 -46.87 -42.47 -25.11
N VAL A 272 -47.81 -42.27 -24.18
CA VAL A 272 -47.76 -41.16 -23.23
C VAL A 272 -46.48 -41.24 -22.40
N ALA A 273 -46.04 -42.44 -22.03
CA ALA A 273 -44.83 -42.58 -21.21
C ALA A 273 -43.57 -42.24 -22.02
N GLU A 274 -43.46 -42.62 -23.31
CA GLU A 274 -42.28 -42.13 -24.03
C GLU A 274 -42.32 -40.62 -24.29
N LYS A 275 -43.52 -40.03 -24.40
CA LYS A 275 -43.56 -38.57 -24.53
C LYS A 275 -43.12 -37.88 -23.23
N ILE A 276 -43.53 -38.42 -22.09
CA ILE A 276 -43.10 -37.91 -20.78
C ILE A 276 -41.60 -38.14 -20.59
N LEU A 277 -41.09 -39.27 -21.13
CA LEU A 277 -39.64 -39.54 -21.20
C LEU A 277 -38.90 -38.41 -21.90
N PHE A 278 -39.38 -38.01 -23.09
CA PHE A 278 -38.83 -36.90 -23.84
C PHE A 278 -38.78 -35.61 -23.02
N VAL A 279 -39.89 -35.28 -22.36
CA VAL A 279 -39.98 -34.04 -21.60
C VAL A 279 -38.99 -34.03 -20.44
N GLY A 280 -38.95 -35.14 -19.68
CA GLY A 280 -38.06 -35.20 -18.53
C GLY A 280 -36.58 -35.26 -18.87
N GLU A 281 -36.22 -35.94 -19.96
CA GLU A 281 -34.78 -36.05 -20.29
C GLU A 281 -34.23 -34.72 -20.77
N SER A 282 -35.07 -33.87 -21.36
CA SER A 282 -34.61 -32.52 -21.67
C SER A 282 -34.43 -31.68 -20.40
N VAL A 283 -35.26 -31.92 -19.39
CA VAL A 283 -35.03 -31.23 -18.11
C VAL A 283 -33.75 -31.73 -17.44
N GLN A 284 -33.43 -33.02 -17.56
CA GLN A 284 -32.15 -33.55 -17.06
C GLN A 284 -30.96 -32.85 -17.73
N MET A 285 -30.96 -32.73 -19.06
CA MET A 285 -29.87 -32.03 -19.73
C MET A 285 -30.15 -30.55 -19.90
N SER A 298 -33.01 -20.99 -21.01
CA SER A 298 -33.91 -21.37 -22.09
C SER A 298 -35.38 -20.96 -21.88
N ILE A 299 -36.23 -21.51 -22.74
CA ILE A 299 -37.66 -21.23 -22.76
C ILE A 299 -38.43 -22.38 -22.13
N LEU A 300 -37.79 -23.55 -21.92
CA LEU A 300 -38.45 -24.58 -21.14
C LEU A 300 -38.32 -24.16 -19.70
N LYS A 301 -37.48 -23.15 -19.42
CA LYS A 301 -37.59 -22.56 -18.11
C LYS A 301 -38.32 -21.22 -18.20
N ASN A 302 -39.53 -21.21 -18.77
CA ASN A 302 -40.40 -20.04 -18.75
C ASN A 302 -41.83 -20.42 -18.52
N GLN A 303 -42.14 -21.68 -18.84
CA GLN A 303 -43.45 -22.29 -18.74
C GLN A 303 -43.46 -23.52 -17.83
N GLU A 304 -42.48 -23.67 -16.94
CA GLU A 304 -42.46 -24.82 -16.04
C GLU A 304 -43.58 -24.75 -15.01
N ASP A 305 -43.99 -23.53 -14.63
CA ASP A 305 -45.05 -23.37 -13.65
C ASP A 305 -46.41 -23.71 -14.25
N THR A 306 -46.58 -23.48 -15.55
CA THR A 306 -47.79 -23.92 -16.23
C THR A 306 -47.89 -25.45 -16.23
N PHE A 307 -46.75 -26.13 -16.43
CA PHE A 307 -46.72 -27.59 -16.36
C PHE A 307 -47.03 -28.09 -14.96
N ALA A 308 -46.48 -27.42 -13.94
CA ALA A 308 -46.78 -27.79 -12.55
C ALA A 308 -48.24 -27.54 -12.21
N ALA A 309 -48.84 -26.48 -12.76
CA ALA A 309 -50.26 -26.21 -12.54
C ALA A 309 -51.13 -27.26 -13.22
N GLU A 310 -50.75 -27.70 -14.42
CA GLU A 310 -51.52 -28.76 -15.09
C GLU A 310 -51.38 -30.09 -14.36
N LEU A 311 -50.21 -30.38 -13.80
CA LEU A 311 -50.05 -31.59 -13.00
C LEU A 311 -50.84 -31.51 -11.69
N HIS A 312 -50.92 -30.32 -11.09
CA HIS A 312 -51.77 -30.15 -9.90
C HIS A 312 -53.24 -30.31 -10.24
N ARG A 313 -53.66 -29.83 -11.42
CA ARG A 313 -55.02 -30.01 -11.88
C ARG A 313 -55.34 -31.48 -12.14
N LEU A 314 -54.36 -32.22 -12.70
CA LEU A 314 -54.50 -33.66 -12.88
C LEU A 314 -54.56 -34.39 -11.55
N LYS A 315 -53.84 -33.90 -10.55
CA LYS A 315 -53.96 -34.42 -9.19
C LYS A 315 -55.35 -34.17 -8.62
N GLN A 316 -55.94 -33.01 -8.93
CA GLN A 316 -57.24 -32.62 -8.37
C GLN A 316 -58.40 -33.48 -8.85
N GLN A 317 -58.27 -34.17 -9.98
CA GLN A 317 -59.40 -34.91 -10.52
C GLN A 317 -59.55 -36.26 -9.82
N PRO A 318 -60.68 -36.52 -9.14
CA PRO A 318 -60.84 -37.79 -8.44
C PRO A 318 -61.21 -38.96 -9.32
N LEU A 319 -61.99 -38.77 -10.39
CA LEU A 319 -62.16 -39.89 -11.32
C LEU A 319 -61.46 -39.60 -12.66
N PHE A 320 -60.18 -39.92 -12.67
CA PHE A 320 -59.30 -39.96 -13.81
C PHE A 320 -59.90 -40.65 -15.03
N SER A 321 -59.82 -40.01 -16.19
CA SER A 321 -60.09 -40.66 -17.48
C SER A 321 -58.85 -40.44 -18.35
N LEU A 322 -58.51 -41.46 -19.14
CA LEU A 322 -57.21 -41.48 -19.82
C LEU A 322 -57.15 -40.50 -20.99
N VAL A 323 -58.28 -40.23 -21.65
CA VAL A 323 -58.26 -39.41 -22.86
C VAL A 323 -57.97 -37.94 -22.53
N ASP A 324 -58.50 -37.43 -21.42
CA ASP A 324 -58.18 -36.08 -20.97
C ASP A 324 -56.72 -35.96 -20.59
N PHE A 325 -56.19 -37.01 -19.95
CA PHE A 325 -54.79 -37.05 -19.57
C PHE A 325 -53.88 -37.02 -20.79
N GLU A 326 -54.26 -37.77 -21.84
CA GLU A 326 -53.49 -37.77 -23.08
C GLU A 326 -53.51 -36.41 -23.75
N GLN A 327 -54.66 -35.72 -23.71
CA GLN A 327 -54.74 -34.38 -24.28
C GLN A 327 -53.89 -33.37 -23.51
N VAL A 328 -53.85 -33.48 -22.17
CA VAL A 328 -52.99 -32.60 -21.36
C VAL A 328 -51.52 -32.86 -21.65
N VAL A 329 -51.13 -34.15 -21.77
CA VAL A 329 -49.75 -34.51 -22.07
C VAL A 329 -49.35 -34.03 -23.47
N ASP A 330 -50.28 -34.11 -24.44
CA ASP A 330 -50.02 -33.56 -25.78
C ASP A 330 -49.85 -32.05 -25.75
N ARG A 331 -50.66 -31.35 -24.94
CA ARG A 331 -50.54 -29.90 -24.80
C ARG A 331 -49.19 -29.50 -24.23
N ILE A 332 -48.68 -30.27 -23.25
CA ILE A 332 -47.33 -30.04 -22.74
C ILE A 332 -46.28 -30.34 -23.81
N ARG A 333 -46.46 -31.46 -24.53
CA ARG A 333 -45.42 -31.99 -25.41
C ARG A 333 -45.21 -31.11 -26.64
N SER A 334 -46.28 -30.46 -27.13
CA SER A 334 -46.15 -29.58 -28.30
C SER A 334 -45.24 -28.39 -28.02
N THR A 335 -45.45 -27.73 -26.87
CA THR A 335 -44.61 -26.61 -26.48
C THR A 335 -43.18 -27.07 -26.15
N VAL A 336 -43.06 -28.25 -25.52
CA VAL A 336 -41.74 -28.82 -25.24
C VAL A 336 -40.95 -29.06 -26.52
N ALA A 337 -41.58 -29.67 -27.53
CA ALA A 337 -40.88 -29.96 -28.78
C ALA A 337 -40.59 -28.69 -29.57
N GLU A 338 -41.47 -27.68 -29.48
CA GLU A 338 -41.20 -26.40 -30.15
C GLU A 338 -39.98 -25.69 -29.56
N HIS A 339 -39.89 -25.64 -28.22
CA HIS A 339 -38.73 -25.03 -27.57
C HIS A 339 -37.44 -25.76 -27.91
N LEU A 340 -37.48 -27.10 -27.87
CA LEU A 340 -36.29 -27.88 -28.15
C LEU A 340 -35.85 -27.77 -29.60
N TRP A 341 -36.81 -27.77 -30.54
CA TRP A 341 -36.47 -27.61 -31.95
C TRP A 341 -35.85 -26.25 -32.23
N LYS A 342 -36.45 -25.17 -31.68
CA LYS A 342 -35.91 -23.82 -31.90
C LYS A 342 -34.52 -23.67 -31.32
N LEU A 343 -34.30 -24.16 -30.10
CA LEU A 343 -32.99 -24.04 -29.45
C LEU A 343 -31.93 -24.86 -30.17
N MET A 344 -32.24 -26.13 -30.51
CA MET A 344 -31.21 -27.01 -31.03
C MET A 344 -30.89 -26.75 -32.49
N VAL A 345 -31.87 -26.32 -33.30
CA VAL A 345 -31.53 -25.94 -34.67
C VAL A 345 -30.77 -24.62 -34.71
N GLU A 346 -31.17 -23.62 -33.93
CA GLU A 346 -30.52 -22.32 -34.08
C GLU A 346 -29.22 -22.18 -33.28
N GLU A 347 -29.26 -22.38 -31.97
CA GLU A 347 -28.11 -22.00 -31.16
C GLU A 347 -26.98 -23.03 -31.17
N SER A 348 -27.27 -24.31 -31.41
CA SER A 348 -26.23 -25.32 -31.43
C SER A 348 -25.95 -25.90 -32.80
N ASP A 349 -26.58 -25.38 -33.86
CA ASP A 349 -26.34 -25.72 -35.27
C ASP A 349 -26.54 -27.19 -35.58
N LEU A 350 -27.80 -27.65 -35.52
CA LEU A 350 -28.12 -29.05 -35.79
C LEU A 350 -27.81 -29.44 -37.23
N LEU A 351 -28.05 -28.53 -38.18
CA LEU A 351 -27.73 -28.81 -39.58
C LEU A 351 -26.24 -28.97 -39.79
N GLY A 352 -25.43 -28.20 -39.06
CA GLY A 352 -23.99 -28.37 -39.11
C GLY A 352 -23.53 -29.70 -38.53
N GLN A 353 -24.19 -30.16 -37.45
CA GLN A 353 -23.87 -31.46 -36.87
C GLN A 353 -24.23 -32.60 -37.83
N LEU A 354 -25.37 -32.48 -38.50
CA LEU A 354 -25.74 -33.47 -39.52
C LEU A 354 -24.77 -33.45 -40.70
N LYS A 355 -24.28 -32.26 -41.07
CA LYS A 355 -23.30 -32.15 -42.14
C LYS A 355 -21.97 -32.79 -41.74
N ILE A 356 -21.53 -32.61 -40.49
CA ILE A 356 -20.31 -33.23 -40.00
C ILE A 356 -20.45 -34.76 -39.96
N ILE A 357 -21.60 -35.25 -39.50
CA ILE A 357 -21.84 -36.70 -39.46
C ILE A 357 -21.90 -37.28 -40.87
N LYS A 358 -22.52 -36.57 -41.81
CA LYS A 358 -22.54 -36.98 -43.21
C LYS A 358 -21.15 -36.98 -43.82
N ASP A 359 -20.32 -35.99 -43.47
CA ASP A 359 -18.97 -35.88 -44.03
C ASP A 359 -18.05 -36.96 -43.48
N PHE A 360 -18.22 -37.34 -42.22
CA PHE A 360 -17.29 -38.29 -41.61
C PHE A 360 -17.83 -39.71 -41.51
N TYR A 361 -19.08 -39.91 -41.11
CA TYR A 361 -19.58 -41.27 -40.99
C TYR A 361 -20.16 -41.79 -42.30
N LEU A 362 -20.96 -40.99 -43.00
CA LEU A 362 -21.54 -41.43 -44.26
C LEU A 362 -20.67 -41.06 -45.45
N LEU A 363 -19.48 -40.49 -45.20
CA LEU A 363 -18.48 -40.14 -46.21
C LEU A 363 -19.04 -39.19 -47.27
N GLY A 364 -19.69 -38.13 -46.80
CA GLY A 364 -20.12 -37.07 -47.70
C GLY A 364 -18.98 -36.24 -48.23
N ARG A 365 -17.84 -36.25 -47.56
CA ARG A 365 -16.58 -35.72 -48.06
C ARG A 365 -15.64 -36.89 -48.21
N GLY A 366 -15.73 -37.59 -49.34
CA GLY A 366 -14.92 -38.78 -49.55
C GLY A 366 -13.51 -38.50 -50.02
N GLU A 367 -13.20 -37.23 -50.29
CA GLU A 367 -11.89 -36.85 -50.83
C GLU A 367 -10.77 -37.09 -49.81
N LEU A 368 -10.97 -36.62 -48.58
CA LEU A 368 -9.98 -36.77 -47.52
C LEU A 368 -9.77 -38.22 -47.15
N PHE A 369 -10.87 -38.99 -47.06
CA PHE A 369 -10.78 -40.41 -46.76
C PHE A 369 -10.16 -41.20 -47.90
N GLN A 370 -10.37 -40.77 -49.16
CA GLN A 370 -9.71 -41.40 -50.29
C GLN A 370 -8.21 -41.20 -50.24
N ALA A 371 -7.75 -39.99 -49.88
CA ALA A 371 -6.32 -39.78 -49.67
C ALA A 371 -5.78 -40.57 -48.50
N PHE A 372 -6.59 -40.76 -47.45
CA PHE A 372 -6.20 -41.58 -46.31
C PHE A 372 -6.02 -43.04 -46.72
N ILE A 373 -6.90 -43.55 -47.60
CA ILE A 373 -6.72 -44.90 -48.15
C ILE A 373 -5.48 -44.94 -49.06
N ASP A 374 -5.19 -43.85 -49.77
CA ASP A 374 -3.99 -43.78 -50.59
C ASP A 374 -2.71 -43.87 -49.76
N THR A 375 -2.77 -43.53 -48.47
CA THR A 375 -1.55 -43.54 -47.66
C THR A 375 -1.40 -44.75 -46.74
N ALA A 376 -2.34 -45.71 -46.75
CA ALA A 376 -2.31 -46.81 -45.78
C ALA A 376 -3.04 -48.07 -46.28
N GLN A 377 -2.38 -49.25 -46.22
CA GLN A 377 -3.02 -50.54 -46.51
C GLN A 377 -2.59 -51.60 -45.46
N HIS A 378 -1.75 -51.17 -44.53
CA HIS A 378 -0.96 -52.14 -43.77
C HIS A 378 -1.86 -52.75 -42.70
N MET A 379 -3.02 -52.13 -42.53
CA MET A 379 -4.12 -52.59 -41.72
C MET A 379 -5.16 -53.30 -42.59
N LEU A 380 -4.75 -53.75 -43.80
CA LEU A 380 -5.22 -55.03 -44.32
C LEU A 380 -4.66 -56.13 -43.45
N LYS A 381 -3.52 -55.89 -42.83
CA LYS A 381 -3.14 -56.80 -41.75
C LYS A 381 -3.72 -56.40 -40.39
N THR A 382 -3.28 -57.07 -39.31
CA THR A 382 -4.06 -57.14 -38.07
C THR A 382 -3.36 -56.39 -36.93
N PRO A 383 -4.11 -55.79 -36.00
CA PRO A 383 -3.48 -54.95 -34.96
C PRO A 383 -3.12 -55.71 -33.70
N PRO A 384 -1.91 -55.50 -33.20
CA PRO A 384 -1.56 -55.92 -31.83
C PRO A 384 -1.69 -54.79 -30.80
N THR A 385 -2.08 -55.12 -29.56
CA THR A 385 -2.66 -54.13 -28.63
C THR A 385 -1.57 -53.22 -28.05
N ALA A 386 -0.98 -52.37 -28.90
CA ALA A 386 -0.33 -51.18 -28.35
C ALA A 386 -0.45 -49.95 -29.23
N VAL A 387 -0.52 -50.12 -30.55
CA VAL A 387 0.25 -49.22 -31.40
C VAL A 387 -0.51 -48.57 -32.56
N THR A 388 -1.29 -49.32 -33.35
CA THR A 388 -1.59 -48.83 -34.70
C THR A 388 -2.78 -47.90 -34.74
N GLU A 389 -3.57 -47.85 -33.65
CA GLU A 389 -4.66 -46.89 -33.54
C GLU A 389 -4.11 -45.46 -33.49
N HIS A 390 -2.94 -45.29 -32.88
CA HIS A 390 -2.27 -43.99 -32.92
C HIS A 390 -1.86 -43.64 -34.34
N ASP A 391 -1.41 -44.64 -35.11
CA ASP A 391 -0.92 -44.42 -36.45
C ASP A 391 -2.03 -44.01 -37.41
N VAL A 392 -3.20 -44.66 -37.31
CA VAL A 392 -4.31 -44.31 -38.22
C VAL A 392 -4.80 -42.89 -37.92
N ASN A 393 -4.85 -42.49 -36.65
CA ASN A 393 -5.36 -41.17 -36.29
C ASN A 393 -4.38 -40.07 -36.68
N VAL A 394 -3.08 -40.29 -36.44
CA VAL A 394 -2.05 -39.32 -36.80
C VAL A 394 -1.99 -39.12 -38.31
N ALA A 395 -1.96 -40.23 -39.07
CA ALA A 395 -1.86 -40.13 -40.53
C ALA A 395 -3.09 -39.50 -41.14
N PHE A 396 -4.29 -39.86 -40.64
CA PHE A 396 -5.52 -39.28 -41.14
C PHE A 396 -5.61 -37.78 -40.85
N GLN A 397 -5.23 -37.36 -39.64
CA GLN A 397 -5.38 -35.94 -39.32
C GLN A 397 -4.34 -35.11 -40.05
N GLN A 398 -3.13 -35.65 -40.27
CA GLN A 398 -2.14 -34.91 -41.05
C GLN A 398 -2.55 -34.79 -42.52
N SER A 399 -3.03 -35.89 -43.11
CA SER A 399 -3.51 -35.85 -44.50
C SER A 399 -4.73 -34.96 -44.65
N ALA A 400 -5.51 -34.79 -43.57
CA ALA A 400 -6.53 -33.75 -43.56
C ALA A 400 -5.93 -32.36 -43.38
N HIS A 401 -4.78 -32.25 -42.71
CA HIS A 401 -4.17 -30.94 -42.51
C HIS A 401 -3.44 -30.40 -43.74
N LYS A 402 -3.18 -31.21 -44.76
CA LYS A 402 -2.58 -30.68 -45.99
C LYS A 402 -3.45 -29.60 -46.64
N VAL A 403 -4.74 -29.92 -46.86
CA VAL A 403 -5.68 -28.99 -47.46
C VAL A 403 -7.09 -29.43 -47.05
N LEU A 404 -8.11 -28.58 -47.24
CA LEU A 404 -9.52 -28.92 -47.05
C LEU A 404 -9.84 -29.29 -45.61
N LEU A 405 -10.11 -28.24 -44.80
CA LEU A 405 -10.27 -28.26 -43.33
C LEU A 405 -8.96 -28.55 -42.60
N ASP A 406 -8.04 -27.57 -42.67
CA ASP A 406 -6.89 -27.54 -41.77
C ASP A 406 -7.28 -27.02 -40.39
N ASP A 407 -8.14 -25.99 -40.36
CA ASP A 407 -8.59 -25.37 -39.09
C ASP A 407 -9.14 -26.42 -38.13
N ASP A 408 -9.94 -27.36 -38.61
CA ASP A 408 -10.60 -28.31 -37.67
C ASP A 408 -10.38 -29.77 -38.10
N ASN A 409 -11.00 -30.76 -37.42
CA ASN A 409 -10.95 -32.21 -37.77
C ASN A 409 -9.91 -32.91 -36.89
N LEU A 410 -9.26 -32.17 -36.00
CA LEU A 410 -8.35 -32.82 -35.03
C LEU A 410 -9.23 -33.34 -33.91
N LEU A 411 -10.50 -33.65 -34.22
CA LEU A 411 -11.46 -34.04 -33.17
C LEU A 411 -12.02 -35.45 -33.37
N PRO A 412 -12.29 -35.94 -34.59
CA PRO A 412 -12.41 -37.39 -34.77
C PRO A 412 -11.18 -38.20 -34.39
N LEU A 413 -11.33 -39.08 -33.40
CA LEU A 413 -10.28 -39.99 -32.93
C LEU A 413 -10.35 -41.31 -33.68
N LEU A 414 -9.54 -41.53 -34.72
CA LEU A 414 -9.72 -42.73 -35.54
C LEU A 414 -9.27 -44.01 -34.84
N HIS A 415 -10.26 -44.86 -34.65
CA HIS A 415 -10.20 -46.23 -34.17
C HIS A 415 -10.60 -47.07 -35.38
N LEU A 416 -9.99 -48.23 -35.62
CA LEU A 416 -10.53 -49.19 -36.58
C LEU A 416 -11.37 -50.14 -35.74
N THR A 417 -11.30 -51.44 -36.07
CA THR A 417 -12.00 -52.46 -35.25
C THR A 417 -11.54 -52.36 -33.80
N SER A 448 -8.19 -58.05 -40.27
CA SER A 448 -8.45 -56.97 -41.21
C SER A 448 -9.21 -55.83 -40.54
N GLY A 449 -9.20 -54.66 -41.17
CA GLY A 449 -9.89 -53.51 -40.62
C GLY A 449 -10.45 -52.54 -41.65
N TRP A 450 -10.16 -52.72 -42.93
CA TRP A 450 -10.64 -51.75 -43.90
C TRP A 450 -12.12 -51.96 -44.24
N ALA A 451 -12.71 -53.05 -43.76
CA ALA A 451 -14.16 -53.15 -43.74
C ALA A 451 -14.68 -52.95 -42.33
N ALA A 452 -13.80 -52.48 -41.43
CA ALA A 452 -14.11 -52.37 -40.01
C ALA A 452 -13.48 -51.15 -39.33
N LEU A 453 -13.50 -49.96 -39.95
CA LEU A 453 -12.95 -48.75 -39.32
C LEU A 453 -13.98 -48.08 -38.42
N GLY A 454 -13.64 -47.97 -37.15
CA GLY A 454 -14.49 -47.28 -36.22
C GLY A 454 -14.37 -45.78 -36.38
N LEU A 455 -15.19 -45.05 -35.61
CA LEU A 455 -15.08 -43.60 -35.50
C LEU A 455 -15.84 -43.14 -34.27
N SER A 456 -15.18 -42.38 -33.40
CA SER A 456 -15.81 -41.80 -32.23
C SER A 456 -15.67 -40.29 -32.29
N TYR A 457 -16.80 -39.60 -32.38
CA TYR A 457 -16.84 -38.15 -32.37
C TYR A 457 -17.80 -37.71 -31.27
N LYS A 458 -17.29 -36.96 -30.30
CA LYS A 458 -18.06 -36.62 -29.12
C LYS A 458 -18.95 -35.42 -29.42
N VAL A 459 -20.26 -35.62 -29.27
CA VAL A 459 -21.26 -34.60 -29.58
C VAL A 459 -21.53 -33.78 -28.33
N GLN A 460 -22.16 -32.62 -28.49
CA GLN A 460 -22.58 -31.80 -27.37
C GLN A 460 -23.84 -32.42 -26.75
N TRP A 461 -23.66 -33.03 -25.58
CA TRP A 461 -24.77 -33.73 -24.93
C TRP A 461 -25.84 -32.80 -24.33
N PRO A 462 -25.54 -31.66 -23.67
CA PRO A 462 -26.65 -30.78 -23.26
C PRO A 462 -27.36 -30.10 -24.42
N LEU A 463 -26.69 -29.91 -25.56
CA LEU A 463 -27.28 -29.15 -26.66
C LEU A 463 -27.78 -30.04 -27.79
N HIS A 464 -27.48 -31.34 -27.76
CA HIS A 464 -28.00 -32.24 -28.78
C HIS A 464 -28.32 -33.61 -28.20
N ILE A 465 -29.58 -33.86 -27.86
CA ILE A 465 -30.01 -35.19 -27.43
C ILE A 465 -30.61 -35.97 -28.58
N LEU A 466 -30.56 -35.43 -29.79
CA LEU A 466 -30.97 -36.18 -30.97
C LEU A 466 -30.06 -37.36 -31.23
N PHE A 467 -28.76 -37.17 -31.02
CA PHE A 467 -27.77 -38.22 -31.23
C PHE A 467 -27.62 -39.01 -29.93
N THR A 468 -27.73 -40.32 -30.04
CA THR A 468 -27.54 -41.27 -28.95
C THR A 468 -26.28 -42.08 -29.25
N PRO A 469 -25.69 -42.75 -28.24
CA PRO A 469 -24.58 -43.67 -28.53
C PRO A 469 -24.92 -44.81 -29.47
N ALA A 470 -26.16 -45.30 -29.47
CA ALA A 470 -26.56 -46.34 -30.41
C ALA A 470 -26.63 -45.81 -31.85
N VAL A 471 -27.07 -44.56 -32.01
CA VAL A 471 -27.14 -43.94 -33.32
C VAL A 471 -25.74 -43.76 -33.91
N LEU A 472 -24.80 -43.29 -33.09
CA LEU A 472 -23.40 -43.20 -33.53
C LEU A 472 -22.78 -44.56 -33.77
N GLU A 473 -23.21 -45.58 -33.01
CA GLU A 473 -22.74 -46.94 -33.21
C GLU A 473 -23.17 -47.49 -34.58
N LYS A 474 -24.43 -47.28 -34.95
CA LYS A 474 -24.91 -47.74 -36.25
C LYS A 474 -24.30 -46.95 -37.39
N TYR A 475 -24.07 -45.64 -37.19
CA TYR A 475 -23.30 -44.85 -38.15
C TYR A 475 -21.88 -45.36 -38.31
N ASN A 476 -21.32 -45.89 -37.21
CA ASN A 476 -19.96 -46.41 -37.29
C ASN A 476 -19.90 -47.66 -38.16
N VAL A 477 -20.92 -48.54 -38.06
CA VAL A 477 -20.97 -49.75 -38.87
C VAL A 477 -21.09 -49.41 -40.37
N VAL A 478 -21.98 -48.47 -40.71
CA VAL A 478 -22.12 -48.13 -42.13
C VAL A 478 -20.89 -47.37 -42.63
N PHE A 479 -20.18 -46.68 -41.74
CA PHE A 479 -18.91 -46.05 -42.08
C PHE A 479 -17.84 -47.08 -42.44
N LYS A 480 -17.81 -48.18 -41.69
CA LYS A 480 -16.95 -49.33 -42.01
C LYS A 480 -17.22 -49.86 -43.41
N TYR A 481 -18.52 -50.05 -43.72
CA TYR A 481 -18.95 -50.63 -44.99
C TYR A 481 -18.55 -49.74 -46.17
N LEU A 482 -18.77 -48.43 -46.05
CA LEU A 482 -18.45 -47.49 -47.11
C LEU A 482 -16.94 -47.33 -47.30
N LEU A 483 -16.16 -47.51 -46.23
CA LEU A 483 -14.71 -47.50 -46.37
C LEU A 483 -14.20 -48.63 -47.27
N SER A 484 -14.76 -49.84 -47.09
CA SER A 484 -14.29 -51.00 -47.86
C SER A 484 -14.52 -50.82 -49.37
N VAL A 485 -15.70 -50.33 -49.75
CA VAL A 485 -15.96 -50.17 -51.19
C VAL A 485 -15.09 -49.05 -51.79
N ARG A 486 -14.83 -47.97 -51.02
CA ARG A 486 -13.95 -46.91 -51.52
C ARG A 486 -12.52 -47.40 -51.73
N ARG A 487 -12.02 -48.24 -50.82
CA ARG A 487 -10.70 -48.85 -50.97
C ARG A 487 -10.57 -49.68 -52.25
N VAL A 488 -11.54 -50.57 -52.49
CA VAL A 488 -11.39 -51.47 -53.64
C VAL A 488 -11.51 -50.72 -54.98
N GLN A 489 -12.40 -49.71 -55.05
CA GLN A 489 -12.50 -48.96 -56.31
C GLN A 489 -11.25 -48.11 -56.55
N ALA A 490 -10.65 -47.58 -55.48
CA ALA A 490 -9.43 -46.78 -55.63
C ALA A 490 -8.25 -47.61 -56.13
N GLU A 491 -8.09 -48.83 -55.61
CA GLU A 491 -7.02 -49.70 -56.09
C GLU A 491 -7.23 -50.08 -57.55
N LEU A 492 -8.47 -50.33 -57.96
CA LEU A 492 -8.72 -50.74 -59.34
C LEU A 492 -8.48 -49.58 -60.32
N GLN A 493 -8.77 -48.34 -59.93
CA GLN A 493 -8.43 -47.24 -60.85
C GLN A 493 -6.93 -46.94 -60.89
N HIS A 494 -6.20 -47.23 -59.80
CA HIS A 494 -4.72 -47.19 -59.93
C HIS A 494 -4.23 -48.22 -60.95
N CYS A 495 -4.88 -49.38 -61.00
CA CYS A 495 -4.45 -50.25 -62.08
C CYS A 495 -4.98 -49.75 -63.45
N TRP A 496 -5.86 -48.75 -63.45
CA TRP A 496 -6.18 -48.13 -64.77
C TRP A 496 -4.88 -47.44 -65.24
N ALA A 497 -3.80 -47.49 -64.44
CA ALA A 497 -2.48 -47.00 -64.95
C ALA A 497 -2.02 -47.98 -66.02
N LEU A 498 -2.77 -49.06 -66.25
CA LEU A 498 -2.55 -49.96 -67.40
C LEU A 498 -2.65 -48.99 -68.57
N GLN A 499 -3.70 -48.19 -68.53
CA GLN A 499 -3.88 -47.17 -69.60
C GLN A 499 -2.73 -46.17 -69.54
N MET A 500 -2.19 -45.87 -68.34
CA MET A 500 -1.08 -44.92 -68.48
C MET A 500 0.22 -45.62 -68.93
N GLN A 501 0.41 -46.91 -68.62
CA GLN A 501 1.66 -47.56 -69.03
C GLN A 501 1.54 -48.46 -70.26
N ARG A 502 0.66 -49.47 -70.22
CA ARG A 502 0.92 -50.74 -70.89
C ARG A 502 0.57 -50.78 -72.38
N LYS A 503 -0.37 -49.98 -72.85
CA LYS A 503 -0.65 -49.99 -74.29
C LYS A 503 0.27 -49.07 -75.08
N HIS A 504 1.07 -48.25 -74.39
CA HIS A 504 1.96 -47.29 -75.05
C HIS A 504 3.35 -47.90 -75.17
N LEU A 505 3.97 -47.71 -76.34
CA LEU A 505 5.24 -48.24 -76.84
C LEU A 505 5.18 -49.74 -77.14
N LYS A 506 4.03 -50.40 -76.94
CA LYS A 506 3.82 -51.79 -77.30
C LYS A 506 2.52 -51.89 -78.08
N SER A 507 2.17 -53.12 -78.45
CA SER A 507 0.84 -53.43 -78.98
C SER A 507 0.17 -54.59 -78.26
N ASN A 508 0.86 -55.23 -77.30
CA ASN A 508 0.37 -56.24 -76.35
C ASN A 508 0.05 -57.59 -77.00
N GLN A 509 0.65 -58.65 -76.46
CA GLN A 509 0.31 -60.01 -76.86
C GLN A 509 -1.11 -60.36 -76.38
N THR A 510 -1.89 -61.01 -77.24
CA THR A 510 -3.28 -61.30 -76.94
C THR A 510 -3.45 -62.68 -76.32
N ASP A 511 -4.70 -63.00 -75.91
CA ASP A 511 -5.16 -64.38 -75.67
C ASP A 511 -4.36 -65.12 -74.60
N ALA A 512 -4.67 -64.81 -73.32
CA ALA A 512 -4.15 -65.31 -72.03
C ALA A 512 -2.95 -64.53 -71.53
N ILE A 513 -2.74 -63.32 -72.02
CA ILE A 513 -1.90 -62.35 -71.32
C ILE A 513 -2.75 -61.22 -70.76
N LYS A 514 -3.40 -60.49 -71.61
CA LYS A 514 -3.87 -59.22 -71.09
C LYS A 514 -5.05 -59.33 -70.07
N TRP A 515 -5.04 -60.37 -69.18
CA TRP A 515 -6.06 -60.65 -68.17
C TRP A 515 -7.44 -60.25 -68.65
N ARG A 516 -7.74 -60.66 -69.91
CA ARG A 516 -8.77 -60.16 -70.85
C ARG A 516 -8.85 -58.61 -70.86
N LEU A 517 -7.73 -57.93 -70.44
CA LEU A 517 -7.91 -56.54 -69.90
C LEU A 517 -9.14 -56.47 -68.99
N ARG A 518 -9.31 -57.54 -68.20
CA ARG A 518 -10.55 -57.67 -67.42
C ARG A 518 -10.48 -56.82 -66.23
N ASN A 519 -9.33 -56.20 -66.06
CA ASN A 519 -9.41 -54.82 -65.61
C ASN A 519 -10.53 -54.05 -66.31
N HIS A 520 -10.73 -54.15 -67.67
CA HIS A 520 -11.79 -53.23 -68.15
C HIS A 520 -13.18 -53.77 -67.82
N MET A 521 -13.32 -55.09 -67.96
CA MET A 521 -14.60 -55.75 -67.67
C MET A 521 -15.01 -55.62 -66.20
N ALA A 522 -14.03 -55.65 -65.28
CA ALA A 522 -14.36 -55.53 -63.86
C ALA A 522 -14.58 -54.08 -63.41
N PHE A 523 -13.81 -53.11 -63.92
CA PHE A 523 -13.90 -51.80 -63.29
C PHE A 523 -15.18 -51.07 -63.69
N LEU A 524 -15.70 -51.31 -64.91
CA LEU A 524 -16.91 -50.56 -65.30
C LEU A 524 -18.10 -50.90 -64.40
N VAL A 525 -18.27 -52.18 -64.08
CA VAL A 525 -19.42 -52.61 -63.31
C VAL A 525 -19.27 -52.26 -61.82
N ASP A 526 -18.05 -52.35 -61.26
CA ASP A 526 -17.84 -51.91 -59.88
C ASP A 526 -18.04 -50.40 -59.73
N ASN A 527 -17.61 -49.61 -60.71
CA ASN A 527 -17.77 -48.16 -60.64
C ASN A 527 -19.24 -47.77 -60.75
N LEU A 528 -20.02 -48.52 -61.54
CA LEU A 528 -21.46 -48.24 -61.63
C LEU A 528 -22.17 -48.50 -60.29
N GLN A 529 -21.80 -49.58 -59.60
CA GLN A 529 -22.36 -49.83 -58.26
C GLN A 529 -21.91 -48.77 -57.25
N TYR A 530 -20.69 -48.26 -57.44
CA TYR A 530 -20.19 -47.14 -56.63
C TYR A 530 -21.06 -45.89 -56.82
N TYR A 531 -21.47 -45.62 -58.07
CA TYR A 531 -22.40 -44.53 -58.35
C TYR A 531 -23.77 -44.79 -57.73
N LEU A 532 -24.14 -46.06 -57.57
CA LEU A 532 -25.42 -46.36 -56.95
C LEU A 532 -25.42 -46.01 -55.46
N GLN A 533 -24.34 -46.39 -54.77
CA GLN A 533 -24.21 -46.04 -53.36
C GLN A 533 -24.11 -44.52 -53.16
N VAL A 534 -23.46 -43.85 -54.11
CA VAL A 534 -23.50 -42.40 -54.23
C VAL A 534 -24.93 -41.83 -54.20
N ASP A 535 -25.79 -42.26 -55.13
CA ASP A 535 -27.05 -41.53 -55.25
C ASP A 535 -28.04 -41.93 -54.14
N VAL A 536 -27.84 -43.12 -53.54
CA VAL A 536 -28.69 -43.42 -52.37
C VAL A 536 -28.31 -42.55 -51.17
N LEU A 537 -27.01 -42.32 -50.93
CA LEU A 537 -26.63 -41.47 -49.80
C LEU A 537 -27.10 -40.04 -49.97
N GLU A 538 -27.00 -39.48 -51.20
CA GLU A 538 -27.49 -38.12 -51.40
C GLU A 538 -29.02 -38.03 -51.29
N SER A 539 -29.75 -39.04 -51.79
CA SER A 539 -31.22 -38.99 -51.75
C SER A 539 -31.74 -38.95 -50.32
N GLN A 540 -31.18 -39.80 -49.45
CA GLN A 540 -31.62 -39.76 -48.05
C GLN A 540 -31.16 -38.51 -47.33
N PHE A 541 -29.96 -37.99 -47.62
CA PHE A 541 -29.49 -36.79 -46.92
C PHE A 541 -30.29 -35.55 -47.30
N SER A 542 -30.62 -35.40 -48.60
CA SER A 542 -31.40 -34.26 -49.05
C SER A 542 -32.83 -34.31 -48.52
N GLN A 543 -33.41 -35.52 -48.46
CA GLN A 543 -34.72 -35.68 -47.84
C GLN A 543 -34.69 -35.33 -46.35
N LEU A 544 -33.60 -35.69 -45.66
CA LEU A 544 -33.46 -35.37 -44.25
C LEU A 544 -33.39 -33.87 -44.00
N LEU A 545 -32.61 -33.15 -44.81
CA LEU A 545 -32.48 -31.71 -44.59
C LEU A 545 -33.78 -30.96 -44.89
N HIS A 546 -34.51 -31.36 -45.94
CA HIS A 546 -35.81 -30.76 -46.20
C HIS A 546 -36.82 -31.08 -45.10
N GLN A 547 -36.79 -32.32 -44.60
CA GLN A 547 -37.73 -32.73 -43.56
C GLN A 547 -37.47 -32.01 -42.24
N ILE A 548 -36.21 -31.79 -41.87
CA ILE A 548 -35.94 -31.09 -40.62
C ILE A 548 -36.21 -29.59 -40.77
N ASN A 549 -36.15 -29.07 -41.99
CA ASN A 549 -36.51 -27.66 -42.18
C ASN A 549 -38.02 -27.43 -42.18
N SER A 550 -38.82 -28.43 -42.55
CA SER A 550 -40.25 -28.20 -42.75
C SER A 550 -41.03 -28.11 -41.43
N THR A 551 -40.64 -28.90 -40.43
CA THR A 551 -41.47 -29.03 -39.24
C THR A 551 -40.85 -28.29 -38.06
N ARG A 552 -41.65 -28.11 -37.00
CA ARG A 552 -41.24 -27.32 -35.85
C ARG A 552 -41.25 -28.10 -34.54
N ASP A 553 -41.48 -29.41 -34.56
CA ASP A 553 -41.42 -30.22 -33.36
C ASP A 553 -40.21 -31.14 -33.42
N PHE A 554 -39.49 -31.21 -32.29
CA PHE A 554 -38.23 -31.96 -32.24
C PHE A 554 -38.46 -33.46 -32.26
N GLU A 555 -39.64 -33.91 -31.84
CA GLU A 555 -40.01 -35.32 -31.95
C GLU A 555 -40.11 -35.75 -33.42
N SER A 556 -40.64 -34.86 -34.26
CA SER A 556 -40.69 -35.12 -35.70
C SER A 556 -39.30 -35.16 -36.32
N ILE A 557 -38.37 -34.33 -35.81
CA ILE A 557 -36.97 -34.42 -36.21
C ILE A 557 -36.40 -35.78 -35.88
N ARG A 558 -36.73 -36.32 -34.71
CA ARG A 558 -36.18 -37.61 -34.30
C ARG A 558 -36.78 -38.75 -35.13
N LEU A 559 -38.08 -38.67 -35.43
CA LEU A 559 -38.72 -39.68 -36.29
C LEU A 559 -38.14 -39.65 -37.70
N ALA A 560 -37.91 -38.46 -38.24
CA ALA A 560 -37.27 -38.33 -39.55
C ALA A 560 -35.82 -38.84 -39.51
N HIS A 561 -35.13 -38.61 -38.39
CA HIS A 561 -33.73 -39.03 -38.26
C HIS A 561 -33.60 -40.55 -38.18
N ASP A 562 -34.46 -41.20 -37.37
CA ASP A 562 -34.46 -42.65 -37.26
C ASP A 562 -34.93 -43.31 -38.55
N HIS A 563 -35.92 -42.71 -39.23
CA HIS A 563 -36.34 -43.19 -40.53
C HIS A 563 -35.22 -43.05 -41.57
N PHE A 564 -34.46 -41.95 -41.49
CA PHE A 564 -33.34 -41.68 -42.38
C PHE A 564 -32.23 -42.70 -42.22
N LEU A 565 -31.85 -43.00 -40.97
CA LEU A 565 -30.80 -44.01 -40.75
C LEU A 565 -31.27 -45.41 -41.09
N SER A 566 -32.55 -45.72 -40.83
CA SER A 566 -33.08 -47.03 -41.18
C SER A 566 -33.13 -47.24 -42.69
N ASN A 567 -33.52 -46.19 -43.44
CA ASN A 567 -33.46 -46.28 -44.89
C ASN A 567 -32.04 -46.40 -45.40
N LEU A 568 -31.08 -45.69 -44.80
CA LEU A 568 -29.68 -45.83 -45.23
C LEU A 568 -29.16 -47.24 -45.01
N LEU A 569 -29.51 -47.84 -43.86
CA LEU A 569 -29.10 -49.22 -43.59
C LEU A 569 -29.79 -50.21 -44.53
N ALA A 570 -31.07 -50.01 -44.83
CA ALA A 570 -31.79 -50.94 -45.70
C ALA A 570 -31.32 -50.84 -47.15
N GLN A 571 -31.01 -49.62 -47.60
CA GLN A 571 -30.74 -49.38 -49.02
C GLN A 571 -29.27 -49.53 -49.38
N SER A 572 -28.35 -49.29 -48.45
CA SER A 572 -26.93 -49.54 -48.71
C SER A 572 -26.53 -50.98 -48.49
N PHE A 573 -27.51 -51.90 -48.39
CA PHE A 573 -27.32 -53.34 -48.26
C PHE A 573 -26.56 -53.71 -46.98
N ILE A 574 -26.91 -53.03 -45.88
CA ILE A 574 -26.50 -53.48 -44.55
C ILE A 574 -27.42 -54.58 -44.05
N LEU A 575 -28.69 -54.56 -44.43
CA LEU A 575 -29.64 -55.60 -44.07
C LEU A 575 -29.34 -56.90 -44.79
N LEU A 576 -29.61 -58.04 -44.17
CA LEU A 576 -29.21 -59.34 -44.71
C LEU A 576 -30.16 -59.74 -45.83
N LYS A 577 -29.62 -59.74 -47.05
CA LYS A 577 -30.35 -60.17 -48.24
C LYS A 577 -29.38 -60.89 -49.15
N PRO A 578 -29.86 -61.59 -50.20
CA PRO A 578 -28.93 -62.04 -51.25
C PRO A 578 -28.24 -60.90 -51.97
N VAL A 579 -28.82 -59.70 -51.93
CA VAL A 579 -28.14 -58.53 -52.48
C VAL A 579 -26.91 -58.15 -51.63
N PHE A 580 -26.99 -58.32 -50.31
CA PHE A 580 -25.86 -58.07 -49.43
C PHE A 580 -24.79 -59.13 -49.62
N HIS A 581 -25.23 -60.37 -49.86
CA HIS A 581 -24.33 -61.47 -50.22
C HIS A 581 -23.57 -61.18 -51.50
N CYS A 582 -24.27 -60.62 -52.50
CA CYS A 582 -23.64 -60.20 -53.75
C CYS A 582 -22.57 -59.13 -53.55
N LEU A 583 -22.86 -58.14 -52.70
CA LEU A 583 -21.88 -57.07 -52.52
C LEU A 583 -20.65 -57.56 -51.76
N ASN A 584 -20.82 -58.48 -50.80
CA ASN A 584 -19.66 -59.07 -50.12
C ASN A 584 -18.76 -59.82 -51.09
N GLU A 585 -19.36 -60.62 -51.98
CA GLU A 585 -18.58 -61.36 -52.95
C GLU A 585 -17.92 -60.43 -53.98
N ILE A 586 -18.57 -59.32 -54.33
CA ILE A 586 -17.97 -58.41 -55.30
C ILE A 586 -16.80 -57.64 -54.66
N LEU A 587 -16.85 -57.43 -53.33
CA LEU A 587 -15.69 -56.89 -52.62
C LEU A 587 -14.51 -57.86 -52.66
N ASP A 588 -14.78 -59.14 -52.37
CA ASP A 588 -13.70 -60.14 -52.37
C ASP A 588 -13.10 -60.34 -53.75
N LEU A 589 -13.96 -60.34 -54.79
CA LEU A 589 -13.51 -60.49 -56.16
C LEU A 589 -12.63 -59.32 -56.60
N CYS A 590 -13.02 -58.09 -56.25
CA CYS A 590 -12.22 -56.92 -56.60
C CYS A 590 -10.88 -56.91 -55.87
N HIS A 591 -10.87 -57.32 -54.59
CA HIS A 591 -9.62 -57.37 -53.82
C HIS A 591 -8.64 -58.39 -54.39
N SER A 592 -9.11 -59.61 -54.67
CA SER A 592 -8.24 -60.63 -55.24
C SER A 592 -7.79 -60.25 -56.65
N PHE A 593 -8.65 -59.55 -57.39
CA PHE A 593 -8.30 -59.13 -58.73
C PHE A 593 -7.21 -58.08 -58.72
N CYS A 594 -7.31 -57.08 -57.82
CA CYS A 594 -6.26 -56.07 -57.67
C CYS A 594 -4.94 -56.67 -57.24
N SER A 595 -4.99 -57.71 -56.38
CA SER A 595 -3.77 -58.41 -55.99
C SER A 595 -3.10 -59.10 -57.17
N LEU A 596 -3.90 -59.64 -58.10
CA LEU A 596 -3.30 -60.20 -59.32
C LEU A 596 -2.68 -59.11 -60.19
N VAL A 597 -3.43 -58.05 -60.47
CA VAL A 597 -3.02 -57.15 -61.55
C VAL A 597 -2.00 -56.10 -61.10
N SER A 598 -1.74 -55.97 -59.80
CA SER A 598 -0.74 -54.98 -59.36
C SER A 598 0.69 -55.42 -59.65
N GLN A 599 1.01 -56.70 -59.44
CA GLN A 599 2.39 -57.15 -59.43
C GLN A 599 2.92 -57.55 -60.79
N ASN A 600 2.11 -57.49 -61.84
CA ASN A 600 2.51 -58.00 -63.14
C ASN A 600 3.19 -56.93 -63.98
N LEU A 601 3.15 -55.68 -63.52
CA LEU A 601 3.27 -54.49 -64.37
C LEU A 601 2.64 -54.68 -65.74
N GLY A 602 3.43 -54.72 -66.80
CA GLY A 602 2.91 -54.88 -68.14
C GLY A 602 2.35 -56.27 -68.42
N PRO A 603 1.91 -56.50 -69.65
CA PRO A 603 1.39 -57.82 -70.03
C PRO A 603 2.47 -58.90 -69.99
N LEU A 604 2.32 -59.84 -69.05
CA LEU A 604 3.24 -60.96 -68.90
C LEU A 604 2.49 -62.11 -68.23
N ASP A 605 2.76 -63.33 -68.68
CA ASP A 605 2.13 -64.52 -68.13
C ASP A 605 2.96 -65.08 -66.97
N GLU A 606 2.60 -64.71 -65.75
CA GLU A 606 3.28 -65.16 -64.53
C GLU A 606 2.61 -66.39 -63.92
N ARG A 607 2.04 -67.28 -64.76
CA ARG A 607 1.04 -68.29 -64.39
C ARG A 607 -0.16 -67.56 -63.78
N GLY A 608 -0.54 -66.45 -64.40
CA GLY A 608 -1.69 -65.68 -63.94
C GLY A 608 -3.01 -66.17 -64.47
N ALA A 609 -2.97 -67.08 -65.46
CA ALA A 609 -4.22 -67.61 -66.03
C ALA A 609 -4.96 -68.49 -65.04
N ALA A 610 -4.25 -69.13 -64.11
CA ALA A 610 -4.89 -69.93 -63.06
C ALA A 610 -5.72 -69.05 -62.13
N GLN A 611 -5.21 -67.86 -61.81
CA GLN A 611 -6.02 -66.89 -61.08
C GLN A 611 -7.15 -66.35 -61.96
N LEU A 612 -6.86 -66.15 -63.25
CA LEU A 612 -7.81 -65.52 -64.17
C LEU A 612 -9.05 -66.38 -64.40
N SER A 613 -8.88 -67.71 -64.36
CA SER A 613 -10.04 -68.60 -64.50
C SER A 613 -11.00 -68.49 -63.31
N ILE A 614 -10.45 -68.42 -62.08
CA ILE A 614 -11.26 -68.19 -60.89
C ILE A 614 -11.95 -66.84 -60.98
N LEU A 615 -11.23 -65.85 -61.52
CA LEU A 615 -11.78 -64.51 -61.71
C LEU A 615 -12.95 -64.49 -62.69
N VAL A 616 -12.84 -65.19 -63.82
CA VAL A 616 -13.94 -65.17 -64.79
C VAL A 616 -15.14 -65.97 -64.27
N LYS A 617 -14.90 -67.05 -63.52
CA LYS A 617 -16.02 -67.82 -62.99
C LYS A 617 -16.77 -67.06 -61.89
N GLY A 618 -16.03 -66.45 -60.96
CA GLY A 618 -16.67 -65.61 -59.96
C GLY A 618 -17.29 -64.37 -60.57
N PHE A 619 -16.72 -63.89 -61.67
CA PHE A 619 -17.23 -62.75 -62.41
C PHE A 619 -18.61 -63.07 -62.98
N SER A 620 -18.78 -64.29 -63.51
CA SER A 620 -20.09 -64.74 -63.99
C SER A 620 -21.08 -65.00 -62.85
N ARG A 621 -20.60 -65.50 -61.71
CA ARG A 621 -21.52 -65.77 -60.60
C ARG A 621 -22.06 -64.47 -59.98
N GLN A 622 -21.17 -63.53 -59.65
CA GLN A 622 -21.63 -62.21 -59.21
C GLN A 622 -22.24 -61.40 -60.34
N SER A 623 -22.10 -61.84 -61.59
CA SER A 623 -22.83 -61.22 -62.68
C SER A 623 -24.34 -61.39 -62.55
N SER A 624 -24.80 -62.64 -62.39
CA SER A 624 -26.24 -62.83 -62.14
C SER A 624 -26.65 -62.29 -60.78
N LEU A 625 -25.70 -62.20 -59.84
CA LEU A 625 -26.05 -61.64 -58.54
C LEU A 625 -26.20 -60.12 -58.57
N LEU A 626 -25.45 -59.41 -59.42
CA LEU A 626 -25.73 -57.97 -59.54
C LEU A 626 -26.96 -57.73 -60.41
N PHE A 627 -27.31 -58.68 -61.31
CA PHE A 627 -28.68 -58.69 -61.83
C PHE A 627 -29.75 -58.74 -60.74
N LYS A 628 -29.52 -59.52 -59.68
CA LYS A 628 -30.62 -59.65 -58.70
C LYS A 628 -30.49 -58.57 -57.61
N ILE A 629 -29.34 -57.89 -57.52
CA ILE A 629 -29.23 -56.57 -56.89
C ILE A 629 -30.24 -55.63 -57.52
N LEU A 630 -30.32 -55.70 -58.84
CA LEU A 630 -30.28 -54.50 -59.66
C LEU A 630 -31.63 -53.75 -59.69
N SER A 631 -32.70 -54.31 -59.12
CA SER A 631 -33.84 -53.43 -58.72
C SER A 631 -34.56 -53.88 -57.44
N PRO B 210 -74.05 -32.95 56.51
CA PRO B 210 -74.98 -32.12 57.28
C PRO B 210 -74.83 -30.64 56.98
N ASP B 211 -75.94 -30.01 56.58
CA ASP B 211 -76.05 -28.59 56.22
C ASP B 211 -75.16 -28.30 55.03
N ASP B 212 -73.92 -27.85 55.28
CA ASP B 212 -72.99 -27.53 54.21
C ASP B 212 -72.53 -28.78 53.48
N ARG B 213 -72.12 -29.81 54.23
CA ARG B 213 -71.65 -31.06 53.62
C ARG B 213 -72.77 -31.80 52.91
N SER B 214 -74.01 -31.67 53.39
CA SER B 214 -75.14 -32.28 52.71
C SER B 214 -75.38 -31.65 51.34
N TRP B 215 -75.28 -30.32 51.25
CA TRP B 215 -75.39 -29.62 49.97
C TRP B 215 -74.25 -30.02 49.03
N LEU B 216 -73.03 -30.11 49.57
CA LEU B 216 -71.86 -30.48 48.78
C LEU B 216 -71.99 -31.90 48.22
N GLU B 217 -72.49 -32.84 49.03
CA GLU B 217 -72.67 -34.20 48.54
C GLU B 217 -73.88 -34.37 47.64
N HIS B 218 -74.96 -33.60 47.86
CA HIS B 218 -76.20 -33.82 47.13
C HIS B 218 -76.30 -33.04 45.82
N HIS B 219 -75.45 -32.03 45.59
CA HIS B 219 -75.51 -31.35 44.30
C HIS B 219 -74.30 -31.63 43.43
N VAL B 220 -73.17 -32.06 44.01
CA VAL B 220 -71.93 -32.28 43.27
C VAL B 220 -71.49 -33.68 43.74
N VAL B 221 -70.43 -34.23 43.15
CA VAL B 221 -69.63 -35.41 43.51
C VAL B 221 -68.89 -35.23 44.84
N HIS B 222 -67.88 -36.09 45.10
CA HIS B 222 -67.34 -36.77 46.31
C HIS B 222 -67.80 -38.21 46.52
N GLN B 223 -68.51 -38.78 45.58
CA GLN B 223 -68.63 -40.23 45.48
C GLN B 223 -67.69 -40.76 44.39
N TYR B 224 -66.61 -40.01 44.14
CA TYR B 224 -65.68 -40.34 43.07
C TYR B 224 -64.24 -40.25 43.58
N TRP B 225 -64.04 -39.65 44.75
CA TRP B 225 -62.73 -39.68 45.39
C TRP B 225 -62.81 -40.28 46.77
N THR B 226 -64.02 -40.60 47.23
CA THR B 226 -64.29 -41.39 48.41
C THR B 226 -65.31 -42.43 48.01
N ALA B 227 -65.14 -43.66 48.50
CA ALA B 227 -65.97 -44.78 48.09
C ALA B 227 -67.38 -44.61 48.67
N ARG B 228 -68.25 -43.96 47.92
CA ARG B 228 -69.63 -43.71 48.30
C ARG B 228 -70.53 -44.10 47.15
N PRO B 229 -71.80 -44.41 47.42
CA PRO B 229 -72.76 -44.65 46.33
C PRO B 229 -72.99 -43.40 45.49
N SER B 230 -73.32 -43.62 44.21
CA SER B 230 -73.50 -42.52 43.27
C SER B 230 -74.76 -41.72 43.58
N GLN B 231 -74.62 -40.39 43.53
CA GLN B 231 -75.74 -39.48 43.74
C GLN B 231 -76.36 -39.02 42.43
N PHE B 232 -75.91 -39.56 41.31
CA PHE B 232 -76.45 -39.26 40.00
C PHE B 232 -77.82 -39.91 39.91
N PRO B 233 -78.92 -39.14 39.69
CA PRO B 233 -80.29 -39.59 40.03
C PRO B 233 -80.81 -40.86 39.37
N HIS B 234 -81.65 -41.60 40.09
CA HIS B 234 -82.18 -42.87 39.63
C HIS B 234 -83.70 -42.90 39.72
N SER B 235 -84.26 -43.97 39.14
CA SER B 235 -85.66 -44.35 39.08
C SER B 235 -85.64 -45.87 39.03
N LEU B 236 -86.60 -46.52 38.38
CA LEU B 236 -86.44 -47.95 38.15
C LEU B 236 -86.47 -48.24 36.66
N HIS B 237 -85.75 -49.31 36.24
CA HIS B 237 -85.83 -50.04 34.97
C HIS B 237 -85.10 -49.36 33.82
N LEU B 238 -84.12 -50.07 33.24
CA LEU B 238 -83.24 -49.65 32.12
C LEU B 238 -82.53 -48.35 32.49
N HIS B 239 -82.43 -47.37 31.59
CA HIS B 239 -81.78 -46.12 31.94
C HIS B 239 -82.73 -45.33 32.83
N SER B 240 -82.35 -45.27 34.11
CA SER B 240 -83.10 -44.93 35.31
C SER B 240 -82.33 -45.60 36.45
N ASN B 241 -82.51 -46.91 36.56
CA ASN B 241 -81.64 -47.77 37.37
C ASN B 241 -81.49 -49.08 36.61
N LEU B 242 -80.31 -49.31 36.05
CA LEU B 242 -80.02 -50.56 35.38
C LEU B 242 -79.62 -51.65 36.36
N ALA B 243 -79.51 -51.31 37.65
CA ALA B 243 -78.94 -52.18 38.68
C ALA B 243 -79.66 -53.50 38.84
N ALA B 244 -80.99 -53.49 38.81
CA ALA B 244 -81.77 -54.72 38.99
C ALA B 244 -81.57 -55.69 37.84
N VAL B 245 -81.75 -55.22 36.59
CA VAL B 245 -81.67 -56.11 35.45
C VAL B 245 -80.22 -56.53 35.16
N TRP B 246 -79.26 -55.63 35.42
CA TRP B 246 -77.87 -56.00 35.25
C TRP B 246 -77.42 -56.95 36.36
N ASP B 247 -77.99 -56.82 37.55
CA ASP B 247 -77.76 -57.82 38.60
C ASP B 247 -78.33 -59.17 38.22
N GLN B 248 -79.50 -59.18 37.57
CA GLN B 248 -80.09 -60.44 37.09
C GLN B 248 -79.22 -61.09 36.02
N HIS B 249 -78.69 -60.29 35.09
CA HIS B 249 -77.78 -60.83 34.08
C HIS B 249 -76.48 -61.33 34.70
N LEU B 250 -75.98 -60.61 35.72
CA LEU B 250 -74.80 -61.05 36.45
C LEU B 250 -75.05 -62.37 37.17
N TYR B 251 -76.22 -62.52 37.79
CA TYR B 251 -76.53 -63.74 38.54
C TYR B 251 -76.73 -64.93 37.60
N SER B 252 -77.35 -64.69 36.44
CA SER B 252 -77.69 -65.79 35.54
C SER B 252 -76.45 -66.40 34.88
N SER B 253 -75.46 -65.57 34.57
CA SER B 253 -74.25 -66.04 33.88
C SER B 253 -73.10 -66.31 34.84
N ASP B 254 -73.37 -66.36 36.16
CA ASP B 254 -72.51 -66.48 37.33
C ASP B 254 -71.81 -65.13 37.52
N PRO B 255 -71.91 -64.43 38.68
CA PRO B 255 -71.11 -63.22 38.88
C PRO B 255 -69.90 -63.82 39.60
N LEU B 256 -69.43 -64.99 39.15
CA LEU B 256 -68.32 -65.72 39.84
C LEU B 256 -68.75 -66.07 41.26
N TYR B 257 -68.57 -65.17 42.24
CA TYR B 257 -68.88 -65.51 43.63
C TYR B 257 -69.10 -64.20 44.39
N VAL B 258 -68.97 -63.09 43.67
CA VAL B 258 -69.17 -61.71 44.14
C VAL B 258 -69.90 -60.94 43.04
N PRO B 259 -71.02 -60.27 43.33
CA PRO B 259 -71.62 -59.37 42.34
C PRO B 259 -70.70 -58.21 42.03
N ASP B 260 -70.63 -57.85 40.75
CA ASP B 260 -69.75 -56.78 40.30
C ASP B 260 -70.31 -55.45 40.78
N ASP B 261 -69.62 -54.85 41.76
CA ASP B 261 -70.02 -53.57 42.31
C ASP B 261 -68.78 -52.84 42.81
N ARG B 262 -68.64 -51.60 42.39
CA ARG B 262 -67.56 -50.71 42.81
C ARG B 262 -68.17 -49.33 43.04
N VAL B 263 -67.32 -48.31 43.04
CA VAL B 263 -67.69 -46.98 43.56
C VAL B 263 -68.71 -46.28 42.65
N LEU B 264 -68.61 -46.49 41.32
CA LEU B 264 -69.51 -46.02 40.25
C LEU B 264 -69.39 -44.52 39.99
N VAL B 265 -69.21 -44.14 38.73
CA VAL B 265 -69.14 -42.74 38.31
C VAL B 265 -69.90 -42.59 37.00
N THR B 266 -70.48 -41.41 36.78
CA THR B 266 -71.18 -41.11 35.53
C THR B 266 -70.20 -40.75 34.41
N GLU B 267 -70.72 -40.51 33.21
CA GLU B 267 -69.89 -40.41 32.02
C GLU B 267 -69.12 -39.09 31.96
N THR B 268 -69.77 -37.97 32.35
CA THR B 268 -69.21 -36.64 32.13
C THR B 268 -67.92 -36.41 32.90
N GLN B 269 -67.80 -37.01 34.09
CA GLN B 269 -66.57 -36.90 34.88
C GLN B 269 -65.41 -37.56 34.13
N VAL B 270 -65.68 -38.72 33.52
CA VAL B 270 -64.70 -39.41 32.69
C VAL B 270 -64.39 -38.60 31.44
N ILE B 271 -65.39 -37.91 30.88
CA ILE B 271 -65.20 -37.10 29.66
C ILE B 271 -64.23 -35.96 29.91
N ARG B 272 -64.48 -35.19 30.98
CA ARG B 272 -63.57 -34.08 31.31
C ARG B 272 -62.23 -34.58 31.82
N GLU B 273 -62.17 -35.77 32.42
CA GLU B 273 -60.85 -36.32 32.74
C GLU B 273 -60.08 -36.75 31.49
N THR B 274 -60.76 -37.33 30.50
CA THR B 274 -60.08 -37.69 29.26
C THR B 274 -59.60 -36.45 28.51
N LEU B 275 -60.40 -35.39 28.53
CA LEU B 275 -59.96 -34.15 27.90
C LEU B 275 -58.85 -33.46 28.69
N TRP B 276 -58.85 -33.59 30.02
CA TRP B 276 -57.72 -33.08 30.81
C TRP B 276 -56.44 -33.87 30.53
N LEU B 277 -56.55 -35.19 30.39
CA LEU B 277 -55.37 -36.02 30.13
C LEU B 277 -54.81 -35.77 28.74
N LEU B 278 -55.68 -35.72 27.72
CA LEU B 278 -55.22 -35.43 26.37
C LEU B 278 -54.78 -33.98 26.21
N SER B 279 -55.25 -33.10 27.10
CA SER B 279 -54.97 -31.68 26.98
C SER B 279 -53.51 -31.36 27.29
N GLY B 280 -52.90 -32.08 28.23
CA GLY B 280 -51.52 -31.85 28.58
C GLY B 280 -51.19 -32.06 30.04
N VAL B 281 -52.16 -31.89 30.94
CA VAL B 281 -51.92 -32.12 32.36
C VAL B 281 -52.09 -33.61 32.66
N LYS B 282 -51.45 -34.06 33.73
CA LYS B 282 -51.26 -35.49 34.00
C LYS B 282 -51.62 -35.81 35.43
N LYS B 283 -51.49 -37.11 35.77
CA LYS B 283 -51.72 -37.66 37.11
C LYS B 283 -53.11 -37.36 37.66
N LEU B 284 -54.12 -37.95 37.06
CA LEU B 284 -55.51 -37.66 37.39
C LEU B 284 -55.97 -38.77 38.35
N PHE B 285 -57.27 -38.87 38.65
CA PHE B 285 -57.71 -40.01 39.46
C PHE B 285 -57.77 -41.30 38.63
N ILE B 286 -58.41 -41.24 37.45
CA ILE B 286 -58.26 -42.26 36.41
C ILE B 286 -57.04 -41.83 35.60
N PHE B 287 -56.42 -42.78 34.87
CA PHE B 287 -55.16 -42.62 34.13
C PHE B 287 -54.05 -42.35 35.13
N GLN B 288 -54.05 -43.17 36.18
CA GLN B 288 -52.93 -43.24 37.11
C GLN B 288 -51.66 -43.69 36.42
N LEU B 289 -50.53 -43.17 36.87
CA LEU B 289 -49.22 -43.56 36.36
C LEU B 289 -48.66 -44.62 37.30
N ILE B 290 -48.68 -45.88 36.85
CA ILE B 290 -48.40 -47.01 37.74
C ILE B 290 -46.90 -47.34 37.77
N ASP B 291 -46.20 -47.27 36.64
CA ASP B 291 -44.77 -47.53 36.62
C ASP B 291 -43.99 -46.62 35.67
N GLY B 292 -44.62 -45.61 35.08
CA GLY B 292 -43.96 -44.76 34.11
C GLY B 292 -44.86 -44.43 32.95
N LYS B 293 -46.00 -45.12 32.87
CA LYS B 293 -46.91 -44.96 31.74
C LYS B 293 -48.34 -45.00 32.27
N VAL B 294 -49.17 -44.04 31.85
CA VAL B 294 -50.51 -43.91 32.39
C VAL B 294 -51.41 -45.03 31.89
N THR B 295 -52.29 -45.51 32.76
CA THR B 295 -53.24 -46.55 32.41
C THR B 295 -54.49 -46.41 33.27
N VAL B 296 -55.59 -47.00 32.78
CA VAL B 296 -56.89 -46.77 33.39
C VAL B 296 -57.00 -47.47 34.74
N ARG B 297 -57.60 -46.77 35.71
CA ARG B 297 -57.94 -47.36 37.00
C ARG B 297 -59.23 -48.17 36.84
N ASN B 298 -59.12 -49.48 37.00
CA ASN B 298 -60.23 -50.39 36.72
C ASN B 298 -60.93 -50.86 38.00
N ASN B 299 -60.68 -50.22 39.13
CA ASN B 299 -61.44 -50.48 40.35
C ASN B 299 -62.64 -49.55 40.50
N ILE B 300 -63.13 -49.05 39.36
CA ILE B 300 -64.33 -48.22 39.29
C ILE B 300 -65.31 -48.91 38.36
N ILE B 301 -66.55 -49.09 38.80
CA ILE B 301 -67.53 -49.75 37.95
C ILE B 301 -68.21 -48.69 37.10
N VAL B 302 -68.44 -49.02 35.84
CA VAL B 302 -69.46 -48.41 35.01
C VAL B 302 -70.37 -49.54 34.57
N THR B 303 -71.66 -49.46 34.95
CA THR B 303 -72.52 -50.63 35.11
C THR B 303 -72.81 -51.33 33.80
N HIS B 304 -73.20 -50.60 32.76
CA HIS B 304 -73.32 -51.19 31.43
C HIS B 304 -71.92 -51.33 30.86
N LEU B 305 -71.71 -52.41 30.08
CA LEU B 305 -70.45 -52.94 29.52
C LEU B 305 -69.53 -53.56 30.58
N THR B 306 -69.93 -53.48 31.87
CA THR B 306 -69.16 -53.82 33.08
C THR B 306 -67.67 -53.45 33.00
N HIS B 307 -67.41 -52.25 32.44
CA HIS B 307 -66.08 -51.62 32.27
C HIS B 307 -65.01 -52.54 31.69
N SER B 308 -65.40 -53.40 30.74
CA SER B 308 -64.45 -54.22 29.99
C SER B 308 -64.21 -53.71 28.58
N CYS B 309 -65.28 -53.38 27.83
CA CYS B 309 -65.12 -52.64 26.59
C CYS B 309 -64.62 -51.23 26.86
N LEU B 310 -65.11 -50.62 27.94
CA LEU B 310 -64.66 -49.30 28.35
C LEU B 310 -63.20 -49.31 28.75
N ARG B 311 -62.72 -50.45 29.29
CA ARG B 311 -61.29 -50.60 29.57
C ARG B 311 -60.47 -50.52 28.29
N SER B 312 -60.96 -51.14 27.21
CA SER B 312 -60.25 -51.10 25.93
C SER B 312 -60.22 -49.67 25.36
N VAL B 313 -61.36 -48.97 25.41
CA VAL B 313 -61.37 -47.63 24.82
C VAL B 313 -60.54 -46.64 25.66
N LEU B 314 -60.58 -46.74 27.00
CA LEU B 314 -59.75 -45.88 27.82
C LEU B 314 -58.29 -46.31 27.79
N GLU B 315 -58.01 -47.57 27.46
CA GLU B 315 -56.64 -48.01 27.30
C GLU B 315 -56.02 -47.42 26.04
N GLN B 316 -56.80 -47.33 24.94
CA GLN B 316 -56.33 -46.63 23.75
C GLN B 316 -56.12 -45.13 24.03
N ILE B 317 -57.05 -44.52 24.77
CA ILE B 317 -56.92 -43.09 25.09
C ILE B 317 -55.71 -42.84 26.00
N ALA B 318 -55.46 -43.75 26.95
CA ALA B 318 -54.28 -43.62 27.80
C ALA B 318 -52.99 -43.93 27.04
N ALA B 319 -53.06 -44.75 25.99
CA ALA B 319 -51.90 -44.95 25.12
C ALA B 319 -51.54 -43.66 24.38
N TYR B 320 -52.55 -42.87 24.00
CA TYR B 320 -52.27 -41.53 23.46
C TYR B 320 -51.77 -40.58 24.56
N GLY B 321 -52.29 -40.74 25.77
CA GLY B 321 -51.82 -39.95 26.89
C GLY B 321 -50.37 -40.21 27.27
N GLN B 322 -49.86 -41.40 26.95
CA GLN B 322 -48.44 -41.68 27.12
C GLN B 322 -47.57 -40.81 26.20
N VAL B 323 -48.01 -40.60 24.95
CA VAL B 323 -47.32 -39.70 24.05
C VAL B 323 -47.37 -38.27 24.58
N VAL B 324 -48.54 -37.86 25.08
CA VAL B 324 -48.68 -36.54 25.71
C VAL B 324 -47.74 -36.40 26.90
N PHE B 325 -47.61 -37.46 27.70
CA PHE B 325 -46.70 -37.48 28.84
C PHE B 325 -45.24 -37.38 28.41
N ARG B 326 -44.86 -38.05 27.32
CA ARG B 326 -43.47 -37.99 26.86
C ARG B 326 -43.12 -36.57 26.38
N LEU B 327 -44.02 -35.92 25.65
CA LEU B 327 -43.74 -34.56 25.20
C LEU B 327 -43.72 -33.58 26.37
N GLN B 328 -44.65 -33.71 27.32
CA GLN B 328 -44.63 -32.85 28.50
C GLN B 328 -43.45 -33.16 29.42
N GLU B 329 -42.92 -34.39 29.37
CA GLU B 329 -41.74 -34.75 30.15
C GLU B 329 -40.49 -34.11 29.57
N PHE B 330 -40.37 -34.11 28.24
CA PHE B 330 -39.27 -33.38 27.59
C PHE B 330 -39.39 -31.89 27.84
N ILE B 331 -40.62 -31.39 27.94
CA ILE B 331 -40.86 -30.01 28.33
C ILE B 331 -40.40 -29.76 29.76
N ASP B 332 -40.67 -30.71 30.68
CA ASP B 332 -40.46 -30.46 32.10
C ASP B 332 -38.99 -30.54 32.50
N GLU B 333 -38.13 -31.12 31.66
CA GLU B 333 -36.73 -31.32 32.03
C GLU B 333 -35.89 -30.05 31.91
N VAL B 334 -36.46 -28.94 31.44
CA VAL B 334 -35.82 -27.63 31.49
C VAL B 334 -36.54 -26.70 32.46
N MET B 335 -37.83 -26.47 32.23
CA MET B 335 -38.60 -25.55 33.06
C MET B 335 -39.02 -26.23 34.36
N GLY B 336 -38.74 -25.58 35.49
CA GLY B 336 -39.16 -26.09 36.78
C GLY B 336 -38.38 -27.30 37.25
N PRO B 357 -27.13 -25.67 28.95
CA PRO B 357 -28.19 -25.86 27.94
C PRO B 357 -27.70 -26.63 26.72
N PHE B 358 -28.63 -27.24 25.99
CA PHE B 358 -28.31 -27.92 24.74
C PHE B 358 -28.47 -27.04 23.52
N ARG B 359 -29.40 -26.08 23.57
CA ARG B 359 -29.66 -24.97 22.65
C ARG B 359 -30.27 -25.44 21.33
N THR B 360 -30.40 -26.75 21.08
CA THR B 360 -31.15 -27.30 19.97
C THR B 360 -32.39 -28.06 20.45
N TYR B 361 -32.26 -28.73 21.60
CA TYR B 361 -33.44 -29.24 22.30
C TYR B 361 -34.35 -28.10 22.73
N GLN B 362 -33.76 -26.95 23.12
CA GLN B 362 -34.52 -25.81 23.60
C GLN B 362 -35.38 -25.20 22.48
N ALA B 363 -34.80 -25.03 21.29
CA ALA B 363 -35.54 -24.58 20.12
C ALA B 363 -36.58 -25.61 19.65
N PHE B 364 -36.37 -26.89 19.94
CA PHE B 364 -37.35 -27.93 19.66
C PHE B 364 -38.56 -27.83 20.58
N MET B 365 -38.31 -27.74 21.89
CA MET B 365 -39.40 -27.65 22.87
C MET B 365 -40.15 -26.31 22.77
N TRP B 366 -39.53 -25.30 22.15
CA TRP B 366 -40.25 -24.04 21.89
C TRP B 366 -41.35 -24.22 20.84
N ALA B 367 -41.04 -24.84 19.70
CA ALA B 367 -42.07 -25.08 18.67
C ALA B 367 -43.07 -26.12 19.14
N LEU B 368 -42.63 -27.01 20.03
CA LEU B 368 -43.54 -27.92 20.72
C LEU B 368 -44.56 -27.14 21.57
N TYR B 369 -44.08 -26.11 22.31
CA TYR B 369 -44.97 -25.21 23.04
C TYR B 369 -45.95 -24.47 22.12
N LYS B 370 -45.45 -23.98 20.99
CA LYS B 370 -46.31 -23.25 20.06
C LYS B 370 -47.36 -24.15 19.44
N TYR B 371 -47.07 -25.46 19.34
CA TYR B 371 -48.12 -26.40 19.01
C TYR B 371 -49.12 -26.54 20.16
N PHE B 372 -48.64 -26.75 21.40
CA PHE B 372 -49.54 -27.13 22.49
C PHE B 372 -50.47 -26.01 22.92
N ILE B 373 -50.07 -24.74 22.73
CA ILE B 373 -50.97 -23.64 23.08
C ILE B 373 -52.22 -23.64 22.18
N SER B 374 -52.03 -23.78 20.86
CA SER B 374 -53.15 -23.91 19.94
C SER B 374 -53.85 -25.25 20.11
N PHE B 375 -53.14 -26.25 20.62
CA PHE B 375 -53.71 -27.59 20.76
C PHE B 375 -54.77 -27.64 21.85
N LYS B 376 -54.38 -27.32 23.10
CA LYS B 376 -55.33 -27.49 24.21
C LYS B 376 -56.30 -26.30 24.28
N GLU B 377 -56.09 -25.24 23.45
CA GLU B 377 -57.18 -24.28 23.20
C GLU B 377 -58.47 -24.96 22.74
N GLU B 378 -58.36 -25.93 21.83
CA GLU B 378 -59.52 -26.65 21.32
C GLU B 378 -60.22 -27.46 22.41
N LEU B 379 -59.43 -28.11 23.26
CA LEU B 379 -60.00 -28.94 24.31
C LEU B 379 -60.67 -28.11 25.39
N ALA B 380 -60.13 -26.91 25.67
CA ALA B 380 -60.80 -25.99 26.58
C ALA B 380 -62.13 -25.51 26.02
N GLU B 381 -62.15 -25.20 24.71
CA GLU B 381 -63.40 -24.79 24.05
C GLU B 381 -64.44 -25.91 24.08
N ILE B 382 -64.01 -27.15 23.87
CA ILE B 382 -64.92 -28.29 23.87
C ILE B 382 -65.44 -28.55 25.30
N GLU B 383 -64.56 -28.44 26.30
CA GLU B 383 -64.97 -28.67 27.69
C GLU B 383 -65.90 -27.57 28.20
N LYS B 384 -65.87 -26.38 27.57
CA LYS B 384 -66.87 -25.37 27.92
C LYS B 384 -68.27 -25.81 27.50
N CYS B 385 -68.41 -26.51 26.35
CA CYS B 385 -69.70 -26.91 25.84
C CYS B 385 -70.37 -28.02 26.64
N ILE B 386 -69.63 -28.71 27.51
CA ILE B 386 -70.26 -29.68 28.40
C ILE B 386 -71.14 -28.97 29.43
N ILE B 387 -70.66 -27.84 29.97
CA ILE B 387 -71.40 -27.12 30.98
C ILE B 387 -72.61 -26.41 30.39
N ASN B 388 -72.45 -25.82 29.20
CA ASN B 388 -73.52 -25.06 28.57
C ASN B 388 -74.61 -25.98 28.00
N THR B 391 -76.91 -28.43 26.92
CA THR B 391 -76.73 -29.65 27.69
C THR B 391 -75.39 -30.31 27.36
N THR B 392 -75.08 -31.39 28.07
CA THR B 392 -73.77 -32.04 27.93
C THR B 392 -73.69 -32.85 26.64
N ILE B 393 -72.45 -33.01 26.16
CA ILE B 393 -72.15 -33.63 24.87
C ILE B 393 -71.39 -34.92 25.13
N THR B 394 -71.77 -35.99 24.41
CA THR B 394 -71.26 -37.34 24.65
C THR B 394 -69.77 -37.52 24.36
N LEU B 395 -69.23 -38.67 24.77
CA LEU B 395 -67.79 -38.93 24.64
C LEU B 395 -67.38 -39.15 23.19
N ALA B 396 -68.24 -39.81 22.40
CA ALA B 396 -67.89 -40.17 21.02
C ALA B 396 -67.70 -38.94 20.14
N ILE B 397 -68.54 -37.92 20.33
CA ILE B 397 -68.42 -36.67 19.58
C ILE B 397 -67.09 -35.98 19.90
N VAL B 398 -66.70 -35.95 21.17
CA VAL B 398 -65.49 -35.21 21.53
C VAL B 398 -64.22 -36.01 21.24
N VAL B 399 -64.30 -37.34 21.12
CA VAL B 399 -63.09 -38.06 20.69
C VAL B 399 -62.97 -38.06 19.17
N ASP B 400 -64.10 -37.99 18.45
CA ASP B 400 -64.04 -37.83 17.01
C ASP B 400 -63.75 -36.38 16.61
N LYS B 401 -63.92 -35.43 17.53
CA LYS B 401 -63.63 -34.03 17.25
C LYS B 401 -62.12 -33.77 17.21
N LEU B 402 -61.35 -34.54 17.95
CA LEU B 402 -59.92 -34.28 18.13
C LEU B 402 -59.07 -35.15 17.20
N ALA B 403 -59.71 -35.80 16.21
CA ALA B 403 -59.00 -36.60 15.22
C ALA B 403 -57.95 -35.86 14.37
N PRO B 404 -58.18 -34.64 13.85
CA PRO B 404 -57.09 -33.97 13.12
C PRO B 404 -55.93 -33.51 14.00
N ARG B 405 -56.03 -33.62 15.32
CA ARG B 405 -54.91 -33.40 16.22
C ARG B 405 -54.22 -34.69 16.62
N LEU B 406 -54.97 -35.77 16.84
CA LEU B 406 -54.36 -37.05 17.19
C LEU B 406 -53.64 -37.70 16.02
N SER B 407 -54.13 -37.44 14.79
CA SER B 407 -53.41 -37.88 13.59
C SER B 407 -52.03 -37.25 13.50
N GLN B 408 -51.92 -35.98 13.90
CA GLN B 408 -50.63 -35.33 14.02
C GLN B 408 -49.85 -35.78 15.26
N LEU B 409 -50.56 -36.21 16.31
CA LEU B 409 -49.89 -36.69 17.52
C LEU B 409 -49.14 -37.99 17.27
N LYS B 410 -49.64 -38.84 16.36
CA LYS B 410 -48.87 -40.03 15.97
C LYS B 410 -47.57 -39.63 15.26
N VAL B 411 -47.62 -38.59 14.42
CA VAL B 411 -46.42 -38.08 13.76
C VAL B 411 -45.45 -37.52 14.79
N LEU B 412 -45.97 -36.78 15.78
CA LEU B 412 -45.13 -36.27 16.88
C LEU B 412 -44.53 -37.39 17.71
N HIS B 413 -45.27 -38.49 17.89
CA HIS B 413 -44.75 -39.68 18.57
C HIS B 413 -43.57 -40.28 17.83
N LYS B 414 -43.67 -40.36 16.50
CA LYS B 414 -42.53 -40.88 15.74
C LYS B 414 -41.38 -39.87 15.67
N VAL B 415 -41.69 -38.57 15.77
CA VAL B 415 -40.66 -37.54 15.78
C VAL B 415 -39.84 -37.60 17.07
N PHE B 416 -40.51 -37.70 18.22
CA PHE B 416 -39.80 -37.64 19.50
C PHE B 416 -38.95 -38.87 19.79
N SER B 417 -39.20 -40.00 19.11
CA SER B 417 -38.56 -41.27 19.45
C SER B 417 -37.05 -41.24 19.27
N THR B 418 -36.55 -40.60 18.19
CA THR B 418 -35.13 -40.45 17.99
C THR B 418 -34.55 -39.22 18.66
N GLY B 419 -35.39 -38.37 19.26
CA GLY B 419 -34.91 -37.24 20.01
C GLY B 419 -34.51 -37.53 21.43
N VAL B 420 -34.67 -38.78 21.88
CA VAL B 420 -34.35 -39.18 23.24
C VAL B 420 -33.56 -40.48 23.15
N ALA B 421 -33.46 -41.02 21.93
CA ALA B 421 -32.80 -42.31 21.73
C ALA B 421 -31.29 -42.20 21.74
N GLU B 422 -30.77 -40.97 21.65
CA GLU B 422 -29.34 -40.63 21.51
C GLU B 422 -28.69 -41.25 20.27
N THR B 427 -23.46 -39.69 21.70
CA THR B 427 -22.34 -39.58 22.63
C THR B 427 -21.90 -38.11 22.73
N ARG B 428 -21.41 -37.56 21.62
CA ARG B 428 -21.13 -36.14 21.56
C ARG B 428 -22.43 -35.36 21.38
N ASN B 429 -22.38 -34.07 21.72
CA ASN B 429 -23.57 -33.23 21.60
C ASN B 429 -23.94 -32.95 20.14
N VAL B 430 -23.01 -33.11 19.22
CA VAL B 430 -23.30 -32.86 17.81
C VAL B 430 -24.05 -34.03 17.17
N VAL B 431 -23.75 -35.27 17.56
CA VAL B 431 -24.50 -36.40 17.02
C VAL B 431 -25.84 -36.55 17.76
N ARG B 432 -25.91 -36.05 19.00
CA ARG B 432 -27.15 -36.08 19.77
C ARG B 432 -28.19 -35.10 19.22
N ALA B 433 -27.76 -34.09 18.47
CA ALA B 433 -28.66 -33.24 17.71
C ALA B 433 -28.85 -33.71 16.28
N SER B 434 -27.81 -34.32 15.69
CA SER B 434 -27.88 -34.83 14.32
C SER B 434 -28.89 -35.97 14.20
N HIS B 435 -29.00 -36.80 15.24
CA HIS B 435 -29.92 -37.93 15.22
C HIS B 435 -31.38 -37.47 15.14
N LEU B 436 -31.71 -36.39 15.86
CA LEU B 436 -33.06 -35.84 15.76
C LEU B 436 -33.27 -35.05 14.47
N LEU B 437 -32.28 -34.24 14.07
CA LEU B 437 -32.48 -33.33 12.95
C LEU B 437 -32.49 -34.06 11.60
N ASN B 438 -31.72 -35.15 11.47
CA ASN B 438 -31.77 -35.92 10.23
C ASN B 438 -33.08 -36.70 10.12
N THR B 439 -33.61 -37.16 11.25
CA THR B 439 -34.93 -37.80 11.26
C THR B 439 -36.02 -36.79 10.87
N LEU B 440 -35.92 -35.56 11.39
CA LEU B 440 -36.86 -34.51 11.01
C LEU B 440 -36.75 -34.15 9.52
N TYR B 441 -35.53 -34.10 9.00
CA TYR B 441 -35.31 -33.84 7.57
C TYR B 441 -35.84 -34.97 6.71
N LYS B 442 -35.77 -36.21 7.20
CA LYS B 442 -36.28 -37.36 6.46
C LYS B 442 -37.80 -37.48 6.52
N ALA B 443 -38.42 -37.05 7.63
CA ALA B 443 -39.85 -37.23 7.81
C ALA B 443 -40.69 -36.29 6.96
N ILE B 444 -40.10 -35.20 6.46
CA ILE B 444 -40.81 -34.32 5.55
C ILE B 444 -41.06 -35.01 4.22
N LEU B 445 -40.08 -35.79 3.75
CA LEU B 445 -40.24 -36.54 2.50
C LEU B 445 -41.22 -37.69 2.63
N GLU B 446 -41.51 -38.13 3.85
CA GLU B 446 -42.47 -39.21 4.07
C GLU B 446 -43.88 -38.78 3.70
N TYR B 447 -44.24 -37.53 3.97
CA TYR B 447 -45.56 -37.00 3.62
C TYR B 447 -45.49 -35.98 2.48
N ASP B 448 -44.40 -36.00 1.71
CA ASP B 448 -44.30 -35.27 0.47
C ASP B 448 -43.96 -36.26 -0.64
N GLU B 455 -50.30 -32.90 3.68
CA GLU B 455 -51.71 -32.69 4.01
C GLU B 455 -51.85 -31.57 5.04
N GLN B 456 -51.87 -31.95 6.31
CA GLN B 456 -51.83 -31.01 7.42
C GLN B 456 -50.65 -31.37 8.31
N THR B 457 -50.20 -32.62 8.22
CA THR B 457 -49.08 -33.10 9.02
C THR B 457 -47.75 -32.53 8.54
N VAL B 458 -47.56 -32.42 7.22
CA VAL B 458 -46.27 -31.99 6.68
C VAL B 458 -46.06 -30.49 6.89
N SER B 459 -47.14 -29.71 6.99
CA SER B 459 -47.00 -28.30 7.32
C SER B 459 -46.58 -28.11 8.78
N LEU B 460 -47.13 -28.93 9.68
CA LEU B 460 -46.68 -28.96 11.07
C LEU B 460 -45.22 -29.40 11.16
N LEU B 461 -44.83 -30.40 10.37
CA LEU B 461 -43.44 -30.85 10.33
C LEU B 461 -42.52 -29.76 9.80
N PHE B 462 -42.96 -28.99 8.82
CA PHE B 462 -42.14 -27.90 8.28
C PHE B 462 -41.97 -26.77 9.29
N SER B 463 -43.07 -26.35 9.94
CA SER B 463 -42.99 -25.28 10.93
C SER B 463 -42.21 -25.72 12.17
N LEU B 464 -42.28 -27.01 12.51
CA LEU B 464 -41.41 -27.54 13.55
C LEU B 464 -39.96 -27.61 13.09
N TRP B 465 -39.74 -27.91 11.82
CA TRP B 465 -38.40 -28.18 11.32
C TRP B 465 -37.58 -26.91 11.18
N VAL B 466 -38.21 -25.81 10.77
CA VAL B 466 -37.47 -24.56 10.66
C VAL B 466 -37.06 -24.04 12.04
N GLU B 467 -37.91 -24.25 13.05
CA GLU B 467 -37.62 -23.72 14.37
C GLU B 467 -36.69 -24.60 15.19
N THR B 468 -36.20 -25.71 14.63
CA THR B 468 -35.14 -26.50 15.27
C THR B 468 -33.77 -26.27 14.65
N VAL B 469 -33.70 -25.67 13.46
CA VAL B 469 -32.42 -25.31 12.86
C VAL B 469 -32.09 -23.83 13.04
N ARG B 470 -32.84 -23.13 13.90
CA ARG B 470 -32.46 -21.77 14.31
C ARG B 470 -31.05 -21.63 14.89
N PRO B 471 -30.55 -22.50 15.81
CA PRO B 471 -29.14 -22.33 16.23
C PRO B 471 -28.13 -22.57 15.13
N TYR B 472 -28.43 -23.45 14.17
CA TYR B 472 -27.46 -23.70 13.10
C TYR B 472 -27.39 -22.53 12.11
N LEU B 473 -28.54 -21.95 11.74
CA LEU B 473 -28.52 -20.78 10.88
C LEU B 473 -27.91 -19.57 11.59
N GLN B 474 -28.21 -19.42 12.88
CA GLN B 474 -27.61 -18.37 13.70
C GLN B 474 -26.09 -18.55 13.81
N THR B 475 -25.64 -19.80 13.97
CA THR B 475 -24.22 -20.10 14.10
C THR B 475 -23.48 -19.91 12.78
N VAL B 476 -24.11 -20.30 11.67
CA VAL B 476 -23.51 -20.08 10.35
C VAL B 476 -23.37 -18.58 10.07
N ASP B 477 -24.41 -17.79 10.38
CA ASP B 477 -24.32 -16.35 10.22
C ASP B 477 -23.27 -15.72 11.14
N GLU B 478 -23.09 -16.28 12.35
CA GLU B 478 -22.01 -15.84 13.23
C GLU B 478 -20.65 -16.17 12.62
N TRP B 479 -20.55 -17.33 11.95
CA TRP B 479 -19.31 -17.70 11.28
C TRP B 479 -19.01 -16.77 10.11
N ILE B 480 -20.06 -16.24 9.45
CA ILE B 480 -19.83 -15.27 8.38
C ILE B 480 -19.41 -13.92 8.94
N VAL B 481 -20.29 -13.29 9.71
CA VAL B 481 -20.13 -11.85 9.91
C VAL B 481 -19.33 -11.52 11.17
N HIS B 482 -19.28 -12.43 12.15
CA HIS B 482 -18.42 -12.22 13.31
C HIS B 482 -17.07 -12.93 13.18
N GLY B 483 -16.88 -13.72 12.13
CA GLY B 483 -15.61 -14.36 11.88
C GLY B 483 -15.27 -15.51 12.80
N HIS B 484 -16.23 -16.01 13.56
CA HIS B 484 -15.96 -17.03 14.58
C HIS B 484 -17.12 -18.00 14.66
N LEU B 485 -16.79 -19.28 14.73
CA LEU B 485 -17.80 -20.32 14.94
C LEU B 485 -18.23 -20.32 16.39
N TRP B 486 -19.54 -20.38 16.62
CA TRP B 486 -20.06 -20.45 17.98
C TRP B 486 -19.73 -21.79 18.61
N ASP B 487 -19.27 -21.74 19.86
CA ASP B 487 -18.77 -22.90 20.57
C ASP B 487 -19.73 -23.26 21.69
N GLY B 488 -20.02 -24.54 21.85
CA GLY B 488 -20.92 -25.04 22.87
C GLY B 488 -20.48 -26.38 23.42
N ALA B 489 -19.15 -26.57 23.49
CA ALA B 489 -18.43 -27.84 23.60
C ALA B 489 -18.61 -28.61 22.29
N ARG B 490 -18.54 -27.86 21.17
CA ARG B 490 -18.64 -28.33 19.80
C ARG B 490 -20.02 -28.91 19.50
N GLU B 491 -21.05 -28.09 19.75
CA GLU B 491 -22.39 -28.39 19.27
C GLU B 491 -22.44 -28.45 17.75
N PHE B 492 -21.61 -27.67 17.07
CA PHE B 492 -21.61 -27.58 15.62
C PHE B 492 -20.90 -28.78 14.99
N ILE B 493 -21.13 -28.94 13.69
CA ILE B 493 -20.65 -30.12 12.97
C ILE B 493 -19.16 -30.01 12.66
N ILE B 494 -18.66 -28.79 12.42
CA ILE B 494 -17.30 -28.61 11.96
C ILE B 494 -16.36 -28.67 13.16
N GLN B 495 -15.39 -29.59 13.12
CA GLN B 495 -14.37 -29.65 14.15
C GLN B 495 -13.43 -28.46 14.02
N ARG B 496 -13.36 -27.64 15.05
CA ARG B 496 -12.58 -26.40 15.00
C ARG B 496 -12.13 -25.96 16.38
N THR B 547 -21.65 -38.97 11.61
CA THR B 547 -21.72 -38.12 10.43
C THR B 547 -22.57 -36.87 10.70
N MET B 548 -22.96 -36.19 9.62
CA MET B 548 -23.66 -34.92 9.69
C MET B 548 -25.06 -35.05 9.12
N VAL B 549 -25.87 -34.00 9.29
CA VAL B 549 -27.19 -33.93 8.68
C VAL B 549 -27.02 -33.55 7.21
N SER B 550 -28.07 -33.75 6.42
CA SER B 550 -28.06 -33.40 5.00
C SER B 550 -28.90 -32.16 4.70
N PHE B 551 -29.25 -31.40 5.74
CA PHE B 551 -29.97 -30.14 5.54
C PHE B 551 -29.09 -29.11 4.83
N LEU B 552 -27.82 -29.02 5.22
CA LEU B 552 -26.91 -28.00 4.71
C LEU B 552 -25.71 -28.59 3.98
N LYS B 553 -25.68 -29.91 3.78
CA LYS B 553 -24.58 -30.53 3.04
C LYS B 553 -24.45 -30.09 1.58
N PRO B 554 -25.51 -29.97 0.74
CA PRO B 554 -25.28 -29.54 -0.65
C PRO B 554 -24.82 -28.08 -0.80
N VAL B 555 -24.70 -27.32 0.29
CA VAL B 555 -24.21 -25.96 0.22
C VAL B 555 -23.05 -25.82 1.20
N LEU B 556 -22.59 -26.97 1.75
CA LEU B 556 -21.64 -26.96 2.85
C LEU B 556 -20.27 -26.40 2.44
N LYS B 557 -19.82 -26.69 1.22
CA LYS B 557 -18.58 -26.10 0.71
C LYS B 557 -18.70 -24.57 0.57
N GLN B 558 -19.92 -24.09 0.33
CA GLN B 558 -20.16 -22.65 0.30
C GLN B 558 -20.24 -22.03 1.70
N ILE B 559 -20.16 -22.84 2.76
CA ILE B 559 -20.22 -22.31 4.12
C ILE B 559 -18.84 -22.23 4.74
N ILE B 560 -18.08 -23.33 4.69
CA ILE B 560 -16.73 -23.40 5.26
C ILE B 560 -15.84 -22.35 4.62
N MET B 561 -15.81 -22.35 3.28
CA MET B 561 -15.04 -21.38 2.50
C MET B 561 -15.55 -19.95 2.66
N ALA B 562 -16.75 -19.78 3.23
CA ALA B 562 -17.16 -18.44 3.66
C ALA B 562 -16.49 -18.05 4.97
N GLY B 563 -16.65 -18.88 6.01
CA GLY B 563 -16.32 -18.45 7.36
C GLY B 563 -14.83 -18.24 7.56
N LYS B 564 -14.03 -19.19 7.06
CA LYS B 564 -12.58 -19.06 7.02
C LYS B 564 -12.16 -17.78 6.30
N SER B 565 -12.84 -17.45 5.21
CA SER B 565 -12.47 -16.27 4.43
C SER B 565 -12.76 -14.97 5.17
N MET B 566 -13.59 -15.01 6.23
CA MET B 566 -13.69 -13.82 7.06
C MET B 566 -12.46 -13.67 7.94
N GLN B 567 -12.02 -14.76 8.60
CA GLN B 567 -10.95 -14.61 9.57
C GLN B 567 -9.61 -14.38 8.87
N LEU B 568 -9.40 -15.00 7.71
CA LEU B 568 -8.25 -14.72 6.87
C LEU B 568 -8.33 -13.33 6.24
N LEU B 569 -9.48 -12.67 6.27
CA LEU B 569 -9.53 -11.24 5.97
C LEU B 569 -9.13 -10.41 7.17
N LYS B 570 -9.50 -10.84 8.38
CA LYS B 570 -9.19 -10.06 9.57
C LYS B 570 -7.76 -10.27 10.05
N ASN B 571 -7.06 -11.30 9.56
CA ASN B 571 -5.66 -11.50 9.91
C ASN B 571 -4.73 -10.49 9.24
N LEU B 572 -5.19 -9.79 8.21
CA LEU B 572 -4.40 -8.75 7.57
C LEU B 572 -4.54 -7.43 8.34
N GLU B 637 -29.19 -12.12 11.29
CA GLU B 637 -29.24 -11.38 10.04
C GLU B 637 -29.62 -12.31 8.88
N LEU B 638 -28.80 -13.35 8.67
CA LEU B 638 -29.05 -14.28 7.58
C LEU B 638 -30.29 -15.13 7.84
N ASP B 639 -30.51 -15.50 9.11
CA ASP B 639 -31.74 -16.20 9.50
C ASP B 639 -32.95 -15.29 9.34
N ASP B 640 -32.76 -13.98 9.58
CA ASP B 640 -33.80 -12.97 9.42
C ASP B 640 -34.01 -12.55 7.96
N VAL B 641 -33.40 -13.26 7.00
CA VAL B 641 -33.74 -13.13 5.59
C VAL B 641 -34.51 -14.39 5.21
N HIS B 642 -34.13 -15.52 5.83
CA HIS B 642 -34.80 -16.79 5.56
C HIS B 642 -36.21 -16.81 6.12
N ASP B 643 -36.43 -16.17 7.27
CA ASP B 643 -37.79 -16.14 7.85
C ASP B 643 -38.80 -15.26 7.09
N PRO B 644 -38.42 -14.15 6.43
CA PRO B 644 -39.36 -13.54 5.46
C PRO B 644 -39.81 -14.46 4.34
N LEU B 645 -38.96 -15.40 3.90
CA LEU B 645 -39.43 -16.41 2.96
C LEU B 645 -40.44 -17.35 3.59
N LEU B 646 -40.27 -17.66 4.88
CA LEU B 646 -41.25 -18.45 5.60
C LEU B 646 -42.57 -17.72 5.79
N ALA B 647 -42.54 -16.39 5.85
CA ALA B 647 -43.78 -15.62 5.95
C ALA B 647 -44.59 -15.71 4.66
N ILE B 648 -43.96 -15.55 3.51
CA ILE B 648 -44.67 -15.54 2.23
C ILE B 648 -44.72 -16.94 1.63
N THR B 682 -44.67 -29.26 -1.70
CA THR B 682 -43.86 -28.22 -2.33
C THR B 682 -42.69 -27.81 -1.44
N PHE B 683 -42.75 -28.19 -0.16
CA PHE B 683 -41.70 -27.86 0.78
C PHE B 683 -40.62 -28.94 0.77
N GLU B 684 -39.37 -28.48 0.93
CA GLU B 684 -38.13 -29.25 0.76
C GLU B 684 -37.99 -29.80 -0.67
N LEU B 685 -38.67 -29.16 -1.62
CA LEU B 685 -38.37 -29.38 -3.03
C LEU B 685 -37.92 -28.10 -3.70
N THR B 686 -38.78 -27.07 -3.66
CA THR B 686 -38.47 -25.81 -4.32
C THR B 686 -38.02 -24.76 -3.31
N LEU B 687 -38.59 -24.79 -2.10
CA LEU B 687 -38.24 -23.81 -1.08
C LEU B 687 -36.85 -24.08 -0.53
N ARG B 688 -36.41 -25.34 -0.56
CA ARG B 688 -35.07 -25.69 -0.09
C ARG B 688 -34.00 -25.15 -1.03
N SER B 689 -34.28 -25.08 -2.32
CA SER B 689 -33.34 -24.51 -3.29
C SER B 689 -33.33 -22.98 -3.27
N CYS B 690 -34.21 -22.35 -2.51
CA CYS B 690 -34.17 -20.90 -2.32
C CYS B 690 -33.35 -20.49 -1.10
N LEU B 691 -33.07 -21.42 -0.19
CA LEU B 691 -32.20 -21.11 0.95
C LEU B 691 -30.76 -20.87 0.49
N TYR B 692 -30.32 -21.63 -0.50
CA TYR B 692 -28.91 -21.61 -0.90
C TYR B 692 -28.44 -20.30 -1.56
N PRO B 693 -29.24 -19.54 -2.33
CA PRO B 693 -28.79 -18.19 -2.72
C PRO B 693 -28.53 -17.24 -1.57
N HIS B 694 -29.22 -17.37 -0.42
CA HIS B 694 -29.02 -16.47 0.72
C HIS B 694 -27.60 -16.56 1.25
N ILE B 695 -27.11 -17.77 1.51
CA ILE B 695 -25.74 -17.94 1.94
C ILE B 695 -24.78 -17.78 0.77
N ASP B 696 -25.23 -18.06 -0.45
CA ASP B 696 -24.34 -18.02 -1.62
C ASP B 696 -23.93 -16.60 -1.99
N LYS B 697 -24.83 -15.62 -1.86
CA LYS B 697 -24.47 -14.24 -2.21
C LYS B 697 -23.50 -13.65 -1.19
N GLN B 698 -23.77 -13.87 0.10
CA GLN B 698 -22.88 -13.40 1.17
C GLN B 698 -21.51 -14.07 1.08
N TYR B 699 -21.51 -15.37 0.78
CA TYR B 699 -20.30 -16.13 0.51
C TYR B 699 -19.51 -15.56 -0.67
N LEU B 700 -20.20 -15.25 -1.77
CA LEU B 700 -19.56 -14.68 -2.94
C LEU B 700 -18.95 -13.31 -2.64
N ASP B 701 -19.67 -12.48 -1.89
CA ASP B 701 -19.18 -11.16 -1.50
C ASP B 701 -17.90 -11.28 -0.65
N CYS B 702 -17.93 -12.17 0.35
CA CYS B 702 -16.77 -12.33 1.24
C CYS B 702 -15.56 -12.88 0.51
N CYS B 703 -15.74 -13.95 -0.27
CA CYS B 703 -14.60 -14.56 -0.94
C CYS B 703 -14.08 -13.69 -2.08
N GLY B 704 -14.97 -12.97 -2.76
CA GLY B 704 -14.54 -12.05 -3.80
C GLY B 704 -13.78 -10.87 -3.25
N ASN B 705 -14.20 -10.34 -2.09
CA ASN B 705 -13.46 -9.25 -1.46
C ASN B 705 -12.08 -9.72 -0.98
N LEU B 706 -12.01 -10.94 -0.43
CA LEU B 706 -10.73 -11.49 0.00
C LEU B 706 -9.80 -11.74 -1.18
N MET B 707 -10.34 -12.25 -2.29
CA MET B 707 -9.54 -12.42 -3.51
C MET B 707 -9.10 -11.09 -4.09
N GLN B 708 -9.96 -10.06 -3.99
CA GLN B 708 -9.63 -8.74 -4.53
C GLN B 708 -8.50 -8.09 -3.74
N THR B 709 -8.53 -8.21 -2.41
CA THR B 709 -7.48 -7.56 -1.62
C THR B 709 -6.16 -8.34 -1.62
N LEU B 710 -6.18 -9.61 -2.05
CA LEU B 710 -4.93 -10.33 -2.31
C LEU B 710 -4.41 -10.12 -3.72
N LYS B 711 -5.25 -9.69 -4.66
CA LYS B 711 -4.82 -9.45 -6.04
C LYS B 711 -4.46 -8.00 -6.29
N LYS B 712 -4.50 -7.15 -5.26
CA LYS B 712 -3.97 -5.81 -5.34
C LYS B 712 -3.18 -5.52 -4.07
N ASP B 713 -2.10 -4.75 -4.23
CA ASP B 713 -1.12 -4.32 -3.22
C ASP B 713 -0.27 -5.48 -2.66
N TYR B 714 -0.55 -6.70 -3.08
CA TYR B 714 0.33 -7.87 -3.03
C TYR B 714 0.49 -8.49 -4.41
N ARG B 715 -0.60 -8.60 -5.18
CA ARG B 715 -0.64 -8.91 -6.60
C ARG B 715 0.00 -10.26 -6.94
N LEU B 716 -0.71 -11.33 -6.61
CA LEU B 716 -0.25 -12.71 -6.75
C LEU B 716 0.25 -13.04 -8.16
N VAL B 717 -0.36 -12.45 -9.18
CA VAL B 717 0.09 -12.70 -10.56
C VAL B 717 1.45 -12.03 -10.81
N GLU B 718 1.70 -10.87 -10.19
CA GLU B 718 3.00 -10.23 -10.30
C GLU B 718 4.06 -11.03 -9.56
N TYR B 719 3.70 -11.59 -8.41
CA TYR B 719 4.61 -12.49 -7.71
C TYR B 719 4.87 -13.75 -8.51
N LEU B 720 3.86 -14.26 -9.22
CA LEU B 720 4.03 -15.45 -10.05
C LEU B 720 4.98 -15.18 -11.21
N GLN B 721 4.84 -14.01 -11.85
CA GLN B 721 5.76 -13.60 -12.90
C GLN B 721 7.18 -13.44 -12.35
N ALA B 722 7.31 -12.83 -11.16
CA ALA B 722 8.62 -12.72 -10.54
C ALA B 722 9.17 -14.07 -10.11
N MET B 723 8.31 -15.02 -9.75
CA MET B 723 8.75 -16.34 -9.32
C MET B 723 9.30 -17.14 -10.49
N ARG B 724 8.62 -17.07 -11.64
CA ARG B 724 9.21 -17.68 -12.83
C ARG B 724 10.32 -16.83 -13.44
N ASN B 725 10.53 -15.61 -12.95
CA ASN B 725 11.71 -14.81 -13.29
C ASN B 725 12.92 -15.12 -12.40
N PHE B 726 12.71 -15.57 -11.15
CA PHE B 726 13.81 -15.94 -10.26
C PHE B 726 14.22 -17.40 -10.40
N PHE B 727 13.26 -18.31 -10.50
CA PHE B 727 13.52 -19.69 -10.85
C PHE B 727 13.10 -19.82 -12.30
N LEU B 728 14.01 -20.31 -13.15
CA LEU B 728 14.13 -20.00 -14.58
C LEU B 728 14.29 -18.49 -14.77
N ASP B 733 18.91 -11.84 -18.89
CA ASP B 733 18.54 -10.60 -18.20
C ASP B 733 19.43 -10.44 -16.96
N THR B 734 18.94 -10.92 -15.82
CA THR B 734 19.75 -10.98 -14.61
C THR B 734 20.32 -12.38 -14.38
N MET B 735 19.64 -13.40 -14.90
CA MET B 735 20.05 -14.78 -14.67
C MET B 735 21.31 -15.16 -15.43
N TYR B 736 21.56 -14.53 -16.58
CA TYR B 736 22.78 -14.82 -17.31
C TYR B 736 24.00 -14.19 -16.64
N ASP B 737 23.82 -13.00 -16.05
CA ASP B 737 24.84 -12.43 -15.16
C ASP B 737 25.07 -13.32 -13.95
N PHE B 738 23.98 -13.81 -13.37
CA PHE B 738 24.00 -14.74 -12.24
C PHE B 738 24.78 -16.00 -12.58
N TYR B 739 24.67 -16.50 -13.82
CA TYR B 739 25.43 -17.69 -14.15
C TYR B 739 26.86 -17.39 -14.59
N THR B 740 27.12 -16.23 -15.22
CA THR B 740 28.50 -15.90 -15.60
C THR B 740 29.36 -15.64 -14.37
N SER B 741 28.75 -15.29 -13.24
CA SER B 741 29.46 -15.37 -11.97
C SER B 741 29.82 -16.82 -11.63
N ILE B 742 28.91 -17.76 -11.87
CA ILE B 742 29.11 -19.16 -11.50
C ILE B 742 30.09 -19.88 -12.45
N PHE B 743 30.30 -19.32 -13.66
CA PHE B 743 31.04 -20.00 -14.73
C PHE B 743 32.48 -20.32 -14.33
N ASP B 744 33.12 -19.42 -13.60
CA ASP B 744 34.39 -19.72 -12.97
C ASP B 744 34.20 -19.83 -11.45
N GLN B 753 32.16 -21.77 -4.65
CA GLN B 753 32.13 -20.34 -4.40
C GLN B 753 31.01 -19.98 -3.43
N ASN B 754 31.05 -18.76 -2.91
CA ASN B 754 30.09 -18.33 -1.91
C ASN B 754 28.72 -18.10 -2.56
N VAL B 755 27.72 -18.85 -2.12
CA VAL B 755 26.41 -18.80 -2.78
C VAL B 755 25.53 -17.67 -2.27
N SER B 756 25.86 -17.07 -1.13
CA SER B 756 25.15 -15.87 -0.67
C SER B 756 25.60 -14.62 -1.39
N PHE B 757 26.82 -14.62 -1.94
CA PHE B 757 27.28 -13.55 -2.81
C PHE B 757 26.44 -13.47 -4.07
N LEU B 758 26.08 -14.64 -4.63
CA LEU B 758 25.26 -14.69 -5.83
C LEU B 758 23.84 -14.21 -5.58
N ASN B 759 23.35 -14.33 -4.34
CA ASN B 759 22.04 -13.78 -3.99
C ASN B 759 22.03 -12.26 -4.10
N VAL B 760 23.09 -11.61 -3.60
CA VAL B 760 23.21 -10.16 -3.70
C VAL B 760 23.43 -9.75 -5.16
N GLN B 761 24.18 -10.55 -5.93
CA GLN B 761 24.32 -10.29 -7.36
C GLN B 761 22.99 -10.41 -8.11
N LEU B 762 22.14 -11.34 -7.69
CA LEU B 762 20.79 -11.43 -8.25
C LEU B 762 19.93 -10.24 -7.83
N GLN B 763 20.13 -9.75 -6.61
CA GLN B 763 19.35 -8.63 -6.10
C GLN B 763 19.77 -7.27 -6.64
N GLU B 764 20.72 -7.24 -7.59
CA GLU B 764 21.36 -6.03 -8.13
C GLU B 764 21.96 -5.16 -7.02
N LEU B 796 27.72 -31.30 -12.61
CA LEU B 796 26.85 -30.23 -13.08
C LEU B 796 25.65 -30.06 -12.15
N ASP B 797 25.30 -31.13 -11.44
CA ASP B 797 24.20 -31.10 -10.48
C ASP B 797 24.70 -30.69 -9.10
N GLY B 798 23.76 -30.56 -8.17
CA GLY B 798 24.06 -30.05 -6.85
C GLY B 798 23.40 -28.71 -6.61
N LEU B 799 23.68 -28.10 -5.44
CA LEU B 799 23.49 -26.69 -5.11
C LEU B 799 22.04 -26.38 -4.74
N THR B 800 21.84 -25.64 -3.65
CA THR B 800 20.52 -25.15 -3.25
C THR B 800 20.66 -23.72 -2.78
N LEU B 801 19.53 -23.00 -2.82
CA LEU B 801 19.44 -21.64 -2.30
C LEU B 801 17.97 -21.32 -2.04
N SER B 802 17.70 -20.37 -1.12
CA SER B 802 16.33 -20.02 -0.76
C SER B 802 16.17 -18.51 -0.74
N TYR B 803 14.93 -18.06 -0.95
CA TYR B 803 14.56 -16.67 -0.76
C TYR B 803 13.22 -16.61 -0.05
N LYS B 804 13.05 -15.57 0.77
CA LYS B 804 11.91 -15.49 1.66
C LYS B 804 10.64 -15.08 0.90
N VAL B 805 9.52 -15.68 1.28
CA VAL B 805 8.22 -15.42 0.69
C VAL B 805 7.35 -14.79 1.76
N PRO B 806 6.73 -13.62 1.52
CA PRO B 806 5.90 -12.98 2.55
C PRO B 806 4.61 -13.74 2.81
N TRP B 807 4.10 -13.59 4.05
CA TRP B 807 3.03 -14.44 4.57
C TRP B 807 1.69 -14.37 3.81
N PRO B 808 1.10 -13.20 3.48
CA PRO B 808 -0.20 -13.25 2.78
C PRO B 808 -0.12 -13.77 1.35
N VAL B 809 1.07 -13.84 0.77
CA VAL B 809 1.27 -14.52 -0.50
C VAL B 809 1.64 -15.99 -0.28
N ASP B 810 2.28 -16.32 0.84
CA ASP B 810 2.72 -17.68 1.13
C ASP B 810 1.59 -18.57 1.65
N ILE B 811 0.39 -18.01 1.87
CA ILE B 811 -0.76 -18.86 2.23
C ILE B 811 -1.56 -19.28 1.00
N VAL B 812 -1.32 -18.67 -0.16
CA VAL B 812 -1.87 -19.16 -1.42
C VAL B 812 -0.79 -19.73 -2.33
N ILE B 813 0.48 -19.68 -1.91
CA ILE B 813 1.58 -20.30 -2.62
C ILE B 813 2.15 -21.40 -1.73
N SER B 814 2.37 -22.57 -2.32
CA SER B 814 2.75 -23.77 -1.58
C SER B 814 4.22 -23.71 -1.17
N LEU B 815 4.61 -24.67 -0.32
CA LEU B 815 6.03 -24.84 0.00
C LEU B 815 6.72 -25.79 -0.98
N GLU B 816 5.98 -26.81 -1.46
CA GLU B 816 6.45 -27.75 -2.47
C GLU B 816 6.71 -27.06 -3.80
N CYS B 817 6.00 -25.94 -4.00
CA CYS B 817 6.19 -24.99 -5.09
C CYS B 817 7.66 -24.65 -5.31
N GLN B 818 8.35 -24.23 -4.24
CA GLN B 818 9.73 -23.76 -4.35
C GLN B 818 10.68 -24.88 -4.77
N LYS B 819 10.46 -26.09 -4.26
CA LYS B 819 11.28 -27.25 -4.63
C LYS B 819 11.16 -27.57 -6.11
N ILE B 820 9.91 -27.58 -6.61
CA ILE B 820 9.67 -27.93 -8.01
C ILE B 820 10.27 -26.89 -8.94
N TYR B 821 10.20 -25.60 -8.55
CA TYR B 821 10.86 -24.60 -9.41
C TYR B 821 12.38 -24.59 -9.29
N ASN B 822 12.92 -24.94 -8.12
CA ASN B 822 14.38 -24.97 -7.98
C ASN B 822 15.00 -26.06 -8.85
N GLN B 823 14.30 -27.19 -9.00
CA GLN B 823 14.76 -28.26 -9.88
C GLN B 823 14.90 -27.78 -11.34
N VAL B 824 13.87 -27.12 -11.86
CA VAL B 824 13.91 -26.71 -13.26
C VAL B 824 14.81 -25.50 -13.47
N PHE B 825 15.01 -24.67 -12.42
CA PHE B 825 16.01 -23.61 -12.52
C PHE B 825 17.42 -24.17 -12.63
N LEU B 826 17.72 -25.22 -11.85
CA LEU B 826 19.01 -25.89 -12.00
C LEU B 826 19.16 -26.53 -13.38
N LEU B 827 18.06 -27.09 -13.92
CA LEU B 827 18.08 -27.65 -15.26
C LEU B 827 18.36 -26.59 -16.32
N LEU B 828 17.74 -25.41 -16.20
CA LEU B 828 17.96 -24.33 -17.17
C LEU B 828 19.39 -23.78 -17.07
N LEU B 829 19.94 -23.72 -15.85
CA LEU B 829 21.34 -23.34 -15.68
C LEU B 829 22.27 -24.35 -16.33
N GLN B 830 21.94 -25.64 -16.25
CA GLN B 830 22.75 -26.66 -16.95
C GLN B 830 22.64 -26.52 -18.47
N ILE B 831 21.44 -26.16 -18.97
CA ILE B 831 21.25 -25.95 -20.42
C ILE B 831 22.12 -24.80 -20.92
N LYS B 832 22.06 -23.66 -20.23
CA LYS B 832 22.89 -22.52 -20.62
C LYS B 832 24.37 -22.79 -20.39
N TRP B 833 24.69 -23.64 -19.40
CA TRP B 833 26.06 -24.05 -19.12
C TRP B 833 26.65 -24.84 -20.29
N ALA B 834 25.89 -25.80 -20.82
CA ALA B 834 26.37 -26.57 -21.97
C ALA B 834 26.40 -25.72 -23.24
N LYS B 835 25.41 -24.84 -23.43
CA LYS B 835 25.38 -23.98 -24.61
C LYS B 835 26.56 -23.01 -24.60
N TYR B 836 26.95 -22.51 -23.43
CA TYR B 836 28.08 -21.61 -23.33
C TYR B 836 29.42 -22.35 -23.41
N SER B 837 29.49 -23.57 -22.88
CA SER B 837 30.76 -24.30 -22.92
C SER B 837 31.05 -24.83 -24.31
N LEU B 838 30.01 -25.20 -25.06
CA LEU B 838 30.22 -25.83 -26.36
C LEU B 838 30.70 -24.83 -27.41
N ASP B 839 30.41 -23.55 -27.24
CA ASP B 839 31.08 -22.50 -28.01
C ASP B 839 32.34 -22.08 -27.28
N VAL B 840 33.49 -22.46 -27.85
CA VAL B 840 34.78 -22.23 -27.22
C VAL B 840 35.68 -21.56 -28.25
N LEU B 841 35.18 -21.51 -29.49
CA LEU B 841 35.96 -21.04 -30.63
C LEU B 841 35.33 -19.79 -31.20
N LEU B 842 36.16 -18.83 -31.59
CA LEU B 842 35.70 -17.60 -32.24
C LEU B 842 36.62 -17.23 -33.39
N GLN B 879 42.29 -35.44 -36.18
CA GLN B 879 42.62 -34.60 -37.32
C GLN B 879 42.06 -33.22 -36.93
N ILE B 880 42.57 -32.15 -37.56
CA ILE B 880 42.23 -30.78 -37.15
C ILE B 880 40.76 -30.47 -37.47
N HIS B 881 40.27 -30.90 -38.64
CA HIS B 881 38.87 -30.66 -38.99
C HIS B 881 37.86 -31.42 -38.13
N ARG B 882 38.27 -32.55 -37.52
CA ARG B 882 37.33 -33.50 -36.89
C ARG B 882 36.53 -32.86 -35.77
N MET B 883 37.16 -31.92 -35.04
CA MET B 883 36.53 -31.21 -33.93
C MET B 883 35.24 -30.52 -34.36
N PHE B 884 35.23 -29.97 -35.59
CA PHE B 884 34.04 -29.29 -36.12
C PHE B 884 32.80 -30.17 -36.14
N LEU B 885 32.95 -31.46 -36.50
CA LEU B 885 31.76 -32.31 -36.52
C LEU B 885 31.19 -32.49 -35.12
N LEU B 886 32.07 -32.60 -34.13
CA LEU B 886 31.62 -32.81 -32.77
C LEU B 886 31.03 -31.54 -32.18
N ARG B 887 31.08 -30.41 -32.90
CA ARG B 887 30.20 -29.31 -32.57
C ARG B 887 28.75 -29.69 -32.89
N VAL B 888 28.44 -29.92 -34.18
CA VAL B 888 27.05 -29.84 -34.62
C VAL B 888 26.27 -31.10 -34.24
N LYS B 889 26.94 -32.26 -34.17
CA LYS B 889 26.34 -33.46 -33.59
C LYS B 889 25.86 -33.23 -32.17
N LEU B 890 26.52 -32.34 -31.43
CA LEU B 890 26.13 -31.95 -30.10
C LEU B 890 25.38 -30.62 -30.06
N MET B 891 25.84 -29.61 -30.82
CA MET B 891 25.35 -28.23 -30.71
C MET B 891 23.87 -28.11 -31.04
N HIS B 892 23.38 -28.92 -31.98
CA HIS B 892 21.95 -28.92 -32.26
C HIS B 892 21.15 -29.52 -31.12
N PHE B 893 21.60 -30.66 -30.57
CA PHE B 893 20.70 -31.53 -29.79
C PHE B 893 20.34 -30.90 -28.46
N VAL B 894 21.34 -30.40 -27.72
CA VAL B 894 21.10 -29.65 -26.48
C VAL B 894 20.30 -28.38 -26.77
N ASN B 895 20.42 -27.88 -28.00
CA ASN B 895 19.60 -26.78 -28.45
C ASN B 895 18.20 -27.25 -28.87
N SER B 896 18.09 -28.43 -29.50
CA SER B 896 16.77 -28.95 -29.87
C SER B 896 15.98 -29.36 -28.64
N LEU B 897 16.69 -29.93 -27.65
CA LEU B 897 16.16 -30.10 -26.30
C LEU B 897 15.67 -28.77 -25.74
N HIS B 898 16.39 -27.68 -26.01
CA HIS B 898 15.97 -26.36 -25.57
C HIS B 898 14.68 -25.92 -26.26
N ASN B 899 14.39 -26.46 -27.45
CA ASN B 899 13.10 -26.20 -28.07
C ASN B 899 11.97 -26.94 -27.36
N TYR B 900 12.25 -28.11 -26.78
CA TYR B 900 11.19 -28.85 -26.12
C TYR B 900 10.96 -28.38 -24.69
N ILE B 901 12.04 -27.96 -24.01
CA ILE B 901 11.91 -27.52 -22.62
C ILE B 901 11.17 -26.18 -22.56
N MET B 902 11.53 -25.26 -23.46
CA MET B 902 11.05 -23.88 -23.40
C MET B 902 9.61 -23.75 -23.89
N THR B 903 9.36 -24.05 -25.18
CA THR B 903 8.05 -23.79 -25.77
C THR B 903 7.00 -24.80 -25.32
N ARG B 904 7.35 -26.09 -25.39
CA ARG B 904 6.36 -27.15 -25.16
C ARG B 904 5.95 -27.27 -23.70
N ILE B 905 6.79 -26.81 -22.77
CA ILE B 905 6.53 -26.98 -21.34
C ILE B 905 6.43 -25.64 -20.64
N LEU B 906 7.52 -24.87 -20.67
CA LEU B 906 7.65 -23.68 -19.84
C LEU B 906 7.00 -22.44 -20.45
N HIS B 907 6.51 -22.52 -21.68
CA HIS B 907 5.83 -21.39 -22.29
C HIS B 907 4.33 -21.60 -22.47
N SER B 908 3.88 -22.81 -22.76
CA SER B 908 2.44 -23.07 -22.86
C SER B 908 1.79 -23.02 -21.49
N THR B 909 2.21 -23.91 -20.60
CA THR B 909 1.66 -24.00 -19.25
C THR B 909 1.94 -22.75 -18.44
N GLY B 910 3.12 -22.16 -18.60
CA GLY B 910 3.46 -20.95 -17.87
C GLY B 910 2.61 -19.76 -18.27
N LEU B 911 2.30 -19.64 -19.56
CA LEU B 911 1.43 -18.53 -19.99
C LEU B 911 -0.02 -18.78 -19.61
N GLU B 912 -0.50 -20.02 -19.69
CA GLU B 912 -1.93 -20.23 -19.40
C GLU B 912 -2.20 -20.16 -17.90
N PHE B 913 -1.21 -20.51 -17.06
CA PHE B 913 -1.43 -20.54 -15.62
C PHE B 913 -1.63 -19.14 -15.04
N GLN B 914 -0.87 -18.16 -15.53
CA GLN B 914 -1.04 -16.76 -15.12
C GLN B 914 -2.40 -16.23 -15.54
N HIS B 915 -2.90 -16.66 -16.70
CA HIS B 915 -4.24 -16.29 -17.13
C HIS B 915 -5.31 -16.98 -16.30
N GLN B 916 -5.03 -18.20 -15.81
CA GLN B 916 -6.02 -18.93 -15.02
C GLN B 916 -6.17 -18.32 -13.63
N VAL B 917 -5.07 -17.92 -13.01
CA VAL B 917 -5.19 -17.38 -11.64
C VAL B 917 -5.78 -15.97 -11.61
N GLU B 918 -5.77 -15.25 -12.72
CA GLU B 918 -6.38 -13.91 -12.74
C GLU B 918 -7.89 -13.98 -12.77
N GLU B 919 -8.48 -15.07 -13.28
CA GLU B 919 -9.92 -15.20 -13.41
C GLU B 919 -10.58 -15.86 -12.20
N ALA B 920 -9.78 -16.36 -11.25
CA ALA B 920 -10.34 -16.99 -10.05
C ALA B 920 -11.00 -15.95 -9.16
N LYS B 921 -12.17 -16.30 -8.64
CA LYS B 921 -12.90 -15.44 -7.71
C LYS B 921 -12.98 -16.05 -6.31
N ASP B 922 -12.38 -17.23 -6.11
CA ASP B 922 -12.43 -17.95 -4.86
C ASP B 922 -11.01 -18.22 -4.38
N LEU B 923 -10.83 -18.30 -3.06
CA LEU B 923 -9.49 -18.53 -2.53
C LEU B 923 -9.06 -19.99 -2.67
N ASP B 924 -10.01 -20.93 -2.61
CA ASP B 924 -9.65 -22.34 -2.68
C ASP B 924 -9.22 -22.76 -4.08
N GLN B 925 -9.96 -22.34 -5.10
CA GLN B 925 -9.67 -22.81 -6.46
C GLN B 925 -8.38 -22.21 -7.01
N LEU B 926 -7.93 -21.08 -6.47
CA LEU B 926 -6.63 -20.53 -6.86
C LEU B 926 -5.50 -21.41 -6.34
N ILE B 927 -5.65 -21.97 -5.14
CA ILE B 927 -4.69 -22.92 -4.61
C ILE B 927 -4.76 -24.24 -5.38
N LYS B 928 -5.97 -24.67 -5.73
CA LYS B 928 -6.13 -25.95 -6.44
C LYS B 928 -5.59 -25.89 -7.87
N ILE B 929 -5.79 -24.78 -8.58
CA ILE B 929 -5.20 -24.66 -9.93
C ILE B 929 -3.68 -24.53 -9.83
N HIS B 930 -3.18 -23.98 -8.72
CA HIS B 930 -1.74 -23.90 -8.49
C HIS B 930 -1.15 -25.29 -8.26
N TYR B 931 -1.84 -26.12 -7.47
CA TYR B 931 -1.38 -27.48 -7.21
C TYR B 931 -1.49 -28.35 -8.47
N ARG B 932 -2.53 -28.17 -9.27
CA ARG B 932 -2.63 -28.92 -10.52
C ARG B 932 -1.71 -28.38 -11.61
N TYR B 933 -1.20 -27.16 -11.47
CA TYR B 933 -0.11 -26.71 -12.32
C TYR B 933 1.22 -27.34 -11.89
N LEU B 934 1.43 -27.45 -10.56
CA LEU B 934 2.61 -28.12 -10.04
C LEU B 934 2.66 -29.59 -10.44
N SER B 935 1.52 -30.28 -10.39
CA SER B 935 1.50 -31.69 -10.80
C SER B 935 1.67 -31.87 -12.30
N THR B 936 1.10 -30.98 -13.12
CA THR B 936 1.29 -31.15 -14.56
C THR B 936 2.67 -30.72 -15.02
N ILE B 937 3.36 -29.85 -14.28
CA ILE B 937 4.76 -29.60 -14.59
C ILE B 937 5.67 -30.66 -13.95
N HIS B 938 5.15 -31.40 -12.96
CA HIS B 938 5.82 -32.58 -12.44
C HIS B 938 5.70 -33.76 -13.41
N ASP B 939 4.68 -33.75 -14.27
CA ASP B 939 4.57 -34.73 -15.34
C ASP B 939 5.25 -34.30 -16.64
N ARG B 940 5.17 -33.01 -17.01
CA ARG B 940 5.79 -32.55 -18.25
C ARG B 940 7.32 -32.56 -18.15
N CYS B 941 7.86 -31.83 -17.17
CA CYS B 941 9.24 -32.05 -16.77
C CYS B 941 9.31 -33.34 -15.96
N LEU B 942 10.17 -34.27 -16.38
CA LEU B 942 10.20 -35.60 -15.78
C LEU B 942 11.02 -35.55 -14.50
N LEU B 943 10.34 -35.34 -13.37
CA LEU B 943 10.94 -35.41 -12.05
C LEU B 943 10.55 -36.68 -11.29
N ARG B 944 9.63 -37.48 -11.84
CA ARG B 944 9.00 -38.55 -11.10
C ARG B 944 9.80 -39.87 -11.01
N GLU B 945 10.11 -40.49 -12.16
CA GLU B 945 10.47 -41.89 -12.29
C GLU B 945 10.70 -42.11 -13.78
N LYS B 946 11.46 -43.16 -14.11
CA LYS B 946 12.14 -43.43 -15.38
C LYS B 946 13.22 -42.37 -15.58
N VAL B 947 13.69 -41.75 -14.49
CA VAL B 947 14.62 -40.64 -14.52
C VAL B 947 16.01 -41.16 -14.20
N SER B 948 16.16 -42.48 -14.20
CA SER B 948 17.46 -43.12 -14.18
C SER B 948 17.81 -43.69 -15.54
N PHE B 949 16.96 -43.48 -16.53
CA PHE B 949 17.23 -43.87 -17.92
C PHE B 949 16.99 -42.74 -18.91
N VAL B 950 16.36 -41.64 -18.50
CA VAL B 950 16.02 -40.53 -19.38
C VAL B 950 16.73 -39.24 -18.96
N LYS B 951 16.63 -38.90 -17.66
CA LYS B 951 17.24 -37.67 -17.16
C LYS B 951 18.76 -37.77 -17.11
N GLU B 952 19.31 -38.97 -16.88
CA GLU B 952 20.75 -39.15 -16.90
C GLU B 952 21.31 -38.99 -18.31
N ALA B 953 20.54 -39.36 -19.34
CA ALA B 953 20.94 -39.08 -20.71
C ALA B 953 20.97 -37.58 -20.98
N ILE B 954 19.98 -36.86 -20.46
CA ILE B 954 19.91 -35.41 -20.60
C ILE B 954 21.10 -34.75 -19.89
N MET B 955 21.51 -35.28 -18.74
CA MET B 955 22.69 -34.76 -18.06
C MET B 955 23.98 -35.06 -18.84
N LYS B 956 24.11 -36.29 -19.35
CA LYS B 956 25.38 -36.68 -19.95
C LYS B 956 25.59 -36.07 -21.33
N VAL B 957 24.51 -35.75 -22.06
CA VAL B 957 24.71 -35.03 -23.33
C VAL B 957 25.13 -33.59 -23.10
N LEU B 958 24.85 -33.01 -21.92
CA LEU B 958 25.46 -31.73 -21.58
C LEU B 958 26.90 -31.91 -21.10
N ASN B 959 27.19 -33.07 -20.48
CA ASN B 959 28.56 -33.38 -20.06
C ASN B 959 29.52 -33.50 -21.25
N LEU B 960 29.02 -34.00 -22.39
CA LEU B 960 29.83 -34.09 -23.60
C LEU B 960 30.31 -32.72 -24.09
N ALA B 961 29.50 -31.67 -23.90
CA ALA B 961 29.93 -30.32 -24.25
C ALA B 961 31.06 -29.84 -23.37
N LEU B 962 31.04 -30.24 -22.09
CA LEU B 962 32.13 -29.91 -21.18
C LEU B 962 33.42 -30.61 -21.61
N MET B 963 33.30 -31.87 -22.02
CA MET B 963 34.46 -32.62 -22.47
C MET B 963 35.02 -32.06 -23.78
N PHE B 964 34.15 -31.53 -24.65
CA PHE B 964 34.66 -30.86 -25.85
C PHE B 964 35.31 -29.53 -25.50
N ALA B 965 34.77 -28.82 -24.50
CA ALA B 965 35.35 -27.53 -24.10
C ALA B 965 36.73 -27.70 -23.48
N ASP B 966 36.95 -28.79 -22.73
CA ASP B 966 38.28 -29.06 -22.19
C ASP B 966 39.26 -29.42 -23.31
N GLY B 967 38.81 -30.15 -24.33
CA GLY B 967 39.70 -30.66 -25.35
C GLY B 967 40.16 -29.63 -26.36
N TRP B 968 39.61 -28.42 -26.32
CA TRP B 968 40.00 -27.36 -27.26
C TRP B 968 41.39 -26.82 -26.95
N SER B 979 40.46 -39.62 -28.33
CA SER B 979 40.31 -38.23 -27.95
C SER B 979 38.97 -37.68 -28.42
N ILE B 980 38.99 -37.05 -29.60
CA ILE B 980 37.76 -36.55 -30.22
C ILE B 980 36.88 -37.70 -30.66
N GLU B 981 37.50 -38.78 -31.18
CA GLU B 981 36.76 -39.93 -31.69
C GLU B 981 36.04 -40.73 -30.62
N LYS B 982 36.41 -40.58 -29.35
CA LYS B 982 35.80 -41.33 -28.26
C LYS B 982 34.61 -40.63 -27.64
N MET B 983 34.21 -39.47 -28.18
CA MET B 983 33.01 -38.77 -27.72
C MET B 983 31.76 -39.21 -28.46
N GLU B 984 31.87 -39.36 -29.78
CA GLU B 984 30.71 -39.67 -30.62
C GLU B 984 30.21 -41.10 -30.40
N SER B 985 31.10 -42.02 -30.01
CA SER B 985 30.68 -43.38 -29.69
C SER B 985 29.79 -43.42 -28.46
N ASP B 986 30.09 -42.60 -27.46
CA ASP B 986 29.20 -42.43 -26.32
C ASP B 986 27.92 -41.71 -26.74
N PHE B 987 28.05 -40.70 -27.61
CA PHE B 987 26.92 -39.85 -27.97
C PHE B 987 25.84 -40.61 -28.74
N LYS B 988 26.25 -41.37 -29.77
CA LYS B 988 25.29 -42.11 -30.58
C LYS B 988 24.63 -43.21 -29.77
N ASN B 989 25.36 -43.78 -28.81
CA ASN B 989 24.82 -44.82 -27.93
C ASN B 989 23.71 -44.26 -27.03
N CYS B 990 23.99 -43.14 -26.35
CA CYS B 990 22.96 -42.57 -25.48
C CYS B 990 21.82 -41.95 -26.29
N HIS B 991 22.12 -41.47 -27.50
CA HIS B 991 21.07 -40.96 -28.39
C HIS B 991 20.12 -42.08 -28.83
N MET B 992 20.68 -43.25 -29.18
CA MET B 992 19.86 -44.40 -29.55
C MET B 992 18.99 -44.88 -28.39
N PHE B 993 19.58 -44.94 -27.19
CA PHE B 993 18.79 -45.29 -26.00
C PHE B 993 17.67 -44.28 -25.74
N LEU B 994 17.97 -42.99 -25.91
CA LEU B 994 16.98 -41.93 -25.68
C LEU B 994 15.84 -42.02 -26.67
N VAL B 995 16.13 -42.24 -27.96
CA VAL B 995 15.05 -42.25 -28.94
C VAL B 995 14.27 -43.55 -28.89
N THR B 996 14.88 -44.66 -28.47
CA THR B 996 14.10 -45.88 -28.30
C THR B 996 13.25 -45.86 -27.04
N ILE B 997 13.63 -45.09 -26.02
CA ILE B 997 12.76 -44.97 -24.85
C ILE B 997 11.67 -43.91 -25.07
N LEU B 998 12.02 -42.74 -25.61
CA LEU B 998 11.09 -41.61 -25.69
C LEU B 998 10.15 -41.67 -26.89
N ASN B 999 9.98 -42.84 -27.54
CA ASN B 999 9.08 -42.92 -28.69
C ASN B 999 7.62 -42.74 -28.31
N LYS B 1000 7.13 -43.54 -27.35
CA LYS B 1000 5.81 -43.29 -26.77
C LYS B 1000 5.90 -43.64 -25.28
N ALA B 1001 7.09 -44.02 -24.84
CA ALA B 1001 7.29 -44.51 -23.48
C ALA B 1001 8.23 -43.61 -22.67
N PHE B 1007 4.27 -36.80 -20.13
CA PHE B 1007 4.58 -38.12 -20.67
C PHE B 1007 4.11 -38.37 -22.13
N PRO B 1008 2.81 -38.12 -22.52
CA PRO B 1008 2.43 -38.43 -23.91
C PRO B 1008 2.73 -37.29 -24.88
N HIS B 1009 3.91 -36.69 -24.75
CA HIS B 1009 4.30 -35.61 -25.64
C HIS B 1009 5.80 -35.71 -25.93
N LEU B 1010 6.43 -36.78 -25.43
CA LEU B 1010 7.88 -36.93 -25.55
C LEU B 1010 8.31 -37.32 -26.97
N GLU B 1011 7.35 -37.70 -27.83
CA GLU B 1011 7.66 -38.03 -29.22
C GLU B 1011 8.08 -36.81 -30.04
N SER B 1012 7.81 -35.59 -29.55
CA SER B 1012 8.18 -34.38 -30.27
C SER B 1012 9.70 -34.13 -30.26
N LEU B 1013 10.45 -34.81 -29.40
CA LEU B 1013 11.89 -34.75 -29.40
C LEU B 1013 12.53 -36.01 -29.99
N ALA B 1014 11.79 -37.12 -30.05
CA ALA B 1014 12.31 -38.34 -30.66
C ALA B 1014 12.46 -38.22 -32.17
N LEU B 1015 11.74 -37.30 -32.80
CA LEU B 1015 11.93 -37.01 -34.22
C LEU B 1015 13.10 -36.08 -34.49
N SER B 1016 13.63 -35.42 -33.48
CA SER B 1016 14.72 -34.46 -33.67
C SER B 1016 16.08 -35.16 -33.70
N MET C 1 -60.84 -17.73 44.41
CA MET C 1 -60.46 -18.94 43.69
C MET C 1 -59.80 -18.59 42.38
N ILE C 2 -60.49 -17.74 41.63
CA ILE C 2 -59.96 -17.21 40.39
C ILE C 2 -59.75 -15.69 40.50
N HIS C 3 -59.88 -15.16 41.71
CA HIS C 3 -59.17 -13.95 42.14
C HIS C 3 -58.19 -14.21 43.28
N GLU C 4 -58.46 -15.19 44.15
CA GLU C 4 -57.57 -15.51 45.26
C GLU C 4 -56.24 -16.07 44.77
N LEU C 5 -56.28 -16.96 43.77
CA LEU C 5 -55.07 -17.45 43.13
C LEU C 5 -54.31 -16.33 42.45
N LEU C 6 -55.03 -15.41 41.79
CA LEU C 6 -54.39 -14.30 41.11
C LEU C 6 -53.77 -13.30 42.09
N LEU C 7 -54.31 -13.22 43.31
CA LEU C 7 -53.63 -12.49 44.38
C LEU C 7 -52.36 -13.19 44.86
N ALA C 8 -52.39 -14.52 44.96
CA ALA C 8 -51.19 -15.23 45.41
C ALA C 8 -50.10 -15.23 44.35
N LEU C 9 -50.48 -15.14 43.08
CA LEU C 9 -49.50 -15.08 41.99
C LEU C 9 -48.77 -13.75 41.96
N SER C 10 -49.40 -12.70 42.47
CA SER C 10 -48.79 -11.38 42.47
C SER C 10 -47.96 -11.14 43.73
N GLY C 11 -47.58 -9.91 44.00
CA GLY C 11 -46.66 -9.60 45.09
C GLY C 11 -47.24 -9.67 46.49
N TYR C 12 -47.92 -10.77 46.79
CA TYR C 12 -48.42 -11.10 48.11
C TYR C 12 -48.10 -12.56 48.37
N PRO C 13 -47.69 -12.92 49.59
CA PRO C 13 -47.26 -14.31 49.84
C PRO C 13 -48.41 -15.23 50.22
N GLY C 14 -49.64 -14.75 50.09
CA GLY C 14 -50.85 -15.46 50.46
C GLY C 14 -50.89 -15.95 51.90
N SER C 15 -51.86 -16.82 52.14
CA SER C 15 -51.95 -17.64 53.35
C SER C 15 -52.74 -18.91 53.03
N ILE C 16 -53.58 -18.84 52.00
CA ILE C 16 -54.16 -20.00 51.36
C ILE C 16 -53.07 -20.82 50.68
N PHE C 17 -52.23 -20.17 49.88
CA PHE C 17 -51.05 -20.80 49.29
C PHE C 17 -49.87 -20.31 50.13
N THR C 18 -49.41 -21.18 51.03
CA THR C 18 -48.53 -20.79 52.11
C THR C 18 -47.11 -20.58 51.60
N TRP C 19 -46.54 -19.42 51.91
CA TRP C 19 -45.19 -19.09 51.51
C TRP C 19 -44.19 -19.72 52.47
N ASN C 20 -43.27 -20.51 51.92
CA ASN C 20 -42.24 -21.16 52.71
C ASN C 20 -40.90 -21.02 51.99
N LYS C 21 -39.83 -20.93 52.78
CA LYS C 21 -38.49 -20.82 52.21
C LYS C 21 -37.96 -22.16 51.73
N ARG C 22 -38.60 -23.26 52.11
CA ARG C 22 -38.24 -24.57 51.62
C ARG C 22 -39.13 -25.03 50.47
N SER C 23 -40.41 -24.63 50.47
CA SER C 23 -41.29 -24.83 49.32
C SER C 23 -42.36 -23.74 49.25
N GLY C 24 -42.11 -22.71 48.45
CA GLY C 24 -43.03 -21.61 48.24
C GLY C 24 -44.39 -22.00 47.68
N LEU C 25 -45.42 -21.28 48.13
CA LEU C 25 -46.81 -21.37 47.67
C LEU C 25 -47.36 -22.79 47.59
N GLN C 26 -47.36 -23.48 48.72
CA GLN C 26 -47.94 -24.82 48.76
C GLN C 26 -49.44 -24.70 48.90
N VAL C 27 -50.16 -25.39 48.02
CA VAL C 27 -51.54 -25.72 48.33
C VAL C 27 -51.54 -27.01 49.15
N SER C 28 -52.17 -26.94 50.32
CA SER C 28 -52.34 -28.12 51.14
C SER C 28 -53.80 -28.31 51.51
N GLN C 29 -54.55 -27.22 51.66
CA GLN C 29 -55.99 -27.27 51.85
C GLN C 29 -56.65 -27.73 50.55
N ASP C 30 -57.21 -28.93 50.59
CA ASP C 30 -57.76 -29.63 49.44
C ASP C 30 -59.25 -29.35 49.32
N PHE C 31 -59.59 -28.19 48.73
CA PHE C 31 -60.93 -27.60 48.78
C PHE C 31 -61.97 -28.56 48.16
N PRO C 32 -63.08 -28.80 48.88
CA PRO C 32 -64.27 -29.42 48.28
C PRO C 32 -65.15 -28.48 47.46
N PHE C 33 -64.60 -27.40 46.91
CA PHE C 33 -65.05 -27.02 45.58
C PHE C 33 -63.81 -26.76 44.71
N LEU C 34 -62.77 -27.56 44.91
CA LEU C 34 -61.82 -27.86 43.84
C LEU C 34 -61.88 -29.33 43.45
N HIS C 35 -61.58 -29.60 42.20
CA HIS C 35 -61.38 -30.97 41.74
C HIS C 35 -60.01 -31.43 42.22
N PRO C 36 -59.86 -32.70 42.63
CA PRO C 36 -58.57 -33.16 43.18
C PRO C 36 -57.42 -33.18 42.18
N SER C 37 -57.70 -33.15 40.87
CA SER C 37 -56.64 -33.07 39.90
C SER C 37 -56.14 -31.64 39.71
N GLU C 38 -56.89 -30.66 40.20
CA GLU C 38 -56.40 -29.29 40.20
C GLU C 38 -55.25 -29.08 41.18
N THR C 39 -55.10 -29.97 42.18
CA THR C 39 -53.99 -29.86 43.13
C THR C 39 -52.64 -29.93 42.42
N SER C 40 -52.46 -30.94 41.56
CA SER C 40 -51.27 -31.04 40.73
C SER C 40 -51.16 -29.86 39.78
N VAL C 41 -52.31 -29.36 39.29
CA VAL C 41 -52.32 -28.20 38.40
C VAL C 41 -51.80 -26.98 39.15
N LEU C 42 -52.22 -26.83 40.42
CA LEU C 42 -51.72 -25.75 41.25
C LEU C 42 -50.25 -25.93 41.57
N ASN C 43 -49.81 -27.19 41.69
CA ASN C 43 -48.39 -27.45 41.90
C ASN C 43 -47.58 -27.11 40.66
N ARG C 44 -48.21 -27.18 39.49
CA ARG C 44 -47.56 -26.69 38.28
C ARG C 44 -47.54 -25.16 38.28
N LEU C 45 -48.61 -24.53 38.75
CA LEU C 45 -48.75 -23.09 38.61
C LEU C 45 -47.91 -22.32 39.63
N CYS C 46 -47.80 -22.85 40.85
CA CYS C 46 -47.28 -22.08 41.99
C CYS C 46 -45.80 -21.77 41.89
N ARG C 47 -45.05 -22.51 41.06
CA ARG C 47 -43.64 -22.19 40.85
C ARG C 47 -43.49 -20.85 40.15
N LEU C 48 -44.40 -20.52 39.24
CA LEU C 48 -44.38 -19.23 38.54
C LEU C 48 -44.60 -18.07 39.52
N GLY C 49 -45.66 -18.16 40.33
CA GLY C 49 -45.93 -17.13 41.31
C GLY C 49 -44.85 -17.02 42.36
N THR C 50 -44.23 -18.16 42.74
CA THR C 50 -43.08 -18.17 43.63
C THR C 50 -41.94 -17.33 43.05
N ASP C 51 -41.66 -17.51 41.75
CA ASP C 51 -40.65 -16.70 41.09
C ASP C 51 -41.03 -15.23 41.09
N TYR C 52 -42.33 -14.95 40.88
CA TYR C 52 -42.80 -13.56 40.90
C TYR C 52 -42.63 -12.96 42.28
N ILE C 53 -42.83 -13.77 43.33
CA ILE C 53 -42.64 -13.29 44.69
C ILE C 53 -41.17 -13.00 44.93
N ARG C 54 -40.29 -13.86 44.42
CA ARG C 54 -38.85 -13.68 44.65
C ARG C 54 -38.33 -12.42 43.96
N PHE C 55 -38.78 -12.19 42.73
CA PHE C 55 -38.43 -10.96 42.01
C PHE C 55 -39.00 -9.73 42.73
N THR C 56 -40.21 -9.85 43.28
CA THR C 56 -40.80 -8.77 44.05
C THR C 56 -39.99 -8.51 45.32
N GLU C 57 -39.50 -9.58 45.95
CA GLU C 57 -38.69 -9.45 47.15
C GLU C 57 -37.36 -8.79 46.83
N PHE C 58 -36.78 -9.14 45.68
CA PHE C 58 -35.50 -8.58 45.24
C PHE C 58 -35.61 -7.08 45.00
N ILE C 59 -36.73 -6.62 44.45
CA ILE C 59 -36.91 -5.18 44.32
C ILE C 59 -37.16 -4.52 45.68
N GLU C 60 -37.88 -5.20 46.59
CA GLU C 60 -38.17 -4.58 47.88
C GLU C 60 -36.95 -4.55 48.80
N GLN C 61 -36.06 -5.52 48.65
CA GLN C 61 -34.95 -5.67 49.58
C GLN C 61 -33.83 -4.69 49.29
N TYR C 62 -33.57 -4.42 48.02
CA TYR C 62 -32.30 -3.81 47.63
C TYR C 62 -32.47 -2.49 46.90
N THR C 63 -31.99 -1.39 47.51
CA THR C 63 -32.07 -0.03 46.89
C THR C 63 -30.94 0.78 47.49
N GLY C 64 -29.70 0.58 47.01
CA GLY C 64 -28.57 1.23 47.69
C GLY C 64 -28.61 0.72 49.11
N HIS C 65 -28.82 -0.59 49.30
CA HIS C 65 -29.05 -1.18 50.64
C HIS C 65 -30.36 -0.56 51.19
N VAL C 66 -30.27 0.58 51.87
CA VAL C 66 -31.49 1.27 52.36
C VAL C 66 -31.49 2.70 51.81
N GLN C 67 -30.57 3.55 52.29
CA GLN C 67 -30.51 4.97 51.91
C GLN C 67 -29.10 5.54 51.97
N GLN C 68 -28.10 4.76 51.54
CA GLN C 68 -26.66 5.01 51.58
C GLN C 68 -26.17 4.98 53.02
N GLN C 69 -26.78 4.07 53.80
CA GLN C 69 -26.34 3.52 55.09
C GLN C 69 -26.61 4.47 56.26
N GLN C 76 -15.92 0.31 50.07
CA GLN C 76 -15.81 0.67 48.67
C GLN C 76 -17.20 0.46 48.02
N GLY C 77 -17.52 -0.79 47.62
CA GLY C 77 -18.79 -1.05 46.93
C GLY C 77 -19.07 -2.53 46.81
N GLN C 78 -18.64 -3.31 47.80
CA GLN C 78 -18.89 -4.78 47.79
C GLN C 78 -20.16 -5.07 48.60
N GLY C 79 -20.02 -5.25 49.91
CA GLY C 79 -21.18 -5.52 50.78
C GLY C 79 -22.05 -6.64 50.24
N GLY C 80 -23.34 -6.37 50.01
CA GLY C 80 -24.24 -7.39 49.46
C GLY C 80 -24.46 -7.16 47.97
N LEU C 81 -25.64 -6.66 47.59
CA LEU C 81 -25.97 -6.47 46.15
C LEU C 81 -26.47 -5.04 45.94
N HIS C 82 -25.58 -4.11 45.59
CA HIS C 82 -25.99 -2.72 45.30
C HIS C 82 -25.21 -2.16 44.10
N GLY C 83 -24.85 -0.88 44.14
CA GLY C 83 -24.17 -0.24 42.99
C GLY C 83 -25.20 0.47 42.13
N ILE C 84 -24.81 1.51 41.38
CA ILE C 84 -25.85 2.22 40.63
C ILE C 84 -26.44 1.30 39.56
N TYR C 85 -25.73 0.25 39.19
CA TYR C 85 -26.20 -0.69 38.19
C TYR C 85 -27.26 -1.62 38.75
N LEU C 86 -27.32 -1.83 40.07
CA LEU C 86 -28.38 -2.72 40.55
C LEU C 86 -29.57 -1.92 41.10
N ARG C 87 -29.39 -0.64 41.38
CA ARG C 87 -30.51 0.29 41.36
C ARG C 87 -31.17 0.31 39.97
N ALA C 88 -30.37 0.27 38.91
CA ALA C 88 -30.90 0.05 37.57
C ALA C 88 -31.49 -1.34 37.37
N PHE C 89 -30.91 -2.37 37.99
CA PHE C 89 -31.40 -3.74 37.82
C PHE C 89 -32.75 -3.94 38.48
N CYS C 90 -32.97 -3.35 39.66
CA CYS C 90 -34.29 -3.40 40.28
C CYS C 90 -35.30 -2.56 39.50
N THR C 91 -34.83 -1.45 38.92
CA THR C 91 -35.68 -0.66 38.01
C THR C 91 -36.10 -1.48 36.80
N GLY C 92 -35.19 -2.29 36.26
CA GLY C 92 -35.53 -3.16 35.14
C GLY C 92 -36.38 -4.36 35.56
N LEU C 93 -36.17 -4.85 36.77
CA LEU C 93 -36.92 -6.00 37.26
C LEU C 93 -38.38 -5.65 37.49
N ASP C 94 -38.64 -4.42 37.96
CA ASP C 94 -40.03 -3.95 38.05
C ASP C 94 -40.68 -3.85 36.66
N SER C 95 -39.91 -3.42 35.67
CA SER C 95 -40.42 -3.30 34.30
C SER C 95 -40.72 -4.67 33.69
N VAL C 96 -39.95 -5.70 34.05
CA VAL C 96 -40.27 -7.02 33.50
C VAL C 96 -41.41 -7.68 34.28
N LEU C 97 -41.69 -7.21 35.51
CA LEU C 97 -42.88 -7.74 36.18
C LEU C 97 -44.18 -7.03 35.81
N GLN C 98 -44.12 -5.90 35.12
CA GLN C 98 -45.35 -5.23 34.66
C GLN C 98 -46.27 -6.02 33.72
N PRO C 99 -45.80 -6.70 32.64
CA PRO C 99 -46.76 -7.43 31.79
C PRO C 99 -47.44 -8.61 32.47
N TYR C 100 -46.85 -9.16 33.53
CA TYR C 100 -47.54 -10.17 34.34
C TYR C 100 -48.75 -9.57 35.04
N ARG C 101 -48.62 -8.34 35.54
CA ARG C 101 -49.75 -7.61 36.11
C ARG C 101 -50.84 -7.36 35.07
N GLN C 102 -50.41 -7.00 33.85
CA GLN C 102 -51.35 -6.81 32.75
C GLN C 102 -52.11 -8.09 32.41
N ALA C 103 -51.40 -9.22 32.39
CA ALA C 103 -52.04 -10.51 32.09
C ALA C 103 -53.01 -10.94 33.18
N LEU C 104 -52.70 -10.67 34.44
CA LEU C 104 -53.66 -10.96 35.51
C LEU C 104 -54.88 -10.06 35.43
N LEU C 105 -54.69 -8.80 34.98
CA LEU C 105 -55.84 -7.93 34.72
C LEU C 105 -56.71 -8.48 33.59
N ASP C 106 -56.08 -9.04 32.55
CA ASP C 106 -56.84 -9.67 31.47
C ASP C 106 -57.61 -10.90 31.96
N LEU C 107 -57.01 -11.68 32.86
CA LEU C 107 -57.73 -12.78 33.49
C LEU C 107 -58.93 -12.30 34.29
N GLU C 108 -58.76 -11.21 35.03
CA GLU C 108 -59.84 -10.65 35.83
C GLU C 108 -61.00 -10.18 34.95
N GLN C 109 -60.68 -9.54 33.82
CA GLN C 109 -61.73 -9.15 32.87
C GLN C 109 -62.38 -10.36 32.20
N GLU C 110 -61.60 -11.43 31.96
CA GLU C 110 -62.18 -12.66 31.42
C GLU C 110 -63.15 -13.30 32.40
N PHE C 111 -62.85 -13.23 33.70
CA PHE C 111 -63.77 -13.78 34.69
C PHE C 111 -64.97 -12.87 34.93
N LEU C 112 -64.89 -11.59 34.54
CA LEU C 112 -66.12 -10.84 34.34
C LEU C 112 -66.93 -11.44 33.20
N GLY C 113 -66.26 -11.87 32.12
CA GLY C 113 -66.98 -12.47 31.01
C GLY C 113 -67.57 -13.84 31.31
N ASP C 114 -66.77 -14.76 31.82
CA ASP C 114 -67.19 -16.14 32.07
C ASP C 114 -66.60 -16.65 33.39
N PRO C 115 -67.40 -16.78 34.44
CA PRO C 115 -66.87 -17.25 35.73
C PRO C 115 -66.94 -18.75 35.92
N HIS C 116 -67.37 -19.52 34.91
CA HIS C 116 -67.47 -20.96 35.03
C HIS C 116 -66.21 -21.71 34.57
N LEU C 117 -65.16 -20.98 34.20
CA LEU C 117 -63.93 -21.60 33.73
C LEU C 117 -63.15 -22.17 34.91
N SER C 118 -62.57 -23.35 34.72
CA SER C 118 -61.86 -24.03 35.80
C SER C 118 -60.44 -23.47 35.96
N ILE C 119 -59.71 -24.05 36.93
CA ILE C 119 -58.37 -23.60 37.28
C ILE C 119 -57.37 -23.97 36.18
N SER C 120 -57.62 -25.08 35.47
CA SER C 120 -56.73 -25.50 34.39
C SER C 120 -56.72 -24.51 33.25
N HIS C 121 -57.83 -23.80 33.03
CA HIS C 121 -57.85 -22.70 32.06
C HIS C 121 -56.91 -21.57 32.49
N VAL C 122 -56.84 -21.29 33.79
CA VAL C 122 -55.97 -20.23 34.30
C VAL C 122 -54.51 -20.63 34.16
N ASN C 123 -54.20 -21.89 34.51
CA ASN C 123 -52.85 -22.42 34.33
C ASN C 123 -52.43 -22.43 32.86
N TYR C 124 -53.39 -22.76 31.98
CA TYR C 124 -53.15 -22.73 30.55
C TYR C 124 -52.91 -21.33 30.02
N PHE C 125 -53.65 -20.34 30.55
CA PHE C 125 -53.46 -18.96 30.15
C PHE C 125 -52.11 -18.44 30.63
N LEU C 126 -51.66 -18.88 31.81
CA LEU C 126 -50.37 -18.47 32.32
C LEU C 126 -49.29 -19.53 32.09
N ASP C 127 -49.44 -20.32 31.03
CA ASP C 127 -48.34 -21.17 30.55
C ASP C 127 -47.34 -20.38 29.71
N GLN C 128 -47.73 -19.21 29.19
CA GLN C 128 -46.80 -18.38 28.43
C GLN C 128 -45.72 -17.76 29.30
N PHE C 129 -46.02 -17.45 30.56
CA PHE C 129 -45.06 -16.85 31.47
C PHE C 129 -44.27 -17.89 32.24
N GLN C 130 -44.55 -19.17 32.03
CA GLN C 130 -43.70 -20.23 32.55
C GLN C 130 -42.55 -20.55 31.61
N LEU C 131 -42.43 -19.79 30.52
CA LEU C 131 -41.30 -19.88 29.61
C LEU C 131 -40.31 -18.76 29.85
N LEU C 132 -40.81 -17.59 30.27
CA LEU C 132 -39.97 -16.42 30.53
C LEU C 132 -39.37 -16.48 31.93
N PHE C 133 -40.22 -16.65 32.95
CA PHE C 133 -39.79 -16.53 34.35
C PHE C 133 -38.79 -17.59 34.84
N PRO C 134 -38.92 -18.90 34.56
CA PRO C 134 -37.86 -19.82 35.04
C PRO C 134 -36.50 -19.61 34.41
N SER C 135 -36.44 -19.11 33.17
CA SER C 135 -35.16 -18.88 32.52
C SER C 135 -34.46 -17.63 33.06
N VAL C 136 -35.23 -16.59 33.43
CA VAL C 136 -34.62 -15.41 34.04
C VAL C 136 -34.42 -15.54 35.53
N MET C 137 -34.99 -16.58 36.15
CA MET C 137 -34.77 -16.82 37.58
C MET C 137 -33.31 -17.21 37.84
N VAL C 138 -32.73 -18.00 36.95
CA VAL C 138 -31.37 -18.52 37.13
C VAL C 138 -30.33 -17.42 37.06
N VAL C 139 -30.59 -16.37 36.27
CA VAL C 139 -29.67 -15.22 36.19
C VAL C 139 -29.61 -14.49 37.53
N VAL C 140 -30.77 -14.25 38.14
CA VAL C 140 -30.83 -13.60 39.45
C VAL C 140 -30.24 -14.49 40.53
N GLU C 141 -30.42 -15.82 40.41
CA GLU C 141 -29.79 -16.74 41.35
C GLU C 141 -28.27 -16.73 41.22
N GLN C 142 -27.74 -16.60 40.00
CA GLN C 142 -26.30 -16.50 39.81
C GLN C 142 -25.77 -15.17 40.33
N ILE C 143 -26.57 -14.11 40.22
CA ILE C 143 -26.20 -12.81 40.77
C ILE C 143 -26.20 -12.86 42.30
N LYS C 144 -27.12 -13.62 42.89
CA LYS C 144 -27.19 -13.73 44.34
C LYS C 144 -26.07 -14.62 44.90
N SER C 145 -25.81 -15.76 44.25
CA SER C 145 -24.86 -16.73 44.79
C SER C 145 -23.42 -16.25 44.65
N GLN C 146 -23.05 -15.74 43.48
CA GLN C 146 -21.72 -15.19 43.24
C GLN C 146 -21.67 -13.71 43.57
N LYS C 147 -20.51 -13.19 43.93
CA LYS C 147 -20.33 -11.76 44.18
C LYS C 147 -20.21 -10.98 42.87
N ILE C 148 -21.31 -10.94 42.12
CA ILE C 148 -21.38 -10.17 40.88
C ILE C 148 -22.42 -9.08 41.05
N HIS C 149 -21.96 -7.84 41.24
CA HIS C 149 -22.87 -6.74 41.52
C HIS C 149 -22.47 -5.46 40.80
N GLY C 150 -21.33 -5.48 40.11
CA GLY C 150 -20.85 -4.29 39.42
C GLY C 150 -21.19 -4.30 37.95
N CYS C 151 -20.27 -3.84 37.10
CA CYS C 151 -20.49 -3.92 35.66
C CYS C 151 -20.51 -5.35 35.14
N GLN C 152 -19.99 -6.31 35.90
CA GLN C 152 -20.14 -7.70 35.53
C GLN C 152 -21.57 -8.19 35.70
N ILE C 153 -22.48 -7.44 36.33
CA ILE C 153 -23.88 -7.84 36.26
C ILE C 153 -24.39 -7.63 34.84
N LEU C 154 -23.91 -6.56 34.16
CA LEU C 154 -24.22 -6.35 32.76
C LEU C 154 -23.65 -7.46 31.90
N GLU C 155 -22.49 -7.99 32.31
CA GLU C 155 -21.92 -9.17 31.67
C GLU C 155 -22.81 -10.40 31.86
N THR C 156 -23.27 -10.66 33.09
CA THR C 156 -23.94 -11.93 33.33
C THR C 156 -25.39 -11.87 32.87
N VAL C 157 -25.92 -10.66 32.65
CA VAL C 157 -27.15 -10.51 31.89
C VAL C 157 -26.90 -10.70 30.40
N TYR C 158 -25.79 -10.15 29.88
CA TYR C 158 -25.55 -10.20 28.43
C TYR C 158 -25.20 -11.60 27.96
N LYS C 159 -24.68 -12.44 28.85
CA LYS C 159 -24.45 -13.85 28.51
C LYS C 159 -25.77 -14.59 28.29
N HIS C 160 -26.82 -14.21 29.02
CA HIS C 160 -28.11 -14.89 28.92
C HIS C 160 -29.13 -14.12 28.09
N SER C 161 -28.86 -12.87 27.71
CA SER C 161 -29.81 -12.07 26.94
C SER C 161 -29.75 -12.36 25.45
N CYS C 162 -28.81 -13.21 25.03
CA CYS C 162 -28.63 -13.58 23.63
C CYS C 162 -29.42 -14.83 23.28
N GLY C 163 -30.47 -15.12 24.04
CA GLY C 163 -31.11 -16.41 24.29
C GLY C 163 -31.79 -17.12 23.14
N GLY C 164 -32.73 -17.99 23.50
CA GLY C 164 -33.31 -18.86 22.51
C GLY C 164 -34.81 -18.76 22.42
N LEU C 165 -35.39 -17.88 23.25
CA LEU C 165 -36.84 -17.73 23.31
C LEU C 165 -37.15 -16.24 23.23
N PRO C 166 -38.08 -15.83 22.38
CA PRO C 166 -38.40 -14.38 22.24
C PRO C 166 -38.91 -13.69 23.51
N PRO C 167 -39.71 -14.35 24.40
CA PRO C 167 -40.02 -13.64 25.66
C PRO C 167 -38.83 -13.39 26.59
N VAL C 168 -37.94 -14.38 26.79
CA VAL C 168 -36.81 -14.17 27.70
C VAL C 168 -35.82 -13.18 27.10
N ARG C 169 -35.73 -13.14 25.77
CA ARG C 169 -34.95 -12.12 25.08
C ARG C 169 -35.47 -10.73 25.38
N SER C 170 -36.80 -10.54 25.35
CA SER C 170 -37.38 -9.22 25.64
C SER C 170 -37.17 -8.79 27.10
N ALA C 171 -37.36 -9.72 28.05
CA ALA C 171 -37.20 -9.39 29.47
C ALA C 171 -35.76 -9.01 29.80
N LEU C 172 -34.81 -9.81 29.34
CA LEU C 172 -33.41 -9.49 29.61
C LEU C 172 -32.96 -8.28 28.80
N GLU C 173 -33.62 -8.00 27.66
CA GLU C 173 -33.38 -6.75 26.93
C GLU C 173 -33.74 -5.53 27.77
N LYS C 174 -34.91 -5.57 28.45
CA LYS C 174 -35.30 -4.43 29.30
C LYS C 174 -34.31 -4.20 30.44
N ILE C 175 -33.89 -5.28 31.09
CA ILE C 175 -32.97 -5.18 32.23
C ILE C 175 -31.59 -4.67 31.78
N LEU C 176 -31.09 -5.22 30.67
CA LEU C 176 -29.80 -4.78 30.12
C LEU C 176 -29.87 -3.34 29.64
N ALA C 177 -31.03 -2.91 29.13
CA ALA C 177 -31.18 -1.56 28.58
C ALA C 177 -31.05 -0.50 29.65
N VAL C 178 -31.70 -0.68 30.80
CA VAL C 178 -31.59 0.34 31.84
C VAL C 178 -30.18 0.35 32.46
N CYS C 179 -29.52 -0.81 32.49
CA CYS C 179 -28.12 -0.82 32.93
C CYS C 179 -27.18 -0.08 31.98
N HIS C 180 -27.35 -0.24 30.67
CA HIS C 180 -26.60 0.60 29.71
C HIS C 180 -26.97 2.08 29.82
N GLY C 181 -28.20 2.40 30.21
CA GLY C 181 -28.57 3.78 30.40
C GLY C 181 -27.79 4.49 31.49
N VAL C 182 -27.57 3.80 32.61
CA VAL C 182 -26.70 4.32 33.66
C VAL C 182 -25.26 4.49 33.17
N MET C 183 -24.75 3.46 32.46
CA MET C 183 -23.37 3.48 31.98
C MET C 183 -23.12 4.61 30.97
N TYR C 184 -24.10 4.91 30.10
CA TYR C 184 -23.90 5.99 29.15
C TYR C 184 -24.03 7.37 29.76
N LYS C 185 -24.83 7.53 30.84
CA LYS C 185 -24.77 8.81 31.56
C LYS C 185 -23.42 9.03 32.23
N GLN C 186 -22.83 7.99 32.82
CA GLN C 186 -21.52 8.17 33.45
C GLN C 186 -20.41 8.30 32.40
N LEU C 187 -20.60 7.72 31.20
CA LEU C 187 -19.70 8.04 30.09
C LEU C 187 -19.89 9.45 29.55
N SER C 188 -21.08 10.03 29.70
CA SER C 188 -21.25 11.44 29.37
C SER C 188 -20.50 12.34 30.35
N ALA C 189 -20.47 11.97 31.62
CA ALA C 189 -19.61 12.69 32.57
C ALA C 189 -18.13 12.46 32.28
N TRP C 190 -17.79 11.30 31.71
CA TRP C 190 -16.42 11.05 31.24
C TRP C 190 -16.04 11.94 30.05
N MET C 191 -16.96 12.14 29.11
CA MET C 191 -16.58 12.80 27.85
C MET C 191 -16.91 14.29 27.82
N LEU C 192 -17.65 14.81 28.80
CA LEU C 192 -17.99 16.22 28.81
C LEU C 192 -17.45 16.98 30.01
N HIS C 193 -17.29 16.31 31.15
CA HIS C 193 -16.80 16.96 32.35
C HIS C 193 -15.46 16.42 32.82
N GLY C 194 -14.99 15.32 32.25
CA GLY C 194 -13.75 14.71 32.67
C GLY C 194 -13.84 14.03 34.01
N LEU C 195 -15.05 13.70 34.45
CA LEU C 195 -15.31 13.20 35.78
C LEU C 195 -15.21 11.68 35.78
N LEU C 196 -14.45 11.17 36.75
CA LEU C 196 -14.26 9.75 36.95
C LEU C 196 -14.62 9.41 38.38
N LEU C 197 -14.96 8.14 38.60
CA LEU C 197 -15.62 7.64 39.80
C LEU C 197 -16.86 8.46 40.15
N ASP C 198 -17.74 8.69 39.17
CA ASP C 198 -19.09 9.16 39.40
C ASP C 198 -19.79 8.28 40.43
N GLN C 199 -19.84 6.98 40.15
CA GLN C 199 -19.94 5.95 41.17
C GLN C 199 -18.54 5.41 41.47
N HIS C 200 -18.13 5.52 42.74
CA HIS C 200 -16.80 5.01 43.18
C HIS C 200 -16.55 3.56 42.73
N GLU C 201 -15.38 3.29 42.14
CA GLU C 201 -14.97 1.94 41.63
C GLU C 201 -16.15 1.03 41.32
N GLU C 202 -16.88 1.31 40.23
CA GLU C 202 -17.98 0.39 39.81
C GLU C 202 -18.23 0.53 38.30
N PHE C 203 -17.45 1.34 37.57
CA PHE C 203 -17.76 1.53 36.13
C PHE C 203 -16.43 1.82 35.41
N PHE C 204 -15.86 0.77 34.78
CA PHE C 204 -14.53 0.69 34.12
C PHE C 204 -13.51 1.81 34.42
N ILE C 205 -13.20 2.07 35.71
CA ILE C 205 -12.25 3.12 36.18
C ILE C 205 -11.59 2.75 37.51
N LYS C 206 -10.25 2.72 37.55
CA LYS C 206 -9.44 2.47 38.78
C LYS C 206 -9.80 3.37 40.00
N SER C 253 -6.64 16.77 34.70
CA SER C 253 -6.02 16.13 35.85
C SER C 253 -4.79 15.29 35.48
N LEU C 254 -5.00 14.32 34.58
CA LEU C 254 -4.10 13.19 34.27
C LEU C 254 -3.59 12.43 35.49
N LYS C 255 -4.14 12.77 36.67
CA LYS C 255 -3.88 11.95 37.86
C LYS C 255 -5.03 10.97 37.70
N GLN C 256 -5.41 10.78 36.43
CA GLN C 256 -6.59 9.95 36.08
C GLN C 256 -6.46 8.52 36.56
N PHE C 257 -7.59 7.80 36.49
CA PHE C 257 -7.53 6.40 36.89
C PHE C 257 -8.06 5.57 35.73
N SER C 258 -7.29 4.55 35.33
CA SER C 258 -7.39 3.95 34.01
C SER C 258 -8.58 3.00 33.93
N LEU C 259 -8.96 2.64 32.70
CA LEU C 259 -10.15 1.83 32.45
C LEU C 259 -9.71 0.38 32.26
N ARG C 260 -10.03 -0.51 33.21
CA ARG C 260 -9.55 -1.91 33.17
C ARG C 260 -10.73 -2.88 33.28
N VAL C 261 -10.41 -4.19 33.39
CA VAL C 261 -11.37 -5.24 33.08
C VAL C 261 -11.97 -5.90 34.33
N GLU C 262 -11.60 -5.45 35.53
CA GLU C 262 -12.32 -5.89 36.73
C GLU C 262 -13.63 -5.14 36.85
N ILE C 263 -13.76 -4.09 36.05
CA ILE C 263 -14.72 -3.03 36.23
C ILE C 263 -15.35 -2.71 34.87
N LEU C 264 -14.85 -3.34 33.81
CA LEU C 264 -15.43 -3.22 32.47
C LEU C 264 -16.28 -4.44 32.19
N PRO C 265 -17.43 -4.30 31.53
CA PRO C 265 -18.07 -5.48 30.93
C PRO C 265 -17.16 -6.14 29.90
N SER C 266 -17.06 -7.47 30.01
CA SER C 266 -16.10 -8.23 29.21
C SER C 266 -16.59 -8.51 27.80
N TYR C 267 -17.84 -8.20 27.49
CA TYR C 267 -18.33 -8.28 26.11
C TYR C 267 -17.99 -7.04 25.31
N ILE C 268 -17.64 -5.94 25.95
CA ILE C 268 -17.16 -4.73 25.30
C ILE C 268 -15.68 -4.94 24.96
N PRO C 269 -15.27 -4.76 23.69
CA PRO C 269 -13.85 -4.91 23.36
C PRO C 269 -12.97 -3.85 23.99
N VAL C 270 -11.68 -4.18 24.19
CA VAL C 270 -10.77 -3.32 24.95
C VAL C 270 -10.36 -2.08 24.15
N ARG C 271 -10.21 -2.20 22.82
CA ARG C 271 -9.67 -1.12 21.98
C ARG C 271 -10.56 0.11 22.00
N VAL C 272 -11.87 -0.11 22.06
CA VAL C 272 -12.84 0.95 22.30
C VAL C 272 -12.58 1.64 23.63
N ALA C 273 -12.17 0.87 24.66
CA ALA C 273 -11.90 1.48 25.96
C ALA C 273 -10.64 2.34 25.95
N GLU C 274 -9.56 1.95 25.26
CA GLU C 274 -8.44 2.91 25.19
C GLU C 274 -8.77 4.14 24.33
N LYS C 275 -9.65 4.00 23.33
CA LYS C 275 -10.06 5.21 22.60
C LYS C 275 -10.89 6.15 23.47
N ILE C 276 -11.78 5.58 24.30
CA ILE C 276 -12.56 6.38 25.25
C ILE C 276 -11.65 6.98 26.32
N LEU C 277 -10.60 6.24 26.71
CA LEU C 277 -9.52 6.76 27.57
C LEU C 277 -8.92 8.04 27.00
N PHE C 278 -8.53 8.00 25.71
CA PHE C 278 -8.00 9.17 25.01
C PHE C 278 -8.95 10.36 25.07
N VAL C 279 -10.22 10.12 24.78
CA VAL C 279 -11.22 11.20 24.74
C VAL C 279 -11.37 11.84 26.13
N GLY C 280 -11.52 11.00 27.16
CA GLY C 280 -11.72 11.53 28.50
C GLY C 280 -10.52 12.22 29.11
N GLU C 281 -9.30 11.73 28.82
CA GLU C 281 -8.12 12.34 29.42
C GLU C 281 -7.84 13.71 28.83
N SER C 282 -8.26 13.93 27.58
CA SER C 282 -8.16 15.29 27.04
C SER C 282 -9.19 16.22 27.68
N VAL C 283 -10.36 15.68 28.04
CA VAL C 283 -11.32 16.50 28.78
C VAL C 283 -10.79 16.83 30.20
N GLN C 284 -10.09 15.89 30.83
CA GLN C 284 -9.44 16.16 32.12
C GLN C 284 -8.44 17.31 32.01
N MET C 285 -7.56 17.27 31.01
CA MET C 285 -6.61 18.37 30.84
C MET C 285 -7.14 19.45 29.93
N PHE C 286 -8.47 19.68 29.92
CA PHE C 286 -8.85 21.11 29.86
C PHE C 286 -9.91 21.62 30.92
N GLU C 287 -10.29 20.78 31.86
CA GLU C 287 -11.22 21.35 32.84
C GLU C 287 -10.45 22.27 33.79
N ASN C 288 -9.23 21.89 34.14
CA ASN C 288 -8.42 22.77 34.96
C ASN C 288 -7.76 23.83 34.08
N GLN C 289 -7.21 24.85 34.74
CA GLN C 289 -6.59 26.02 34.11
C GLN C 289 -7.54 26.77 33.17
N ASN C 290 -8.75 27.05 33.67
CA ASN C 290 -9.64 28.03 33.04
C ASN C 290 -9.74 29.31 33.87
N VAL C 291 -8.74 29.54 34.75
CA VAL C 291 -8.76 30.54 35.83
C VAL C 291 -10.03 30.37 36.67
N LEU C 300 -12.89 21.21 21.26
CA LEU C 300 -13.54 20.06 21.89
C LEU C 300 -14.59 20.63 22.81
N LYS C 301 -14.56 21.94 23.04
CA LYS C 301 -15.73 22.53 23.67
C LYS C 301 -16.56 23.26 22.62
N ASN C 302 -16.95 22.58 21.55
CA ASN C 302 -17.90 23.13 20.58
C ASN C 302 -18.87 22.07 20.10
N GLN C 303 -18.44 20.82 20.24
CA GLN C 303 -19.16 19.62 19.84
C GLN C 303 -19.40 18.67 21.01
N GLU C 304 -19.35 19.15 22.27
CA GLU C 304 -19.59 18.27 23.40
C GLU C 304 -21.05 17.85 23.50
N ASP C 305 -21.96 18.70 23.01
CA ASP C 305 -23.38 18.38 23.05
C ASP C 305 -23.74 17.33 22.01
N THR C 306 -23.02 17.30 20.89
CA THR C 306 -23.19 16.23 19.93
C THR C 306 -22.77 14.88 20.52
N PHE C 307 -21.68 14.88 21.30
CA PHE C 307 -21.24 13.67 21.98
C PHE C 307 -22.27 13.22 23.03
N ALA C 308 -22.83 14.18 23.78
CA ALA C 308 -23.87 13.85 24.75
C ALA C 308 -25.13 13.32 24.08
N ALA C 309 -25.47 13.86 22.91
CA ALA C 309 -26.61 13.37 22.15
C ALA C 309 -26.38 11.96 21.64
N GLU C 310 -25.17 11.66 21.17
CA GLU C 310 -24.86 10.30 20.73
C GLU C 310 -24.86 9.32 21.89
N LEU C 311 -24.40 9.74 23.07
CA LEU C 311 -24.47 8.88 24.24
C LEU C 311 -25.90 8.66 24.71
N HIS C 312 -26.76 9.68 24.58
CA HIS C 312 -28.18 9.51 24.89
C HIS C 312 -28.85 8.57 23.89
N ARG C 313 -28.46 8.65 22.62
CA ARG C 313 -28.96 7.73 21.61
C ARG C 313 -28.50 6.29 21.88
N LEU C 314 -27.26 6.13 22.33
CA LEU C 314 -26.77 4.81 22.73
C LEU C 314 -27.49 4.28 23.97
N LYS C 315 -27.88 5.19 24.88
CA LYS C 315 -28.74 4.81 26.00
C LYS C 315 -30.11 4.35 25.52
N GLN C 316 -30.65 5.00 24.47
CA GLN C 316 -32.00 4.72 23.99
C GLN C 316 -32.14 3.33 23.37
N GLN C 317 -31.05 2.71 22.93
CA GLN C 317 -31.17 1.43 22.23
C GLN C 317 -31.33 0.28 23.23
N PRO C 318 -32.45 -0.46 23.20
CA PRO C 318 -32.65 -1.55 24.15
C PRO C 318 -31.89 -2.83 23.81
N LEU C 319 -31.72 -3.18 22.52
CA LEU C 319 -30.83 -4.30 22.24
C LEU C 319 -29.55 -3.83 21.57
N PHE C 320 -28.60 -3.44 22.41
CA PHE C 320 -27.23 -3.12 22.09
C PHE C 320 -26.55 -4.15 21.18
N SER C 321 -25.89 -3.68 20.12
CA SER C 321 -24.97 -4.50 19.34
C SER C 321 -23.64 -3.75 19.30
N LEU C 322 -22.55 -4.51 19.37
CA LEU C 322 -21.23 -3.92 19.62
C LEU C 322 -20.68 -3.17 18.40
N VAL C 323 -21.04 -3.61 17.19
CA VAL C 323 -20.46 -3.02 15.98
C VAL C 323 -20.96 -1.60 15.75
N ASP C 324 -22.24 -1.33 16.02
CA ASP C 324 -22.77 0.03 15.95
C ASP C 324 -22.14 0.94 16.99
N PHE C 325 -21.89 0.40 18.18
CA PHE C 325 -21.24 1.13 19.26
C PHE C 325 -19.82 1.51 18.87
N GLU C 326 -19.10 0.57 18.23
CA GLU C 326 -17.73 0.84 17.78
C GLU C 326 -17.72 1.92 16.70
N GLN C 327 -18.71 1.90 15.81
CA GLN C 327 -18.80 2.94 14.77
C GLN C 327 -19.09 4.32 15.37
N VAL C 328 -19.96 4.38 16.39
CA VAL C 328 -20.24 5.65 17.06
C VAL C 328 -19.01 6.16 17.80
N VAL C 329 -18.28 5.27 18.47
CA VAL C 329 -17.06 5.66 19.18
C VAL C 329 -15.98 6.13 18.20
N ASP C 330 -15.88 5.49 17.03
CA ASP C 330 -14.97 5.94 15.98
C ASP C 330 -15.35 7.32 15.45
N ARG C 331 -16.65 7.57 15.29
CA ARG C 331 -17.14 8.87 14.83
C ARG C 331 -16.78 9.97 15.83
N ILE C 332 -16.88 9.68 17.12
CA ILE C 332 -16.45 10.64 18.14
C ILE C 332 -14.92 10.83 18.09
N ARG C 333 -14.19 9.72 17.96
CA ARG C 333 -12.73 9.72 18.13
C ARG C 333 -12.03 10.46 16.99
N SER C 334 -12.59 10.39 15.77
CA SER C 334 -11.96 11.08 14.64
C SER C 334 -11.96 12.60 14.83
N THR C 335 -13.09 13.16 15.25
CA THR C 335 -13.17 14.60 15.52
C THR C 335 -12.34 14.98 16.75
N VAL C 336 -12.31 14.10 17.76
CA VAL C 336 -11.48 14.34 18.94
C VAL C 336 -10.01 14.43 18.57
N ALA C 337 -9.51 13.47 17.76
CA ALA C 337 -8.10 13.47 17.38
C ALA C 337 -7.77 14.62 16.44
N GLU C 338 -8.72 15.02 15.58
CA GLU C 338 -8.49 16.18 14.71
C GLU C 338 -8.34 17.47 15.50
N HIS C 339 -9.22 17.70 16.49
CA HIS C 339 -9.12 18.90 17.34
C HIS C 339 -7.81 18.91 18.12
N LEU C 340 -7.44 17.76 18.70
CA LEU C 340 -6.23 17.68 19.50
C LEU C 340 -4.98 17.87 18.66
N TRP C 341 -4.95 17.28 17.46
CA TRP C 341 -3.80 17.45 16.57
C TRP C 341 -3.63 18.90 16.13
N LYS C 342 -4.74 19.55 15.73
CA LYS C 342 -4.68 20.95 15.30
C LYS C 342 -4.22 21.87 16.42
N LEU C 343 -4.77 21.70 17.63
CA LEU C 343 -4.41 22.54 18.76
C LEU C 343 -2.96 22.32 19.19
N MET C 344 -2.54 21.05 19.32
CA MET C 344 -1.22 20.79 19.89
C MET C 344 -0.09 21.03 18.91
N VAL C 345 -0.29 20.81 17.61
CA VAL C 345 0.76 21.17 16.66
C VAL C 345 0.86 22.69 16.49
N GLU C 346 -0.26 23.40 16.40
CA GLU C 346 -0.14 24.82 16.10
C GLU C 346 0.09 25.69 17.33
N GLU C 347 -0.78 25.64 18.33
CA GLU C 347 -0.72 26.65 19.39
C GLU C 347 0.35 26.37 20.44
N SER C 348 0.72 25.11 20.65
CA SER C 348 1.74 24.79 21.66
C SER C 348 3.05 24.30 21.08
N ASP C 349 3.21 24.32 19.74
CA ASP C 349 4.46 24.02 19.02
C ASP C 349 5.01 22.62 19.32
N LEU C 350 4.30 21.59 18.86
CA LEU C 350 4.72 20.21 19.09
C LEU C 350 6.04 19.89 18.40
N LEU C 351 6.27 20.44 17.20
CA LEU C 351 7.52 20.23 16.49
C LEU C 351 8.69 20.85 17.25
N GLY C 352 8.46 22.01 17.87
CA GLY C 352 9.49 22.61 18.72
C GLY C 352 9.80 21.77 19.95
N GLN C 353 8.77 21.15 20.55
CA GLN C 353 8.99 20.28 21.70
C GLN C 353 9.78 19.03 21.31
N LEU C 354 9.47 18.46 20.14
CA LEU C 354 10.25 17.33 19.62
C LEU C 354 11.69 17.75 19.32
N LYS C 355 11.88 18.97 18.81
CA LYS C 355 13.23 19.46 18.56
C LYS C 355 14.02 19.66 19.84
N ILE C 356 13.37 20.16 20.90
CA ILE C 356 14.02 20.32 22.20
C ILE C 356 14.39 18.96 22.80
N ILE C 357 13.49 17.98 22.70
CA ILE C 357 13.75 16.64 23.21
C ILE C 357 14.89 15.97 22.43
N LYS C 358 14.90 16.16 21.10
CA LYS C 358 15.98 15.66 20.27
C LYS C 358 17.32 16.33 20.61
N ASP C 359 17.30 17.63 20.88
CA ASP C 359 18.52 18.37 21.20
C ASP C 359 19.09 18.00 22.57
N PHE C 360 18.22 17.71 23.54
CA PHE C 360 18.69 17.45 24.89
C PHE C 360 18.73 15.98 25.28
N TYR C 361 17.70 15.21 24.95
CA TYR C 361 17.72 13.79 25.33
C TYR C 361 18.43 12.93 24.29
N LEU C 362 18.14 13.11 23.01
CA LEU C 362 18.77 12.31 21.97
C LEU C 362 20.05 12.95 21.46
N LEU C 363 20.47 14.08 22.04
CA LEU C 363 21.70 14.81 21.73
C LEU C 363 21.78 15.22 20.26
N GLY C 364 20.69 15.82 19.77
CA GLY C 364 20.70 16.40 18.45
C GLY C 364 21.55 17.65 18.35
N ARG C 365 21.81 18.30 19.47
CA ARG C 365 22.81 19.36 19.57
C ARG C 365 23.90 18.84 20.51
N GLY C 366 24.85 18.09 19.94
CA GLY C 366 25.88 17.48 20.75
C GLY C 366 27.03 18.41 21.08
N GLU C 367 27.03 19.63 20.51
CA GLU C 367 28.13 20.57 20.70
C GLU C 367 28.22 21.06 22.13
N LEU C 368 27.09 21.48 22.71
CA LEU C 368 27.04 21.98 24.08
C LEU C 368 27.38 20.88 25.09
N PHE C 369 26.85 19.68 24.86
CA PHE C 369 27.15 18.56 25.74
C PHE C 369 28.59 18.08 25.60
N GLN C 370 29.20 18.22 24.41
CA GLN C 370 30.60 17.91 24.24
C GLN C 370 31.49 18.88 25.02
N ALA C 371 31.15 20.16 25.01
CA ALA C 371 31.86 21.11 25.86
C ALA C 371 31.65 20.84 27.35
N PHE C 372 30.45 20.37 27.71
CA PHE C 372 30.18 19.99 29.10
C PHE C 372 31.04 18.81 29.53
N ILE C 373 31.24 17.83 28.63
CA ILE C 373 32.17 16.73 28.91
C ILE C 373 33.61 17.24 28.98
N ASP C 374 33.95 18.25 28.16
CA ASP C 374 35.28 18.86 28.21
C ASP C 374 35.56 19.53 29.56
N THR C 375 34.52 19.91 30.30
CA THR C 375 34.74 20.63 31.56
C THR C 375 34.59 19.76 32.81
N ALA C 376 34.28 18.46 32.69
CA ALA C 376 33.99 17.65 33.87
C ALA C 376 34.25 16.14 33.64
N GLN C 377 35.01 15.50 34.57
CA GLN C 377 35.21 14.04 34.54
C GLN C 377 35.10 13.47 35.98
N HIS C 378 34.87 14.36 36.94
CA HIS C 378 35.15 14.03 38.33
C HIS C 378 34.02 13.16 38.86
N MET C 379 32.96 13.10 38.07
CA MET C 379 31.83 12.21 38.23
C MET C 379 31.98 10.98 37.33
N LEU C 380 33.22 10.69 36.89
CA LEU C 380 33.69 9.31 36.81
C LEU C 380 33.79 8.75 38.20
N LYS C 381 34.03 9.62 39.17
CA LYS C 381 33.82 9.15 40.56
C LYS C 381 32.36 9.32 41.02
N THR C 382 32.12 9.09 42.32
CA THR C 382 30.78 8.75 42.81
C THR C 382 30.21 9.86 43.69
N PRO C 383 28.88 10.07 43.68
CA PRO C 383 28.31 11.22 44.40
C PRO C 383 27.91 10.89 45.83
N PRO C 384 28.28 11.74 46.79
CA PRO C 384 27.68 11.71 48.14
C PRO C 384 26.52 12.69 48.31
N THR C 385 25.52 12.35 49.13
CA THR C 385 24.18 12.97 49.04
C THR C 385 24.20 14.37 49.67
N ALA C 386 24.90 15.32 49.03
CA ALA C 386 24.57 16.71 49.28
C ALA C 386 24.70 17.61 48.06
N VAL C 387 25.62 17.29 47.15
CA VAL C 387 26.44 18.38 46.59
C VAL C 387 26.54 18.42 45.06
N THR C 388 26.82 17.29 44.38
CA THR C 388 27.41 17.41 43.04
C THR C 388 26.35 17.57 41.95
N GLU C 389 25.08 17.31 42.27
CA GLU C 389 24.00 17.58 41.33
C GLU C 389 23.86 19.07 41.07
N HIS C 390 24.14 19.89 42.07
CA HIS C 390 24.19 21.34 41.87
C HIS C 390 25.33 21.71 40.93
N ASP C 391 26.47 21.02 41.06
CA ASP C 391 27.66 21.34 40.28
C ASP C 391 27.47 21.00 38.80
N VAL C 392 26.86 19.84 38.50
CA VAL C 392 26.65 19.48 37.09
C VAL C 392 25.68 20.45 36.41
N ASN C 393 24.63 20.90 37.13
CA ASN C 393 23.64 21.77 36.54
C ASN C 393 24.20 23.17 36.33
N VAL C 394 24.94 23.69 37.33
CA VAL C 394 25.55 25.02 37.22
C VAL C 394 26.58 25.07 36.10
N ALA C 395 27.47 24.07 36.04
CA ALA C 395 28.51 24.06 35.03
C ALA C 395 27.94 23.89 33.63
N PHE C 396 26.94 23.01 33.48
CA PHE C 396 26.29 22.81 32.18
C PHE C 396 25.56 24.06 31.71
N GLN C 397 24.84 24.74 32.60
CA GLN C 397 24.07 25.88 32.14
C GLN C 397 24.98 27.07 31.84
N GLN C 398 26.09 27.22 32.58
CA GLN C 398 27.04 28.28 32.26
C GLN C 398 27.75 28.03 30.95
N SER C 399 28.20 26.78 30.72
CA SER C 399 28.84 26.44 29.44
C SER C 399 27.87 26.53 28.28
N ALA C 400 26.56 26.38 28.54
CA ALA C 400 25.57 26.72 27.54
C ALA C 400 25.39 28.23 27.41
N HIS C 401 25.64 28.99 28.48
CA HIS C 401 25.47 30.44 28.40
C HIS C 401 26.62 31.16 27.70
N LYS C 402 27.77 30.50 27.46
CA LYS C 402 28.83 31.15 26.69
C LYS C 402 28.39 31.53 25.28
N VAL C 403 27.80 30.58 24.55
CA VAL C 403 27.30 30.81 23.19
C VAL C 403 26.26 29.74 22.90
N LEU C 404 25.46 29.91 21.83
CA LEU C 404 24.52 28.91 21.32
C LEU C 404 23.43 28.57 22.34
N LEU C 405 22.37 29.39 22.32
CA LEU C 405 21.25 29.43 23.28
C LEU C 405 21.68 29.96 24.65
N ASP C 406 22.01 31.25 24.70
CA ASP C 406 22.12 31.98 25.96
C ASP C 406 20.75 32.35 26.52
N ASP C 407 19.85 32.79 25.63
CA ASP C 407 18.49 33.23 26.03
C ASP C 407 17.77 32.14 26.84
N ASP C 408 17.95 30.87 26.49
CA ASP C 408 17.16 29.81 27.18
C ASP C 408 18.05 28.64 27.62
N ASN C 409 17.47 27.54 28.15
CA ASN C 409 18.21 26.30 28.55
C ASN C 409 18.50 26.33 30.05
N LEU C 410 18.06 27.39 30.73
CA LEU C 410 18.19 27.42 32.21
C LEU C 410 17.00 26.63 32.74
N LEU C 411 16.49 25.66 31.96
CA LEU C 411 15.27 24.95 32.34
C LEU C 411 15.48 23.44 32.48
N PRO C 412 16.32 22.75 31.67
CA PRO C 412 16.83 21.45 32.10
C PRO C 412 17.61 21.45 33.40
N LEU C 413 17.11 20.72 34.40
CA LEU C 413 17.75 20.54 35.69
C LEU C 413 18.65 19.31 35.69
N LEU C 414 19.97 19.44 35.49
CA LEU C 414 20.80 18.24 35.32
C LEU C 414 21.00 17.47 36.61
N HIS C 415 20.51 16.25 36.57
CA HIS C 415 20.65 15.17 37.53
C HIS C 415 21.48 14.13 36.79
N LEU C 416 22.47 13.48 37.41
CA LEU C 416 23.20 12.36 36.76
C LEU C 416 22.55 11.14 37.37
N THR C 417 23.36 10.32 38.04
CA THR C 417 22.77 9.22 38.84
C THR C 417 22.78 9.83 40.24
N ILE C 418 22.41 11.11 40.35
CA ILE C 418 22.55 11.78 41.67
C ILE C 418 21.38 11.48 42.60
N GLU C 419 20.97 10.21 42.68
CA GLU C 419 20.07 9.79 43.78
C GLU C 419 21.18 9.66 44.82
N TYR C 420 22.43 9.63 44.33
CA TYR C 420 23.66 9.67 45.16
C TYR C 420 24.14 8.27 45.55
N HIS C 421 25.44 8.05 45.45
CA HIS C 421 26.09 6.76 45.74
C HIS C 421 25.76 5.76 44.64
N GLY C 422 26.78 5.24 43.97
CA GLY C 422 26.59 4.43 42.79
C GLY C 422 26.06 3.03 43.03
N SER C 448 29.92 5.60 39.34
CA SER C 448 30.06 6.29 38.07
C SER C 448 28.75 6.92 37.64
N GLY C 449 28.82 7.86 36.68
CA GLY C 449 27.63 8.53 36.20
C GLY C 449 27.67 8.96 34.75
N TRP C 450 28.80 8.81 34.06
CA TRP C 450 28.86 9.29 32.68
C TRP C 450 28.21 8.32 31.72
N ALA C 451 27.83 7.13 32.20
CA ALA C 451 26.91 6.29 31.44
C ALA C 451 25.53 6.34 32.08
N ALA C 452 25.34 7.28 33.01
CA ALA C 452 24.12 7.35 33.79
C ALA C 452 23.65 8.78 34.12
N LEU C 453 23.70 9.71 33.16
CA LEU C 453 23.24 11.09 33.39
C LEU C 453 21.73 11.21 33.18
N GLY C 454 21.03 11.61 34.23
CA GLY C 454 19.62 11.84 34.12
C GLY C 454 19.33 13.16 33.43
N LEU C 455 18.04 13.43 33.23
CA LEU C 455 17.57 14.72 32.73
C LEU C 455 16.08 14.83 33.01
N SER C 456 15.67 15.91 33.67
CA SER C 456 14.26 16.19 33.90
C SER C 456 13.92 17.54 33.29
N TYR C 457 13.03 17.52 32.30
CA TYR C 457 12.53 18.73 31.66
C TYR C 457 11.01 18.71 31.73
N LYS C 458 10.44 19.71 32.40
CA LYS C 458 9.00 19.71 32.66
C LYS C 458 8.25 20.23 31.44
N VAL C 459 7.37 19.40 30.90
CA VAL C 459 6.61 19.71 29.69
C VAL C 459 5.30 20.39 30.09
N GLN C 460 4.65 21.02 29.12
CA GLN C 460 3.33 21.60 29.34
C GLN C 460 2.29 20.50 29.35
N TRP C 461 1.79 20.18 30.54
CA TRP C 461 0.84 19.08 30.69
C TRP C 461 -0.56 19.36 30.13
N PRO C 462 -1.18 20.55 30.28
CA PRO C 462 -2.46 20.75 29.58
C PRO C 462 -2.34 20.85 28.07
N LEU C 463 -1.18 21.24 27.55
CA LEU C 463 -1.02 21.47 26.11
C LEU C 463 -0.29 20.34 25.40
N HIS C 464 0.29 19.40 26.14
CA HIS C 464 0.95 18.26 25.51
C HIS C 464 0.77 16.99 26.33
N ILE C 465 -0.19 16.16 25.98
CA ILE C 465 -0.35 14.86 26.62
C ILE C 465 0.30 13.76 25.80
N LEU C 466 1.01 14.12 24.72
CA LEU C 466 1.80 13.16 23.97
C LEU C 466 2.95 12.61 24.81
N PHE C 467 3.58 13.47 25.60
CA PHE C 467 4.69 13.07 26.44
C PHE C 467 4.15 12.62 27.79
N THR C 468 4.57 11.43 28.21
CA THR C 468 4.24 10.84 29.50
C THR C 468 5.51 10.78 30.33
N PRO C 469 5.40 10.63 31.66
CA PRO C 469 6.62 10.41 32.46
C PRO C 469 7.42 9.16 32.09
N ALA C 470 6.77 8.09 31.61
CA ALA C 470 7.49 6.91 31.17
C ALA C 470 8.27 7.17 29.88
N VAL C 471 7.70 8.00 28.98
CA VAL C 471 8.37 8.36 27.74
C VAL C 471 9.63 9.18 28.02
N LEU C 472 9.52 10.15 28.94
CA LEU C 472 10.69 10.92 29.36
C LEU C 472 11.69 10.06 30.11
N GLU C 473 11.21 9.04 30.84
CA GLU C 473 12.09 8.11 31.54
C GLU C 473 12.94 7.29 30.57
N LYS C 474 12.31 6.78 29.51
CA LYS C 474 13.05 6.00 28.51
C LYS C 474 13.99 6.89 27.69
N TYR C 475 13.58 8.13 27.41
CA TYR C 475 14.48 9.11 26.81
C TYR C 475 15.67 9.40 27.72
N ASN C 476 15.45 9.35 29.03
CA ASN C 476 16.54 9.61 29.95
C ASN C 476 17.59 8.49 29.90
N VAL C 477 17.14 7.24 29.77
CA VAL C 477 18.05 6.10 29.68
C VAL C 477 18.90 6.18 28.41
N VAL C 478 18.27 6.48 27.27
CA VAL C 478 19.05 6.54 26.03
C VAL C 478 19.96 7.78 26.02
N PHE C 479 19.57 8.83 26.78
CA PHE C 479 20.44 9.99 26.96
C PHE C 479 21.70 9.64 27.73
N LYS C 480 21.55 8.79 28.77
CA LYS C 480 22.69 8.25 29.50
C LYS C 480 23.66 7.50 28.58
N TYR C 481 23.10 6.64 27.73
CA TYR C 481 23.88 5.80 26.82
C TYR C 481 24.68 6.64 25.82
N LEU C 482 24.03 7.64 25.22
CA LEU C 482 24.68 8.50 24.24
C LEU C 482 25.74 9.42 24.87
N LEU C 483 25.56 9.77 26.16
CA LEU C 483 26.59 10.53 26.86
C LEU C 483 27.90 9.74 26.98
N SER C 484 27.80 8.44 27.31
CA SER C 484 29.00 7.63 27.51
C SER C 484 29.85 7.51 26.24
N VAL C 485 29.19 7.27 25.10
CA VAL C 485 29.96 7.14 23.86
C VAL C 485 30.58 8.47 23.44
N ARG C 486 29.88 9.60 23.67
CA ARG C 486 30.46 10.91 23.35
C ARG C 486 31.69 11.22 24.20
N ARG C 487 31.65 10.86 25.49
CA ARG C 487 32.80 11.03 26.37
C ARG C 487 34.03 10.26 25.89
N VAL C 488 33.85 8.97 25.55
CA VAL C 488 35.03 8.17 25.20
C VAL C 488 35.64 8.61 23.86
N GLN C 489 34.81 8.99 22.88
CA GLN C 489 35.37 9.45 21.61
C GLN C 489 36.08 10.79 21.77
N ALA C 490 35.56 11.67 22.65
CA ALA C 490 36.19 12.97 22.88
C ALA C 490 37.57 12.84 23.53
N GLU C 491 37.69 11.94 24.51
CA GLU C 491 39.00 11.71 25.14
C GLU C 491 40.01 11.14 24.14
N LEU C 492 39.55 10.23 23.26
CA LEU C 492 40.48 9.62 22.31
C LEU C 492 40.96 10.62 21.24
N GLN C 493 40.09 11.57 20.84
CA GLN C 493 40.60 12.58 19.90
C GLN C 493 41.51 13.61 20.58
N HIS C 494 41.33 13.86 21.89
CA HIS C 494 42.35 14.65 22.59
C HIS C 494 43.70 13.94 22.58
N CYS C 495 43.69 12.61 22.67
CA CYS C 495 44.99 11.98 22.52
C CYS C 495 45.44 12.00 21.03
N TRP C 496 44.52 12.31 20.12
CA TRP C 496 45.01 12.53 18.73
C TRP C 496 45.94 13.75 18.78
N ALA C 497 46.09 14.41 19.95
CA ALA C 497 47.13 15.47 20.07
C ALA C 497 48.49 14.78 20.13
N LEU C 498 48.51 13.45 20.22
CA LEU C 498 49.75 12.66 20.06
C LEU C 498 50.24 13.27 18.78
N GLN C 499 49.28 13.53 17.91
CA GLN C 499 49.71 14.01 16.60
C GLN C 499 50.03 15.48 16.56
N MET C 500 49.41 16.26 17.43
CA MET C 500 49.92 17.62 17.56
C MET C 500 51.29 17.67 18.25
N GLN C 501 51.60 16.71 19.14
CA GLN C 501 52.91 16.77 19.80
C GLN C 501 53.97 15.81 19.25
N ARG C 502 53.69 14.51 19.22
CA ARG C 502 54.73 13.50 19.43
C ARG C 502 55.55 13.13 18.18
N GLN C 509 60.92 6.10 18.67
CA GLN C 509 61.41 4.73 18.77
C GLN C 509 60.28 3.74 18.50
N THR C 510 60.57 2.70 17.72
CA THR C 510 59.55 1.75 17.28
C THR C 510 59.46 0.56 18.21
N ASP C 511 58.47 -0.32 17.94
CA ASP C 511 58.44 -1.70 18.45
C ASP C 511 58.45 -1.82 19.97
N ALA C 512 57.27 -1.58 20.58
CA ALA C 512 56.86 -1.61 22.01
C ALA C 512 57.05 -0.26 22.71
N ILE C 513 57.14 0.82 21.95
CA ILE C 513 56.89 2.16 22.50
C ILE C 513 55.60 2.72 21.95
N LYS C 514 55.53 2.93 20.67
CA LYS C 514 54.45 3.79 20.23
C LYS C 514 53.03 3.19 20.36
N TRP C 515 52.75 2.41 21.44
CA TRP C 515 51.47 1.73 21.72
C TRP C 515 50.79 1.30 20.44
N ARG C 516 51.60 0.68 19.54
CA ARG C 516 51.43 0.47 18.08
C ARG C 516 50.88 1.73 17.38
N LEU C 517 51.10 2.93 18.01
CA LEU C 517 50.17 4.07 17.70
C LEU C 517 48.72 3.58 17.64
N ARG C 518 48.40 2.67 18.56
CA ARG C 518 47.10 1.97 18.47
C ARG C 518 46.05 2.86 19.01
N ASN C 519 46.48 4.00 19.50
CA ASN C 519 45.69 5.18 19.19
C ASN C 519 45.19 5.16 17.74
N HIS C 520 46.05 4.84 16.71
CA HIS C 520 45.40 5.02 15.38
C HIS C 520 44.43 3.88 15.07
N MET C 521 44.85 2.67 15.46
CA MET C 521 44.04 1.48 15.24
C MET C 521 42.72 1.52 16.01
N ALA C 522 42.72 2.09 17.22
CA ALA C 522 41.49 2.17 17.99
C ALA C 522 40.58 3.31 17.57
N PHE C 523 41.12 4.49 17.22
CA PHE C 523 40.21 5.61 17.07
C PHE C 523 39.43 5.52 15.76
N LEU C 524 40.02 4.94 14.69
CA LEU C 524 39.26 4.90 13.43
C LEU C 524 37.96 4.08 13.56
N VAL C 525 38.04 2.94 14.23
CA VAL C 525 36.90 2.05 14.33
C VAL C 525 35.86 2.57 15.33
N ASP C 526 36.29 3.18 16.44
CA ASP C 526 35.32 3.81 17.35
C ASP C 526 34.61 5.00 16.71
N ASN C 527 35.33 5.79 15.91
CA ASN C 527 34.72 6.94 15.25
C ASN C 527 33.72 6.50 14.18
N LEU C 528 33.99 5.37 13.52
CA LEU C 528 33.04 4.85 12.53
C LEU C 528 31.73 4.40 13.20
N GLN C 529 31.83 3.74 14.37
CA GLN C 529 30.61 3.37 15.11
C GLN C 529 29.89 4.61 15.63
N TYR C 530 30.64 5.66 15.95
CA TYR C 530 30.03 6.94 16.33
C TYR C 530 29.22 7.53 15.18
N TYR C 531 29.74 7.42 13.95
CA TYR C 531 28.98 7.84 12.76
C TYR C 531 27.74 6.96 12.56
N LEU C 532 27.80 5.71 13.01
CA LEU C 532 26.63 4.84 12.86
C LEU C 532 25.49 5.29 13.79
N GLN C 533 25.83 5.60 15.04
CA GLN C 533 24.82 6.11 15.97
C GLN C 533 24.26 7.46 15.51
N VAL C 534 25.14 8.28 14.91
CA VAL C 534 24.73 9.48 14.19
C VAL C 534 23.60 9.21 13.17
N ASP C 535 23.83 8.30 12.21
CA ASP C 535 22.86 8.25 11.11
C ASP C 535 21.60 7.50 11.52
N VAL C 536 21.67 6.67 12.58
CA VAL C 536 20.42 6.09 13.06
C VAL C 536 19.55 7.13 13.76
N LEU C 537 20.16 8.04 14.55
CA LEU C 537 19.35 9.07 15.21
C LEU C 537 18.70 10.02 14.21
N GLU C 538 19.45 10.41 13.16
CA GLU C 538 18.82 11.29 12.16
C GLU C 538 17.74 10.58 11.36
N SER C 539 17.93 9.29 11.01
CA SER C 539 16.94 8.58 10.21
C SER C 539 15.60 8.48 10.93
N GLN C 540 15.62 8.15 12.22
CA GLN C 540 14.36 8.08 12.96
C GLN C 540 13.75 9.46 13.19
N PHE C 541 14.58 10.50 13.44
CA PHE C 541 14.01 11.82 13.68
C PHE C 541 13.37 12.42 12.43
N SER C 542 14.01 12.24 11.26
CA SER C 542 13.44 12.76 10.01
C SER C 542 12.16 12.02 9.63
N GLN C 543 12.14 10.70 9.86
CA GLN C 543 10.90 9.95 9.64
C GLN C 543 9.79 10.41 10.57
N LEU C 544 10.13 10.73 11.83
CA LEU C 544 9.14 11.22 12.78
C LEU C 544 8.53 12.55 12.35
N LEU C 545 9.38 13.49 11.89
CA LEU C 545 8.84 14.80 11.51
C LEU C 545 7.98 14.73 10.26
N HIS C 546 8.36 13.90 9.28
CA HIS C 546 7.51 13.71 8.11
C HIS C 546 6.20 13.02 8.47
N GLN C 547 6.25 12.03 9.38
CA GLN C 547 5.06 11.30 9.78
C GLN C 547 4.08 12.17 10.55
N ILE C 548 4.57 13.06 11.41
CA ILE C 548 3.65 13.91 12.16
C ILE C 548 3.11 15.02 11.27
N ASN C 549 3.84 15.38 10.21
CA ASN C 549 3.29 16.36 9.27
C ASN C 549 2.23 15.77 8.34
N SER C 550 2.29 14.47 8.05
CA SER C 550 1.44 13.89 7.01
C SER C 550 -0.01 13.69 7.48
N THR C 551 -0.21 13.33 8.75
CA THR C 551 -1.54 12.91 9.19
C THR C 551 -2.18 13.98 10.06
N ARG C 552 -3.50 13.82 10.30
CA ARG C 552 -4.27 14.82 11.00
C ARG C 552 -4.94 14.29 12.27
N ASP C 553 -4.65 13.06 12.69
CA ASP C 553 -5.20 12.50 13.93
C ASP C 553 -4.09 12.37 14.96
N PHE C 554 -4.37 12.79 16.19
CA PHE C 554 -3.36 12.82 17.24
C PHE C 554 -3.00 11.43 17.73
N GLU C 555 -3.93 10.47 17.58
CA GLU C 555 -3.64 9.07 17.89
C GLU C 555 -2.55 8.52 16.97
N SER C 556 -2.59 8.89 15.69
CA SER C 556 -1.55 8.51 14.74
C SER C 556 -0.20 9.14 15.10
N ILE C 557 -0.23 10.38 15.63
CA ILE C 557 0.99 11.00 16.14
C ILE C 557 1.57 10.17 17.29
N ARG C 558 0.70 9.66 18.17
CA ARG C 558 1.19 8.89 19.32
C ARG C 558 1.74 7.53 18.88
N LEU C 559 1.09 6.89 17.91
CA LEU C 559 1.59 5.62 17.38
C LEU C 559 2.93 5.80 16.68
N ALA C 560 3.07 6.87 15.90
CA ALA C 560 4.36 7.19 15.28
C ALA C 560 5.42 7.52 16.32
N HIS C 561 5.03 8.19 17.41
CA HIS C 561 5.97 8.57 18.46
C HIS C 561 6.48 7.36 19.24
N ASP C 562 5.57 6.46 19.61
CA ASP C 562 5.96 5.24 20.31
C ASP C 562 6.75 4.29 19.41
N HIS C 563 6.40 4.23 18.13
CA HIS C 563 7.18 3.46 17.16
C HIS C 563 8.58 4.07 16.99
N PHE C 564 8.66 5.40 17.00
CA PHE C 564 9.92 6.13 16.87
C PHE C 564 10.86 5.86 18.03
N LEU C 565 10.34 5.93 19.27
CA LEU C 565 11.17 5.65 20.43
C LEU C 565 11.55 4.17 20.52
N SER C 566 10.64 3.27 20.13
CA SER C 566 10.95 1.84 20.15
C SER C 566 12.03 1.50 19.14
N ASN C 567 11.97 2.11 17.94
CA ASN C 567 13.04 1.92 16.97
C ASN C 567 14.36 2.51 17.46
N LEU C 568 14.33 3.66 18.11
CA LEU C 568 15.58 4.23 18.63
C LEU C 568 16.21 3.34 19.69
N LEU C 569 15.38 2.76 20.56
CA LEU C 569 15.89 1.82 21.58
C LEU C 569 16.42 0.54 20.94
N ALA C 570 15.73 0.01 19.93
CA ALA C 570 16.17 -1.24 19.31
C ALA C 570 17.44 -1.05 18.49
N GLN C 571 17.57 0.10 17.82
CA GLN C 571 18.65 0.29 16.86
C GLN C 571 19.91 0.90 17.48
N SER C 572 19.78 1.68 18.56
CA SER C 572 20.95 2.19 19.27
C SER C 572 21.52 1.19 20.26
N PHE C 573 21.10 -0.08 20.18
CA PHE C 573 21.58 -1.20 20.99
C PHE C 573 21.31 -0.98 22.48
N ILE C 574 20.11 -0.48 22.78
CA ILE C 574 19.60 -0.52 24.16
C ILE C 574 19.00 -1.88 24.48
N LEU C 575 18.44 -2.56 23.47
CA LEU C 575 17.90 -3.91 23.67
C LEU C 575 19.02 -4.92 23.86
N LEU C 576 18.76 -5.97 24.65
CA LEU C 576 19.81 -6.91 25.04
C LEU C 576 20.11 -7.85 23.87
N LYS C 577 21.28 -7.69 23.30
CA LYS C 577 21.77 -8.55 22.23
C LYS C 577 23.27 -8.75 22.43
N PRO C 578 23.91 -9.70 21.72
CA PRO C 578 25.38 -9.70 21.68
C PRO C 578 25.96 -8.44 21.06
N VAL C 579 25.18 -7.73 20.25
CA VAL C 579 25.63 -6.44 19.73
C VAL C 579 25.73 -5.40 20.86
N PHE C 580 24.80 -5.45 21.83
CA PHE C 580 24.85 -4.55 22.97
C PHE C 580 26.01 -4.92 23.90
N HIS C 581 26.29 -6.22 24.01
CA HIS C 581 27.46 -6.71 24.72
C HIS C 581 28.76 -6.20 24.11
N CYS C 582 28.82 -6.18 22.77
CA CYS C 582 29.96 -5.63 22.05
C CYS C 582 30.16 -4.16 22.32
N LEU C 583 29.08 -3.37 22.35
CA LEU C 583 29.25 -1.94 22.57
C LEU C 583 29.67 -1.63 24.01
N ASN C 584 29.19 -2.42 24.99
CA ASN C 584 29.66 -2.23 26.37
C ASN C 584 31.15 -2.49 26.50
N GLU C 585 31.62 -3.57 25.87
CA GLU C 585 33.04 -3.89 25.92
C GLU C 585 33.88 -2.86 25.16
N ILE C 586 33.35 -2.29 24.08
CA ILE C 586 34.13 -1.30 23.33
C ILE C 586 34.21 0.01 24.11
N LEU C 587 33.18 0.31 24.92
CA LEU C 587 33.27 1.44 25.85
C LEU C 587 34.36 1.22 26.89
N ASP C 588 34.40 0.03 27.50
CA ASP C 588 35.41 -0.25 28.53
C ASP C 588 36.82 -0.25 27.95
N LEU C 589 36.98 -0.79 26.73
CA LEU C 589 38.28 -0.82 26.07
C LEU C 589 38.78 0.58 25.76
N CYS C 590 37.89 1.45 25.26
CA CYS C 590 38.28 2.82 24.96
C CYS C 590 38.64 3.60 26.22
N HIS C 591 37.89 3.39 27.32
CA HIS C 591 38.18 4.08 28.57
C HIS C 591 39.53 3.67 29.15
N SER C 592 39.80 2.36 29.21
CA SER C 592 41.09 1.90 29.72
C SER C 592 42.25 2.32 28.80
N PHE C 593 41.97 2.39 27.50
CA PHE C 593 42.99 2.79 26.55
C PHE C 593 43.37 4.26 26.73
N CYS C 594 42.36 5.13 26.89
CA CYS C 594 42.61 6.55 27.13
C CYS C 594 43.36 6.77 28.44
N SER C 595 43.06 5.95 29.46
CA SER C 595 43.79 6.04 30.72
C SER C 595 45.26 5.68 30.56
N LEU C 596 45.57 4.72 29.67
CA LEU C 596 46.98 4.43 29.37
C LEU C 596 47.64 5.59 28.63
N VAL C 597 47.01 6.08 27.56
CA VAL C 597 47.74 6.94 26.64
C VAL C 597 47.75 8.41 27.07
N SER C 598 46.98 8.79 28.09
CA SER C 598 47.00 10.18 28.54
C SER C 598 48.27 10.54 29.31
N GLN C 599 48.73 9.64 30.19
CA GLN C 599 49.77 9.98 31.16
C GLN C 599 51.19 9.78 30.65
N ASN C 600 51.37 9.31 29.42
CA ASN C 600 52.69 8.95 28.94
C ASN C 600 53.37 10.13 28.25
N LEU C 601 52.64 11.21 28.03
CA LEU C 601 52.92 12.20 26.99
C LEU C 601 53.51 11.57 25.74
N GLY C 602 54.78 11.84 25.44
CA GLY C 602 55.42 11.30 24.25
C GLY C 602 55.70 9.81 24.34
N PRO C 603 56.34 9.26 23.31
CA PRO C 603 56.68 7.83 23.32
C PRO C 603 57.69 7.48 24.41
N LEU C 604 57.24 6.70 25.39
CA LEU C 604 58.08 6.26 26.49
C LEU C 604 57.51 4.96 27.05
N ASP C 605 58.38 4.01 27.39
CA ASP C 605 57.97 2.74 27.95
C ASP C 605 57.88 2.80 29.47
N GLU C 606 56.68 3.06 29.99
CA GLU C 606 56.41 3.14 31.42
C GLU C 606 55.96 1.81 32.02
N ARG C 607 56.45 0.69 31.47
CA ARG C 607 55.87 -0.65 31.61
C ARG C 607 54.44 -0.60 31.08
N GLY C 608 54.27 0.08 29.94
CA GLY C 608 52.97 0.18 29.30
C GLY C 608 52.64 -0.98 28.40
N ALA C 609 53.63 -1.84 28.10
CA ALA C 609 53.39 -2.99 27.24
C ALA C 609 52.50 -4.03 27.90
N ALA C 610 52.52 -4.10 29.24
CA ALA C 610 51.63 -5.00 29.97
C ALA C 610 50.17 -4.60 29.80
N GLN C 611 49.90 -3.29 29.80
CA GLN C 611 48.55 -2.84 29.46
C GLN C 611 48.27 -3.05 27.98
N LEU C 612 49.29 -2.86 27.12
CA LEU C 612 49.11 -2.90 25.67
C LEU C 612 48.74 -4.31 25.20
N SER C 613 49.24 -5.35 25.88
CA SER C 613 48.87 -6.72 25.52
C SER C 613 47.39 -7.00 25.79
N ILE C 614 46.88 -6.53 26.93
CA ILE C 614 45.45 -6.64 27.23
C ILE C 614 44.64 -5.86 26.21
N LEU C 615 45.17 -4.71 25.80
CA LEU C 615 44.51 -3.88 24.80
C LEU C 615 44.43 -4.57 23.43
N VAL C 616 45.52 -5.22 22.99
CA VAL C 616 45.47 -5.88 21.68
C VAL C 616 44.58 -7.13 21.71
N LYS C 617 44.56 -7.84 22.85
CA LYS C 617 43.70 -9.04 22.94
C LYS C 617 42.23 -8.67 22.98
N GLY C 618 41.86 -7.67 23.80
CA GLY C 618 40.48 -7.19 23.79
C GLY C 618 40.11 -6.53 22.48
N PHE C 619 41.10 -5.92 21.81
CA PHE C 619 40.91 -5.30 20.51
C PHE C 619 40.52 -6.36 19.47
N SER C 620 41.16 -7.54 19.52
CA SER C 620 40.79 -8.64 18.64
C SER C 620 39.44 -9.27 19.01
N ARG C 621 39.12 -9.32 20.31
CA ARG C 621 37.84 -9.93 20.70
C ARG C 621 36.66 -9.04 20.30
N GLN C 622 36.70 -7.75 20.64
CA GLN C 622 35.68 -6.83 20.13
C GLN C 622 35.81 -6.57 18.63
N SER C 623 36.91 -6.99 18.00
CA SER C 623 36.99 -6.96 16.55
C SER C 623 35.98 -7.89 15.88
N SER C 624 35.97 -9.17 16.27
CA SER C 624 34.93 -10.05 15.73
C SER C 624 33.55 -9.67 16.25
N LEU C 625 33.48 -9.01 17.41
CA LEU C 625 32.17 -8.59 17.89
C LEU C 625 31.62 -7.37 17.14
N LEU C 626 32.48 -6.47 16.65
CA LEU C 626 31.91 -5.41 15.80
C LEU C 626 31.64 -5.94 14.39
N PHE C 627 32.34 -7.01 13.96
CA PHE C 627 31.82 -7.78 12.83
C PHE C 627 30.39 -8.28 13.04
N LYS C 628 30.04 -8.71 14.25
CA LYS C 628 28.70 -9.30 14.40
C LYS C 628 27.67 -8.22 14.79
N ILE C 629 28.15 -7.03 15.20
CA ILE C 629 27.36 -5.79 15.14
C ILE C 629 26.85 -5.58 13.74
N LEU C 630 27.74 -5.82 12.78
CA LEU C 630 27.96 -4.85 11.71
C LEU C 630 26.87 -4.93 10.62
N SER C 631 25.95 -5.91 10.66
CA SER C 631 24.65 -5.72 9.95
C SER C 631 23.45 -6.34 10.65
N HIS C 636 17.68 -7.33 13.10
CA HIS C 636 17.82 -5.92 12.73
C HIS C 636 17.18 -5.66 11.38
N GLN C 637 17.98 -5.86 10.32
CA GLN C 637 17.63 -5.52 8.93
C GLN C 637 17.29 -4.05 8.78
N ILE C 638 18.08 -3.20 9.42
CA ILE C 638 17.85 -1.76 9.53
C ILE C 638 19.06 -1.02 9.00
N ASN C 639 18.81 -0.03 8.12
CA ASN C 639 19.81 0.50 7.19
C ASN C 639 20.99 1.11 7.91
N SER C 640 20.77 1.65 9.11
CA SER C 640 21.88 2.10 9.92
C SER C 640 22.70 0.93 10.44
N ASP C 641 22.07 -0.03 11.14
CA ASP C 641 22.87 -1.17 11.59
C ASP C 641 23.33 -2.04 10.42
N LEU C 642 22.58 -2.03 9.31
CA LEU C 642 23.03 -2.71 8.10
C LEU C 642 24.13 -1.95 7.37
N ALA C 643 24.41 -0.70 7.76
CA ALA C 643 25.28 0.15 6.95
C ALA C 643 26.75 -0.26 6.99
N GLN C 644 27.09 -1.37 7.66
CA GLN C 644 28.48 -1.51 7.97
C GLN C 644 29.06 -2.93 7.86
N LEU C 645 28.31 -4.07 7.70
CA LEU C 645 29.03 -5.38 7.75
C LEU C 645 29.92 -5.59 6.53
N LEU C 646 29.95 -4.63 5.66
CA LEU C 646 31.05 -4.62 4.76
C LEU C 646 32.21 -3.80 5.36
N LEU C 647 31.97 -2.83 6.28
CA LEU C 647 32.96 -1.81 6.72
C LEU C 647 34.04 -2.29 7.68
N ARG C 648 33.91 -3.41 8.36
CA ARG C 648 35.18 -3.98 8.81
C ARG C 648 35.46 -5.37 8.24
N LEU C 649 34.46 -6.06 7.67
CA LEU C 649 34.66 -7.23 6.80
C LEU C 649 35.08 -6.93 5.36
N ASP C 650 36.38 -6.78 5.06
CA ASP C 650 36.77 -6.87 3.66
C ASP C 650 38.08 -7.66 3.51
N TYR C 651 39.09 -7.31 4.30
CA TYR C 651 40.38 -7.98 4.22
C TYR C 651 40.68 -8.81 5.46
N ASN C 652 39.71 -8.92 6.36
CA ASN C 652 39.58 -10.01 7.34
C ASN C 652 40.80 -10.08 8.27
N LYS C 653 41.27 -8.90 8.64
CA LYS C 653 42.26 -8.73 9.69
C LYS C 653 41.61 -8.81 11.06
N TYR C 654 40.30 -9.07 11.08
CA TYR C 654 39.50 -9.17 12.28
C TYR C 654 38.55 -10.37 12.19
N TYR C 655 38.84 -11.29 11.28
CA TYR C 655 37.99 -12.44 10.99
C TYR C 655 38.89 -13.65 11.17
N THR C 656 40.15 -13.43 10.85
CA THR C 656 41.22 -14.41 10.97
C THR C 656 42.21 -14.06 12.07
N GLN C 657 42.30 -12.78 12.44
CA GLN C 657 42.99 -12.39 13.67
C GLN C 657 41.92 -12.22 14.74
N LEU D 282 -90.26 -22.14 28.90
CA LEU D 282 -89.05 -21.58 28.31
C LEU D 282 -87.99 -21.34 29.37
N TRP D 283 -86.79 -20.95 28.90
CA TRP D 283 -85.60 -20.71 29.70
C TRP D 283 -85.28 -21.81 30.72
N GLU D 284 -85.44 -21.51 32.01
CA GLU D 284 -85.05 -22.44 33.07
C GLU D 284 -85.88 -23.72 33.06
N ALA D 285 -87.18 -23.61 32.77
CA ALA D 285 -88.04 -24.78 32.71
C ALA D 285 -87.70 -25.65 31.50
N ALA D 286 -87.43 -25.01 30.37
CA ALA D 286 -87.06 -25.74 29.15
C ALA D 286 -85.72 -26.45 29.31
N LEU D 287 -84.75 -25.79 29.95
CA LEU D 287 -83.46 -26.42 30.23
C LEU D 287 -83.60 -27.57 31.24
N THR D 288 -84.47 -27.39 32.23
CA THR D 288 -84.68 -28.42 33.24
C THR D 288 -85.34 -29.67 32.63
N TYR D 289 -86.30 -29.46 31.72
CA TYR D 289 -86.93 -30.58 31.01
C TYR D 289 -85.99 -31.33 30.08
N GLU D 290 -85.22 -30.59 29.27
CA GLU D 290 -84.57 -31.07 28.05
C GLU D 290 -83.69 -32.31 28.21
N ALA D 291 -83.93 -33.30 27.36
CA ALA D 291 -83.14 -34.53 27.37
C ALA D 291 -81.74 -34.26 26.83
N SER D 292 -80.75 -34.96 27.39
CA SER D 292 -79.37 -34.68 27.09
C SER D 292 -78.95 -35.36 25.78
N LYS D 293 -77.95 -34.75 25.13
CA LYS D 293 -77.29 -35.38 24.00
C LYS D 293 -76.29 -36.45 24.43
N ARG D 294 -75.83 -36.38 25.67
CA ARG D 294 -75.09 -37.48 26.28
C ARG D 294 -76.07 -38.52 26.82
N ARG D 295 -75.85 -39.77 26.46
CA ARG D 295 -76.46 -40.90 27.15
C ARG D 295 -75.31 -41.67 27.80
N CYS D 296 -75.44 -41.95 29.11
CA CYS D 296 -74.34 -42.48 29.89
C CYS D 296 -73.96 -43.89 29.46
N TRP D 297 -72.70 -44.24 29.73
CA TRP D 297 -72.28 -45.63 29.63
C TRP D 297 -72.66 -46.42 30.88
N GLU D 298 -73.15 -45.75 31.93
CA GLU D 298 -73.67 -46.45 33.11
C GLU D 298 -74.88 -47.29 32.75
N ARG D 299 -75.88 -46.65 32.13
CA ARG D 299 -77.16 -47.27 31.80
C ARG D 299 -77.52 -46.87 30.38
N VAL D 300 -78.08 -47.81 29.62
CA VAL D 300 -78.51 -47.56 28.26
C VAL D 300 -79.95 -48.02 28.08
N GLY D 301 -80.62 -47.43 27.10
CA GLY D 301 -81.96 -47.83 26.74
C GLY D 301 -83.06 -47.08 27.45
N CYS D 302 -83.86 -46.35 26.67
CA CYS D 302 -85.01 -45.58 27.14
C CYS D 302 -84.76 -44.64 28.33
N PRO D 303 -83.95 -43.59 28.15
CA PRO D 303 -83.72 -42.68 29.27
C PRO D 303 -84.82 -41.64 29.36
N PRO D 304 -85.08 -41.13 30.56
CA PRO D 304 -85.80 -39.85 30.67
C PRO D 304 -84.87 -38.65 30.57
N GLY D 305 -83.58 -38.84 30.84
CA GLY D 305 -82.57 -37.82 30.66
C GLY D 305 -82.51 -36.83 31.80
N HIS D 306 -81.32 -36.63 32.36
CA HIS D 306 -81.12 -35.57 33.33
C HIS D 306 -79.70 -34.99 33.33
N ARG D 307 -79.51 -34.00 32.46
CA ARG D 307 -78.50 -32.94 32.55
C ARG D 307 -77.06 -33.39 32.75
N GLU D 308 -76.23 -32.49 33.25
CA GLU D 308 -74.88 -32.77 33.68
C GLU D 308 -74.84 -32.91 35.20
N GLU D 309 -73.85 -33.67 35.67
CA GLU D 309 -73.42 -33.60 37.07
C GLU D 309 -72.43 -32.45 37.15
N PRO D 310 -72.71 -31.40 37.93
CA PRO D 310 -71.80 -30.25 37.97
C PRO D 310 -70.48 -30.60 38.61
N TYR D 311 -69.47 -29.81 38.28
CA TYR D 311 -68.15 -29.94 38.85
C TYR D 311 -67.94 -29.05 40.04
N LEU D 312 -66.78 -29.24 40.59
CA LEU D 312 -66.49 -28.76 41.91
C LEU D 312 -65.70 -27.47 41.81
N THR D 313 -64.77 -27.38 40.85
CA THR D 313 -64.25 -26.11 40.34
C THR D 313 -65.27 -25.34 39.48
N GLU D 314 -66.40 -25.95 39.14
CA GLU D 314 -67.43 -25.27 38.38
C GLU D 314 -68.10 -24.31 39.37
N ALA D 315 -68.29 -23.05 38.94
CA ALA D 315 -68.83 -21.96 39.73
C ALA D 315 -68.00 -21.72 40.99
N GLY D 316 -66.80 -21.18 40.84
CA GLY D 316 -65.87 -21.07 41.95
C GLY D 316 -65.95 -19.85 42.86
N ARG D 317 -67.07 -19.13 42.84
CA ARG D 317 -67.25 -17.96 43.69
C ARG D 317 -68.53 -17.97 44.52
N ASP D 318 -69.02 -19.14 44.91
CA ASP D 318 -70.22 -19.14 45.76
C ASP D 318 -70.09 -20.13 46.91
N ALA D 319 -69.07 -20.98 46.88
CA ALA D 319 -68.90 -22.00 47.91
C ALA D 319 -67.72 -21.74 48.85
N PHE D 320 -67.20 -20.51 48.90
CA PHE D 320 -66.16 -20.15 49.87
C PHE D 320 -66.63 -20.37 51.31
N ASP D 321 -67.91 -20.11 51.58
CA ASP D 321 -68.43 -20.11 52.94
C ASP D 321 -68.41 -21.50 53.59
N LYS D 322 -68.91 -22.52 52.87
CA LYS D 322 -68.86 -23.92 53.27
C LYS D 322 -67.45 -24.35 53.69
N PHE D 323 -66.48 -24.02 52.85
CA PHE D 323 -65.13 -24.50 53.14
C PHE D 323 -64.38 -23.60 54.12
N CYS D 324 -64.69 -22.32 54.19
CA CYS D 324 -64.04 -21.51 55.22
C CYS D 324 -64.40 -22.01 56.60
N ARG D 325 -65.65 -22.44 56.77
CA ARG D 325 -65.99 -23.28 57.93
C ARG D 325 -65.20 -24.61 57.97
N LEU D 326 -65.07 -25.32 56.84
CA LEU D 326 -64.41 -26.63 56.89
C LEU D 326 -62.89 -26.56 57.15
N HIS D 327 -62.19 -25.60 56.53
CA HIS D 327 -60.77 -25.37 56.79
C HIS D 327 -60.57 -24.95 58.23
N GLN D 328 -61.50 -24.12 58.74
CA GLN D 328 -61.47 -23.80 60.15
C GLN D 328 -61.57 -25.07 61.00
N GLY D 329 -62.43 -26.01 60.61
CA GLY D 329 -62.54 -27.26 61.36
C GLY D 329 -61.29 -28.13 61.30
N GLU D 330 -60.67 -28.24 60.11
CA GLU D 330 -59.41 -28.98 59.99
C GLU D 330 -58.29 -28.32 60.77
N LEU D 331 -58.30 -26.99 60.86
CA LEU D 331 -57.33 -26.29 61.69
C LEU D 331 -57.61 -26.51 63.18
N GLN D 332 -58.88 -26.52 63.57
CA GLN D 332 -59.25 -26.65 64.99
C GLN D 332 -58.92 -28.04 65.50
N LEU D 333 -59.01 -29.05 64.62
CA LEU D 333 -58.65 -30.41 65.02
C LEU D 333 -57.17 -30.52 65.37
N LEU D 334 -56.30 -29.89 64.58
CA LEU D 334 -54.87 -29.94 64.90
C LEU D 334 -54.49 -28.96 66.00
N ALA D 335 -55.25 -27.88 66.18
CA ALA D 335 -54.90 -26.86 67.16
C ALA D 335 -55.53 -27.08 68.52
N GLY D 336 -56.23 -28.19 68.70
CA GLY D 336 -56.85 -28.48 69.99
C GLY D 336 -58.29 -28.05 70.08
N GLY D 337 -58.61 -26.89 69.50
CA GLY D 337 -59.95 -26.38 69.55
C GLY D 337 -60.05 -24.87 69.62
N VAL D 338 -58.97 -24.17 69.98
CA VAL D 338 -58.95 -22.71 69.94
C VAL D 338 -57.73 -22.24 69.15
N LEU D 339 -57.91 -22.01 67.85
CA LEU D 339 -56.98 -21.16 67.12
C LEU D 339 -57.74 -20.10 66.33
N GLN D 340 -58.83 -20.53 65.69
CA GLN D 340 -59.71 -19.73 64.81
C GLN D 340 -59.00 -19.06 63.64
N ALA D 341 -59.80 -18.40 62.79
CA ALA D 341 -59.34 -17.69 61.61
C ALA D 341 -60.41 -16.70 61.18
N PRO D 342 -60.24 -15.40 61.44
CA PRO D 342 -61.21 -14.41 60.97
C PRO D 342 -61.30 -14.34 59.45
N GLN D 343 -62.34 -13.65 58.97
CA GLN D 343 -62.77 -13.52 57.58
C GLN D 343 -63.09 -14.86 56.92
N PRO D 344 -64.21 -15.53 57.27
CA PRO D 344 -64.65 -16.67 56.45
C PRO D 344 -65.27 -16.20 55.14
N VAL D 345 -65.77 -14.96 55.17
CA VAL D 345 -66.08 -14.15 54.00
C VAL D 345 -66.01 -12.75 54.58
N LEU D 346 -65.85 -11.74 53.71
CA LEU D 346 -66.48 -10.40 53.69
C LEU D 346 -65.85 -9.59 52.55
N VAL D 347 -66.53 -8.55 52.05
CA VAL D 347 -67.94 -8.15 52.18
C VAL D 347 -68.62 -8.37 50.85
N LYS D 348 -68.13 -7.63 49.86
CA LYS D 348 -68.50 -7.72 48.46
C LYS D 348 -67.20 -7.65 47.67
N GLU D 349 -67.30 -7.42 46.37
CA GLU D 349 -66.15 -6.91 45.65
C GLU D 349 -66.02 -5.40 45.79
N CYS D 350 -67.11 -4.67 45.56
CA CYS D 350 -67.04 -3.21 45.46
C CYS D 350 -66.81 -2.52 46.81
N GLU D 351 -67.45 -2.99 47.88
CA GLU D 351 -67.28 -2.39 49.19
C GLU D 351 -65.86 -2.59 49.73
N LEU D 352 -65.32 -3.79 49.51
CA LEU D 352 -63.93 -4.08 49.85
C LEU D 352 -62.98 -3.19 49.07
N VAL D 353 -63.28 -2.97 47.78
CA VAL D 353 -62.49 -2.08 46.93
C VAL D 353 -62.50 -0.65 47.47
N LYS D 354 -63.68 -0.15 47.86
CA LYS D 354 -63.78 1.22 48.36
C LYS D 354 -63.05 1.39 49.68
N ASP D 355 -63.09 0.37 50.55
CA ASP D 355 -62.34 0.45 51.80
C ASP D 355 -60.82 0.40 51.56
N VAL D 356 -60.37 -0.46 50.64
CA VAL D 356 -58.94 -0.54 50.32
C VAL D 356 -58.46 0.75 49.65
N LEU D 357 -59.31 1.37 48.82
CA LEU D 357 -58.97 2.68 48.27
C LEU D 357 -58.91 3.76 49.36
N ASN D 358 -59.76 3.63 50.39
CA ASN D 358 -59.69 4.55 51.51
C ASN D 358 -58.46 4.32 52.38
N VAL D 359 -57.88 3.12 52.33
CA VAL D 359 -56.66 2.84 53.11
C VAL D 359 -55.49 3.66 52.60
N LEU D 360 -55.32 3.75 51.28
CA LEU D 360 -54.19 4.50 50.70
C LEU D 360 -54.29 6.00 50.95
N ILE D 361 -55.49 6.54 51.10
CA ILE D 361 -55.63 7.94 51.49
C ILE D 361 -55.22 8.13 52.94
N GLY D 362 -55.63 7.20 53.81
CA GLY D 362 -55.23 7.28 55.21
C GLY D 362 -56.34 6.95 56.19
N VAL D 363 -57.55 6.75 55.68
CA VAL D 363 -58.67 6.33 56.53
C VAL D 363 -58.58 4.82 56.71
N VAL D 364 -58.44 4.39 57.97
CA VAL D 364 -58.34 2.96 58.25
C VAL D 364 -59.73 2.33 58.15
N SER D 365 -59.75 1.02 57.90
CA SER D 365 -61.00 0.31 57.72
C SER D 365 -61.58 -0.14 59.06
N ALA D 366 -62.61 -0.99 59.02
CA ALA D 366 -63.19 -1.55 60.23
C ALA D 366 -62.33 -2.66 60.83
N THR D 367 -61.37 -3.19 60.07
CA THR D 367 -60.44 -4.18 60.58
C THR D 367 -59.14 -3.57 61.07
N PHE D 368 -59.00 -2.24 61.01
CA PHE D 368 -57.79 -1.56 61.47
C PHE D 368 -58.16 -0.42 62.39
N SER D 369 -57.14 0.08 63.08
CA SER D 369 -57.21 1.33 63.82
C SER D 369 -55.89 2.05 63.66
N LEU D 370 -55.93 3.37 63.71
CA LEU D 370 -54.73 4.17 63.50
C LEU D 370 -53.85 4.22 64.75
N PRO D 390 -62.61 -14.62 52.65
CA PRO D 390 -61.66 -15.73 52.78
C PRO D 390 -60.41 -15.34 53.58
N GLU D 391 -59.54 -16.32 53.85
CA GLU D 391 -58.46 -16.12 54.80
C GLU D 391 -57.31 -15.28 54.24
N SER D 392 -57.13 -15.23 52.93
CA SER D 392 -56.01 -14.48 52.37
C SER D 392 -56.38 -13.07 51.92
N ILE D 393 -57.55 -12.57 52.30
CA ILE D 393 -57.84 -11.14 52.17
C ILE D 393 -56.83 -10.34 52.99
N SER D 394 -56.54 -10.83 54.21
CA SER D 394 -55.46 -10.30 55.04
C SER D 394 -54.10 -10.41 54.36
N SER D 395 -53.96 -11.35 53.42
CA SER D 395 -52.71 -11.44 52.67
C SER D 395 -52.59 -10.33 51.65
N LEU D 396 -53.71 -9.90 51.06
CA LEU D 396 -53.70 -8.68 50.26
C LEU D 396 -53.40 -7.49 51.15
N LEU D 397 -54.16 -7.40 52.24
CA LEU D 397 -54.40 -6.14 52.93
C LEU D 397 -53.12 -5.61 53.57
N SER D 398 -52.27 -6.53 54.06
CA SER D 398 -51.01 -6.17 54.70
C SER D 398 -50.08 -5.39 53.77
N GLU D 399 -50.13 -5.65 52.46
CA GLU D 399 -49.26 -4.87 51.59
C GLU D 399 -49.92 -3.57 51.14
N VAL D 400 -51.25 -3.47 51.19
CA VAL D 400 -51.84 -2.19 50.80
C VAL D 400 -52.01 -1.29 52.01
N ALA D 401 -52.01 -1.86 53.23
CA ALA D 401 -52.02 -1.05 54.44
C ALA D 401 -50.70 -0.32 54.63
N GLU D 402 -49.58 -1.01 54.40
CA GLU D 402 -48.26 -0.45 54.65
C GLU D 402 -47.99 0.76 53.75
N TYR D 403 -48.30 0.63 52.45
CA TYR D 403 -48.23 1.76 51.52
C TYR D 403 -49.17 2.89 51.94
N GLY D 404 -50.29 2.55 52.58
CA GLY D 404 -51.13 3.58 53.15
C GLY D 404 -50.48 4.28 54.33
N THR D 405 -49.85 3.51 55.24
CA THR D 405 -49.42 4.06 56.52
C THR D 405 -48.26 5.02 56.39
N CYS D 406 -47.47 4.90 55.33
CA CYS D 406 -46.41 5.86 55.08
C CYS D 406 -46.92 7.12 54.40
N TYR D 407 -48.03 7.02 53.66
CA TYR D 407 -48.59 8.18 52.97
C TYR D 407 -49.04 9.24 53.97
N THR D 408 -49.72 8.82 55.03
CA THR D 408 -50.02 9.69 56.17
C THR D 408 -48.74 10.28 56.76
N ARG D 409 -47.68 9.47 56.84
CA ARG D 409 -46.38 9.92 57.34
C ARG D 409 -45.72 10.97 56.44
N LEU D 410 -46.21 11.18 55.22
CA LEU D 410 -45.80 12.37 54.51
C LEU D 410 -46.74 13.54 54.75
N SER D 411 -48.05 13.29 54.79
CA SER D 411 -49.01 14.38 54.97
C SER D 411 -48.93 14.95 56.37
N HIS D 412 -48.70 14.11 57.38
CA HIS D 412 -48.40 14.59 58.72
C HIS D 412 -47.08 15.36 58.75
N PHE D 413 -46.15 15.01 57.87
CA PHE D 413 -44.91 15.76 57.72
C PHE D 413 -45.07 16.91 56.71
N SER D 414 -46.29 17.09 56.18
CA SER D 414 -46.61 18.24 55.35
C SER D 414 -47.85 18.95 55.87
N LEU D 415 -48.15 18.77 57.16
CA LEU D 415 -49.27 19.45 57.79
C LEU D 415 -49.04 20.95 57.89
N GLN D 416 -47.79 21.36 58.07
CA GLN D 416 -47.36 22.74 58.04
C GLN D 416 -46.35 22.92 56.91
N PRO D 417 -46.28 24.12 56.31
CA PRO D 417 -45.26 24.38 55.29
C PRO D 417 -43.87 24.53 55.89
N LYS D 425 -37.01 26.63 61.88
CA LYS D 425 -37.45 25.85 60.73
C LYS D 425 -36.42 25.86 59.61
N GLY D 426 -36.33 26.98 58.93
CA GLY D 426 -35.49 27.12 57.74
C GLY D 426 -36.36 27.26 56.51
N LEU D 427 -35.97 28.17 55.62
CA LEU D 427 -36.77 28.43 54.43
C LEU D 427 -36.60 27.34 53.38
N VAL D 428 -35.40 26.77 53.26
CA VAL D 428 -35.18 25.63 52.37
C VAL D 428 -35.90 24.40 52.86
N PHE D 429 -36.10 24.29 54.19
CA PHE D 429 -36.92 23.24 54.77
C PHE D 429 -38.38 23.38 54.33
N GLN D 430 -38.89 24.62 54.30
CA GLN D 430 -40.23 24.88 53.78
C GLN D 430 -40.32 24.58 52.29
N ALA D 431 -39.24 24.86 51.54
CA ALA D 431 -39.21 24.55 50.11
C ALA D 431 -39.24 23.04 49.87
N PHE D 432 -38.53 22.28 50.71
CA PHE D 432 -38.56 20.82 50.62
C PHE D 432 -39.95 20.26 50.95
N THR D 433 -40.61 20.85 51.97
CA THR D 433 -41.98 20.44 52.31
C THR D 433 -42.95 20.75 51.17
N SER D 434 -42.81 21.92 50.55
CA SER D 434 -43.66 22.27 49.41
C SER D 434 -43.36 21.42 48.19
N GLY D 435 -42.12 20.93 48.07
CA GLY D 435 -41.82 19.96 47.02
C GLY D 435 -42.46 18.61 47.25
N LEU D 436 -42.52 18.16 48.51
CA LEU D 436 -43.22 16.92 48.84
C LEU D 436 -44.73 17.06 48.62
N ARG D 437 -45.25 18.29 48.82
CA ARG D 437 -46.67 18.57 48.60
C ARG D 437 -47.07 18.37 47.14
N ARG D 438 -46.13 18.58 46.20
CA ARG D 438 -46.40 18.33 44.79
C ARG D 438 -46.58 16.84 44.48
N TYR D 439 -45.81 15.96 45.12
CA TYR D 439 -46.04 14.53 44.97
C TYR D 439 -47.35 14.10 45.63
N LEU D 440 -47.72 14.74 46.74
CA LEU D 440 -49.05 14.50 47.32
C LEU D 440 -50.16 14.90 46.34
N GLN D 441 -50.01 16.03 45.67
CA GLN D 441 -51.03 16.51 44.74
C GLN D 441 -51.08 15.65 43.46
N TYR D 442 -49.94 15.08 43.05
CA TYR D 442 -49.96 14.10 41.97
C TYR D 442 -50.68 12.82 42.40
N TYR D 443 -50.37 12.34 43.61
CA TYR D 443 -50.88 11.04 44.04
C TYR D 443 -52.38 11.07 44.30
N ARG D 444 -52.90 12.20 44.77
CA ARG D 444 -54.35 12.27 44.96
C ARG D 444 -55.10 12.30 43.63
N ALA D 445 -54.45 12.80 42.58
CA ALA D 445 -55.05 12.76 41.24
C ALA D 445 -54.91 11.38 40.61
N CYS D 446 -53.89 10.62 41.00
CA CYS D 446 -53.73 9.26 40.47
C CYS D 446 -54.86 8.34 40.91
N VAL D 447 -55.31 8.46 42.16
CA VAL D 447 -56.30 7.55 42.72
C VAL D 447 -57.69 8.14 42.48
N LEU D 448 -58.69 7.26 42.32
CA LEU D 448 -60.10 7.59 42.04
C LEU D 448 -60.28 8.33 40.73
N SER D 449 -59.39 8.11 39.78
CA SER D 449 -59.63 8.39 38.37
C SER D 449 -59.51 7.14 37.52
N THR D 450 -58.41 6.39 37.69
CA THR D 450 -58.17 5.09 37.08
C THR D 450 -58.89 3.94 37.82
N PRO D 451 -58.95 3.87 39.16
CA PRO D 451 -59.89 2.92 39.80
C PRO D 451 -61.16 3.58 40.33
N PRO D 452 -62.18 3.88 39.49
CA PRO D 452 -63.45 4.34 40.07
C PRO D 452 -64.37 3.20 40.46
N THR D 453 -63.96 2.45 41.49
CA THR D 453 -64.59 1.22 41.97
C THR D 453 -64.63 0.19 40.84
N LEU D 454 -63.45 -0.33 40.50
CA LEU D 454 -63.32 -1.51 39.65
C LEU D 454 -63.03 -2.67 40.58
N SER D 455 -62.70 -3.83 40.02
CA SER D 455 -62.52 -5.04 40.81
C SER D 455 -61.26 -4.95 41.69
N LEU D 456 -61.09 -5.99 42.52
CA LEU D 456 -60.20 -5.90 43.68
C LEU D 456 -58.73 -5.83 43.27
N LEU D 457 -58.35 -6.56 42.22
CA LEU D 457 -56.94 -6.73 41.96
C LEU D 457 -56.35 -5.57 41.16
N THR D 458 -57.19 -4.81 40.43
CA THR D 458 -56.72 -3.61 39.75
C THR D 458 -56.14 -2.60 40.73
N ILE D 459 -56.71 -2.55 41.93
CA ILE D 459 -56.24 -1.67 43.01
C ILE D 459 -54.82 -2.07 43.42
N GLY D 460 -54.58 -3.37 43.59
CA GLY D 460 -53.27 -3.82 44.01
C GLY D 460 -52.24 -3.77 42.90
N PHE D 461 -52.66 -3.97 41.65
CA PHE D 461 -51.71 -3.96 40.55
C PHE D 461 -51.28 -2.55 40.20
N LEU D 462 -52.22 -1.60 40.22
CA LEU D 462 -51.92 -0.23 39.80
C LEU D 462 -50.99 0.47 40.79
N PHE D 463 -51.15 0.20 42.08
CA PHE D 463 -50.36 0.84 43.11
C PHE D 463 -49.26 -0.08 43.66
N LYS D 464 -48.81 -1.04 42.87
CA LYS D 464 -47.62 -1.82 43.19
C LYS D 464 -46.36 -1.17 42.64
N LYS D 465 -46.38 -0.78 41.37
CA LYS D 465 -45.28 0.01 40.81
C LYS D 465 -45.26 1.43 41.37
N LEU D 466 -46.41 1.94 41.82
CA LEU D 466 -46.50 3.29 42.36
C LEU D 466 -46.30 3.36 43.87
N GLY D 467 -46.69 2.33 44.61
CA GLY D 467 -46.58 2.35 46.06
C GLY D 467 -45.16 2.20 46.58
N ARG D 468 -44.34 1.45 45.83
CA ARG D 468 -42.94 1.27 46.16
C ARG D 468 -42.14 2.55 46.00
N GLN D 469 -42.47 3.32 44.95
CA GLN D 469 -41.90 4.64 44.74
C GLN D 469 -42.26 5.59 45.89
N LEU D 470 -43.46 5.41 46.46
CA LEU D 470 -43.88 6.18 47.63
C LEU D 470 -43.16 5.71 48.89
N ARG D 471 -42.90 4.39 48.99
CA ARG D 471 -42.22 3.84 50.15
C ARG D 471 -40.75 4.27 50.20
N TYR D 472 -40.14 4.52 49.04
CA TYR D 472 -38.80 5.08 49.01
C TYR D 472 -38.78 6.49 49.61
N LEU D 473 -39.80 7.30 49.27
CA LEU D 473 -39.94 8.64 49.83
C LEU D 473 -40.24 8.62 51.32
N ALA D 474 -40.87 7.54 51.80
CA ALA D 474 -40.97 7.32 53.24
C ALA D 474 -39.59 7.15 53.87
N GLU D 475 -38.67 6.44 53.20
CA GLU D 475 -37.32 6.29 53.73
C GLU D 475 -36.54 7.58 53.67
N LEU D 476 -36.80 8.44 52.68
CA LEU D 476 -36.09 9.71 52.58
C LEU D 476 -36.41 10.63 53.75
N CYS D 477 -37.67 10.71 54.16
CA CYS D 477 -38.06 11.58 55.26
C CYS D 477 -37.71 10.95 56.60
N GLY D 478 -37.86 11.75 57.66
CA GLY D 478 -37.69 11.26 59.01
C GLY D 478 -38.95 10.59 59.50
N VAL D 479 -40.10 11.15 59.15
CA VAL D 479 -41.39 10.53 59.42
C VAL D 479 -41.89 9.85 58.16
N ALA D 494 -33.65 13.31 65.40
CA ALA D 494 -33.52 14.55 64.64
C ALA D 494 -33.65 14.29 63.14
N PHE D 495 -33.70 15.38 62.37
CA PHE D 495 -33.81 15.33 60.93
C PHE D 495 -32.97 16.51 60.46
N PRO D 496 -32.19 16.36 59.38
CA PRO D 496 -31.38 17.49 58.89
C PRO D 496 -32.24 18.67 58.43
N THR D 497 -31.76 19.87 58.75
CA THR D 497 -32.48 21.09 58.42
C THR D 497 -31.45 22.17 58.11
N GLY D 498 -31.92 23.24 57.45
CA GLY D 498 -31.01 24.27 56.98
C GLY D 498 -30.17 23.75 55.82
N VAL D 499 -28.92 24.23 55.75
CA VAL D 499 -27.99 23.80 54.71
C VAL D 499 -27.65 22.32 54.85
N LYS D 500 -27.69 21.80 56.08
CA LYS D 500 -27.51 20.37 56.31
C LYS D 500 -28.60 19.54 55.64
N LEU D 501 -29.80 20.10 55.48
CA LEU D 501 -30.79 19.43 54.63
C LEU D 501 -30.39 19.54 53.17
N LEU D 502 -29.99 20.73 52.72
CA LEU D 502 -29.85 21.00 51.29
C LEU D 502 -28.65 20.27 50.70
N SER D 503 -27.60 20.07 51.51
CA SER D 503 -26.50 19.21 51.08
C SER D 503 -26.93 17.74 51.08
N TYR D 504 -27.76 17.34 52.06
CA TYR D 504 -28.19 15.95 52.18
C TYR D 504 -29.07 15.55 51.00
N LEU D 505 -29.93 16.47 50.54
CA LEU D 505 -30.67 16.25 49.31
C LEU D 505 -29.76 16.35 48.09
N TYR D 506 -28.65 17.08 48.20
CA TYR D 506 -27.73 17.22 47.08
C TYR D 506 -26.97 15.91 46.83
N GLN D 507 -26.31 15.39 47.88
CA GLN D 507 -25.55 14.15 47.82
C GLN D 507 -26.38 12.96 47.40
N GLU D 508 -27.66 12.94 47.81
CA GLU D 508 -28.60 11.90 47.40
C GLU D 508 -28.77 11.86 45.87
N ALA D 509 -28.78 13.03 45.22
CA ALA D 509 -28.95 13.08 43.78
C ALA D 509 -27.73 12.50 43.06
N LEU D 510 -26.55 12.62 43.67
CA LEU D 510 -25.37 11.94 43.14
C LEU D 510 -25.42 10.45 43.44
N HIS D 511 -26.10 10.06 44.53
CA HIS D 511 -26.13 8.64 44.90
C HIS D 511 -27.06 7.86 43.99
N ASN D 512 -28.10 8.51 43.48
CA ASN D 512 -29.08 7.88 42.59
C ASN D 512 -28.97 8.60 41.25
N CYS D 513 -28.29 7.95 40.31
CA CYS D 513 -28.20 8.44 38.94
C CYS D 513 -29.42 8.08 38.13
N SER D 514 -29.84 6.80 38.16
CA SER D 514 -31.03 6.40 37.41
C SER D 514 -31.73 5.27 38.15
N ASN D 515 -32.99 5.52 38.50
CA ASN D 515 -33.91 4.59 39.16
C ASN D 515 -35.29 5.15 38.86
N GLU D 516 -36.33 4.43 39.29
CA GLU D 516 -37.66 5.00 39.16
C GLU D 516 -37.91 6.12 40.18
N HIS D 517 -37.10 6.19 41.24
CA HIS D 517 -37.17 7.26 42.21
C HIS D 517 -36.35 8.48 41.80
N TYR D 518 -35.56 8.38 40.73
CA TYR D 518 -34.71 9.49 40.29
C TYR D 518 -35.46 10.76 39.85
N PRO D 519 -36.54 10.71 39.03
CA PRO D 519 -37.24 11.97 38.72
C PRO D 519 -37.90 12.63 39.92
N VAL D 520 -38.30 11.86 40.94
CA VAL D 520 -38.91 12.46 42.12
C VAL D 520 -37.87 13.22 42.93
N LEU D 521 -36.67 12.63 43.09
CA LEU D 521 -35.58 13.33 43.75
C LEU D 521 -35.12 14.55 42.94
N LEU D 522 -35.13 14.45 41.61
CA LEU D 522 -34.76 15.60 40.79
C LEU D 522 -35.78 16.72 40.89
N SER D 523 -37.08 16.36 40.97
CA SER D 523 -38.12 17.37 41.13
C SER D 523 -38.08 18.01 42.52
N LEU D 524 -37.70 17.25 43.54
CA LEU D 524 -37.50 17.83 44.87
C LEU D 524 -36.30 18.76 44.88
N LEU D 525 -35.20 18.36 44.23
CA LEU D 525 -33.98 19.14 44.25
C LEU D 525 -34.09 20.40 43.41
N LYS D 526 -34.90 20.37 42.34
CA LYS D 526 -35.09 21.53 41.48
C LYS D 526 -35.77 22.68 42.21
N THR D 527 -36.77 22.37 43.05
CA THR D 527 -37.44 23.38 43.85
C THR D 527 -36.83 23.59 45.22
N SER D 528 -35.89 22.74 45.63
CA SER D 528 -35.24 22.91 46.93
C SER D 528 -34.09 23.92 46.89
N CYS D 529 -33.66 24.34 45.71
CA CYS D 529 -32.58 25.31 45.57
C CYS D 529 -33.08 26.69 45.18
N GLU D 530 -34.40 26.89 45.12
CA GLU D 530 -34.95 28.22 44.82
C GLU D 530 -34.64 29.26 45.90
N PRO D 531 -34.83 29.02 47.22
CA PRO D 531 -34.40 30.04 48.18
C PRO D 531 -32.89 30.23 48.23
N TYR D 532 -32.10 29.20 47.94
CA TYR D 532 -30.64 29.36 47.91
C TYR D 532 -30.21 30.27 46.75
N THR D 533 -30.85 30.12 45.58
CA THR D 533 -30.58 31.04 44.49
C THR D 533 -31.07 32.45 44.80
N ARG D 534 -32.14 32.56 45.59
CA ARG D 534 -32.59 33.88 46.03
C ARG D 534 -31.61 34.51 47.01
N PHE D 535 -30.96 33.71 47.86
CA PHE D 535 -29.89 34.24 48.71
C PHE D 535 -28.66 34.64 47.90
N ILE D 536 -28.35 33.86 46.87
CA ILE D 536 -27.21 34.18 46.00
C ILE D 536 -27.46 35.47 45.24
N HIS D 537 -28.72 35.72 44.86
CA HIS D 537 -29.12 36.94 44.15
C HIS D 537 -29.00 38.20 45.00
N ASP D 538 -28.82 38.07 46.33
CA ASP D 538 -28.85 39.23 47.22
C ASP D 538 -27.55 40.02 47.21
N TRP D 539 -26.40 39.35 47.39
CA TRP D 539 -25.13 40.05 47.50
C TRP D 539 -24.71 40.75 46.22
N VAL D 540 -25.12 40.23 45.06
CA VAL D 540 -24.73 40.81 43.79
C VAL D 540 -25.52 42.06 43.46
N TYR D 541 -26.84 42.02 43.69
CA TYR D 541 -27.73 43.06 43.20
C TYR D 541 -28.06 44.12 44.22
N SER D 542 -27.90 43.83 45.52
CA SER D 542 -28.08 44.84 46.55
C SER D 542 -27.06 44.77 47.67
N GLY D 543 -26.15 43.79 47.68
CA GLY D 543 -25.18 43.63 48.76
C GLY D 543 -25.80 43.30 50.09
N VAL D 544 -26.74 42.36 50.12
CA VAL D 544 -27.55 42.08 51.30
C VAL D 544 -27.17 40.70 51.83
N PHE D 545 -26.83 40.65 53.11
CA PHE D 545 -26.64 39.40 53.84
C PHE D 545 -27.97 39.02 54.48
N ARG D 546 -28.58 37.95 54.02
CA ARG D 546 -29.92 37.57 54.47
C ARG D 546 -29.86 36.27 55.26
N ASP D 547 -30.32 36.32 56.50
CA ASP D 547 -30.51 35.16 57.35
C ASP D 547 -31.81 35.31 58.11
N ALA D 548 -32.55 34.21 58.24
CA ALA D 548 -33.76 34.17 59.05
C ALA D 548 -33.79 33.01 60.03
N TYR D 549 -33.07 31.93 59.75
CA TYR D 549 -32.91 30.82 60.68
C TYR D 549 -31.46 30.37 60.68
N GLY D 550 -30.66 30.95 59.78
CA GLY D 550 -29.33 30.46 59.52
C GLY D 550 -29.33 29.41 58.44
N GLU D 551 -30.12 29.63 57.39
CA GLU D 551 -30.35 28.65 56.34
C GLU D 551 -29.52 28.93 55.08
N PHE D 552 -28.51 29.80 55.18
CA PHE D 552 -27.60 30.05 54.09
C PHE D 552 -26.22 29.57 54.50
N MET D 553 -25.44 29.11 53.51
CA MET D 553 -24.15 28.47 53.78
C MET D 553 -23.15 29.45 54.37
N ILE D 554 -23.05 30.65 53.80
CA ILE D 554 -22.14 31.66 54.31
C ILE D 554 -22.81 32.34 55.51
N GLN D 555 -22.23 32.15 56.70
CA GLN D 555 -22.74 32.75 57.92
C GLN D 555 -21.57 33.37 58.68
N VAL D 556 -21.89 34.25 59.61
CA VAL D 556 -20.87 35.05 60.31
C VAL D 556 -20.09 34.20 61.33
N LYS D 566 -15.65 43.94 61.22
CA LYS D 566 -14.72 42.83 61.36
C LYS D 566 -13.32 43.24 60.93
N LEU D 567 -13.20 43.84 59.75
CA LEU D 567 -11.95 44.49 59.36
C LEU D 567 -12.22 45.81 58.64
N TYR D 568 -13.49 46.05 58.31
CA TYR D 568 -14.07 47.20 57.59
C TYR D 568 -15.49 46.82 57.19
N TRP D 569 -15.69 45.56 56.79
CA TRP D 569 -16.99 45.01 56.49
C TRP D 569 -17.34 43.95 57.53
N THR D 570 -18.62 43.90 57.91
CA THR D 570 -19.12 42.88 58.81
C THR D 570 -19.82 41.74 58.10
N HIS D 571 -19.59 41.57 56.80
CA HIS D 571 -20.22 40.51 56.03
C HIS D 571 -19.73 39.15 56.48
N GLY D 572 -20.61 38.16 56.43
CA GLY D 572 -20.32 36.87 57.03
C GLY D 572 -19.23 36.11 56.27
N TYR D 573 -18.46 35.32 57.01
CA TYR D 573 -17.39 34.51 56.45
C TYR D 573 -17.06 33.39 57.44
N VAL D 574 -16.77 32.20 56.92
CA VAL D 574 -16.42 31.07 57.76
C VAL D 574 -14.99 31.22 58.26
N VAL D 586 -25.92 22.78 46.94
CA VAL D 586 -25.12 23.95 47.29
C VAL D 586 -24.00 24.14 46.28
N PHE D 587 -23.41 25.33 46.29
CA PHE D 587 -22.31 25.65 45.40
C PHE D 587 -20.98 25.21 46.00
N LEU D 588 -19.92 25.38 45.23
CA LEU D 588 -18.57 25.18 45.73
C LEU D 588 -18.11 26.42 46.50
N LYS D 589 -16.94 26.31 47.13
CA LYS D 589 -16.35 27.47 47.80
C LYS D 589 -15.78 28.47 46.80
N HIS D 590 -15.51 28.00 45.57
CA HIS D 590 -14.95 28.83 44.51
C HIS D 590 -15.88 29.97 44.11
N ILE D 591 -17.18 29.78 44.29
CA ILE D 591 -18.19 30.78 43.95
C ILE D 591 -18.53 31.54 45.23
N ALA D 592 -18.41 30.86 46.37
CA ALA D 592 -18.74 31.46 47.65
C ALA D 592 -17.79 32.59 48.03
N HIS D 593 -16.51 32.45 47.70
CA HIS D 593 -15.57 33.54 47.93
C HIS D 593 -15.86 34.74 47.03
N ASP D 594 -16.29 34.48 45.79
CA ASP D 594 -16.71 35.56 44.89
C ASP D 594 -17.93 36.28 45.41
N ILE D 595 -18.87 35.54 46.00
CA ILE D 595 -20.04 36.15 46.64
C ILE D 595 -19.62 37.01 47.83
N TYR D 596 -18.68 36.51 48.65
CA TYR D 596 -18.19 37.25 49.80
C TYR D 596 -17.50 38.55 49.40
N VAL D 597 -16.76 38.54 48.29
CA VAL D 597 -16.10 39.78 47.90
C VAL D 597 -17.03 40.71 47.10
N CYS D 598 -18.07 40.16 46.43
CA CYS D 598 -18.97 41.03 45.69
C CYS D 598 -19.93 41.76 46.61
N GLY D 599 -20.23 41.20 47.78
CA GLY D 599 -20.96 41.97 48.79
C GLY D 599 -20.20 43.20 49.25
N LYS D 600 -18.89 43.07 49.46
CA LYS D 600 -18.03 44.20 49.82
C LYS D 600 -17.93 45.20 48.68
N THR D 601 -17.89 44.71 47.44
CA THR D 601 -17.86 45.59 46.28
C THR D 601 -19.14 46.43 46.18
N ILE D 602 -20.30 45.80 46.40
CA ILE D 602 -21.56 46.55 46.35
C ILE D 602 -21.65 47.52 47.53
N ASN D 603 -21.07 47.16 48.67
CA ASN D 603 -20.97 48.10 49.79
C ASN D 603 -20.12 49.32 49.45
N LEU D 604 -19.08 49.13 48.63
CA LEU D 604 -18.32 50.30 48.17
C LEU D 604 -19.08 51.09 47.10
N LEU D 605 -19.77 50.40 46.19
CA LEU D 605 -20.43 51.06 45.08
C LEU D 605 -21.73 51.76 45.49
N LYS D 606 -22.29 51.42 46.64
CA LYS D 606 -23.47 52.12 47.14
C LYS D 606 -23.15 53.57 47.49
N LEU D 607 -21.94 53.83 47.98
CA LEU D 607 -21.49 55.18 48.28
C LEU D 607 -20.89 55.89 47.07
N CYS D 608 -20.70 55.18 45.97
CA CYS D 608 -20.17 55.78 44.75
C CYS D 608 -21.26 56.50 43.97
N VAL D 1482 -25.13 18.81 32.95
CA VAL D 1482 -25.42 17.58 33.68
C VAL D 1482 -26.01 18.03 35.02
N LEU D 1483 -26.54 17.08 35.81
CA LEU D 1483 -26.86 17.32 37.21
C LEU D 1483 -25.64 17.83 37.97
N MET D 1484 -25.71 19.11 38.36
CA MET D 1484 -24.76 19.83 39.22
C MET D 1484 -25.32 21.23 39.43
N LYS D 1485 -24.86 21.93 40.45
CA LYS D 1485 -25.23 23.33 40.64
C LYS D 1485 -24.27 24.29 39.94
N ARG D 1486 -23.36 23.76 39.12
CA ARG D 1486 -22.44 24.57 38.35
C ARG D 1486 -22.94 24.83 36.93
N SER D 1487 -24.11 24.28 36.57
CA SER D 1487 -24.80 24.70 35.36
C SER D 1487 -25.62 25.95 35.60
N ILE D 1488 -26.06 26.15 36.85
CA ILE D 1488 -26.80 27.35 37.23
C ILE D 1488 -25.88 28.56 37.24
N THR D 1489 -24.63 28.36 37.67
CA THR D 1489 -23.74 29.50 37.93
C THR D 1489 -23.19 30.15 36.66
N ALA D 1490 -23.25 29.46 35.51
CA ALA D 1490 -22.69 29.96 34.27
C ALA D 1490 -23.32 31.26 33.74
N PRO D 1491 -24.65 31.48 33.77
CA PRO D 1491 -25.14 32.83 33.47
C PRO D 1491 -25.15 33.79 34.66
N LEU D 1492 -24.53 33.43 35.79
CA LEU D 1492 -24.48 34.30 36.96
C LEU D 1492 -23.06 34.73 37.30
N ALA D 1493 -22.10 33.81 37.19
CA ALA D 1493 -20.70 34.14 37.47
C ALA D 1493 -20.13 35.11 36.47
N ALA D 1494 -20.72 35.19 35.27
CA ALA D 1494 -20.34 36.21 34.30
C ALA D 1494 -20.64 37.62 34.81
N HIS D 1495 -21.71 37.77 35.58
CA HIS D 1495 -21.97 39.08 36.20
C HIS D 1495 -21.15 39.28 37.46
N ILE D 1496 -20.95 38.23 38.27
CA ILE D 1496 -20.18 38.36 39.51
C ILE D 1496 -18.72 38.74 39.22
N SER D 1497 -18.11 38.09 38.23
CA SER D 1497 -16.73 38.39 37.87
C SER D 1497 -16.62 39.79 37.26
N LEU D 1498 -17.64 40.23 36.52
CA LEU D 1498 -17.65 41.58 35.98
C LEU D 1498 -17.74 42.63 37.08
N VAL D 1499 -18.51 42.34 38.13
CA VAL D 1499 -18.56 43.22 39.31
C VAL D 1499 -17.21 43.28 40.01
N ASN D 1500 -16.51 42.14 40.10
CA ASN D 1500 -15.16 42.14 40.70
C ASN D 1500 -14.15 42.95 39.88
N LYS D 1501 -14.19 42.78 38.54
CA LYS D 1501 -13.31 43.54 37.67
C LYS D 1501 -13.62 45.03 37.73
N ALA D 1502 -14.90 45.38 37.83
CA ALA D 1502 -15.30 46.77 37.99
C ALA D 1502 -14.80 47.35 39.30
N ALA D 1503 -14.76 46.53 40.37
CA ALA D 1503 -14.20 46.96 41.65
C ALA D 1503 -12.71 47.28 41.53
N VAL D 1504 -11.95 46.39 40.89
CA VAL D 1504 -10.50 46.62 40.78
C VAL D 1504 -10.19 47.80 39.86
N ASP D 1505 -10.96 47.96 38.77
CA ASP D 1505 -10.77 49.10 37.89
C ASP D 1505 -11.23 50.39 38.57
N TYR D 1506 -12.22 50.29 39.46
CA TYR D 1506 -12.69 51.42 40.26
C TYR D 1506 -11.61 51.85 41.25
N PHE D 1507 -10.84 50.89 41.78
CA PHE D 1507 -9.64 51.24 42.54
C PHE D 1507 -8.65 52.03 41.69
N PHE D 1508 -8.27 51.47 40.53
CA PHE D 1508 -7.15 52.02 39.78
C PHE D 1508 -7.47 53.36 39.11
N VAL D 1509 -8.50 53.43 38.26
CA VAL D 1509 -8.68 54.65 37.49
C VAL D 1509 -9.41 55.75 38.24
N GLU D 1510 -9.95 55.48 39.42
CA GLU D 1510 -10.65 56.51 40.17
C GLU D 1510 -10.01 56.83 41.52
N LEU D 1511 -9.57 55.82 42.27
CA LEU D 1511 -8.91 56.07 43.55
C LEU D 1511 -7.39 56.15 43.43
N HIS D 1512 -6.85 55.92 42.21
CA HIS D 1512 -5.43 56.08 41.87
C HIS D 1512 -4.54 55.17 42.73
N LEU D 1513 -4.91 53.88 42.76
CA LEU D 1513 -4.16 52.91 43.53
C LEU D 1513 -2.77 52.65 42.94
N GLU D 1514 -2.63 52.79 41.62
CA GLU D 1514 -1.33 52.62 40.98
C GLU D 1514 -0.38 53.75 41.34
N ALA D 1515 -0.90 54.98 41.47
CA ALA D 1515 -0.06 56.11 41.84
C ALA D 1515 0.36 56.05 43.30
N HIS D 1516 -0.45 55.41 44.16
CA HIS D 1516 -0.13 55.35 45.58
C HIS D 1516 1.10 54.49 45.85
N TYR D 1517 1.30 53.42 45.07
CA TYR D 1517 2.49 52.59 45.22
C TYR D 1517 3.76 53.37 44.94
N GLU D 1518 3.81 54.06 43.81
CA GLU D 1518 4.98 54.85 43.46
C GLU D 1518 5.04 56.17 44.21
N ALA D 1519 4.01 56.51 45.00
CA ALA D 1519 4.12 57.62 45.94
C ALA D 1519 4.73 57.19 47.26
N LEU D 1520 4.31 56.04 47.81
CA LEU D 1520 4.89 55.56 49.06
C LEU D 1520 6.32 55.05 48.85
N ARG D 1521 6.56 54.44 47.67
CA ARG D 1521 7.91 54.17 47.21
C ARG D 1521 8.76 55.43 47.22
N HIS D 1522 8.18 56.54 46.76
CA HIS D 1522 8.90 57.79 46.49
C HIS D 1522 9.48 58.41 47.76
N PHE D 1523 9.06 57.95 48.93
CA PHE D 1523 9.66 58.35 50.19
C PHE D 1523 10.24 57.21 51.02
N LEU D 1524 9.82 55.96 50.80
CA LEU D 1524 10.21 54.90 51.73
C LEU D 1524 11.36 54.01 51.26
N LEU D 1525 11.74 54.06 49.99
CA LEU D 1525 12.99 53.46 49.56
C LEU D 1525 13.91 54.51 48.94
N MET D 1526 13.72 55.79 49.30
CA MET D 1526 14.56 56.95 48.98
C MET D 1526 14.51 57.27 47.48
N GLU D 1527 13.31 57.21 46.87
CA GLU D 1527 13.13 57.57 45.47
C GLU D 1527 12.89 59.05 45.22
N ASP D 1528 12.99 59.91 46.22
CA ASP D 1528 13.06 61.34 45.96
C ASP D 1528 14.52 61.74 46.01
N GLY D 1529 14.98 62.46 45.00
CA GLY D 1529 16.39 62.81 44.93
C GLY D 1529 16.64 64.25 45.31
N GLU D 1530 17.72 64.47 46.05
CA GLU D 1530 18.05 65.69 46.80
C GLU D 1530 17.02 66.00 47.87
N PHE D 1531 16.19 65.02 48.21
CA PHE D 1531 15.45 64.92 49.45
C PHE D 1531 16.13 63.96 50.40
N ALA D 1532 16.37 62.71 49.97
CA ALA D 1532 17.10 61.76 50.81
C ALA D 1532 18.59 62.09 50.85
N GLN D 1533 19.18 62.47 49.71
CA GLN D 1533 20.59 62.83 49.62
C GLN D 1533 20.93 64.12 50.36
N SER D 1534 19.93 64.93 50.71
CA SER D 1534 20.11 66.05 51.62
C SER D 1534 19.68 65.75 53.04
N LEU D 1535 18.73 64.83 53.24
CA LEU D 1535 18.28 64.50 54.59
C LEU D 1535 19.37 63.75 55.34
N SER D 1536 20.01 62.78 54.69
CA SER D 1536 20.94 61.88 55.38
C SER D 1536 22.18 62.62 55.87
N ASP D 1537 22.76 63.49 55.04
CA ASP D 1537 23.98 64.20 55.42
C ASP D 1537 23.74 65.15 56.59
N LEU D 1538 22.58 65.82 56.62
CA LEU D 1538 22.26 66.69 57.73
C LEU D 1538 21.89 65.89 58.98
N LEU D 1539 21.35 64.68 58.80
CA LEU D 1539 21.01 63.85 59.96
C LEU D 1539 22.24 63.29 60.64
N PHE D 1540 23.27 62.92 59.86
CA PHE D 1540 24.45 62.31 60.47
C PHE D 1540 25.34 63.32 61.18
N GLU D 1541 25.04 64.62 61.09
CA GLU D 1541 25.65 65.59 61.99
C GLU D 1541 25.17 65.39 63.43
N LYS D 1542 23.91 64.99 63.60
CA LYS D 1542 23.35 64.76 64.93
C LYS D 1542 23.85 63.45 65.52
N LEU D 1543 23.64 62.34 64.80
CA LEU D 1543 24.08 61.04 65.29
C LEU D 1543 25.50 60.71 64.78
N PRO D 1549 24.61 62.11 72.51
CA PRO D 1549 24.05 63.45 72.32
C PRO D 1549 22.53 63.50 72.41
N GLY D 1550 22.01 64.53 73.06
CA GLY D 1550 20.57 64.70 73.19
C GLY D 1550 19.95 65.57 72.11
N GLU D 1551 20.00 65.10 70.86
CA GLU D 1551 19.40 65.80 69.74
C GLU D 1551 18.83 64.76 68.78
N LEU D 1552 17.75 65.14 68.06
CA LEU D 1552 16.74 64.28 67.45
C LEU D 1552 16.04 63.41 68.50
N LEU D 1553 15.33 64.04 69.44
CA LEU D 1553 14.48 63.30 70.36
C LEU D 1553 12.99 63.60 70.12
N ASN D 1554 12.61 64.88 70.22
CA ASN D 1554 11.21 65.27 70.08
C ASN D 1554 10.90 65.61 68.62
N PRO D 1555 9.61 65.54 68.20
CA PRO D 1555 9.28 65.96 66.84
C PRO D 1555 9.17 67.46 66.66
N LEU D 1556 10.30 68.17 66.82
CA LEU D 1556 10.41 69.56 66.42
C LEU D 1556 11.76 69.76 65.71
N VAL D 1557 12.66 68.81 65.90
CA VAL D 1557 13.99 68.86 65.30
C VAL D 1557 14.13 67.86 64.17
N LEU D 1558 13.35 66.77 64.20
CA LEU D 1558 13.24 65.87 63.06
C LEU D 1558 12.38 66.47 61.95
N ASN D 1559 11.45 67.36 62.29
CA ASN D 1559 10.58 67.97 61.29
C ASN D 1559 11.23 69.13 60.56
N SER D 1560 12.26 69.75 61.13
CA SER D 1560 12.86 70.94 60.54
C SER D 1560 13.97 70.64 59.55
N VAL D 1561 14.64 69.50 59.68
CA VAL D 1561 15.58 69.06 58.65
C VAL D 1561 14.83 68.59 57.41
N LEU D 1562 13.58 68.15 57.58
CA LEU D 1562 12.73 67.75 56.46
C LEU D 1562 12.43 68.93 55.55
N SER D 1563 12.21 70.11 56.14
CA SER D 1563 11.99 71.33 55.36
C SER D 1563 13.24 71.75 54.60
N LYS D 1564 14.43 71.52 55.18
CA LYS D 1564 15.66 71.74 54.45
C LYS D 1564 15.82 70.73 53.31
N ALA D 1565 15.36 69.49 53.51
CA ALA D 1565 15.50 68.46 52.50
C ALA D 1565 14.57 68.67 51.31
N LEU D 1566 13.37 69.21 51.54
CA LEU D 1566 12.43 69.37 50.42
C LEU D 1566 12.81 70.53 49.51
N GLN D 1567 13.29 71.65 50.08
CA GLN D 1567 13.62 72.83 49.29
C GLN D 1567 14.84 72.64 48.41
N CYS D 1568 15.68 71.68 48.75
CA CYS D 1568 16.88 71.37 47.99
C CYS D 1568 16.59 70.56 46.73
N SER D 1569 15.34 70.17 46.50
CA SER D 1569 15.01 69.37 45.33
C SER D 1569 13.88 69.93 44.47
N LEU D 1570 12.92 70.65 45.06
CA LEU D 1570 11.71 71.16 44.39
C LEU D 1570 10.92 70.06 43.68
N HIS D 1571 10.99 68.84 44.24
CA HIS D 1571 10.14 67.74 43.84
C HIS D 1571 9.20 67.31 44.95
N GLY D 1572 9.52 67.66 46.20
CA GLY D 1572 8.54 67.62 47.27
C GLY D 1572 7.62 68.84 47.23
N ASP D 1573 6.93 69.03 48.36
CA ASP D 1573 5.82 69.97 48.54
C ASP D 1573 4.70 69.58 47.57
N THR D 1574 4.50 68.27 47.41
CA THR D 1574 3.41 67.62 46.71
C THR D 1574 2.33 67.22 47.69
N PRO D 1575 1.10 66.98 47.22
CA PRO D 1575 0.10 66.33 48.10
C PRO D 1575 0.48 64.92 48.54
N HIS D 1576 1.35 64.24 47.79
CA HIS D 1576 1.92 62.97 48.26
C HIS D 1576 2.78 63.18 49.49
N ALA D 1577 3.51 64.29 49.55
CA ALA D 1577 4.41 64.57 50.66
C ALA D 1577 3.66 64.89 51.96
N SER D 1578 2.39 65.27 51.88
CA SER D 1578 1.59 65.47 53.07
C SER D 1578 1.16 64.13 53.65
N ASN D 1579 0.73 64.18 54.92
CA ASN D 1579 0.27 63.04 55.71
C ASN D 1579 1.30 61.92 55.81
N LEU D 1580 2.44 62.21 56.43
CA LEU D 1580 3.45 61.22 56.73
C LEU D 1580 3.60 61.09 58.24
N SER D 1581 4.13 59.95 58.67
CA SER D 1581 4.38 59.67 60.08
C SER D 1581 5.82 59.22 60.25
N LEU D 1582 6.56 59.90 61.12
CA LEU D 1582 7.94 59.54 61.45
C LEU D 1582 8.05 59.20 62.92
N ALA D 1583 8.80 58.13 63.21
CA ALA D 1583 8.99 57.65 64.57
C ALA D 1583 10.46 57.36 64.80
N LEU D 1584 10.80 57.08 66.05
CA LEU D 1584 12.16 56.76 66.47
C LEU D 1584 12.14 55.45 67.26
N LYS D 1585 13.28 54.76 67.26
CA LYS D 1585 13.43 53.59 68.14
C LYS D 1585 14.81 53.52 68.75
N TYR D 1586 15.63 54.57 68.57
CA TYR D 1586 16.96 54.58 69.14
C TYR D 1586 17.38 56.02 69.41
N LEU D 1587 18.06 56.24 70.54
CA LEU D 1587 18.57 57.56 70.90
C LEU D 1587 20.07 57.60 70.65
N PRO D 1588 20.60 58.69 70.08
CA PRO D 1588 22.01 58.69 69.69
C PRO D 1588 22.95 58.75 70.89
N GLU D 1589 23.82 57.74 70.97
CA GLU D 1589 24.94 57.73 71.90
C GLU D 1589 26.25 57.48 71.15
N VAL D 1590 26.33 57.97 69.92
CA VAL D 1590 27.42 57.65 69.02
C VAL D 1590 28.45 58.79 68.98
N PRO D 1596 32.24 52.49 68.65
CA PRO D 1596 30.93 53.12 68.85
C PRO D 1596 29.78 52.31 68.28
N ASP D 1597 28.55 52.66 68.65
CA ASP D 1597 27.37 51.95 68.16
C ASP D 1597 27.14 52.26 66.69
N VAL D 1598 26.51 51.31 66.00
CA VAL D 1598 26.28 51.38 64.56
C VAL D 1598 24.79 51.38 64.22
N LEU D 1599 23.92 51.62 65.19
CA LEU D 1599 22.48 51.65 64.96
C LEU D 1599 22.03 53.04 64.53
N SER D 1600 20.92 53.07 63.79
CA SER D 1600 20.34 54.34 63.35
C SER D 1600 18.82 54.32 63.49
N CYS D 1601 18.28 55.45 63.94
CA CYS D 1601 16.86 55.70 64.16
C CYS D 1601 16.17 56.21 62.90
N LEU D 1602 15.01 56.87 63.08
CA LEU D 1602 14.09 57.43 62.08
C LEU D 1602 13.39 56.44 61.17
N GLU D 1603 12.38 55.75 61.71
CA GLU D 1603 11.48 54.87 60.97
C GLU D 1603 10.41 55.72 60.29
N LEU D 1604 10.57 56.00 58.99
CA LEU D 1604 9.60 56.78 58.25
C LEU D 1604 8.46 55.91 57.74
N ARG D 1605 7.25 56.48 57.71
CA ARG D 1605 6.06 55.77 57.24
C ARG D 1605 5.27 56.66 56.30
N TYR D 1606 4.62 56.02 55.32
CA TYR D 1606 3.65 56.68 54.45
C TYR D 1606 2.26 56.28 54.92
N LYS D 1607 1.42 57.28 55.20
CA LYS D 1607 0.09 57.05 55.73
C LYS D 1607 -0.96 57.28 54.67
N VAL D 1608 -2.01 56.45 54.70
CA VAL D 1608 -3.11 56.52 53.75
C VAL D 1608 -4.40 56.47 54.57
N ASP D 1609 -5.48 57.01 54.01
CA ASP D 1609 -6.73 57.16 54.75
C ASP D 1609 -7.51 55.85 54.80
N TRP D 1610 -8.67 55.91 55.48
CA TRP D 1610 -9.37 54.72 55.95
C TRP D 1610 -9.95 53.79 54.86
N PRO D 1611 -10.65 54.25 53.81
CA PRO D 1611 -11.13 53.27 52.81
C PRO D 1611 -10.03 52.67 51.95
N LEU D 1612 -8.86 53.30 51.86
CA LEU D 1612 -7.71 52.71 51.18
C LEU D 1612 -6.73 52.07 52.16
N ASN D 1613 -7.08 52.00 53.44
CA ASN D 1613 -6.28 51.27 54.43
C ASN D 1613 -6.81 49.84 54.55
N ILE D 1614 -6.96 49.19 53.40
CA ILE D 1614 -7.37 47.79 53.35
C ILE D 1614 -6.51 47.09 52.31
N VAL D 1615 -5.78 47.87 51.52
CA VAL D 1615 -4.95 47.33 50.44
C VAL D 1615 -3.53 47.84 50.64
N ILE D 1616 -3.41 49.00 51.29
CA ILE D 1616 -2.14 49.48 51.85
C ILE D 1616 -2.37 49.50 53.35
N THR D 1617 -1.81 48.51 54.05
CA THR D 1617 -2.21 48.19 55.40
C THR D 1617 -1.26 48.81 56.42
N GLU D 1618 -1.51 48.51 57.68
CA GLU D 1618 -0.68 48.96 58.79
C GLU D 1618 0.43 47.98 59.13
N GLY D 1619 0.51 46.84 58.44
CA GLY D 1619 1.56 45.89 58.65
C GLY D 1619 2.72 46.03 57.68
N CYS D 1620 2.46 46.62 56.52
CA CYS D 1620 3.51 46.77 55.51
C CYS D 1620 4.46 47.91 55.87
N VAL D 1621 3.92 48.99 56.46
CA VAL D 1621 4.70 50.19 56.73
C VAL D 1621 5.80 49.95 57.76
N SER D 1622 5.62 48.98 58.66
CA SER D 1622 6.68 48.61 59.60
C SER D 1622 7.88 48.02 58.87
N LYS D 1623 7.63 47.14 57.89
CA LYS D 1623 8.72 46.56 57.12
C LYS D 1623 9.36 47.59 56.18
N TYR D 1624 8.55 48.51 55.64
CA TYR D 1624 9.08 49.59 54.83
C TYR D 1624 10.00 50.50 55.63
N SER D 1625 9.61 50.83 56.87
CA SER D 1625 10.48 51.59 57.75
C SER D 1625 11.71 50.79 58.18
N GLY D 1626 11.57 49.47 58.34
CA GLY D 1626 12.71 48.65 58.70
C GLY D 1626 13.78 48.61 57.62
N VAL D 1627 13.37 48.56 56.35
CA VAL D 1627 14.37 48.64 55.29
C VAL D 1627 14.81 50.09 55.03
N PHE D 1628 13.97 51.08 55.35
CA PHE D 1628 14.37 52.48 55.22
C PHE D 1628 15.50 52.83 56.19
N SER D 1629 15.41 52.32 57.43
CA SER D 1629 16.48 52.52 58.39
C SER D 1629 17.77 51.82 57.95
N PHE D 1630 17.63 50.66 57.29
CA PHE D 1630 18.80 49.95 56.76
C PHE D 1630 19.47 50.75 55.64
N LEU D 1631 18.67 51.37 54.77
CA LEU D 1631 19.25 52.22 53.74
C LEU D 1631 19.89 53.48 54.31
N LEU D 1632 19.35 54.02 55.42
CA LEU D 1632 20.01 55.13 56.11
C LEU D 1632 21.36 54.71 56.70
N GLN D 1633 21.40 53.53 57.33
CA GLN D 1633 22.66 52.96 57.82
C GLN D 1633 23.64 52.73 56.68
N LEU D 1634 23.12 52.34 55.52
CA LEU D 1634 23.96 52.15 54.33
C LEU D 1634 24.54 53.48 53.86
N LYS D 1635 23.73 54.54 53.88
CA LYS D 1635 24.19 55.87 53.47
C LYS D 1635 25.24 56.45 54.43
N LEU D 1636 25.23 55.99 55.69
CA LEU D 1636 26.22 56.46 56.67
C LEU D 1636 27.67 56.19 56.24
N MET D 1637 27.94 55.04 55.61
CA MET D 1637 29.32 54.70 55.26
C MET D 1637 29.84 55.59 54.15
N MET D 1638 29.06 55.78 53.08
CA MET D 1638 29.47 56.67 52.01
C MET D 1638 29.54 58.12 52.46
N TRP D 1639 28.69 58.52 53.42
CA TRP D 1639 28.80 59.85 54.04
C TRP D 1639 30.14 60.02 54.76
N ALA D 1640 30.53 59.04 55.58
CA ALA D 1640 31.76 59.14 56.36
C ALA D 1640 33.00 59.10 55.46
N LEU D 1641 33.00 58.24 54.45
CA LEU D 1641 34.13 58.18 53.54
C LEU D 1641 34.22 59.41 52.65
N LYS D 1642 33.08 60.00 52.28
CA LYS D 1642 33.09 61.29 51.58
C LYS D 1642 33.66 62.39 52.46
N ASP D 1643 33.33 62.37 53.76
CA ASP D 1643 33.89 63.35 54.69
C ASP D 1643 35.41 63.23 54.82
N VAL D 1644 35.91 62.00 54.97
CA VAL D 1644 37.36 61.81 55.10
C VAL D 1644 38.07 62.16 53.79
N CYS D 1645 37.47 61.80 52.65
CA CYS D 1645 38.00 62.18 51.34
C CYS D 1645 38.08 63.70 51.19
N PHE D 1646 37.02 64.41 51.56
CA PHE D 1646 36.98 65.85 51.36
C PHE D 1646 37.87 66.58 52.35
N HIS D 1647 38.04 66.03 53.55
CA HIS D 1647 39.01 66.58 54.49
C HIS D 1647 40.43 66.34 54.00
N LEU D 1648 40.65 65.29 53.21
CA LEU D 1648 41.94 65.10 52.56
C LEU D 1648 42.11 66.02 51.34
N LYS D 1649 41.01 66.43 50.69
CA LYS D 1649 41.11 67.28 49.50
C LYS D 1649 41.68 68.66 49.83
N ARG D 1650 41.25 69.25 50.95
CA ARG D 1650 41.59 70.62 51.27
C ARG D 1650 43.05 70.81 51.70
N THR D 1651 43.72 69.73 52.11
CA THR D 1651 45.13 69.79 52.49
C THR D 1651 46.06 69.36 51.36
N ALA D 1652 45.54 69.11 50.17
CA ALA D 1652 46.36 68.69 49.04
C ALA D 1652 47.16 69.84 48.48
N MET D 1657 48.45 71.97 51.29
CA MET D 1657 49.90 72.07 51.36
C MET D 1657 50.55 71.21 50.28
N ALA D 1658 51.05 70.04 50.67
CA ALA D 1658 51.70 69.14 49.73
C ALA D 1658 51.50 67.69 50.19
N GLY D 1659 51.59 66.77 49.24
CA GLY D 1659 51.41 65.37 49.53
C GLY D 1659 52.65 64.71 50.12
N SER D 1660 52.46 63.48 50.58
CA SER D 1660 53.53 62.71 51.21
C SER D 1660 53.19 61.23 51.08
N VAL D 1661 53.92 60.40 51.84
CA VAL D 1661 53.69 58.95 51.81
C VAL D 1661 52.56 58.58 52.76
N GLN D 1662 52.42 59.33 53.86
CA GLN D 1662 51.30 59.09 54.77
C GLN D 1662 49.98 59.44 54.09
N PHE D 1663 50.02 60.43 53.19
CA PHE D 1663 48.89 60.84 52.36
C PHE D 1663 48.36 59.68 51.52
N ARG D 1664 49.27 59.01 50.79
CA ARG D 1664 48.85 57.95 49.87
C ARG D 1664 48.45 56.67 50.62
N GLN D 1665 49.22 56.30 51.64
CA GLN D 1665 48.85 55.11 52.41
C GLN D 1665 47.58 55.34 53.23
N LEU D 1666 47.22 56.59 53.53
CA LEU D 1666 45.91 56.87 54.11
C LEU D 1666 44.79 56.77 53.09
N GLN D 1667 44.97 57.37 51.90
CA GLN D 1667 43.87 57.45 50.94
C GLN D 1667 43.50 56.09 50.33
N LEU D 1668 44.45 55.15 50.21
CA LEU D 1668 44.08 53.90 49.53
C LEU D 1668 43.11 53.06 50.36
N PHE D 1669 43.19 53.18 51.69
CA PHE D 1669 42.19 52.57 52.59
C PHE D 1669 40.81 53.17 52.32
N LYS D 1670 40.78 54.50 52.16
CA LYS D 1670 39.54 55.23 51.92
C LYS D 1670 38.89 54.80 50.62
N HIS D 1671 39.70 54.65 49.56
CA HIS D 1671 39.10 54.26 48.28
C HIS D 1671 38.64 52.80 48.29
N GLU D 1672 39.35 51.93 49.03
CA GLU D 1672 38.92 50.56 49.27
C GLU D 1672 37.49 50.52 49.85
N MET D 1673 37.30 51.24 50.97
CA MET D 1673 35.99 51.23 51.61
C MET D 1673 34.94 52.01 50.81
N GLN D 1674 35.38 53.03 50.06
CA GLN D 1674 34.49 53.79 49.18
C GLN D 1674 33.90 52.91 48.09
N HIS D 1675 34.72 52.03 47.51
CA HIS D 1675 34.16 51.16 46.49
C HIS D 1675 33.24 50.13 47.12
N PHE D 1676 33.60 49.64 48.32
CA PHE D 1676 32.77 48.63 48.98
C PHE D 1676 31.37 49.16 49.26
N VAL D 1677 31.29 50.41 49.77
CA VAL D 1677 29.97 51.01 49.98
C VAL D 1677 29.28 51.32 48.65
N LYS D 1678 30.03 51.64 47.58
CA LYS D 1678 29.34 51.92 46.32
C LYS D 1678 28.74 50.68 45.67
N VAL D 1679 29.39 49.52 45.74
CA VAL D 1679 28.70 48.36 45.16
C VAL D 1679 27.70 47.72 46.08
N ILE D 1680 27.81 47.84 47.41
CA ILE D 1680 26.66 47.37 48.19
C ILE D 1680 25.48 48.34 48.02
N GLN D 1681 25.74 49.64 47.80
CA GLN D 1681 24.68 50.58 47.49
C GLN D 1681 24.07 50.34 46.11
N GLY D 1682 24.91 50.01 45.11
CA GLY D 1682 24.38 49.69 43.79
C GLY D 1682 23.68 48.35 43.76
N TYR D 1683 24.07 47.43 44.63
CA TYR D 1683 23.35 46.18 44.81
C TYR D 1683 21.95 46.42 45.36
N ILE D 1684 21.85 47.31 46.36
CA ILE D 1684 20.54 47.74 46.84
C ILE D 1684 19.76 48.46 45.74
N ALA D 1685 20.45 49.28 44.95
CA ALA D 1685 19.82 49.99 43.84
C ALA D 1685 19.34 49.06 42.74
N ASN D 1686 19.97 47.90 42.55
CA ASN D 1686 19.57 46.96 41.50
C ASN D 1686 18.52 45.95 41.96
N GLN D 1687 18.59 45.48 43.20
CA GLN D 1687 17.70 44.40 43.61
C GLN D 1687 16.38 44.92 44.16
N ILE D 1688 16.43 45.71 45.23
CA ILE D 1688 15.21 46.21 45.86
C ILE D 1688 14.46 47.21 44.99
N LEU D 1689 15.17 48.02 44.21
CA LEU D 1689 14.54 49.11 43.49
C LEU D 1689 14.13 48.76 42.07
N HIS D 1690 14.71 47.71 41.48
CA HIS D 1690 14.62 47.54 40.04
C HIS D 1690 14.16 46.18 39.55
N VAL D 1691 14.56 45.07 40.17
CA VAL D 1691 14.20 43.79 39.56
C VAL D 1691 12.87 43.26 40.07
N THR D 1692 12.55 43.46 41.35
CA THR D 1692 11.25 43.06 41.89
C THR D 1692 10.24 44.20 41.87
N TRP D 1693 10.66 45.41 41.51
CA TRP D 1693 9.76 46.50 41.20
C TRP D 1693 9.24 46.41 39.77
N CYS D 1694 9.87 45.57 38.93
CA CYS D 1694 9.24 45.17 37.67
C CYS D 1694 7.99 44.35 37.92
N GLU D 1695 7.98 43.55 39.00
CA GLU D 1695 6.75 42.97 39.50
C GLU D 1695 5.89 44.05 40.14
N PHE D 1696 4.61 43.72 40.36
CA PHE D 1696 3.58 44.57 40.97
C PHE D 1696 3.32 45.82 40.11
N ARG D 1697 3.66 45.72 38.81
CA ARG D 1697 3.30 46.72 37.82
C ARG D 1697 2.65 46.14 36.57
N ALA D 1698 3.02 44.93 36.15
CA ALA D 1698 2.24 44.17 35.18
C ALA D 1698 1.51 43.01 35.84
N ARG D 1699 1.66 42.87 37.16
CA ARG D 1699 0.87 41.94 37.98
C ARG D 1699 -0.44 42.58 38.40
N LEU D 1700 -0.60 43.89 38.15
CA LEU D 1700 -1.85 44.61 38.41
C LEU D 1700 -2.92 44.11 37.46
N ALA D 1701 -3.87 43.34 37.99
CA ALA D 1701 -4.96 42.80 37.18
C ALA D 1701 -6.26 42.79 37.96
N LEU D 1706 -9.57 41.61 43.69
CA LEU D 1706 -9.45 42.44 44.88
C LEU D 1706 -8.47 41.81 45.86
N GLU D 1707 -8.61 40.50 46.06
CA GLU D 1707 -7.66 39.77 46.91
C GLU D 1707 -6.29 39.65 46.24
N GLU D 1708 -6.28 39.58 44.90
CA GLU D 1708 -5.02 39.45 44.15
C GLU D 1708 -4.14 40.67 44.31
N ILE D 1709 -4.74 41.86 44.47
CA ILE D 1709 -3.95 43.08 44.70
C ILE D 1709 -3.26 43.01 46.06
N GLN D 1710 -3.97 42.53 47.09
CA GLN D 1710 -3.37 42.35 48.41
C GLN D 1710 -2.26 41.30 48.38
N ARG D 1711 -2.47 40.20 47.67
CA ARG D 1711 -1.45 39.15 47.60
C ARG D 1711 -0.22 39.60 46.83
N ALA D 1712 -0.42 40.37 45.75
CA ALA D 1712 0.71 40.89 44.98
C ALA D 1712 1.49 41.93 45.79
N HIS D 1713 0.78 42.78 46.55
CA HIS D 1713 1.43 43.75 47.41
C HIS D 1713 2.24 43.04 48.51
N ALA D 1714 1.67 41.99 49.09
CA ALA D 1714 2.36 41.23 50.13
C ALA D 1714 3.57 40.49 49.56
N GLU D 1715 3.46 39.98 48.32
CA GLU D 1715 4.59 39.30 47.69
C GLU D 1715 5.72 40.28 47.37
N TYR D 1716 5.38 41.48 46.90
CA TYR D 1716 6.38 42.51 46.64
C TYR D 1716 7.05 42.95 47.94
N LEU D 1717 6.28 43.08 49.02
CA LEU D 1717 6.85 43.42 50.32
C LEU D 1717 7.74 42.30 50.86
N HIS D 1718 7.33 41.05 50.68
CA HIS D 1718 8.09 39.90 51.17
C HIS D 1718 9.42 39.78 50.42
N LYS D 1719 9.42 40.06 49.11
CA LYS D 1719 10.68 40.10 48.40
C LYS D 1719 11.51 41.33 48.75
N ALA D 1720 10.85 42.45 49.10
CA ALA D 1720 11.57 43.64 49.51
C ALA D 1720 12.32 43.42 50.83
N VAL D 1721 11.70 42.71 51.77
CA VAL D 1721 12.40 42.38 53.00
C VAL D 1721 13.35 41.19 52.78
N PHE D 1722 13.13 40.39 51.73
CA PHE D 1722 14.02 39.28 51.44
C PHE D 1722 15.38 39.77 50.92
N ARG D 1723 15.38 40.75 50.01
CA ARG D 1723 16.63 41.29 49.49
C ARG D 1723 17.24 42.35 50.39
N GLY D 1724 16.55 42.76 51.46
CA GLY D 1724 17.01 43.86 52.29
C GLY D 1724 17.90 43.45 53.45
N LEU D 1725 18.36 42.20 53.47
CA LEU D 1725 19.22 41.61 54.51
C LEU D 1725 18.58 41.60 55.89
N LEU D 1726 17.25 41.64 55.98
CA LEU D 1726 16.56 41.57 57.25
C LEU D 1726 15.96 40.20 57.52
N THR D 1727 16.01 39.28 56.56
CA THR D 1727 15.54 37.92 56.78
C THR D 1727 16.66 37.07 57.37
N GLU D 1728 16.37 35.78 57.58
CA GLU D 1728 17.31 34.85 58.19
C GLU D 1728 18.13 34.06 57.17
N LYS D 1729 17.72 34.05 55.91
CA LYS D 1729 18.53 33.41 54.88
C LYS D 1729 19.78 34.23 54.54
N ALA D 1730 19.75 35.53 54.79
CA ALA D 1730 20.85 36.43 54.49
C ALA D 1730 21.57 36.91 55.74
N ALA D 1731 21.42 36.20 56.86
CA ALA D 1731 22.07 36.52 58.13
C ALA D 1731 23.61 36.45 58.12
N PRO D 1732 24.29 35.44 57.51
CA PRO D 1732 25.76 35.51 57.48
C PRO D 1732 26.30 36.65 56.63
N VAL D 1733 25.56 37.09 55.60
CA VAL D 1733 25.93 38.31 54.89
C VAL D 1733 25.76 39.52 55.81
N MET D 1734 24.67 39.52 56.59
CA MET D 1734 24.36 40.61 57.51
C MET D 1734 25.38 40.74 58.64
N ASN D 1735 26.05 39.64 59.00
CA ASN D 1735 26.99 39.65 60.13
C ASN D 1735 28.22 40.50 59.83
N VAL D 1736 28.67 40.53 58.57
CA VAL D 1736 29.88 41.27 58.21
C VAL D 1736 29.61 42.77 58.15
N ILE D 1737 28.35 43.15 57.89
CA ILE D 1737 28.02 44.54 57.60
C ILE D 1737 28.16 45.42 58.86
N HIS D 1738 27.93 44.83 60.04
CA HIS D 1738 28.18 45.53 61.30
C HIS D 1738 29.65 45.89 61.46
N SER D 1739 30.54 44.94 61.11
CA SER D 1739 31.97 45.19 61.14
C SER D 1739 32.36 46.28 60.16
N ILE D 1740 31.73 46.28 58.97
CA ILE D 1740 32.03 47.32 57.98
C ILE D 1740 31.58 48.70 58.48
N PHE D 1741 30.39 48.77 59.11
CA PHE D 1741 29.89 50.01 59.71
C PHE D 1741 30.85 50.56 60.76
N SER D 1742 31.24 49.70 61.71
CA SER D 1742 32.10 50.11 62.80
C SER D 1742 33.49 50.51 62.29
N LEU D 1743 34.00 49.80 61.28
CA LEU D 1743 35.32 50.11 60.74
C LEU D 1743 35.33 51.45 60.00
N VAL D 1744 34.27 51.75 59.23
CA VAL D 1744 34.31 53.02 58.51
C VAL D 1744 34.01 54.19 59.44
N LEU D 1745 33.24 53.98 60.51
CA LEU D 1745 33.03 55.08 61.46
C LEU D 1745 34.29 55.33 62.30
N LYS D 1746 35.01 54.26 62.65
CA LYS D 1746 36.30 54.41 63.31
C LYS D 1746 37.31 55.06 62.38
N PHE D 1747 37.21 54.78 61.07
CA PHE D 1747 38.08 55.43 60.09
C PHE D 1747 37.75 56.91 59.96
N ARG D 1748 36.49 57.30 60.13
CA ARG D 1748 36.15 58.71 60.25
C ARG D 1748 36.76 59.32 61.50
N SER D 1749 36.73 58.58 62.62
CA SER D 1749 37.28 59.11 63.87
C SER D 1749 38.78 59.28 63.80
N GLN D 1750 39.49 58.38 63.11
CA GLN D 1750 40.93 58.50 62.96
C GLN D 1750 41.29 59.52 61.89
N LEU D 1751 41.57 60.75 62.28
CA LEU D 1751 41.96 61.79 61.35
C LEU D 1751 43.00 62.73 61.99
N HIS D 1767 47.74 62.69 61.09
CA HIS D 1767 47.24 61.36 61.41
C HIS D 1767 47.58 60.98 62.85
N PRO D 1768 46.61 60.37 63.56
CA PRO D 1768 46.85 60.01 64.98
C PRO D 1768 47.84 58.87 65.14
N ASN D 1769 47.65 57.80 64.37
CA ASN D 1769 48.58 56.67 64.33
C ASN D 1769 48.39 55.94 63.00
N PHE D 1770 49.46 55.85 62.23
CA PHE D 1770 49.39 55.24 60.91
C PHE D 1770 49.13 53.73 61.00
N ALA D 1771 49.76 53.06 61.96
CA ALA D 1771 49.61 51.62 62.11
C ALA D 1771 48.20 51.24 62.52
N LEU D 1772 47.51 52.12 63.26
CA LEU D 1772 46.12 51.86 63.64
C LEU D 1772 45.21 51.79 62.42
N MET D 1773 45.36 52.73 61.50
CA MET D 1773 44.55 52.72 60.28
C MET D 1773 44.96 51.55 59.37
N GLN D 1774 46.22 51.15 59.40
CA GLN D 1774 46.62 49.94 58.68
C GLN D 1774 45.98 48.68 59.29
N GLN D 1775 45.87 48.61 60.62
CA GLN D 1775 45.22 47.46 61.26
C GLN D 1775 43.73 47.42 60.92
N SER D 1776 43.08 48.58 60.89
CA SER D 1776 41.68 48.65 60.48
C SER D 1776 41.51 48.21 59.03
N TYR D 1777 42.48 48.58 58.17
CA TYR D 1777 42.49 48.12 56.78
C TYR D 1777 42.64 46.60 56.69
N ASN D 1778 43.54 46.01 57.48
CA ASN D 1778 43.74 44.56 57.43
C ASN D 1778 42.50 43.80 57.91
N THR D 1779 41.84 44.29 58.97
CA THR D 1779 40.60 43.66 59.41
C THR D 1779 39.49 43.81 58.40
N PHE D 1780 39.40 44.97 57.73
CA PHE D 1780 38.40 45.18 56.68
C PHE D 1780 38.63 44.23 55.51
N LYS D 1781 39.90 44.05 55.12
CA LYS D 1781 40.21 43.15 54.01
C LYS D 1781 39.95 41.70 54.38
N TYR D 1782 40.21 41.32 55.64
CA TYR D 1782 39.87 39.97 56.12
C TYR D 1782 38.36 39.73 56.06
N TYR D 1783 37.57 40.71 56.49
CA TYR D 1783 36.12 40.55 56.48
C TYR D 1783 35.56 40.49 55.05
N SER D 1784 36.10 41.31 54.13
CA SER D 1784 35.64 41.25 52.75
C SER D 1784 36.05 39.96 52.05
N HIS D 1785 37.28 39.48 52.32
CA HIS D 1785 37.74 38.21 51.76
C HIS D 1785 36.93 37.03 52.30
N PHE D 1786 36.53 37.09 53.57
CA PHE D 1786 35.68 36.06 54.13
C PHE D 1786 34.25 36.14 53.59
N LEU D 1787 33.76 37.35 53.36
CA LEU D 1787 32.44 37.54 52.77
C LEU D 1787 32.38 37.00 51.35
N PHE D 1788 33.50 37.08 50.62
CA PHE D 1788 33.59 36.51 49.28
C PHE D 1788 33.36 34.99 49.30
N LYS D 1789 33.87 34.30 50.31
CA LYS D 1789 33.58 32.87 50.45
C LYS D 1789 32.15 32.63 50.94
N VAL D 1790 31.65 33.48 51.83
CA VAL D 1790 30.33 33.22 52.43
C VAL D 1790 29.19 33.42 51.43
N VAL D 1791 29.27 34.45 50.57
CA VAL D 1791 28.14 34.70 49.67
C VAL D 1791 28.03 33.64 48.56
N THR D 1792 29.12 32.92 48.28
CA THR D 1792 29.06 31.81 47.33
C THR D 1792 28.28 30.63 47.92
N LYS D 1793 28.40 30.41 49.23
CA LYS D 1793 27.69 29.33 49.91
C LYS D 1793 26.18 29.53 49.88
N LEU D 1794 25.72 30.78 49.87
CA LEU D 1794 24.29 31.08 49.84
C LEU D 1794 23.75 31.30 48.43
N VAL D 1795 24.49 30.86 47.41
CA VAL D 1795 23.95 30.73 46.06
C VAL D 1795 23.81 29.23 45.82
N ASN D 1796 24.68 28.45 46.46
CA ASN D 1796 24.52 27.00 46.53
C ASN D 1796 23.30 26.61 47.38
N ARG D 1797 22.89 27.47 48.31
CA ARG D 1797 21.74 27.23 49.16
C ARG D 1797 20.43 27.22 48.36
N GLN D 1800 20.53 31.85 46.43
CA GLN D 1800 19.95 33.17 46.22
C GLN D 1800 20.34 33.74 44.86
N PRO D 1801 19.38 33.77 43.93
CA PRO D 1801 19.64 34.42 42.64
C PRO D 1801 19.88 35.92 42.74
N HIS D 1802 19.36 36.57 43.78
CA HIS D 1802 19.59 38.00 43.94
C HIS D 1802 21.00 38.31 44.42
N LEU D 1803 21.60 37.45 45.23
CA LEU D 1803 22.95 37.67 45.75
C LEU D 1803 24.03 37.51 44.69
N GLU D 1804 23.68 36.92 43.54
CA GLU D 1804 24.59 36.82 42.40
C GLU D 1804 25.04 38.19 41.92
N ASP D 1805 24.15 39.19 42.03
CA ASP D 1805 24.47 40.58 41.68
C ASP D 1805 25.61 41.13 42.53
N PHE D 1806 25.60 40.86 43.84
CA PHE D 1806 26.70 41.34 44.70
C PHE D 1806 27.97 40.53 44.51
N LEU D 1807 27.83 39.19 44.43
CA LEU D 1807 28.98 38.30 44.24
C LEU D 1807 29.74 38.62 42.97
N LEU D 1808 29.04 39.11 41.94
CA LEU D 1808 29.70 39.62 40.76
C LEU D 1808 30.34 40.99 40.98
N ARG D 1809 29.65 41.91 41.69
CA ARG D 1809 30.18 43.27 41.85
C ARG D 1809 31.45 43.32 42.69
N ILE D 1810 31.66 42.34 43.58
CA ILE D 1810 32.79 42.46 44.49
C ILE D 1810 34.04 41.71 43.99
N ASN D 1811 33.90 40.72 43.11
CA ASN D 1811 34.97 39.79 42.74
C ASN D 1811 35.45 40.06 41.32
N PHE D 1812 36.59 40.75 41.15
CA PHE D 1812 37.19 40.61 39.81
C PHE D 1812 38.67 40.38 40.04
N ASN D 1813 39.21 41.22 40.92
CA ASN D 1813 40.59 41.21 41.40
C ASN D 1813 40.63 40.81 42.86
N ASN D 1814 39.47 40.69 43.48
CA ASN D 1814 39.35 40.21 44.85
C ASN D 1814 39.67 38.73 44.93
N TYR D 1815 40.66 38.38 45.74
CA TYR D 1815 40.71 37.02 46.27
C TYR D 1815 40.52 37.10 47.77
N ARG E 3 -5.72 -35.64 -59.71
CA ARG E 3 -5.39 -34.71 -58.64
C ARG E 3 -5.22 -33.29 -59.15
N GLU E 4 -4.04 -32.73 -58.95
CA GLU E 4 -3.74 -31.37 -59.34
C GLU E 4 -3.11 -31.37 -60.73
N ILE E 5 -3.63 -30.51 -61.60
CA ILE E 5 -3.17 -30.44 -62.98
C ILE E 5 -2.85 -28.99 -63.32
N ILE E 6 -1.88 -28.81 -64.21
CA ILE E 6 -1.32 -27.51 -64.53
C ILE E 6 -1.55 -27.25 -66.02
N THR E 7 -2.18 -26.13 -66.34
CA THR E 7 -2.55 -25.83 -67.71
C THR E 7 -1.34 -25.35 -68.49
N LEU E 8 -1.04 -26.03 -69.60
CA LEU E 8 0.01 -25.63 -70.53
C LEU E 8 -0.64 -25.06 -71.78
N GLN E 9 -0.73 -23.73 -71.86
CA GLN E 9 -1.41 -23.10 -72.98
C GLN E 9 -0.42 -22.84 -74.11
N LEU E 10 -0.83 -23.17 -75.32
CA LEU E 10 0.00 -23.07 -76.51
C LEU E 10 -0.91 -22.94 -77.72
N GLY E 11 -0.47 -22.12 -78.68
CA GLY E 11 -1.33 -21.70 -79.76
C GLY E 11 -2.02 -20.39 -79.44
N GLN E 12 -2.44 -19.68 -80.50
CA GLN E 12 -3.09 -18.39 -80.33
C GLN E 12 -4.46 -18.56 -79.67
N CYS E 13 -5.28 -19.45 -80.21
CA CYS E 13 -6.55 -19.77 -79.56
C CYS E 13 -6.34 -20.53 -78.27
N GLY E 14 -5.22 -21.26 -78.15
CA GLY E 14 -4.90 -21.89 -76.88
C GLY E 14 -4.59 -20.89 -75.77
N ASN E 15 -3.84 -19.84 -76.10
CA ASN E 15 -3.61 -18.78 -75.12
C ASN E 15 -4.88 -17.98 -74.84
N GLN E 16 -5.73 -17.81 -75.86
CA GLN E 16 -7.02 -17.14 -75.66
C GLN E 16 -7.92 -17.93 -74.71
N ILE E 17 -8.03 -19.25 -74.90
CA ILE E 17 -8.85 -20.05 -73.99
C ILE E 17 -8.18 -20.20 -72.64
N GLY E 18 -6.85 -20.09 -72.55
CA GLY E 18 -6.20 -20.08 -71.25
C GLY E 18 -6.51 -18.83 -70.45
N PHE E 19 -6.41 -17.66 -71.08
CA PHE E 19 -6.75 -16.40 -70.40
C PHE E 19 -8.23 -16.34 -70.07
N GLU E 20 -9.08 -16.83 -70.99
CA GLU E 20 -10.52 -16.89 -70.75
C GLU E 20 -10.86 -17.86 -69.62
N PHE E 21 -10.13 -18.98 -69.53
CA PHE E 21 -10.31 -19.95 -68.47
C PHE E 21 -9.91 -19.38 -67.12
N TRP E 22 -8.82 -18.61 -67.08
CA TRP E 22 -8.41 -18.04 -65.79
C TRP E 22 -9.32 -16.90 -65.35
N LYS E 23 -9.85 -16.09 -66.28
CA LYS E 23 -10.81 -15.08 -65.84
C LYS E 23 -12.16 -15.71 -65.50
N GLN E 24 -12.50 -16.83 -66.16
CA GLN E 24 -13.68 -17.60 -65.80
C GLN E 24 -13.57 -18.19 -64.40
N LEU E 25 -12.40 -18.71 -64.04
CA LEU E 25 -12.19 -19.25 -62.70
C LEU E 25 -12.06 -18.13 -61.66
N CYS E 26 -11.60 -16.94 -62.08
CA CYS E 26 -11.59 -15.80 -61.17
C CYS E 26 -13.00 -15.33 -60.86
N ALA E 27 -13.88 -15.33 -61.87
CA ALA E 27 -15.28 -15.01 -61.61
C ALA E 27 -15.99 -16.14 -60.85
N GLU E 28 -15.56 -17.38 -61.09
CA GLU E 28 -16.22 -18.55 -60.49
C GLU E 28 -15.93 -18.64 -59.00
N HIS E 29 -14.67 -18.50 -58.62
CA HIS E 29 -14.27 -18.56 -57.22
C HIS E 29 -14.40 -17.18 -56.59
N GLY E 30 -14.50 -17.16 -55.26
CA GLY E 30 -14.59 -15.90 -54.56
C GLY E 30 -13.21 -15.30 -54.33
N ILE E 31 -12.60 -14.80 -55.40
CA ILE E 31 -11.23 -14.29 -55.34
C ILE E 31 -11.19 -12.93 -56.02
N SER E 32 -10.18 -12.14 -55.68
CA SER E 32 -9.88 -10.85 -56.25
C SER E 32 -9.03 -11.04 -57.50
N PRO E 33 -8.84 -10.00 -58.33
CA PRO E 33 -7.85 -10.12 -59.42
C PRO E 33 -6.41 -9.91 -58.98
N GLU E 34 -6.15 -9.88 -57.67
CA GLU E 34 -4.81 -10.02 -57.12
C GLU E 34 -4.58 -11.41 -56.56
N GLY E 35 -5.64 -12.13 -56.22
CA GLY E 35 -5.54 -13.43 -55.59
C GLY E 35 -6.10 -13.50 -54.18
N ILE E 36 -6.38 -12.35 -53.57
CA ILE E 36 -6.79 -12.29 -52.17
C ILE E 36 -8.19 -12.89 -52.01
N VAL E 37 -8.41 -13.60 -50.91
CA VAL E 37 -9.72 -14.15 -50.60
C VAL E 37 -10.72 -13.03 -50.38
N GLU E 38 -11.96 -13.25 -50.80
CA GLU E 38 -13.02 -12.26 -50.68
C GLU E 38 -13.78 -12.44 -49.37
N GLU E 39 -14.88 -11.70 -49.23
CA GLU E 39 -15.71 -11.80 -48.04
C GLU E 39 -17.03 -12.51 -48.32
N PHE E 40 -17.20 -13.03 -49.53
CA PHE E 40 -18.32 -13.88 -49.87
C PHE E 40 -17.89 -15.29 -50.27
N ALA E 41 -16.61 -15.60 -50.22
CA ALA E 41 -16.11 -16.93 -50.56
C ALA E 41 -16.40 -17.92 -49.43
N THR E 45 -15.13 -25.76 -45.41
CA THR E 45 -14.51 -25.00 -46.49
C THR E 45 -14.46 -25.82 -47.78
N ASP E 46 -14.41 -25.13 -48.91
CA ASP E 46 -14.23 -25.79 -50.20
C ASP E 46 -12.75 -25.85 -50.57
N ARG E 47 -12.43 -26.65 -51.58
CA ARG E 47 -11.06 -26.82 -52.04
C ARG E 47 -10.76 -25.83 -53.16
N LYS E 48 -9.63 -25.13 -53.03
CA LYS E 48 -9.10 -24.25 -54.08
C LYS E 48 -7.66 -24.62 -54.36
N ASP E 49 -7.37 -25.91 -54.50
CA ASP E 49 -6.00 -26.39 -54.59
C ASP E 49 -5.78 -27.22 -55.86
N VAL E 50 -6.73 -27.22 -56.78
CA VAL E 50 -6.60 -28.04 -57.99
C VAL E 50 -5.85 -27.25 -59.07
N PHE E 51 -6.07 -25.95 -59.15
CA PHE E 51 -5.37 -25.11 -60.10
C PHE E 51 -4.64 -23.94 -59.44
N PHE E 52 -4.78 -23.77 -58.12
CA PHE E 52 -4.27 -22.59 -57.42
C PHE E 52 -3.37 -23.03 -56.28
N TYR E 53 -2.18 -22.44 -56.21
CA TYR E 53 -1.34 -22.61 -55.04
C TYR E 53 -1.79 -21.68 -53.93
N GLN E 54 -1.78 -22.19 -52.70
CA GLN E 54 -2.06 -21.44 -51.49
C GLN E 54 -0.84 -20.57 -51.22
N ALA E 55 -0.76 -19.43 -51.91
CA ALA E 55 0.34 -18.49 -51.72
C ALA E 55 -0.02 -17.41 -50.71
N ASP E 56 0.81 -16.37 -50.68
CA ASP E 56 1.24 -15.69 -49.46
C ASP E 56 0.14 -15.14 -48.54
N ASP E 57 -0.81 -14.37 -49.05
CA ASP E 57 -1.81 -13.74 -48.20
C ASP E 57 -3.19 -14.30 -48.53
N GLU E 58 -3.28 -15.65 -48.56
CA GLU E 58 -4.37 -16.41 -49.19
C GLU E 58 -4.50 -16.03 -50.66
N HIS E 59 -3.37 -15.80 -51.31
CA HIS E 59 -3.31 -15.52 -52.74
C HIS E 59 -3.41 -16.84 -53.50
N TYR E 60 -4.57 -17.11 -54.06
CA TYR E 60 -4.78 -18.35 -54.82
C TYR E 60 -4.17 -18.13 -56.21
N ILE E 61 -2.85 -18.28 -56.30
CA ILE E 61 -2.17 -18.00 -57.57
C ILE E 61 -2.36 -19.17 -58.51
N PRO E 62 -2.92 -18.95 -59.70
CA PRO E 62 -3.11 -20.04 -60.66
C PRO E 62 -1.79 -20.54 -61.22
N ARG E 63 -1.64 -21.87 -61.27
CA ARG E 63 -0.46 -22.50 -61.81
C ARG E 63 -0.66 -22.71 -63.31
N ALA E 64 0.14 -22.02 -64.12
CA ALA E 64 -0.04 -22.07 -65.57
C ALA E 64 1.31 -21.96 -66.26
N VAL E 65 1.35 -22.45 -67.50
CA VAL E 65 2.51 -22.32 -68.37
C VAL E 65 2.06 -21.67 -69.67
N LEU E 66 2.65 -20.52 -69.99
CA LEU E 66 2.36 -19.82 -71.24
C LEU E 66 3.52 -20.08 -72.20
N LEU E 67 3.22 -20.70 -73.33
CA LEU E 67 4.20 -20.95 -74.37
C LEU E 67 3.64 -20.47 -75.71
N ASP E 68 4.50 -19.83 -76.50
CA ASP E 68 4.19 -19.44 -77.88
C ASP E 68 5.49 -19.11 -78.61
N LEU E 69 5.33 -18.45 -79.76
CA LEU E 69 6.44 -17.94 -80.56
C LEU E 69 5.96 -16.66 -81.22
N GLU E 70 6.83 -15.60 -81.21
CA GLU E 70 6.54 -14.28 -81.75
C GLU E 70 5.31 -13.68 -81.07
N PRO E 71 5.44 -13.21 -79.82
CA PRO E 71 4.29 -13.01 -78.93
C PRO E 71 3.27 -11.97 -79.40
N ARG E 72 2.00 -12.27 -79.18
CA ARG E 72 0.91 -11.37 -79.56
C ARG E 72 -0.03 -11.06 -78.40
N VAL E 73 -0.42 -12.07 -77.61
CA VAL E 73 -1.49 -11.91 -76.62
C VAL E 73 -0.98 -11.42 -75.27
N ILE E 74 0.34 -11.50 -75.04
CA ILE E 74 0.94 -11.13 -73.76
C ILE E 74 0.80 -9.63 -73.52
N HIS E 75 0.73 -8.82 -74.59
CA HIS E 75 0.43 -7.40 -74.45
C HIS E 75 -0.95 -7.18 -73.84
N SER E 76 -1.94 -7.98 -74.26
CA SER E 76 -3.26 -7.92 -73.65
C SER E 76 -3.25 -8.43 -72.22
N ILE E 77 -2.31 -9.34 -71.89
CA ILE E 77 -2.16 -9.76 -70.51
C ILE E 77 -1.51 -8.66 -69.68
N LEU E 78 -0.58 -7.91 -70.28
CA LEU E 78 0.24 -6.94 -69.55
C LEU E 78 -0.58 -5.73 -69.13
N ASN E 79 -1.50 -5.26 -69.98
CA ASN E 79 -2.27 -4.08 -69.63
C ASN E 79 -3.59 -4.42 -68.93
N SER E 80 -3.63 -5.55 -68.24
CA SER E 80 -4.83 -6.07 -67.59
C SER E 80 -4.53 -6.39 -66.13
N PRO E 81 -5.56 -6.53 -65.28
CA PRO E 81 -5.30 -6.94 -63.88
C PRO E 81 -4.98 -8.42 -63.70
N TYR E 82 -4.77 -9.15 -64.79
CA TYR E 82 -4.35 -10.54 -64.74
C TYR E 82 -2.84 -10.69 -64.97
N ALA E 83 -2.12 -9.58 -64.99
CA ALA E 83 -0.67 -9.60 -64.76
C ALA E 83 -0.37 -9.35 -63.29
N LYS E 84 -1.39 -9.09 -62.47
CA LYS E 84 -1.27 -8.98 -61.03
C LYS E 84 -1.92 -10.15 -60.30
N LEU E 85 -2.58 -11.05 -61.03
CA LEU E 85 -3.10 -12.29 -60.45
C LEU E 85 -2.06 -13.39 -60.50
N TYR E 86 -1.45 -13.60 -61.65
CA TYR E 86 -0.37 -14.56 -61.85
C TYR E 86 0.82 -13.84 -62.46
N ASN E 87 1.74 -14.62 -63.07
CA ASN E 87 3.07 -14.27 -63.55
C ASN E 87 4.04 -13.83 -62.45
N PRO E 88 4.50 -14.74 -61.60
CA PRO E 88 5.70 -14.43 -60.79
C PRO E 88 7.00 -14.69 -61.53
N GLU E 89 6.87 -15.19 -62.77
CA GLU E 89 7.80 -15.67 -63.82
C GLU E 89 7.31 -17.03 -64.29
N ASN E 90 6.35 -17.05 -65.23
CA ASN E 90 5.94 -18.28 -65.89
C ASN E 90 5.67 -18.07 -67.37
N ILE E 91 5.81 -16.84 -67.85
CA ILE E 91 5.45 -16.48 -69.22
C ILE E 91 6.70 -16.58 -70.08
N TYR E 92 6.64 -17.43 -71.11
CA TYR E 92 7.73 -17.59 -72.06
C TYR E 92 7.31 -17.01 -73.41
N LEU E 93 8.24 -16.33 -74.07
CA LEU E 93 7.94 -15.69 -75.34
C LEU E 93 8.45 -16.52 -76.51
N GLY E 101 5.75 -21.39 -85.30
CA GLY E 101 5.58 -20.22 -86.15
C GLY E 101 4.28 -20.25 -86.94
N ASN E 102 4.35 -20.75 -88.16
CA ASN E 102 3.18 -20.87 -89.03
C ASN E 102 3.03 -22.27 -89.61
N ASN E 103 4.01 -23.14 -89.41
CA ASN E 103 3.97 -24.51 -89.90
C ASN E 103 4.29 -25.47 -88.75
N TRP E 104 3.90 -26.74 -88.93
CA TRP E 104 4.28 -27.79 -88.00
C TRP E 104 5.79 -28.00 -87.99
N ALA E 105 6.41 -27.98 -89.16
CA ALA E 105 7.84 -28.27 -89.24
C ALA E 105 8.69 -27.13 -88.70
N SER E 106 8.28 -25.88 -88.94
CA SER E 106 9.00 -24.74 -88.39
C SER E 106 8.86 -24.69 -86.87
N GLY E 107 7.66 -25.01 -86.36
CA GLY E 107 7.48 -25.09 -84.91
C GLY E 107 8.25 -26.22 -84.27
N PHE E 108 8.34 -27.36 -84.97
CA PHE E 108 9.12 -28.50 -84.50
C PHE E 108 10.61 -28.16 -84.43
N SER E 109 11.12 -27.52 -85.48
CA SER E 109 12.54 -27.12 -85.52
C SER E 109 12.84 -26.02 -84.50
N GLN E 110 11.87 -25.13 -84.26
CA GLN E 110 12.08 -24.08 -83.27
C GLN E 110 12.01 -24.64 -81.85
N GLY E 111 11.14 -25.63 -81.62
CA GLY E 111 11.09 -26.25 -80.31
C GLY E 111 12.24 -27.20 -80.04
N GLU E 112 12.90 -27.68 -81.09
CA GLU E 112 14.06 -28.55 -80.91
C GLU E 112 15.23 -27.82 -80.25
N LYS E 113 15.48 -26.57 -80.68
CA LYS E 113 16.66 -25.86 -80.18
C LYS E 113 16.45 -25.30 -78.77
N ILE E 114 15.22 -25.02 -78.37
CA ILE E 114 14.96 -24.45 -77.05
C ILE E 114 14.21 -25.45 -76.17
N HIS E 115 14.46 -26.75 -76.37
CA HIS E 115 13.81 -27.76 -75.54
C HIS E 115 14.30 -27.73 -74.10
N GLU E 116 15.53 -27.28 -73.87
CA GLU E 116 16.12 -27.29 -72.52
C GLU E 116 15.40 -26.34 -71.57
N ASP E 117 15.21 -25.08 -71.97
CA ASP E 117 14.62 -24.13 -71.02
C ASP E 117 13.12 -24.31 -70.89
N ILE E 118 12.43 -24.82 -71.92
CA ILE E 118 11.01 -25.12 -71.74
C ILE E 118 10.82 -26.35 -70.87
N PHE E 119 11.74 -27.33 -70.95
CA PHE E 119 11.71 -28.45 -70.01
C PHE E 119 12.07 -28.00 -68.60
N ASP E 120 12.92 -26.98 -68.49
CA ASP E 120 13.19 -26.36 -67.18
C ASP E 120 11.96 -25.66 -66.63
N ILE E 121 11.17 -25.03 -67.50
CA ILE E 121 9.90 -24.41 -67.09
C ILE E 121 8.92 -25.47 -66.60
N ILE E 122 8.84 -26.59 -67.31
CA ILE E 122 7.98 -27.70 -66.89
C ILE E 122 8.44 -28.27 -65.54
N ASP E 123 9.75 -28.41 -65.35
CA ASP E 123 10.29 -28.86 -64.06
C ASP E 123 10.02 -27.87 -62.94
N ARG E 124 10.12 -26.56 -63.24
CA ARG E 124 9.86 -25.53 -62.25
C ARG E 124 8.40 -25.55 -61.80
N GLU E 125 7.47 -25.70 -62.75
CA GLU E 125 6.07 -25.76 -62.37
C GLU E 125 5.71 -27.09 -61.70
N ALA E 126 6.39 -28.18 -62.05
CA ALA E 126 6.18 -29.44 -61.35
C ALA E 126 6.70 -29.38 -59.92
N ASP E 127 7.79 -28.65 -59.70
CA ASP E 127 8.28 -28.44 -58.33
C ASP E 127 7.39 -27.47 -57.57
N GLY E 128 6.74 -26.55 -58.28
CA GLY E 128 5.86 -25.59 -57.63
C GLY E 128 4.61 -26.22 -57.06
N SER E 129 4.04 -27.22 -57.74
CA SER E 129 2.84 -27.88 -57.26
C SER E 129 3.17 -28.81 -56.11
N ASP E 130 2.12 -29.28 -55.41
CA ASP E 130 2.31 -30.10 -54.22
C ASP E 130 1.97 -31.56 -54.51
N SER E 131 1.18 -31.81 -55.54
CA SER E 131 0.84 -33.18 -55.92
C SER E 131 0.65 -33.25 -57.43
N LEU E 132 1.70 -33.65 -58.14
CA LEU E 132 1.66 -33.74 -59.59
C LEU E 132 1.05 -35.07 -60.01
N GLU E 133 0.01 -34.99 -60.83
CA GLU E 133 -0.64 -36.18 -61.36
C GLU E 133 -0.82 -36.11 -62.87
N GLY E 134 -0.94 -34.91 -63.44
CA GLY E 134 -1.13 -34.79 -64.87
C GLY E 134 -0.85 -33.39 -65.36
N PHE E 135 -0.52 -33.31 -66.64
CA PHE E 135 -0.29 -32.05 -67.33
C PHE E 135 -1.43 -31.85 -68.32
N VAL E 136 -2.32 -30.91 -68.01
CA VAL E 136 -3.45 -30.60 -68.88
C VAL E 136 -3.02 -29.52 -69.86
N LEU E 137 -3.41 -29.68 -71.13
CA LEU E 137 -3.01 -28.77 -72.19
C LEU E 137 -4.21 -28.04 -72.75
N CYS E 138 -4.18 -26.72 -72.73
CA CYS E 138 -5.16 -25.89 -73.40
C CYS E 138 -4.56 -25.45 -74.74
N HIS E 139 -4.89 -26.17 -75.80
CA HIS E 139 -4.15 -26.09 -77.05
C HIS E 139 -5.13 -25.97 -78.21
N SER E 140 -4.66 -25.40 -79.32
CA SER E 140 -5.43 -25.31 -80.55
C SER E 140 -4.60 -25.90 -81.68
N ILE E 141 -5.16 -26.88 -82.39
CA ILE E 141 -4.45 -27.50 -83.49
C ILE E 141 -4.49 -26.54 -84.68
N ALA E 142 -3.32 -26.29 -85.28
CA ALA E 142 -3.10 -25.32 -86.36
C ALA E 142 -3.61 -23.94 -85.98
N GLY E 143 -3.18 -23.47 -84.80
CA GLY E 143 -3.42 -22.12 -84.35
C GLY E 143 -2.38 -21.14 -84.83
N GLY E 144 -1.43 -21.63 -85.62
CA GLY E 144 -0.22 -20.89 -85.91
C GLY E 144 0.94 -21.40 -85.09
N THR E 145 1.23 -20.72 -83.98
CA THR E 145 2.38 -21.04 -83.16
C THR E 145 2.25 -22.39 -82.45
N GLY E 146 1.01 -22.87 -82.27
CA GLY E 146 0.81 -24.11 -81.55
C GLY E 146 1.25 -25.36 -82.31
N SER E 147 1.15 -25.32 -83.64
CA SER E 147 1.48 -26.48 -84.46
C SER E 147 2.98 -26.74 -84.46
N GLY E 148 3.35 -27.99 -84.21
CA GLY E 148 4.74 -28.38 -84.15
C GLY E 148 5.36 -28.26 -82.78
N LEU E 149 5.29 -27.07 -82.20
CA LEU E 149 5.76 -26.86 -80.83
C LEU E 149 4.91 -27.66 -79.85
N GLY E 150 3.60 -27.73 -80.08
CA GLY E 150 2.74 -28.54 -79.24
C GLY E 150 3.03 -30.03 -79.33
N SER E 151 3.26 -30.52 -80.56
CA SER E 151 3.59 -31.94 -80.74
C SER E 151 4.94 -32.28 -80.12
N TYR E 152 5.92 -31.38 -80.26
CA TYR E 152 7.23 -31.61 -79.63
C TYR E 152 7.12 -31.57 -78.11
N LEU E 153 6.27 -30.69 -77.58
CA LEU E 153 6.01 -30.68 -76.13
C LEU E 153 5.33 -31.98 -75.69
N LEU E 154 4.44 -32.52 -76.52
CA LEU E 154 3.83 -33.82 -76.22
C LEU E 154 4.86 -34.94 -76.21
N GLU E 155 5.80 -34.92 -77.16
CA GLU E 155 6.88 -35.89 -77.16
C GLU E 155 7.76 -35.76 -75.92
N ARG E 156 8.04 -34.52 -75.51
CA ARG E 156 8.84 -34.30 -74.30
C ARG E 156 8.11 -34.77 -73.05
N LEU E 157 6.80 -34.56 -72.98
CA LEU E 157 6.03 -35.03 -71.82
C LEU E 157 5.93 -36.56 -71.80
N ASN E 158 5.85 -37.19 -72.97
CA ASN E 158 5.81 -38.64 -73.01
C ASN E 158 7.17 -39.26 -72.64
N ASP E 159 8.27 -38.65 -73.10
CA ASP E 159 9.58 -39.18 -72.81
C ASP E 159 9.97 -38.94 -71.36
N ARG E 160 9.71 -37.75 -70.84
CA ARG E 160 10.16 -37.39 -69.49
C ARG E 160 9.19 -37.87 -68.42
N TYR E 161 7.89 -37.87 -68.69
CA TYR E 161 6.89 -38.28 -67.70
C TYR E 161 6.00 -39.38 -68.26
N PRO E 162 6.41 -40.64 -68.18
CA PRO E 162 5.49 -41.74 -68.50
C PRO E 162 4.57 -42.06 -67.34
N LYS E 163 4.92 -41.61 -66.13
CA LYS E 163 4.15 -41.93 -64.95
C LYS E 163 3.04 -40.94 -64.66
N LYS E 164 2.94 -39.84 -65.41
CA LYS E 164 1.93 -38.83 -65.21
C LYS E 164 1.00 -38.75 -66.41
N LEU E 165 -0.10 -38.01 -66.25
CA LEU E 165 -1.11 -37.86 -67.28
C LEU E 165 -0.78 -36.72 -68.24
N VAL E 166 -1.26 -36.86 -69.48
CA VAL E 166 -1.26 -35.79 -70.46
C VAL E 166 -2.70 -35.62 -70.93
N GLN E 167 -3.32 -34.49 -70.57
CA GLN E 167 -4.68 -34.18 -70.96
C GLN E 167 -4.66 -33.06 -71.99
N THR E 168 -5.43 -33.22 -73.06
CA THR E 168 -5.45 -32.23 -74.14
C THR E 168 -6.89 -31.80 -74.40
N TYR E 169 -7.24 -30.59 -73.96
CA TYR E 169 -8.46 -29.92 -74.38
C TYR E 169 -8.13 -29.12 -75.65
N SER E 170 -8.65 -29.56 -76.79
CA SER E 170 -8.17 -29.02 -78.04
C SER E 170 -9.29 -28.90 -79.05
N VAL E 171 -9.14 -27.92 -79.94
CA VAL E 171 -9.98 -27.76 -81.11
C VAL E 171 -9.18 -28.21 -82.33
N PHE E 172 -9.86 -28.78 -83.31
CA PHE E 172 -9.21 -29.40 -84.46
C PHE E 172 -9.62 -28.67 -85.74
N PRO E 173 -8.71 -28.46 -86.69
CA PRO E 173 -9.02 -27.58 -87.81
C PRO E 173 -9.92 -28.21 -88.85
N ASN E 174 -11.17 -27.77 -88.86
CA ASN E 174 -12.10 -28.17 -89.90
C ASN E 174 -12.77 -26.89 -90.38
N GLN E 175 -12.68 -26.65 -91.68
CA GLN E 175 -13.34 -25.51 -92.31
C GLN E 175 -14.33 -25.96 -93.38
N ASP E 176 -14.62 -27.26 -93.43
CA ASP E 176 -15.37 -27.93 -94.50
C ASP E 176 -14.75 -27.66 -95.87
N GLU E 177 -13.42 -27.63 -95.91
CA GLU E 177 -12.61 -27.39 -97.11
C GLU E 177 -12.96 -26.09 -97.84
N ASP E 180 -10.00 -23.17 -97.14
CA ASP E 180 -9.45 -22.09 -96.35
C ASP E 180 -7.92 -22.18 -96.33
N VAL E 181 -7.39 -22.96 -95.41
CA VAL E 181 -5.96 -23.14 -95.25
C VAL E 181 -5.58 -24.53 -95.77
N VAL E 182 -4.54 -24.59 -96.59
CA VAL E 182 -4.15 -25.82 -97.28
C VAL E 182 -2.95 -26.51 -96.64
N VAL E 183 -2.42 -25.96 -95.55
CA VAL E 183 -1.31 -26.58 -94.85
C VAL E 183 -1.76 -27.24 -93.55
N GLN E 184 -2.92 -26.87 -93.02
CA GLN E 184 -3.42 -27.46 -91.78
C GLN E 184 -3.78 -28.96 -91.78
N PRO E 185 -4.15 -29.64 -92.89
CA PRO E 185 -4.37 -31.10 -92.74
C PRO E 185 -3.11 -31.89 -92.45
N TYR E 186 -1.97 -31.49 -93.04
CA TYR E 186 -0.69 -32.13 -92.75
C TYR E 186 -0.32 -31.97 -91.28
N ASN E 187 -0.43 -30.73 -90.79
CA ASN E 187 -0.07 -30.41 -89.41
C ASN E 187 -1.00 -31.11 -88.42
N SER E 188 -2.31 -31.14 -88.72
CA SER E 188 -3.25 -31.78 -87.82
C SER E 188 -3.10 -33.29 -87.82
N LEU E 189 -2.76 -33.90 -88.97
CA LEU E 189 -2.57 -35.35 -88.98
C LEU E 189 -1.30 -35.75 -88.25
N LEU E 190 -0.21 -34.98 -88.43
CA LEU E 190 1.02 -35.26 -87.69
C LEU E 190 0.84 -35.05 -86.19
N THR E 191 0.15 -33.97 -85.80
CA THR E 191 -0.09 -33.70 -84.39
C THR E 191 -1.07 -34.72 -83.81
N LEU E 192 -1.99 -35.25 -84.64
CA LEU E 192 -2.90 -36.29 -84.20
C LEU E 192 -2.16 -37.61 -83.95
N LYS E 193 -1.17 -37.92 -84.79
CA LYS E 193 -0.33 -39.10 -84.53
C LYS E 193 0.49 -38.92 -83.26
N ARG E 194 1.02 -37.71 -83.04
CA ARG E 194 1.71 -37.42 -81.78
C ARG E 194 0.75 -37.47 -80.58
N LEU E 195 -0.51 -37.10 -80.78
CA LEU E 195 -1.48 -37.15 -79.69
C LEU E 195 -1.90 -38.59 -79.38
N THR E 196 -1.90 -39.46 -80.39
CA THR E 196 -2.17 -40.87 -80.12
C THR E 196 -1.01 -41.52 -79.36
N GLN E 197 0.23 -41.29 -79.81
CA GLN E 197 1.34 -42.00 -79.19
C GLN E 197 1.88 -41.33 -77.93
N ASN E 198 1.69 -40.02 -77.75
CA ASN E 198 2.38 -39.28 -76.70
C ASN E 198 1.44 -38.54 -75.76
N ALA E 199 0.12 -38.69 -75.92
CA ALA E 199 -0.83 -38.10 -75.00
C ALA E 199 -1.77 -39.18 -74.49
N ASP E 200 -2.28 -38.99 -73.28
CA ASP E 200 -3.03 -40.03 -72.58
C ASP E 200 -4.53 -39.91 -72.73
N CYS E 201 -5.05 -38.70 -72.96
CA CYS E 201 -6.48 -38.51 -73.22
C CYS E 201 -6.67 -37.22 -74.00
N VAL E 202 -7.56 -37.26 -74.99
CA VAL E 202 -7.85 -36.13 -75.86
C VAL E 202 -9.34 -35.82 -75.81
N VAL E 203 -9.67 -34.59 -75.47
CA VAL E 203 -11.02 -34.07 -75.61
C VAL E 203 -11.08 -33.27 -76.90
N VAL E 204 -11.84 -33.76 -77.86
CA VAL E 204 -11.82 -33.26 -79.23
C VAL E 204 -12.94 -32.24 -79.41
N LEU E 205 -12.61 -31.12 -80.06
CA LEU E 205 -13.57 -30.11 -80.46
C LEU E 205 -13.25 -29.67 -81.88
N ASP E 206 -14.22 -29.03 -82.52
CA ASP E 206 -14.11 -28.68 -83.93
C ASP E 206 -14.52 -27.24 -84.18
N ASN E 207 -13.93 -26.64 -85.21
CA ASN E 207 -14.26 -25.27 -85.57
C ASN E 207 -15.65 -25.17 -86.19
N THR E 208 -16.02 -26.14 -87.04
CA THR E 208 -17.35 -26.10 -87.64
C THR E 208 -18.45 -26.39 -86.63
N ALA E 209 -18.23 -27.31 -85.69
CA ALA E 209 -19.29 -27.64 -84.74
C ALA E 209 -19.55 -26.48 -83.78
N LEU E 210 -18.48 -25.93 -83.19
CA LEU E 210 -18.63 -24.76 -82.32
C LEU E 210 -19.12 -23.54 -83.09
N ASN E 211 -18.66 -23.37 -84.33
CA ASN E 211 -19.08 -22.23 -85.13
C ASN E 211 -20.55 -22.35 -85.54
N ARG E 212 -21.01 -23.56 -85.88
CA ARG E 212 -22.41 -23.77 -86.26
C ARG E 212 -23.33 -23.57 -85.05
N ILE E 213 -22.94 -24.09 -83.89
CA ILE E 213 -23.76 -23.88 -82.70
C ILE E 213 -23.73 -22.41 -82.27
N ALA E 214 -22.60 -21.72 -82.49
CA ALA E 214 -22.52 -20.29 -82.22
C ALA E 214 -23.43 -19.48 -83.16
N THR E 215 -23.48 -19.86 -84.44
CA THR E 215 -24.41 -19.21 -85.36
C THR E 215 -25.86 -19.57 -85.06
N ASP E 216 -26.10 -20.72 -84.43
CA ASP E 216 -27.46 -21.11 -84.08
C ASP E 216 -27.96 -20.33 -82.86
N ARG E 217 -27.21 -20.39 -81.75
CA ARG E 217 -27.67 -19.78 -80.51
C ARG E 217 -27.51 -18.26 -80.49
N LEU E 218 -26.67 -17.71 -81.37
CA LEU E 218 -26.45 -16.27 -81.43
C LEU E 218 -26.68 -15.78 -82.86
N HIS E 219 -26.27 -14.55 -83.14
CA HIS E 219 -26.44 -13.97 -84.46
C HIS E 219 -25.11 -13.44 -85.00
N ILE E 220 -24.05 -14.23 -84.87
CA ILE E 220 -22.71 -13.84 -85.30
C ILE E 220 -22.25 -14.78 -86.40
N GLN E 221 -21.28 -14.34 -87.20
CA GLN E 221 -20.53 -15.29 -88.01
C GLN E 221 -19.04 -14.95 -88.09
N ASN E 222 -18.68 -13.67 -88.02
CA ASN E 222 -17.27 -13.29 -88.13
C ASN E 222 -16.46 -13.41 -86.83
N PRO E 223 -16.92 -12.93 -85.61
CA PRO E 223 -16.06 -13.09 -84.43
C PRO E 223 -16.22 -14.45 -83.75
N SER E 224 -15.80 -15.51 -84.44
CA SER E 224 -15.96 -16.86 -83.91
C SER E 224 -15.04 -17.12 -82.72
N PHE E 225 -13.84 -16.52 -82.70
CA PHE E 225 -12.83 -16.84 -81.71
C PHE E 225 -13.26 -16.46 -80.29
N SER E 226 -13.84 -15.27 -80.14
CA SER E 226 -14.16 -14.75 -78.81
C SER E 226 -15.29 -15.52 -78.13
N GLN E 227 -16.18 -16.14 -78.91
CA GLN E 227 -17.24 -16.95 -78.35
C GLN E 227 -16.83 -18.41 -78.22
N ILE E 228 -15.92 -18.87 -79.08
CA ILE E 228 -15.31 -20.19 -78.89
C ILE E 228 -14.50 -20.22 -77.60
N ASN E 229 -13.87 -19.10 -77.22
CA ASN E 229 -13.19 -19.00 -75.93
C ASN E 229 -14.16 -19.22 -74.77
N GLN E 230 -15.34 -18.58 -74.84
CA GLN E 230 -16.37 -18.75 -73.81
C GLN E 230 -16.88 -20.18 -73.76
N LEU E 231 -17.13 -20.79 -74.93
CA LEU E 231 -17.65 -22.15 -74.98
C LEU E 231 -16.65 -23.17 -74.43
N VAL E 232 -15.38 -23.07 -74.84
CA VAL E 232 -14.35 -23.97 -74.36
C VAL E 232 -14.06 -23.76 -72.87
N SER E 233 -14.13 -22.51 -72.40
CA SER E 233 -13.94 -22.25 -70.97
C SER E 233 -15.07 -22.86 -70.14
N THR E 234 -16.33 -22.74 -70.61
CA THR E 234 -17.45 -23.36 -69.91
C THR E 234 -17.35 -24.88 -69.93
N ILE E 235 -16.92 -25.46 -71.05
CA ILE E 235 -16.73 -26.90 -71.16
C ILE E 235 -15.65 -27.39 -70.20
N MET E 236 -14.52 -26.67 -70.14
CA MET E 236 -13.41 -27.07 -69.28
C MET E 236 -13.76 -26.90 -67.81
N SER E 237 -14.49 -25.83 -67.47
CA SER E 237 -14.94 -25.65 -66.08
C SER E 237 -15.97 -26.71 -65.69
N ALA E 238 -16.84 -27.12 -66.62
CA ALA E 238 -17.80 -28.17 -66.32
C ALA E 238 -17.12 -29.53 -66.15
N SER E 239 -16.08 -29.79 -66.94
CA SER E 239 -15.37 -31.06 -66.81
C SER E 239 -14.51 -31.13 -65.55
N THR E 240 -14.08 -29.99 -65.02
CA THR E 240 -13.30 -29.96 -63.79
C THR E 240 -14.08 -29.45 -62.59
N THR E 241 -15.40 -29.31 -62.71
CA THR E 241 -16.23 -28.87 -61.59
C THR E 241 -16.17 -29.83 -60.41
N THR E 242 -16.24 -31.14 -60.67
CA THR E 242 -16.18 -32.11 -59.58
C THR E 242 -14.79 -32.22 -58.98
N LEU E 243 -13.75 -31.80 -59.70
CA LEU E 243 -12.41 -31.79 -59.13
C LEU E 243 -12.16 -30.54 -58.29
N ARG E 244 -12.53 -29.37 -58.83
CA ARG E 244 -12.32 -28.11 -58.12
C ARG E 244 -13.23 -27.99 -56.90
N TYR E 245 -14.52 -28.25 -57.06
CA TYR E 245 -15.45 -28.24 -55.95
C TYR E 245 -15.71 -29.67 -55.49
N PRO E 246 -15.55 -29.96 -54.20
CA PRO E 246 -15.50 -31.35 -53.74
C PRO E 246 -16.84 -32.07 -53.86
N GLY E 247 -16.85 -33.09 -54.71
CA GLY E 247 -17.85 -34.14 -54.64
C GLY E 247 -17.21 -35.27 -53.86
N TYR E 248 -17.59 -36.51 -54.16
CA TYR E 248 -16.91 -37.64 -53.54
C TYR E 248 -16.76 -38.81 -54.49
N MET E 249 -16.99 -38.61 -55.78
CA MET E 249 -16.69 -39.61 -56.79
C MET E 249 -15.48 -39.14 -57.59
N ASN E 250 -14.47 -40.04 -57.66
CA ASN E 250 -13.33 -40.03 -58.59
C ASN E 250 -12.74 -38.65 -58.87
N ASN E 251 -12.45 -37.91 -57.79
CA ASN E 251 -12.03 -36.53 -57.88
C ASN E 251 -10.56 -36.38 -58.24
N ASP E 252 -9.83 -37.49 -58.30
CA ASP E 252 -8.54 -37.53 -58.98
C ASP E 252 -8.79 -37.68 -60.48
N LEU E 253 -7.85 -37.18 -61.29
CA LEU E 253 -8.04 -37.23 -62.73
C LEU E 253 -7.95 -38.67 -63.24
N ILE E 254 -7.09 -39.47 -62.61
CA ILE E 254 -6.88 -40.86 -62.99
C ILE E 254 -8.16 -41.69 -62.85
N GLY E 255 -8.87 -41.55 -61.73
CA GLY E 255 -10.09 -42.32 -61.54
C GLY E 255 -11.26 -41.80 -62.36
N LEU E 256 -11.24 -40.50 -62.68
CA LEU E 256 -12.30 -39.94 -63.50
C LEU E 256 -12.17 -40.39 -64.95
N ILE E 257 -10.96 -40.29 -65.52
CA ILE E 257 -10.77 -40.70 -66.91
C ILE E 257 -10.69 -42.23 -67.01
N ALA E 258 -10.56 -42.92 -65.87
CA ALA E 258 -10.54 -44.39 -65.86
C ALA E 258 -11.85 -44.99 -66.36
N SER E 259 -12.99 -44.40 -66.00
CA SER E 259 -14.26 -44.87 -66.54
C SER E 259 -14.51 -44.32 -67.94
N LEU E 260 -13.85 -43.21 -68.30
CA LEU E 260 -14.21 -42.49 -69.51
C LEU E 260 -13.67 -43.14 -70.78
N ILE E 261 -12.56 -43.86 -70.69
CA ILE E 261 -11.95 -44.50 -71.87
C ILE E 261 -12.27 -45.99 -71.83
N PRO E 262 -13.14 -46.49 -72.71
CA PRO E 262 -13.40 -47.94 -72.73
C PRO E 262 -12.42 -48.71 -73.60
N THR E 263 -11.92 -48.05 -74.65
CA THR E 263 -11.11 -48.72 -75.65
C THR E 263 -9.75 -48.04 -75.62
N PRO E 264 -8.68 -48.80 -75.39
CA PRO E 264 -7.40 -48.19 -74.98
C PRO E 264 -6.67 -47.45 -76.07
N ARG E 265 -7.11 -47.54 -77.31
CA ARG E 265 -6.56 -46.72 -78.37
C ARG E 265 -7.54 -45.64 -78.80
N LEU E 266 -8.83 -45.87 -78.55
CA LEU E 266 -9.89 -44.93 -78.89
C LEU E 266 -10.19 -44.11 -77.64
N HIS E 267 -9.47 -43.01 -77.48
CA HIS E 267 -9.56 -42.18 -76.29
C HIS E 267 -10.05 -40.78 -76.63
N PHE E 268 -10.78 -40.65 -77.73
CA PHE E 268 -11.37 -39.39 -78.15
C PHE E 268 -12.81 -39.36 -77.67
N LEU E 269 -13.15 -38.35 -76.88
CA LEU E 269 -14.39 -38.34 -76.12
C LEU E 269 -15.34 -37.27 -76.65
N MET E 270 -16.60 -37.66 -76.81
CA MET E 270 -17.65 -36.70 -77.12
C MET E 270 -17.89 -35.79 -75.92
N THR E 271 -18.16 -34.52 -76.21
CA THR E 271 -18.42 -33.55 -75.16
C THR E 271 -19.65 -32.72 -75.51
N GLY E 272 -20.77 -33.06 -74.88
CA GLY E 272 -21.98 -32.28 -75.03
C GLY E 272 -22.22 -31.37 -73.83
N TYR E 273 -23.18 -30.47 -73.99
CA TYR E 273 -23.48 -29.49 -72.95
C TYR E 273 -24.91 -29.03 -73.16
N THR E 274 -25.81 -29.38 -72.23
CA THR E 274 -27.24 -29.14 -72.41
C THR E 274 -27.65 -27.67 -72.46
N PRO E 275 -27.06 -26.71 -71.72
CA PRO E 275 -27.26 -25.32 -72.12
C PRO E 275 -26.23 -24.87 -73.15
N LEU E 276 -26.70 -24.56 -74.35
CA LEU E 276 -25.81 -23.95 -75.34
C LEU E 276 -25.57 -22.49 -74.97
N THR E 277 -26.62 -21.79 -74.61
CA THR E 277 -26.55 -20.53 -73.89
C THR E 277 -27.13 -20.80 -72.51
N THR E 278 -26.53 -20.23 -71.46
CA THR E 278 -26.98 -20.49 -70.11
C THR E 278 -28.19 -19.65 -69.73
N ASP E 279 -28.63 -18.77 -70.62
CA ASP E 279 -29.85 -17.99 -70.43
C ASP E 279 -30.83 -18.29 -71.56
N LYS E 287 -38.87 -26.95 -64.06
CA LYS E 287 -38.01 -26.39 -65.09
C LYS E 287 -37.61 -27.48 -66.08
N THR E 288 -36.66 -28.31 -65.66
CA THR E 288 -36.25 -29.47 -66.43
C THR E 288 -35.98 -30.65 -65.50
N THR E 289 -36.17 -31.84 -66.03
CA THR E 289 -35.79 -33.06 -65.33
C THR E 289 -34.54 -33.64 -65.97
N VAL E 290 -33.94 -34.61 -65.27
CA VAL E 290 -32.71 -35.21 -65.79
C VAL E 290 -33.00 -36.15 -66.96
N LEU E 291 -34.23 -36.68 -67.05
CA LEU E 291 -34.63 -37.49 -68.21
C LEU E 291 -34.59 -36.66 -69.49
N ASP E 292 -35.12 -35.44 -69.43
CA ASP E 292 -35.20 -34.60 -70.62
C ASP E 292 -33.82 -34.11 -71.06
N VAL E 293 -32.95 -33.75 -70.11
CA VAL E 293 -31.62 -33.32 -70.52
C VAL E 293 -30.75 -34.50 -70.92
N MET E 294 -31.03 -35.73 -70.46
CA MET E 294 -30.31 -36.88 -70.99
C MET E 294 -30.77 -37.21 -72.41
N ARG E 295 -32.06 -37.08 -72.69
CA ARG E 295 -32.56 -37.27 -74.05
C ARG E 295 -32.02 -36.18 -74.98
N ARG E 296 -31.91 -34.95 -74.48
CA ARG E 296 -31.24 -33.87 -75.20
C ARG E 296 -29.76 -34.18 -75.41
N LEU E 297 -29.11 -34.72 -74.38
CA LEU E 297 -27.66 -34.76 -74.34
C LEU E 297 -27.10 -35.88 -75.20
N LEU E 298 -27.87 -36.95 -75.42
CA LEU E 298 -27.44 -38.00 -76.33
C LEU E 298 -27.64 -37.64 -77.79
N GLN E 299 -28.42 -36.59 -78.10
CA GLN E 299 -28.55 -36.14 -79.48
C GLN E 299 -27.29 -35.42 -79.92
N PRO E 300 -26.80 -35.67 -81.15
CA PRO E 300 -25.58 -35.02 -81.61
C PRO E 300 -25.72 -33.53 -81.92
N LYS E 301 -26.95 -33.01 -82.02
CA LYS E 301 -27.14 -31.59 -82.25
C LYS E 301 -26.80 -30.74 -81.04
N ASN E 302 -26.93 -31.29 -79.83
CA ASN E 302 -26.50 -30.61 -78.63
C ASN E 302 -25.02 -30.80 -78.33
N VAL E 303 -24.37 -31.73 -79.02
CA VAL E 303 -22.94 -32.00 -78.83
C VAL E 303 -22.15 -31.07 -79.74
N MET E 304 -21.06 -30.50 -79.22
CA MET E 304 -20.18 -29.63 -79.97
C MET E 304 -19.10 -30.40 -80.73
N VAL E 305 -19.36 -31.65 -81.08
CA VAL E 305 -18.43 -32.50 -81.81
C VAL E 305 -19.15 -33.02 -83.05
N SER E 306 -18.49 -32.91 -84.20
CA SER E 306 -19.05 -33.41 -85.46
C SER E 306 -19.12 -34.94 -85.46
N THR E 313 -24.29 -46.11 -92.66
CA THR E 313 -23.17 -46.56 -91.83
C THR E 313 -23.64 -46.91 -90.42
N ASN E 314 -22.83 -47.70 -89.72
CA ASN E 314 -23.17 -48.14 -88.38
C ASN E 314 -22.23 -47.45 -87.38
N HIS E 315 -22.74 -46.43 -86.70
CA HIS E 315 -21.99 -45.77 -85.63
C HIS E 315 -22.75 -45.90 -84.32
N CYS E 316 -22.02 -46.24 -83.27
CA CYS E 316 -22.58 -46.38 -81.93
C CYS E 316 -21.47 -46.13 -80.92
N TYR E 317 -21.86 -45.76 -79.70
CA TYR E 317 -20.90 -45.55 -78.63
C TYR E 317 -20.25 -46.85 -78.20
N ILE E 318 -19.23 -46.74 -77.36
CA ILE E 318 -18.66 -47.89 -76.67
C ILE E 318 -18.98 -47.85 -75.18
N ALA E 319 -18.70 -46.73 -74.52
CA ALA E 319 -19.17 -46.47 -73.17
C ALA E 319 -19.53 -45.01 -73.03
N ILE E 320 -20.58 -44.74 -72.27
CA ILE E 320 -21.11 -43.41 -72.07
C ILE E 320 -21.02 -43.09 -70.58
N LEU E 321 -20.67 -41.84 -70.27
CA LEU E 321 -20.84 -41.33 -68.91
C LEU E 321 -21.33 -39.89 -68.99
N ASN E 322 -22.24 -39.53 -68.10
CA ASN E 322 -22.73 -38.16 -68.04
C ASN E 322 -22.69 -37.65 -66.59
N ILE E 323 -22.47 -36.35 -66.47
CA ILE E 323 -22.35 -35.70 -65.17
C ILE E 323 -23.43 -34.61 -65.08
N ILE E 324 -24.26 -34.69 -64.05
CA ILE E 324 -25.36 -33.75 -63.87
C ILE E 324 -25.10 -32.94 -62.61
N GLN E 325 -25.12 -31.62 -62.76
CA GLN E 325 -24.91 -30.70 -61.63
C GLN E 325 -25.98 -29.63 -61.66
N GLY E 326 -26.61 -29.41 -60.51
CA GLY E 326 -27.66 -28.40 -60.40
C GLY E 326 -28.55 -28.69 -59.20
N GLU E 327 -29.79 -28.25 -59.30
CA GLU E 327 -30.80 -28.53 -58.29
C GLU E 327 -31.48 -29.87 -58.62
N VAL E 328 -30.77 -30.97 -58.36
CA VAL E 328 -31.16 -32.29 -58.84
C VAL E 328 -31.77 -33.09 -57.70
N ASP E 329 -32.82 -33.86 -58.01
CA ASP E 329 -33.35 -34.90 -57.13
C ASP E 329 -32.73 -36.23 -57.50
N PRO E 330 -32.08 -36.93 -56.57
CA PRO E 330 -31.32 -38.15 -56.91
C PRO E 330 -32.17 -39.34 -57.35
N THR E 331 -33.43 -39.41 -56.93
CA THR E 331 -34.30 -40.50 -57.39
C THR E 331 -34.71 -40.28 -58.85
N GLN E 332 -34.67 -39.04 -59.32
CA GLN E 332 -34.83 -38.82 -60.75
C GLN E 332 -33.60 -39.30 -61.53
N VAL E 333 -32.41 -39.26 -60.93
CA VAL E 333 -31.22 -39.83 -61.58
C VAL E 333 -31.36 -41.35 -61.74
N HIS E 334 -31.88 -42.03 -60.70
CA HIS E 334 -32.38 -43.40 -60.80
C HIS E 334 -33.29 -43.62 -62.00
N LYS E 335 -34.48 -42.99 -61.99
CA LYS E 335 -35.50 -43.29 -62.99
C LYS E 335 -35.07 -42.87 -64.40
N SER E 336 -34.27 -41.81 -64.49
CA SER E 336 -33.71 -41.40 -65.76
C SER E 336 -32.74 -42.43 -66.31
N LEU E 337 -31.87 -42.98 -65.47
CA LEU E 337 -30.94 -44.02 -65.93
C LEU E 337 -31.69 -45.27 -66.38
N GLN E 338 -32.74 -45.63 -65.63
CA GLN E 338 -33.57 -46.78 -65.98
C GLN E 338 -34.19 -46.62 -67.37
N ARG E 339 -34.84 -45.47 -67.59
CA ARG E 339 -35.56 -45.27 -68.85
C ARG E 339 -34.61 -45.02 -70.02
N ILE E 340 -33.49 -44.33 -69.79
CA ILE E 340 -32.49 -44.11 -70.83
C ILE E 340 -31.89 -45.41 -71.34
N ARG E 341 -31.47 -46.33 -70.44
CA ARG E 341 -30.88 -47.55 -70.98
C ARG E 341 -31.94 -48.50 -71.54
N GLU E 342 -33.16 -48.52 -70.96
CA GLU E 342 -34.15 -49.46 -71.49
C GLU E 342 -34.81 -49.01 -72.78
N ARG E 343 -34.93 -47.71 -73.06
CA ARG E 343 -35.59 -47.34 -74.30
C ARG E 343 -34.65 -47.36 -75.50
N LYS E 344 -33.41 -47.83 -75.31
CA LYS E 344 -32.41 -48.08 -76.36
C LYS E 344 -31.99 -46.80 -77.07
N LEU E 345 -31.86 -45.71 -76.30
CA LEU E 345 -31.25 -44.50 -76.83
C LEU E 345 -29.78 -44.39 -76.46
N ALA E 346 -29.30 -45.25 -75.58
CA ALA E 346 -27.87 -45.47 -75.38
C ALA E 346 -27.48 -46.56 -76.35
N ASN E 347 -26.83 -46.17 -77.44
CA ASN E 347 -26.60 -47.07 -78.57
C ASN E 347 -25.15 -47.51 -78.56
N PHE E 348 -24.93 -48.80 -78.30
CA PHE E 348 -23.60 -49.37 -78.16
C PHE E 348 -23.67 -50.87 -78.39
N ILE E 349 -22.76 -51.36 -79.23
CA ILE E 349 -22.54 -52.78 -79.41
C ILE E 349 -21.09 -53.08 -79.04
N PRO E 350 -20.78 -53.31 -77.76
CA PRO E 350 -19.39 -53.48 -77.37
C PRO E 350 -18.95 -54.94 -77.38
N TRP E 351 -17.63 -55.13 -77.24
CA TRP E 351 -17.05 -56.45 -77.01
C TRP E 351 -17.00 -56.80 -75.54
N GLY E 352 -17.47 -55.91 -74.67
CA GLY E 352 -17.68 -56.21 -73.28
C GLY E 352 -19.06 -55.79 -72.84
N PRO E 353 -19.22 -55.54 -71.55
CA PRO E 353 -20.51 -55.03 -71.04
C PRO E 353 -20.59 -53.52 -70.93
N ALA E 354 -19.69 -52.79 -71.60
CA ALA E 354 -19.47 -51.37 -71.29
C ALA E 354 -20.68 -50.53 -71.67
N SER E 355 -21.05 -49.62 -70.77
CA SER E 355 -22.42 -49.12 -70.71
C SER E 355 -22.46 -47.61 -70.49
N ILE E 356 -23.68 -47.10 -70.38
CA ILE E 356 -23.91 -45.72 -69.99
C ILE E 356 -23.86 -45.60 -68.48
N GLN E 357 -23.25 -44.52 -68.00
CA GLN E 357 -22.99 -44.30 -66.59
C GLN E 357 -23.56 -42.95 -66.17
N VAL E 358 -24.18 -42.91 -65.00
CA VAL E 358 -24.61 -41.64 -64.41
C VAL E 358 -23.58 -41.17 -63.41
N ALA E 359 -23.50 -39.86 -63.27
CA ALA E 359 -22.62 -39.24 -62.30
C ALA E 359 -23.25 -37.92 -61.86
N LEU E 360 -23.04 -37.58 -60.60
CA LEU E 360 -23.63 -36.40 -59.99
C LEU E 360 -22.53 -35.46 -59.55
N SER E 361 -22.81 -34.17 -59.61
CA SER E 361 -21.89 -33.16 -59.12
C SER E 361 -22.68 -32.08 -58.39
N ARG E 362 -21.99 -31.37 -57.51
CA ARG E 362 -22.56 -30.24 -56.81
C ARG E 362 -22.28 -28.98 -57.63
N LYS E 363 -23.34 -28.21 -57.91
CA LYS E 363 -23.16 -26.95 -58.61
C LYS E 363 -22.44 -25.96 -57.70
N SER E 364 -21.61 -25.12 -58.31
CA SER E 364 -20.71 -24.25 -57.58
C SER E 364 -21.48 -23.21 -56.75
N PRO E 365 -21.19 -23.10 -55.45
CA PRO E 365 -21.67 -21.96 -54.67
C PRO E 365 -20.97 -20.68 -55.11
N TYR E 366 -21.77 -19.62 -55.29
CA TYR E 366 -21.33 -18.31 -55.80
C TYR E 366 -20.86 -18.49 -57.25
N LEU E 367 -21.72 -19.06 -58.08
CA LEU E 367 -21.57 -18.76 -59.49
C LEU E 367 -22.22 -17.41 -59.76
N PRO E 368 -21.58 -16.55 -60.56
CA PRO E 368 -22.30 -15.36 -61.04
C PRO E 368 -23.32 -15.69 -62.10
N SER E 369 -23.22 -16.88 -62.70
CA SER E 369 -24.20 -17.36 -63.66
C SER E 369 -25.49 -17.77 -62.98
N ALA E 370 -26.62 -17.50 -63.63
CA ALA E 370 -27.92 -17.98 -63.20
C ALA E 370 -28.22 -19.29 -63.92
N HIS E 371 -29.40 -19.86 -63.61
CA HIS E 371 -29.92 -21.09 -64.22
C HIS E 371 -28.97 -22.26 -64.01
N ARG E 372 -28.81 -22.66 -62.74
CA ARG E 372 -27.68 -23.48 -62.29
C ARG E 372 -27.78 -24.95 -62.71
N VAL E 373 -28.84 -25.35 -63.40
CA VAL E 373 -28.96 -26.71 -63.90
C VAL E 373 -28.16 -26.83 -65.20
N SER E 374 -27.16 -27.70 -65.21
CA SER E 374 -26.31 -27.89 -66.39
C SER E 374 -25.88 -29.35 -66.47
N GLY E 375 -25.77 -29.85 -67.70
CA GLY E 375 -25.39 -31.24 -67.91
C GLY E 375 -24.22 -31.36 -68.86
N LEU E 376 -23.47 -32.44 -68.69
CA LEU E 376 -22.28 -32.74 -69.48
C LEU E 376 -22.24 -34.22 -69.78
N MET E 377 -21.69 -34.59 -70.93
CA MET E 377 -21.47 -35.99 -71.27
C MET E 377 -20.03 -36.17 -71.74
N MET E 378 -19.43 -37.29 -71.33
CA MET E 378 -18.10 -37.69 -71.76
C MET E 378 -18.19 -39.14 -72.24
N ALA E 379 -18.32 -39.33 -73.54
CA ALA E 379 -18.57 -40.65 -74.11
C ALA E 379 -17.69 -40.86 -75.33
N ASN E 380 -17.36 -42.13 -75.58
CA ASN E 380 -16.55 -42.50 -76.75
C ASN E 380 -17.50 -43.04 -77.81
N HIS E 381 -17.51 -42.37 -78.97
CA HIS E 381 -18.38 -42.68 -80.10
C HIS E 381 -17.51 -42.95 -81.31
N THR E 382 -17.94 -43.89 -82.15
CA THR E 382 -17.19 -44.20 -83.36
C THR E 382 -17.45 -43.20 -84.49
N SER E 383 -18.46 -42.34 -84.36
CA SER E 383 -18.82 -41.41 -85.42
C SER E 383 -17.72 -40.38 -85.69
N ILE E 384 -16.91 -40.08 -84.67
CA ILE E 384 -15.74 -39.20 -84.82
C ILE E 384 -14.76 -39.75 -85.85
N SER E 385 -14.74 -41.08 -86.06
CA SER E 385 -13.89 -41.70 -87.07
C SER E 385 -14.21 -41.16 -88.45
N SER E 386 -15.50 -40.94 -88.74
CA SER E 386 -15.91 -40.38 -90.02
C SER E 386 -15.32 -38.99 -90.22
N LEU E 387 -15.33 -38.18 -89.15
CA LEU E 387 -14.70 -36.86 -89.23
C LEU E 387 -13.20 -37.00 -89.42
N PHE E 388 -12.58 -37.98 -88.74
CA PHE E 388 -11.17 -38.27 -88.96
C PHE E 388 -10.93 -38.71 -90.38
N GLU E 389 -11.89 -39.44 -90.98
CA GLU E 389 -11.75 -39.90 -92.35
C GLU E 389 -11.68 -38.73 -93.33
N ARG E 390 -12.34 -37.61 -92.98
CA ARG E 390 -12.24 -36.41 -93.80
C ARG E 390 -10.80 -35.92 -93.86
N THR E 391 -10.11 -35.91 -92.72
CA THR E 391 -8.68 -35.59 -92.71
C THR E 391 -7.89 -36.66 -93.46
N CYS E 392 -8.30 -37.94 -93.33
CA CYS E 392 -7.66 -39.01 -94.09
C CYS E 392 -7.90 -38.84 -95.58
N ARG E 393 -8.99 -38.18 -95.96
CA ARG E 393 -9.14 -37.81 -97.37
C ARG E 393 -8.19 -36.66 -97.72
N GLN E 394 -8.16 -35.61 -96.88
CA GLN E 394 -7.68 -34.30 -97.31
C GLN E 394 -6.19 -34.33 -97.63
N TYR E 395 -5.38 -34.84 -96.69
CA TYR E 395 -3.94 -35.02 -96.90
C TYR E 395 -3.67 -35.86 -98.14
N ASP E 396 -4.42 -36.95 -98.31
CA ASP E 396 -4.24 -37.80 -99.49
C ASP E 396 -4.58 -37.03 -100.76
N LYS E 397 -5.65 -36.23 -100.72
CA LYS E 397 -5.99 -35.39 -101.85
C LYS E 397 -4.91 -34.35 -102.09
N LEU E 398 -4.43 -33.71 -101.01
CA LEU E 398 -3.39 -32.71 -101.17
C LEU E 398 -2.03 -33.35 -101.42
N ARG E 399 -1.90 -34.67 -101.26
CA ARG E 399 -0.66 -35.30 -101.69
C ARG E 399 -0.69 -35.58 -103.18
N LYS E 400 -1.90 -35.70 -103.77
CA LYS E 400 -1.97 -36.07 -105.18
C LYS E 400 -1.90 -34.85 -106.09
N ARG E 401 -2.44 -33.72 -105.65
CA ARG E 401 -2.39 -32.50 -106.45
C ARG E 401 -1.00 -31.88 -106.43
N GLU E 402 -0.33 -31.94 -105.28
CA GLU E 402 1.05 -31.51 -105.03
C GLU E 402 1.25 -30.04 -105.39
N ALA E 403 0.47 -29.17 -104.75
CA ALA E 403 0.72 -27.74 -104.78
C ALA E 403 0.39 -27.15 -103.41
N PHE E 404 0.14 -28.02 -102.44
CA PHE E 404 -0.33 -27.62 -101.13
C PHE E 404 0.43 -28.28 -99.99
N LEU E 405 1.34 -29.22 -100.30
CA LEU E 405 2.41 -29.55 -99.37
C LEU E 405 3.40 -28.40 -99.28
N GLU E 406 3.48 -27.61 -100.36
CA GLU E 406 4.12 -26.30 -100.51
C GLU E 406 5.65 -26.37 -100.58
N GLN E 407 6.23 -27.56 -100.33
CA GLN E 407 7.66 -27.83 -100.36
C GLN E 407 8.43 -26.84 -99.47
N PHE E 408 8.04 -26.78 -98.21
CA PHE E 408 8.79 -25.99 -97.24
C PHE E 408 10.05 -26.75 -96.84
N ARG E 409 11.14 -26.00 -96.65
CA ARG E 409 12.44 -26.61 -96.40
C ARG E 409 12.54 -27.21 -95.01
N LYS E 410 11.75 -26.67 -94.07
CA LYS E 410 11.71 -27.24 -92.72
C LYS E 410 11.07 -28.63 -92.73
N GLU E 411 10.09 -28.84 -93.62
CA GLU E 411 9.54 -30.17 -93.83
C GLU E 411 10.57 -31.11 -94.44
N ASP E 412 11.49 -30.57 -95.25
CA ASP E 412 12.54 -31.40 -95.84
C ASP E 412 13.56 -31.82 -94.80
N MET E 413 13.95 -30.90 -93.90
CA MET E 413 14.90 -31.28 -92.86
C MET E 413 14.25 -32.04 -91.71
N PHE E 414 12.92 -31.99 -91.60
CA PHE E 414 12.23 -32.86 -90.64
C PHE E 414 12.34 -34.32 -91.06
N LYS E 415 12.11 -34.61 -92.34
CA LYS E 415 12.21 -35.97 -92.85
C LYS E 415 12.47 -35.94 -94.35
N ASP E 416 13.52 -36.62 -94.79
CA ASP E 416 13.92 -36.57 -96.20
C ASP E 416 12.96 -37.36 -97.09
N ASN E 417 12.47 -38.49 -96.60
CA ASN E 417 11.60 -39.34 -97.40
C ASN E 417 10.14 -38.93 -97.33
N PHE E 418 9.79 -38.04 -96.40
CA PHE E 418 8.42 -37.60 -96.11
C PHE E 418 7.51 -38.78 -95.75
N ASP E 419 8.08 -39.78 -95.08
CA ASP E 419 7.33 -40.96 -94.68
C ASP E 419 6.71 -40.84 -93.30
N GLU E 420 6.97 -39.75 -92.58
CA GLU E 420 6.30 -39.53 -91.30
C GLU E 420 4.82 -39.24 -91.49
N MET E 421 4.47 -38.56 -92.59
CA MET E 421 3.07 -38.33 -92.91
C MET E 421 2.37 -39.65 -93.27
N ASP E 422 3.08 -40.54 -93.97
CA ASP E 422 2.54 -41.87 -94.24
C ASP E 422 2.41 -42.69 -92.97
N THR E 423 3.34 -42.51 -92.03
CA THR E 423 3.24 -43.17 -90.72
C THR E 423 2.03 -42.66 -89.94
N SER E 424 1.78 -41.36 -89.99
CA SER E 424 0.59 -40.79 -89.35
C SER E 424 -0.70 -41.29 -90.01
N ARG E 425 -0.68 -41.43 -91.34
CA ARG E 425 -1.84 -41.97 -92.06
C ARG E 425 -2.06 -43.43 -91.69
N GLU E 426 -0.98 -44.19 -91.52
CA GLU E 426 -1.10 -45.59 -91.07
C GLU E 426 -1.66 -45.68 -89.66
N ILE E 427 -1.20 -44.81 -88.76
CA ILE E 427 -1.67 -44.82 -87.37
C ILE E 427 -3.15 -44.45 -87.30
N VAL E 428 -3.57 -43.44 -88.06
CA VAL E 428 -4.98 -43.06 -88.02
C VAL E 428 -5.83 -44.09 -88.79
N GLN E 429 -5.26 -44.82 -89.74
CA GLN E 429 -5.99 -45.90 -90.39
C GLN E 429 -6.21 -47.07 -89.44
N GLN E 430 -5.19 -47.40 -88.63
CA GLN E 430 -5.38 -48.34 -87.53
C GLN E 430 -6.44 -47.85 -86.54
N LEU E 431 -6.48 -46.54 -86.29
CA LEU E 431 -7.51 -45.96 -85.41
C LEU E 431 -8.91 -46.15 -85.99
N ILE E 432 -9.06 -45.96 -87.30
CA ILE E 432 -10.35 -46.15 -87.96
C ILE E 432 -10.78 -47.61 -87.88
N ASP E 433 -9.85 -48.53 -88.15
CA ASP E 433 -10.15 -49.96 -88.06
C ASP E 433 -10.44 -50.39 -86.63
N GLU E 434 -9.84 -49.71 -85.64
CA GLU E 434 -10.11 -50.04 -84.25
C GLU E 434 -11.47 -49.51 -83.80
N TYR E 435 -11.89 -48.35 -84.32
CA TYR E 435 -13.28 -47.91 -84.12
C TYR E 435 -14.27 -48.90 -84.71
N HIS E 436 -14.01 -49.36 -85.94
CA HIS E 436 -14.93 -50.29 -86.58
C HIS E 436 -14.88 -51.69 -85.96
N ALA E 437 -13.75 -52.08 -85.35
CA ALA E 437 -13.71 -53.33 -84.61
C ALA E 437 -14.37 -53.21 -83.24
N ALA E 438 -14.34 -52.01 -82.65
CA ALA E 438 -15.03 -51.80 -81.38
C ALA E 438 -16.54 -51.75 -81.57
N THR E 439 -17.02 -51.44 -82.78
CA THR E 439 -18.44 -51.62 -83.07
C THR E 439 -18.84 -53.10 -83.04
N ARG E 440 -17.92 -53.99 -83.36
CA ARG E 440 -18.18 -55.42 -83.35
C ARG E 440 -18.15 -55.96 -81.92
N PRO E 441 -18.79 -57.11 -81.66
CA PRO E 441 -18.65 -57.74 -80.35
C PRO E 441 -17.33 -58.47 -80.14
N ASP E 442 -16.40 -58.39 -81.10
CA ASP E 442 -15.07 -58.95 -80.96
C ASP E 442 -14.03 -57.84 -81.08
N TYR E 443 -13.09 -57.83 -80.14
CA TYR E 443 -11.89 -57.01 -80.24
C TYR E 443 -10.68 -57.92 -80.08
N ILE E 444 -10.85 -59.21 -80.38
CA ILE E 444 -9.72 -60.11 -80.55
C ILE E 444 -9.19 -60.00 -81.97
N SER E 445 -9.85 -59.23 -82.82
CA SER E 445 -9.37 -58.91 -84.16
C SER E 445 -9.68 -57.46 -84.49
N TRP E 446 -8.64 -56.67 -84.71
CA TRP E 446 -8.78 -55.42 -85.45
C TRP E 446 -7.86 -55.47 -86.67
N GLY E 447 -8.14 -54.60 -87.64
CA GLY E 447 -7.33 -54.52 -88.84
C GLY E 447 -6.09 -53.68 -88.64
N ARG F 3 24.76 -9.26 -24.92
CA ARG F 3 24.42 -8.26 -23.93
C ARG F 3 24.25 -6.88 -24.56
N GLU F 4 25.07 -5.93 -24.11
CA GLU F 4 25.00 -4.56 -24.59
C GLU F 4 25.99 -4.38 -25.72
N ILE F 5 25.51 -3.79 -26.81
CA ILE F 5 26.31 -3.59 -28.01
C ILE F 5 26.22 -2.14 -28.44
N ILE F 6 27.31 -1.64 -29.04
CA ILE F 6 27.48 -0.24 -29.36
C ILE F 6 27.64 -0.12 -30.87
N THR F 7 26.82 0.70 -31.50
CA THR F 7 26.81 0.81 -32.95
C THR F 7 27.97 1.67 -33.42
N LEU F 8 28.80 1.11 -34.30
CA LEU F 8 29.88 1.82 -34.94
C LEU F 8 29.50 2.10 -36.39
N GLN F 9 29.01 3.30 -36.67
CA GLN F 9 28.54 3.62 -38.01
C GLN F 9 29.68 4.19 -38.84
N LEU F 10 29.80 3.70 -40.07
CA LEU F 10 30.87 4.07 -40.98
C LEU F 10 30.39 3.84 -42.40
N GLY F 11 30.80 4.71 -43.30
CA GLY F 11 30.24 4.78 -44.63
C GLY F 11 29.08 5.76 -44.68
N GLN F 12 28.81 6.25 -45.90
CA GLN F 12 27.74 7.23 -46.09
C GLN F 12 26.38 6.61 -45.83
N CYS F 13 26.10 5.46 -46.44
CA CYS F 13 24.87 4.73 -46.15
C CYS F 13 24.91 4.13 -44.75
N GLY F 14 26.11 3.86 -44.22
CA GLY F 14 26.22 3.41 -42.84
C GLY F 14 25.82 4.48 -41.84
N ASN F 15 26.25 5.72 -42.08
CA ASN F 15 25.81 6.83 -41.23
C ASN F 15 24.33 7.13 -41.42
N GLN F 16 23.82 6.95 -42.66
CA GLN F 16 22.39 7.12 -42.91
C GLN F 16 21.55 6.09 -42.15
N ILE F 17 21.96 4.82 -42.18
CA ILE F 17 21.20 3.81 -41.45
C ILE F 17 21.43 3.94 -39.95
N GLY F 18 22.56 4.51 -39.51
CA GLY F 18 22.73 4.79 -38.10
C GLY F 18 21.80 5.87 -37.58
N PHE F 19 21.69 6.98 -38.32
CA PHE F 19 20.77 8.06 -37.93
C PHE F 19 19.32 7.59 -38.04
N GLU F 20 19.00 6.82 -39.08
CA GLU F 20 17.67 6.25 -39.25
C GLU F 20 17.34 5.25 -38.13
N PHE F 21 18.33 4.47 -37.71
CA PHE F 21 18.16 3.53 -36.61
C PHE F 21 17.92 4.24 -35.29
N TRP F 22 18.62 5.35 -35.05
CA TRP F 22 18.41 6.06 -33.79
C TRP F 22 17.08 6.81 -33.78
N LYS F 23 16.64 7.36 -34.91
CA LYS F 23 15.31 7.97 -34.90
C LYS F 23 14.21 6.91 -34.87
N GLN F 24 14.48 5.73 -35.44
CA GLN F 24 13.56 4.60 -35.33
C GLN F 24 13.42 4.12 -33.89
N LEU F 25 14.54 4.06 -33.15
CA LEU F 25 14.48 3.67 -31.75
C LEU F 25 13.91 4.79 -30.88
N CYS F 26 14.06 6.05 -31.29
CA CYS F 26 13.42 7.15 -30.58
C CYS F 26 11.90 7.09 -30.74
N ALA F 27 11.43 6.75 -31.94
CA ALA F 27 9.99 6.56 -32.13
C ALA F 27 9.51 5.28 -31.46
N GLU F 28 10.36 4.25 -31.40
CA GLU F 28 9.97 2.95 -30.86
C GLU F 28 9.81 3.00 -29.35
N HIS F 29 10.77 3.60 -28.65
CA HIS F 29 10.72 3.72 -27.21
C HIS F 29 9.94 4.98 -26.82
N GLY F 30 9.45 4.99 -25.59
CA GLY F 30 8.74 6.16 -25.10
C GLY F 30 9.69 7.22 -24.60
N ILE F 31 10.42 7.87 -25.51
CA ILE F 31 11.44 8.84 -25.14
C ILE F 31 11.23 10.11 -25.95
N SER F 32 11.77 11.20 -25.44
CA SER F 32 11.79 12.50 -26.09
C SER F 32 13.00 12.60 -27.01
N PRO F 33 13.08 13.62 -27.88
CA PRO F 33 14.33 13.83 -28.63
C PRO F 33 15.42 14.55 -27.83
N GLU F 34 15.23 14.70 -26.52
CA GLU F 34 16.30 15.06 -25.61
C GLU F 34 16.81 13.86 -24.82
N GLY F 35 15.99 12.81 -24.69
CA GLY F 35 16.31 11.65 -23.90
C GLY F 35 15.40 11.42 -22.71
N ILE F 36 14.58 12.42 -22.37
CA ILE F 36 13.77 12.37 -21.15
C ILE F 36 12.67 11.33 -21.32
N VAL F 37 12.37 10.61 -20.23
CA VAL F 37 11.29 9.62 -20.23
C VAL F 37 9.95 10.33 -20.44
N GLU F 38 9.05 9.67 -21.16
CA GLU F 38 7.75 10.23 -21.47
C GLU F 38 6.72 9.83 -20.41
N GLU F 39 5.44 10.12 -20.68
CA GLU F 39 4.38 9.77 -19.77
C GLU F 39 3.52 8.63 -20.30
N PHE F 40 3.91 8.04 -21.43
CA PHE F 40 3.30 6.84 -21.97
C PHE F 40 4.26 5.67 -22.04
N ALA F 41 5.50 5.84 -21.58
CA ALA F 41 6.48 4.76 -21.59
C ALA F 41 6.21 3.76 -20.48
N THR F 45 8.70 -3.00 -15.25
CA THR F 45 9.34 -2.10 -16.20
C THR F 45 10.04 -2.88 -17.31
N ASP F 46 10.21 -2.25 -18.47
CA ASP F 46 10.98 -2.84 -19.55
C ASP F 46 12.44 -2.38 -19.48
N ARG F 47 13.29 -3.04 -20.24
CA ARG F 47 14.71 -2.72 -20.27
C ARG F 47 15.00 -1.72 -21.39
N LYS F 48 15.73 -0.65 -21.05
CA LYS F 48 16.24 0.32 -22.02
C LYS F 48 17.74 0.49 -21.84
N ASP F 49 18.46 -0.63 -21.71
CA ASP F 49 19.88 -0.59 -21.36
C ASP F 49 20.73 -1.32 -22.39
N VAL F 50 20.17 -1.69 -23.53
CA VAL F 50 20.94 -2.42 -24.54
C VAL F 50 21.68 -1.46 -25.46
N PHE F 51 21.07 -0.33 -25.76
CA PHE F 51 21.70 0.68 -26.59
C PHE F 51 21.76 2.05 -25.90
N PHE F 52 21.18 2.20 -24.73
CA PHE F 52 21.03 3.50 -24.08
C PHE F 52 21.63 3.44 -22.68
N TYR F 53 22.49 4.41 -22.37
CA TYR F 53 22.92 4.58 -20.99
C TYR F 53 21.87 5.33 -20.19
N GLN F 54 21.68 4.88 -18.95
CA GLN F 54 20.80 5.51 -17.96
C GLN F 54 21.52 6.78 -17.48
N ALA F 55 21.43 7.85 -18.27
CA ALA F 55 22.04 9.12 -17.92
C ALA F 55 21.05 10.03 -17.19
N ASP F 56 21.44 11.30 -17.07
CA ASP F 56 21.22 12.13 -15.88
C ASP F 56 19.78 12.26 -15.39
N ASP F 57 18.83 12.64 -16.24
CA ASP F 57 17.47 12.88 -15.79
C ASP F 57 16.53 11.86 -16.41
N GLU F 58 16.90 10.57 -16.30
CA GLU F 58 16.37 9.46 -17.09
C GLU F 58 16.58 9.73 -18.58
N HIS F 59 17.72 10.33 -18.91
CA HIS F 59 18.11 10.58 -20.29
C HIS F 59 18.70 9.29 -20.87
N TYR F 60 17.92 8.59 -21.69
CA TYR F 60 18.39 7.36 -22.30
C TYR F 60 19.27 7.74 -23.48
N ILE F 61 20.53 8.06 -23.19
CA ILE F 61 21.45 8.53 -24.24
C ILE F 61 21.95 7.34 -25.03
N PRO F 62 21.74 7.32 -26.35
CA PRO F 62 22.23 6.20 -27.16
C PRO F 62 23.74 6.19 -27.27
N ARG F 63 24.32 5.01 -27.10
CA ARG F 63 25.76 4.82 -27.20
C ARG F 63 26.10 4.51 -28.66
N ALA F 64 26.86 5.41 -29.29
CA ALA F 64 27.14 5.27 -30.71
C ALA F 64 28.53 5.83 -31.01
N VAL F 65 29.11 5.36 -32.11
CA VAL F 65 30.36 5.88 -32.64
C VAL F 65 30.14 6.28 -34.08
N LEU F 66 30.39 7.55 -34.39
CA LEU F 66 30.29 8.07 -35.74
C LEU F 66 31.70 8.21 -36.29
N LEU F 67 31.98 7.49 -37.37
CA LEU F 67 33.26 7.58 -38.06
C LEU F 67 33.02 7.80 -39.54
N ASP F 68 33.82 8.68 -40.15
CA ASP F 68 33.84 8.90 -41.59
C ASP F 68 35.11 9.65 -41.97
N LEU F 69 35.10 10.18 -43.19
CA LEU F 69 36.16 11.03 -43.72
C LEU F 69 35.52 12.05 -44.65
N GLU F 70 35.93 13.33 -44.53
CA GLU F 70 35.41 14.46 -45.30
C GLU F 70 33.90 14.60 -45.08
N PRO F 71 33.49 15.12 -43.93
CA PRO F 71 32.12 14.92 -43.42
C PRO F 71 31.02 15.52 -44.29
N ARG F 72 29.90 14.78 -44.39
CA ARG F 72 28.76 15.23 -45.18
C ARG F 72 27.45 15.22 -44.38
N VAL F 73 27.20 14.17 -43.61
CA VAL F 73 25.89 13.96 -42.98
C VAL F 73 25.78 14.63 -41.62
N ILE F 74 26.90 15.03 -41.02
CA ILE F 74 26.92 15.63 -39.68
C ILE F 74 26.23 16.98 -39.69
N HIS F 75 26.23 17.68 -40.84
CA HIS F 75 25.45 18.90 -40.98
C HIS F 75 23.95 18.63 -40.82
N SER F 76 23.47 17.52 -41.38
CA SER F 76 22.07 17.14 -41.19
C SER F 76 21.81 16.70 -39.75
N ILE F 77 22.85 16.19 -39.06
CA ILE F 77 22.71 15.88 -37.64
C ILE F 77 22.66 17.17 -36.82
N LEU F 78 23.43 18.18 -37.23
CA LEU F 78 23.61 19.40 -36.44
C LEU F 78 22.36 20.26 -36.42
N ASN F 79 21.65 20.34 -37.56
CA ASN F 79 20.46 21.18 -37.60
C ASN F 79 19.19 20.42 -37.24
N SER F 80 19.30 19.36 -36.45
CA SER F 80 18.20 18.47 -36.09
C SER F 80 18.13 18.31 -34.59
N PRO F 81 16.99 17.83 -34.04
CA PRO F 81 16.93 17.58 -32.59
C PRO F 81 17.65 16.32 -32.12
N TYR F 82 18.41 15.68 -33.02
CA TYR F 82 19.23 14.53 -32.65
C TYR F 82 20.69 14.92 -32.44
N ALA F 83 20.99 16.22 -32.41
CA ALA F 83 22.20 16.71 -31.78
C ALA F 83 21.94 17.10 -30.32
N LYS F 84 20.69 17.00 -29.87
CA LYS F 84 20.33 17.19 -28.48
C LYS F 84 19.91 15.88 -27.80
N LEU F 85 19.84 14.79 -28.57
CA LEU F 85 19.61 13.47 -27.99
C LEU F 85 20.91 12.80 -27.60
N TYR F 86 21.89 12.79 -28.51
CA TYR F 86 23.22 12.27 -28.26
C TYR F 86 24.24 13.34 -28.61
N ASN F 87 25.49 12.94 -28.83
CA ASN F 87 26.72 13.72 -28.98
C ASN F 87 27.10 14.50 -27.71
N PRO F 88 27.54 13.84 -26.64
CA PRO F 88 28.26 14.57 -25.58
C PRO F 88 29.75 14.78 -25.89
N GLU F 89 30.18 14.22 -27.05
CA GLU F 89 31.49 14.08 -27.71
C GLU F 89 31.64 12.62 -28.12
N ASN F 90 31.08 12.24 -29.27
CA ASN F 90 31.33 10.93 -29.85
C ASN F 90 31.47 10.99 -31.37
N ILE F 91 31.34 12.17 -31.95
CA ILE F 91 31.31 12.35 -33.40
C ILE F 91 32.73 12.67 -33.86
N TYR F 92 33.27 11.83 -34.75
CA TYR F 92 34.59 12.05 -35.32
C TYR F 92 34.44 12.39 -36.80
N LEU F 93 35.24 13.35 -37.26
CA LEU F 93 35.16 13.81 -38.64
C LEU F 93 36.25 13.18 -39.50
N GLY F 101 38.15 7.44 -47.96
CA GLY F 101 37.88 8.44 -48.96
C GLY F 101 36.97 7.95 -50.07
N ASN F 102 37.57 7.46 -51.16
CA ASN F 102 36.83 6.91 -52.29
C ASN F 102 37.34 5.52 -52.70
N ASN F 103 38.44 5.07 -52.11
CA ASN F 103 39.01 3.76 -52.41
C ASN F 103 39.26 3.01 -51.10
N TRP F 104 39.38 1.69 -51.22
CA TRP F 104 39.78 0.86 -50.09
C TRP F 104 41.19 1.21 -49.63
N ALA F 105 42.11 1.40 -50.57
CA ALA F 105 43.50 1.64 -50.21
C ALA F 105 43.71 3.02 -49.60
N SER F 106 43.02 4.04 -50.12
CA SER F 106 43.09 5.38 -49.55
C SER F 106 42.50 5.41 -48.14
N GLY F 107 41.37 4.71 -47.95
CA GLY F 107 40.80 4.61 -46.62
C GLY F 107 41.66 3.83 -45.64
N PHE F 108 42.33 2.79 -46.14
CA PHE F 108 43.26 2.01 -45.31
C PHE F 108 44.46 2.86 -44.88
N SER F 109 45.03 3.62 -45.82
CA SER F 109 46.16 4.48 -45.51
C SER F 109 45.75 5.64 -44.61
N GLN F 110 44.53 6.15 -44.77
CA GLN F 110 44.06 7.22 -43.91
C GLN F 110 43.75 6.72 -42.51
N GLY F 111 43.23 5.49 -42.39
CA GLY F 111 42.98 4.91 -41.08
C GLY F 111 44.24 4.45 -40.37
N GLU F 112 45.32 4.21 -41.13
CA GLU F 112 46.59 3.81 -40.52
C GLU F 112 47.17 4.93 -39.67
N LYS F 113 47.13 6.17 -40.16
CA LYS F 113 47.79 7.27 -39.45
C LYS F 113 46.99 7.76 -38.25
N ILE F 114 45.67 7.59 -38.25
CA ILE F 114 44.84 8.06 -37.13
C ILE F 114 44.23 6.89 -36.37
N HIS F 115 44.95 5.77 -36.33
CA HIS F 115 44.45 4.60 -35.59
C HIS F 115 44.43 4.83 -34.08
N GLU F 116 45.32 5.71 -33.57
CA GLU F 116 45.43 5.95 -32.13
C GLU F 116 44.18 6.60 -31.55
N ASP F 117 43.71 7.71 -32.15
CA ASP F 117 42.58 8.40 -31.54
C ASP F 117 41.25 7.71 -31.81
N ILE F 118 41.14 6.96 -32.92
CA ILE F 118 39.90 6.18 -33.11
C ILE F 118 39.88 4.98 -32.16
N PHE F 119 41.05 4.40 -31.86
CA PHE F 119 41.09 3.37 -30.83
C PHE F 119 40.83 3.95 -29.44
N ASP F 120 41.22 5.21 -29.23
CA ASP F 120 40.86 5.91 -27.99
C ASP F 120 39.37 6.15 -27.90
N ILE F 121 38.71 6.44 -29.03
CA ILE F 121 37.26 6.58 -29.08
C ILE F 121 36.58 5.25 -28.74
N ILE F 122 37.09 4.15 -29.29
CA ILE F 122 36.57 2.81 -28.99
C ILE F 122 36.74 2.49 -27.51
N ASP F 123 37.91 2.83 -26.94
CA ASP F 123 38.14 2.63 -25.51
C ASP F 123 37.22 3.50 -24.64
N ARG F 124 36.98 4.75 -25.07
CA ARG F 124 36.09 5.64 -24.34
C ARG F 124 34.66 5.13 -24.31
N GLU F 125 34.18 4.63 -25.45
CA GLU F 125 32.82 4.07 -25.48
C GLU F 125 32.74 2.73 -24.77
N ALA F 126 33.82 1.94 -24.77
CA ALA F 126 33.84 0.70 -24.00
C ALA F 126 33.83 0.99 -22.50
N ASP F 127 34.49 2.06 -22.07
CA ASP F 127 34.45 2.46 -20.67
C ASP F 127 33.10 3.09 -20.32
N GLY F 128 32.44 3.69 -21.30
CA GLY F 128 31.13 4.29 -21.05
C GLY F 128 30.04 3.27 -20.77
N SER F 129 30.08 2.12 -21.44
CA SER F 129 29.08 1.09 -21.23
C SER F 129 29.33 0.36 -19.92
N ASP F 130 28.33 -0.43 -19.50
CA ASP F 130 28.41 -1.10 -18.20
C ASP F 130 28.67 -2.58 -18.37
N SER F 131 28.37 -3.14 -19.54
CA SER F 131 28.62 -4.53 -19.81
C SER F 131 28.95 -4.72 -21.29
N LEU F 132 30.23 -4.73 -21.61
CA LEU F 132 30.67 -4.87 -23.00
C LEU F 132 30.70 -6.33 -23.38
N GLU F 133 30.00 -6.65 -24.47
CA GLU F 133 29.97 -8.01 -25.00
C GLU F 133 30.25 -8.05 -26.49
N GLY F 134 29.93 -6.99 -27.23
CA GLY F 134 30.16 -6.98 -28.65
C GLY F 134 30.10 -5.59 -29.22
N PHE F 135 30.75 -5.43 -30.37
CA PHE F 135 30.76 -4.19 -31.13
C PHE F 135 29.98 -4.42 -32.42
N VAL F 136 28.78 -3.87 -32.50
CA VAL F 136 27.94 -4.00 -33.68
C VAL F 136 28.27 -2.87 -34.64
N LEU F 137 28.36 -3.18 -35.93
CA LEU F 137 28.75 -2.22 -36.95
C LEU F 137 27.59 -1.99 -37.92
N CYS F 138 27.19 -0.73 -38.06
CA CYS F 138 26.24 -0.33 -39.09
C CYS F 138 27.05 0.26 -40.24
N HIS F 139 27.32 -0.56 -41.25
CA HIS F 139 28.33 -0.25 -42.24
C HIS F 139 27.77 -0.52 -43.64
N SER F 140 28.35 0.15 -44.63
CA SER F 140 28.01 -0.07 -46.04
C SER F 140 29.29 -0.36 -46.79
N ILE F 141 29.34 -1.49 -47.49
CA ILE F 141 30.52 -1.84 -48.27
C ILE F 141 30.52 -1.00 -49.53
N ALA F 142 31.67 -0.37 -49.81
CA ALA F 142 31.88 0.59 -50.91
C ALA F 142 30.85 1.72 -50.88
N GLY F 143 30.72 2.33 -49.70
CA GLY F 143 29.91 3.53 -49.52
C GLY F 143 30.67 4.79 -49.80
N GLY F 144 31.93 4.65 -50.23
CA GLY F 144 32.85 5.76 -50.27
C GLY F 144 33.80 5.72 -49.09
N THR F 145 33.49 6.49 -48.05
CA THR F 145 34.37 6.63 -46.90
C THR F 145 34.47 5.33 -46.09
N GLY F 146 33.48 4.44 -46.20
CA GLY F 146 33.49 3.23 -45.40
C GLY F 146 34.52 2.22 -45.84
N SER F 147 34.83 2.19 -47.14
CA SER F 147 35.76 1.18 -47.67
C SER F 147 37.18 1.48 -47.22
N GLY F 148 37.86 0.44 -46.71
CA GLY F 148 39.21 0.57 -46.22
C GLY F 148 39.30 0.94 -44.76
N LEU F 149 38.66 2.06 -44.38
CA LEU F 149 38.59 2.44 -42.97
C LEU F 149 37.79 1.43 -42.17
N GLY F 150 36.72 0.88 -42.75
CA GLY F 150 35.96 -0.16 -42.09
C GLY F 150 36.75 -1.44 -41.90
N SER F 151 37.49 -1.86 -42.93
CA SER F 151 38.30 -3.07 -42.82
C SER F 151 39.44 -2.89 -41.81
N TYR F 152 40.05 -1.70 -41.77
CA TYR F 152 41.10 -1.43 -40.79
C TYR F 152 40.53 -1.39 -39.38
N LEU F 153 39.31 -0.87 -39.24
CA LEU F 153 38.63 -0.91 -37.94
C LEU F 153 38.32 -2.34 -37.53
N LEU F 154 37.97 -3.19 -38.49
CA LEU F 154 37.74 -4.62 -38.21
C LEU F 154 39.04 -5.30 -37.76
N GLU F 155 40.16 -4.97 -38.40
CA GLU F 155 41.45 -5.50 -37.97
C GLU F 155 41.81 -5.03 -36.57
N ARG F 156 41.53 -3.76 -36.26
CA ARG F 156 41.79 -3.23 -34.92
C ARG F 156 40.92 -3.91 -33.87
N LEU F 157 39.65 -4.17 -34.19
CA LEU F 157 38.77 -4.86 -33.25
C LEU F 157 39.17 -6.31 -33.05
N ASN F 158 39.67 -6.96 -34.11
CA ASN F 158 40.14 -8.34 -33.96
C ASN F 158 41.42 -8.42 -33.15
N ASP F 159 42.35 -7.46 -33.37
CA ASP F 159 43.61 -7.49 -32.65
C ASP F 159 43.43 -7.10 -31.19
N ARG F 160 42.64 -6.05 -30.93
CA ARG F 160 42.51 -5.54 -29.57
C ARG F 160 41.47 -6.29 -28.75
N TYR F 161 40.39 -6.76 -29.37
CA TYR F 161 39.34 -7.47 -28.66
C TYR F 161 39.07 -8.84 -29.28
N PRO F 162 39.84 -9.87 -28.93
CA PRO F 162 39.47 -11.22 -29.34
C PRO F 162 38.40 -11.82 -28.46
N LYS F 163 38.18 -11.24 -27.28
CA LYS F 163 37.25 -11.78 -26.31
C LYS F 163 35.84 -11.24 -26.48
N LYS F 164 35.63 -10.27 -27.37
CA LYS F 164 34.32 -9.67 -27.59
C LYS F 164 33.84 -9.97 -29.01
N LEU F 165 32.56 -9.66 -29.26
CA LEU F 165 31.93 -9.92 -30.55
C LEU F 165 32.14 -8.76 -31.51
N VAL F 166 32.14 -9.09 -32.79
CA VAL F 166 32.09 -8.12 -33.88
C VAL F 166 30.89 -8.49 -34.75
N GLN F 167 29.86 -7.64 -34.73
CA GLN F 167 28.66 -7.84 -35.53
C GLN F 167 28.62 -6.81 -36.65
N THR F 168 28.32 -7.25 -37.86
CA THR F 168 28.30 -6.38 -39.01
C THR F 168 26.96 -6.49 -39.73
N TYR F 169 26.11 -5.47 -39.56
CA TYR F 169 24.93 -5.29 -40.40
C TYR F 169 25.35 -4.46 -41.61
N SER F 170 25.37 -5.09 -42.78
CA SER F 170 26.02 -4.44 -43.91
C SER F 170 25.29 -4.76 -45.20
N VAL F 171 25.38 -3.81 -46.14
CA VAL F 171 24.93 -3.99 -47.51
C VAL F 171 26.17 -4.17 -48.37
N PHE F 172 26.05 -4.97 -49.43
CA PHE F 172 27.19 -5.34 -50.26
C PHE F 172 26.97 -4.84 -51.68
N PRO F 173 28.01 -4.35 -52.37
CA PRO F 173 27.79 -3.65 -53.63
C PRO F 173 27.51 -4.59 -54.80
N ASN F 174 26.25 -4.63 -55.21
CA ASN F 174 25.87 -5.37 -56.40
C ASN F 174 25.00 -4.42 -57.22
N GLN F 175 25.40 -4.19 -58.45
CA GLN F 175 24.63 -3.38 -59.40
C GLN F 175 24.23 -4.18 -60.62
N ASP F 176 24.41 -5.51 -60.58
CA ASP F 176 24.30 -6.43 -61.72
C ASP F 176 25.17 -5.98 -62.89
N GLU F 177 26.37 -5.49 -62.57
CA GLU F 177 27.38 -5.00 -63.50
C GLU F 177 26.86 -3.93 -64.47
N ASP F 180 28.32 -0.14 -63.37
CA ASP F 180 28.20 1.10 -62.60
C ASP F 180 29.60 1.55 -62.16
N VAL F 181 30.05 1.02 -61.02
CA VAL F 181 31.34 1.37 -60.45
C VAL F 181 32.29 0.20 -60.66
N VAL F 182 33.50 0.49 -61.14
CA VAL F 182 34.46 -0.54 -61.52
C VAL F 182 35.56 -0.74 -60.49
N VAL F 183 35.52 -0.01 -59.38
CA VAL F 183 36.51 -0.18 -58.31
C VAL F 183 35.93 -0.92 -57.11
N GLN F 184 34.60 -0.96 -56.98
CA GLN F 184 33.97 -1.66 -55.87
C GLN F 184 34.14 -3.19 -55.77
N PRO F 185 34.37 -4.00 -56.84
CA PRO F 185 34.61 -5.43 -56.56
C PRO F 185 35.92 -5.71 -55.83
N TYR F 186 36.98 -4.95 -56.13
CA TYR F 186 38.25 -5.10 -55.41
C TYR F 186 38.07 -4.77 -53.93
N ASN F 187 37.40 -3.64 -53.66
CA ASN F 187 37.20 -3.18 -52.29
C ASN F 187 36.30 -4.13 -51.51
N SER F 188 35.23 -4.62 -52.16
CA SER F 188 34.32 -5.54 -51.49
C SER F 188 34.95 -6.90 -51.24
N LEU F 189 35.82 -7.38 -52.14
CA LEU F 189 36.47 -8.67 -51.92
C LEU F 189 37.52 -8.57 -50.81
N LEU F 190 38.28 -7.46 -50.78
CA LEU F 190 39.25 -7.27 -49.70
C LEU F 190 38.55 -7.09 -48.36
N THR F 191 37.46 -6.31 -48.32
CA THR F 191 36.73 -6.12 -47.08
C THR F 191 36.02 -7.41 -46.67
N LEU F 192 35.62 -8.24 -47.64
CA LEU F 192 35.02 -9.53 -47.33
C LEU F 192 36.04 -10.49 -46.72
N LYS F 193 37.28 -10.46 -47.19
CA LYS F 193 38.33 -11.25 -46.57
C LYS F 193 38.61 -10.76 -45.14
N ARG F 194 38.63 -9.44 -44.96
CA ARG F 194 38.76 -8.89 -43.60
C ARG F 194 37.55 -9.24 -42.73
N LEU F 195 36.36 -9.35 -43.31
CA LEU F 195 35.19 -9.71 -42.54
C LEU F 195 35.19 -11.19 -42.18
N THR F 196 35.79 -12.04 -43.02
CA THR F 196 35.92 -13.44 -42.65
C THR F 196 36.94 -13.61 -41.52
N GLN F 197 38.10 -12.97 -41.63
CA GLN F 197 39.15 -13.22 -40.64
C GLN F 197 39.03 -12.38 -39.37
N ASN F 198 38.36 -11.22 -39.43
CA ASN F 198 38.41 -10.25 -38.33
C ASN F 198 37.03 -9.86 -37.80
N ALA F 199 35.97 -10.48 -38.30
CA ALA F 199 34.63 -10.24 -37.77
C ALA F 199 33.99 -11.58 -37.41
N ASP F 200 33.10 -11.54 -36.41
CA ASP F 200 32.57 -12.76 -35.82
C ASP F 200 31.23 -13.18 -36.40
N CYS F 201 30.44 -12.25 -36.93
CA CYS F 201 29.18 -12.58 -37.59
C CYS F 201 28.82 -11.46 -38.57
N VAL F 202 28.34 -11.85 -39.75
CA VAL F 202 27.99 -10.92 -40.81
C VAL F 202 26.54 -11.16 -41.21
N VAL F 203 25.73 -10.11 -41.16
CA VAL F 203 24.38 -10.10 -41.72
C VAL F 203 24.48 -9.42 -43.07
N VAL F 204 24.26 -10.18 -44.14
CA VAL F 204 24.53 -9.74 -45.50
C VAL F 204 23.24 -9.18 -46.12
N LEU F 205 23.37 -8.04 -46.80
CA LEU F 205 22.30 -7.44 -47.58
C LEU F 205 22.88 -6.95 -48.90
N ASP F 206 22.00 -6.72 -49.86
CA ASP F 206 22.42 -6.39 -51.22
C ASP F 206 21.65 -5.20 -51.76
N ASN F 207 22.31 -4.47 -52.66
CA ASN F 207 21.67 -3.30 -53.28
C ASN F 207 20.59 -3.72 -54.26
N THR F 208 20.83 -4.77 -55.04
CA THR F 208 19.81 -5.24 -55.99
C THR F 208 18.61 -5.87 -55.30
N ALA F 209 18.83 -6.63 -54.22
CA ALA F 209 17.70 -7.28 -53.56
C ALA F 209 16.79 -6.27 -52.88
N LEU F 210 17.37 -5.36 -52.10
CA LEU F 210 16.59 -4.29 -51.46
C LEU F 210 16.00 -3.35 -52.49
N ASN F 211 16.73 -3.06 -53.57
CA ASN F 211 16.21 -2.17 -54.60
C ASN F 211 15.07 -2.80 -55.39
N ARG F 212 15.17 -4.11 -55.68
CA ARG F 212 14.10 -4.82 -56.39
C ARG F 212 12.84 -4.93 -55.54
N ILE F 213 13.00 -5.24 -54.25
CA ILE F 213 11.84 -5.30 -53.37
C ILE F 213 11.26 -3.91 -53.14
N ALA F 214 12.09 -2.87 -53.14
CA ALA F 214 11.61 -1.49 -53.05
C ALA F 214 10.83 -1.09 -54.30
N THR F 215 11.29 -1.49 -55.48
CA THR F 215 10.53 -1.25 -56.71
C THR F 215 9.26 -2.08 -56.78
N ASP F 216 9.23 -3.22 -56.08
CA ASP F 216 8.05 -4.07 -56.08
C ASP F 216 6.97 -3.48 -55.17
N ARG F 217 7.31 -3.25 -53.90
CA ARG F 217 6.32 -2.80 -52.93
C ARG F 217 5.96 -1.33 -53.06
N LEU F 218 6.80 -0.54 -53.73
CA LEU F 218 6.54 0.89 -53.92
C LEU F 218 6.60 1.21 -55.41
N HIS F 219 6.65 2.51 -55.73
CA HIS F 219 6.71 2.96 -57.12
C HIS F 219 7.89 3.91 -57.32
N ILE F 220 9.06 3.55 -56.80
CA ILE F 220 10.25 4.39 -56.88
C ILE F 220 11.32 3.64 -57.68
N GLN F 221 12.28 4.38 -58.24
CA GLN F 221 13.52 3.74 -58.67
C GLN F 221 14.76 4.58 -58.37
N ASN F 222 14.64 5.90 -58.37
CA ASN F 222 15.80 6.76 -58.13
C ASN F 222 16.16 6.96 -56.65
N PRO F 223 15.22 7.28 -55.70
CA PRO F 223 15.68 7.47 -54.31
C PRO F 223 15.76 6.16 -53.53
N SER F 224 16.72 5.30 -53.92
CA SER F 224 16.85 4.00 -53.28
C SER F 224 17.40 4.10 -51.86
N PHE F 225 18.25 5.10 -51.60
CA PHE F 225 18.97 5.18 -50.32
C PHE F 225 18.01 5.43 -49.15
N SER F 226 17.05 6.34 -49.32
CA SER F 226 16.19 6.74 -48.21
C SER F 226 15.23 5.64 -47.78
N GLN F 227 14.89 4.73 -48.69
CA GLN F 227 14.03 3.60 -48.33
C GLN F 227 14.83 2.38 -47.91
N ILE F 228 16.07 2.25 -48.41
CA ILE F 228 16.99 1.25 -47.89
C ILE F 228 17.33 1.55 -46.43
N ASN F 229 17.40 2.83 -46.05
CA ASN F 229 17.58 3.20 -44.64
C ASN F 229 16.43 2.68 -43.78
N GLN F 230 15.19 2.85 -44.25
CA GLN F 230 14.01 2.35 -43.54
C GLN F 230 14.01 0.83 -43.44
N LEU F 231 14.35 0.15 -44.54
CA LEU F 231 14.35 -1.31 -44.56
C LEU F 231 15.40 -1.89 -43.62
N VAL F 232 16.62 -1.35 -43.67
CA VAL F 232 17.71 -1.83 -42.80
C VAL F 232 17.43 -1.49 -41.35
N SER F 233 16.82 -0.33 -41.07
CA SER F 233 16.45 0.02 -39.70
C SER F 233 15.39 -0.93 -39.14
N THR F 234 14.38 -1.28 -39.95
CA THR F 234 13.37 -2.23 -39.51
C THR F 234 13.95 -3.62 -39.30
N ILE F 235 14.89 -4.03 -40.18
CA ILE F 235 15.56 -5.33 -40.03
C ILE F 235 16.40 -5.36 -38.76
N MET F 236 17.14 -4.29 -38.48
CA MET F 236 18.01 -4.25 -37.30
C MET F 236 17.18 -4.18 -36.02
N SER F 237 16.07 -3.43 -36.03
CA SER F 237 15.18 -3.38 -34.88
C SER F 237 14.50 -4.72 -34.65
N ALA F 238 14.15 -5.44 -35.72
CA ALA F 238 13.54 -6.76 -35.56
C ALA F 238 14.55 -7.77 -35.03
N SER F 239 15.80 -7.68 -35.45
CA SER F 239 16.81 -8.61 -34.97
C SER F 239 17.22 -8.34 -33.53
N THR F 240 17.06 -7.11 -33.05
CA THR F 240 17.38 -6.77 -31.66
C THR F 240 16.14 -6.52 -30.81
N THR F 241 14.94 -6.87 -31.31
CA THR F 241 13.71 -6.72 -30.53
C THR F 241 13.73 -7.57 -29.26
N THR F 242 14.17 -8.82 -29.36
CA THR F 242 14.21 -9.69 -28.18
C THR F 242 15.31 -9.27 -27.20
N LEU F 243 16.32 -8.53 -27.66
CA LEU F 243 17.34 -8.04 -26.74
C LEU F 243 16.88 -6.75 -26.04
N ARG F 244 16.34 -5.81 -26.81
CA ARG F 244 15.89 -4.54 -26.24
C ARG F 244 14.67 -4.71 -25.35
N TYR F 245 13.65 -5.42 -25.84
CA TYR F 245 12.47 -5.72 -25.04
C TYR F 245 12.58 -7.13 -24.48
N PRO F 246 12.41 -7.30 -23.17
CA PRO F 246 12.77 -8.58 -22.53
C PRO F 246 11.86 -9.72 -22.93
N GLY F 247 12.45 -10.71 -23.61
CA GLY F 247 11.89 -12.04 -23.66
C GLY F 247 12.58 -12.86 -22.60
N TYR F 248 12.74 -14.14 -22.83
CA TYR F 248 13.52 -14.95 -21.90
C TYR F 248 14.35 -16.02 -22.61
N MET F 249 14.47 -15.95 -23.92
CA MET F 249 15.38 -16.80 -24.68
C MET F 249 16.55 -15.96 -25.15
N ASN F 250 17.77 -16.43 -24.82
CA ASN F 250 19.07 -16.04 -25.38
C ASN F 250 19.22 -14.54 -25.67
N ASN F 251 18.91 -13.73 -24.67
CA ASN F 251 18.86 -12.29 -24.83
C ASN F 251 20.23 -11.64 -24.78
N ASP F 252 21.26 -12.41 -24.47
CA ASP F 252 22.64 -12.02 -24.76
C ASP F 252 22.93 -12.29 -26.23
N LEU F 253 23.85 -11.51 -26.81
CA LEU F 253 24.15 -11.65 -28.23
C LEU F 253 24.85 -12.98 -28.49
N ILE F 254 25.68 -13.41 -27.54
CA ILE F 254 26.45 -14.64 -27.66
C ILE F 254 25.54 -15.87 -27.78
N GLY F 255 24.52 -15.96 -26.92
CA GLY F 255 23.62 -17.11 -26.98
C GLY F 255 22.67 -17.06 -28.16
N LEU F 256 22.34 -15.86 -28.63
CA LEU F 256 21.46 -15.72 -29.78
C LEU F 256 22.17 -16.14 -31.07
N ILE F 257 23.39 -15.64 -31.29
CA ILE F 257 24.14 -16.00 -32.50
C ILE F 257 24.74 -17.39 -32.36
N ALA F 258 24.73 -17.96 -31.14
CA ALA F 258 25.23 -19.32 -30.94
C ALA F 258 24.42 -20.36 -31.70
N SER F 259 23.09 -20.20 -31.76
CA SER F 259 22.29 -21.11 -32.56
C SER F 259 22.31 -20.72 -34.04
N LEU F 260 22.64 -19.46 -34.34
CA LEU F 260 22.46 -18.95 -35.69
C LEU F 260 23.55 -19.40 -36.66
N ILE F 261 24.75 -19.68 -36.17
CA ILE F 261 25.86 -20.09 -37.03
C ILE F 261 26.06 -21.59 -36.89
N PRO F 262 25.72 -22.39 -37.90
CA PRO F 262 25.97 -23.84 -37.80
C PRO F 262 27.36 -24.23 -38.26
N THR F 263 27.92 -23.47 -39.20
CA THR F 263 29.17 -23.84 -39.84
C THR F 263 30.15 -22.71 -39.52
N PRO F 264 31.29 -23.04 -38.91
CA PRO F 264 32.10 -22.00 -38.24
C PRO F 264 32.85 -21.07 -39.18
N ARG F 265 32.85 -21.36 -40.46
CA ARG F 265 33.41 -20.42 -41.43
C ARG F 265 32.31 -19.78 -42.25
N LEU F 266 31.16 -20.43 -42.34
CA LEU F 266 30.01 -19.94 -43.08
C LEU F 266 29.08 -19.25 -42.09
N HIS F 267 29.31 -17.96 -41.88
CA HIS F 267 28.60 -17.18 -40.88
C HIS F 267 27.79 -16.05 -41.53
N PHE F 268 27.44 -16.23 -42.80
CA PHE F 268 26.63 -15.27 -43.52
C PHE F 268 25.18 -15.74 -43.48
N LEU F 269 24.30 -14.89 -42.96
CA LEU F 269 22.96 -15.31 -42.57
C LEU F 269 21.92 -14.67 -43.49
N MET F 270 20.96 -15.47 -43.94
CA MET F 270 19.81 -14.95 -44.66
C MET F 270 18.93 -14.16 -43.71
N THR F 271 18.35 -13.08 -44.22
CA THR F 271 17.48 -12.24 -43.43
C THR F 271 16.22 -11.91 -44.22
N GLY F 272 15.14 -12.61 -43.89
CA GLY F 272 13.84 -12.32 -44.46
C GLY F 272 12.97 -11.52 -43.51
N TYR F 273 11.86 -11.02 -44.05
CA TYR F 273 10.94 -10.19 -43.27
C TYR F 273 9.57 -10.28 -43.94
N THR F 274 8.61 -10.89 -43.25
CA THR F 274 7.31 -11.18 -43.85
C THR F 274 6.47 -9.95 -44.22
N PRO F 275 6.46 -8.84 -43.47
CA PRO F 275 5.93 -7.61 -44.09
C PRO F 275 7.02 -6.85 -44.85
N LEU F 276 6.88 -6.76 -46.17
CA LEU F 276 7.77 -5.89 -46.93
C LEU F 276 7.40 -4.44 -46.70
N THR F 277 6.10 -4.15 -46.76
CA THR F 277 5.53 -2.93 -46.21
C THR F 277 4.68 -3.35 -45.02
N THR F 278 4.71 -2.57 -43.94
CA THR F 278 3.96 -2.94 -42.74
C THR F 278 2.50 -2.58 -42.83
N ASP F 279 2.09 -1.93 -43.92
CA ASP F 279 0.69 -1.64 -44.18
C ASP F 279 0.26 -2.30 -45.49
N LYS F 287 -6.35 -13.03 -39.44
CA LYS F 287 -5.46 -12.23 -40.26
C LYS F 287 -4.43 -13.14 -40.94
N THR F 288 -3.45 -13.57 -40.16
CA THR F 288 -2.46 -14.53 -40.63
C THR F 288 -2.12 -15.50 -39.52
N THR F 289 -1.73 -16.72 -39.92
CA THR F 289 -1.20 -17.69 -38.97
C THR F 289 0.30 -17.80 -39.16
N VAL F 290 0.95 -18.48 -38.20
CA VAL F 290 2.40 -18.62 -38.27
C VAL F 290 2.81 -19.63 -39.34
N LEU F 291 1.91 -20.56 -39.70
CA LEU F 291 2.18 -21.49 -40.81
C LEU F 291 2.34 -20.74 -42.12
N ASP F 292 1.45 -19.79 -42.38
CA ASP F 292 1.47 -19.06 -43.64
C ASP F 292 2.66 -18.13 -43.74
N VAL F 293 3.03 -17.45 -42.64
CA VAL F 293 4.20 -16.59 -42.71
C VAL F 293 5.50 -17.39 -42.70
N MET F 294 5.51 -18.63 -42.18
CA MET F 294 6.69 -19.46 -42.33
C MET F 294 6.83 -19.97 -43.76
N ARG F 295 5.71 -20.32 -44.41
CA ARG F 295 5.76 -20.70 -45.82
C ARG F 295 6.16 -19.53 -46.70
N ARG F 296 5.69 -18.33 -46.35
CA ARG F 296 6.16 -17.09 -46.99
C ARG F 296 7.64 -16.86 -46.74
N LEU F 297 8.09 -17.11 -45.51
CA LEU F 297 9.38 -16.63 -45.06
C LEU F 297 10.52 -17.50 -45.57
N LEU F 298 10.25 -18.78 -45.85
CA LEU F 298 11.25 -19.63 -46.45
C LEU F 298 11.41 -19.40 -47.96
N GLN F 299 10.47 -18.70 -48.60
CA GLN F 299 10.62 -18.37 -50.01
C GLN F 299 11.65 -17.26 -50.18
N PRO F 300 12.54 -17.36 -51.18
CA PRO F 300 13.57 -16.32 -51.36
C PRO F 300 13.04 -15.00 -51.89
N LYS F 301 11.80 -14.95 -52.40
CA LYS F 301 11.24 -13.69 -52.87
C LYS F 301 10.89 -12.74 -51.72
N ASN F 302 10.57 -13.28 -50.54
CA ASN F 302 10.36 -12.46 -49.36
C ASN F 302 11.65 -12.11 -48.65
N VAL F 303 12.76 -12.76 -48.99
CA VAL F 303 14.06 -12.49 -48.38
C VAL F 303 14.74 -11.38 -49.15
N MET F 304 15.36 -10.44 -48.42
CA MET F 304 16.10 -9.33 -49.01
C MET F 304 17.55 -9.69 -49.33
N VAL F 305 17.83 -10.96 -49.57
CA VAL F 305 19.17 -11.44 -49.89
C VAL F 305 19.07 -12.22 -51.20
N SER F 306 19.98 -11.91 -52.13
CA SER F 306 20.04 -12.60 -53.41
C SER F 306 20.47 -14.06 -53.23
N THR F 313 21.78 -26.53 -60.04
CA THR F 313 22.66 -26.52 -58.88
C THR F 313 21.93 -26.98 -57.62
N ASN F 314 22.70 -27.42 -56.62
CA ASN F 314 22.13 -27.91 -55.37
C ASN F 314 22.43 -26.91 -54.27
N HIS F 315 21.43 -26.12 -53.89
CA HIS F 315 21.55 -25.21 -52.76
C HIS F 315 20.51 -25.57 -51.70
N CYS F 316 20.95 -25.60 -50.45
CA CYS F 316 20.09 -25.88 -49.31
C CYS F 316 20.69 -25.23 -48.08
N TYR F 317 19.84 -25.00 -47.08
CA TYR F 317 20.30 -24.42 -45.82
C TYR F 317 21.19 -25.40 -45.05
N ILE F 318 21.80 -24.91 -43.99
CA ILE F 318 22.48 -25.76 -43.01
C ILE F 318 21.71 -25.81 -41.69
N ALA F 319 21.39 -24.63 -41.14
CA ALA F 319 20.47 -24.53 -40.02
C ALA F 319 19.63 -23.28 -40.19
N ILE F 320 18.37 -23.39 -39.78
CA ILE F 320 17.39 -22.33 -39.93
C ILE F 320 16.92 -21.94 -38.53
N LEU F 321 16.71 -20.65 -38.29
CA LEU F 321 15.97 -20.20 -37.12
C LEU F 321 15.08 -19.04 -37.53
N ASN F 322 13.88 -19.00 -36.97
CA ASN F 322 12.97 -17.90 -37.24
C ASN F 322 12.40 -17.37 -35.93
N ILE F 323 12.12 -16.06 -35.91
CA ILE F 323 11.61 -15.37 -34.73
C ILE F 323 10.27 -14.74 -35.09
N ILE F 324 9.23 -15.08 -34.34
CA ILE F 324 7.88 -14.59 -34.59
C ILE F 324 7.46 -13.71 -33.43
N GLN F 325 7.06 -12.48 -33.75
CA GLN F 325 6.59 -11.52 -32.75
C GLN F 325 5.29 -10.90 -33.21
N GLY F 326 4.30 -10.89 -32.32
CA GLY F 326 3.01 -10.32 -32.64
C GLY F 326 1.93 -10.86 -31.71
N GLU F 327 0.71 -10.89 -32.21
CA GLU F 327 -0.40 -11.51 -31.50
C GLU F 327 -0.47 -12.99 -31.82
N VAL F 328 0.44 -13.76 -31.22
CA VAL F 328 0.68 -15.15 -31.62
C VAL F 328 0.05 -16.09 -30.59
N ASP F 329 -0.53 -17.19 -31.08
CA ASP F 329 -0.94 -18.32 -30.26
C ASP F 329 0.17 -19.36 -30.26
N PRO F 330 0.70 -19.76 -29.09
CA PRO F 330 1.88 -20.63 -29.05
C PRO F 330 1.65 -22.06 -29.55
N THR F 331 0.42 -22.57 -29.48
CA THR F 331 0.14 -23.90 -30.02
C THR F 331 0.15 -23.88 -31.56
N GLN F 332 -0.07 -22.71 -32.15
CA GLN F 332 0.16 -22.60 -33.59
C GLN F 332 1.64 -22.64 -33.92
N VAL F 333 2.51 -22.17 -33.03
CA VAL F 333 3.97 -22.30 -33.24
C VAL F 333 4.38 -23.77 -33.24
N HIS F 334 3.82 -24.55 -32.29
CA HIS F 334 3.86 -26.03 -32.34
C HIS F 334 3.49 -26.58 -33.71
N LYS F 335 2.22 -26.42 -34.11
CA LYS F 335 1.72 -27.08 -35.31
C LYS F 335 2.39 -26.58 -36.59
N SER F 336 2.79 -25.30 -36.59
CA SER F 336 3.54 -24.75 -37.71
C SER F 336 4.91 -25.40 -37.82
N LEU F 337 5.62 -25.58 -36.70
CA LEU F 337 6.93 -26.22 -36.75
C LEU F 337 6.81 -27.67 -37.21
N GLN F 338 5.76 -28.36 -36.75
CA GLN F 338 5.51 -29.75 -37.16
C GLN F 338 5.32 -29.85 -38.67
N ARG F 339 4.44 -29.01 -39.22
CA ARG F 339 4.11 -29.12 -40.64
C ARG F 339 5.24 -28.58 -41.53
N ILE F 340 5.94 -27.52 -41.08
CA ILE F 340 7.08 -26.98 -41.83
C ILE F 340 8.21 -28.01 -41.96
N ARG F 341 8.60 -28.69 -40.88
CA ARG F 341 9.70 -29.64 -41.06
C ARG F 341 9.24 -30.92 -41.76
N GLU F 342 7.99 -31.34 -41.55
CA GLU F 342 7.58 -32.60 -42.20
C GLU F 342 7.23 -32.45 -43.67
N ARG F 343 6.79 -31.28 -44.13
CA ARG F 343 6.44 -31.21 -45.56
C ARG F 343 7.66 -30.92 -46.44
N LYS F 344 8.87 -30.91 -45.84
CA LYS F 344 10.16 -30.82 -46.53
C LYS F 344 10.33 -29.50 -47.26
N LEU F 345 9.86 -28.41 -46.64
CA LEU F 345 10.17 -27.07 -47.14
C LEU F 345 11.33 -26.44 -46.39
N ALA F 346 11.77 -27.06 -45.30
CA ALA F 346 13.06 -26.74 -44.68
C ALA F 346 14.06 -27.65 -45.35
N ASN F 347 14.85 -27.08 -46.26
CA ASN F 347 15.70 -27.86 -47.15
C ASN F 347 17.14 -27.77 -46.69
N PHE F 348 17.67 -28.89 -46.21
CA PHE F 348 19.01 -28.94 -45.63
C PHE F 348 19.52 -30.37 -45.67
N ILE F 349 20.74 -30.53 -46.14
CA ILE F 349 21.46 -31.80 -46.06
C ILE F 349 22.74 -31.54 -45.27
N PRO F 350 22.70 -31.61 -43.94
CA PRO F 350 23.89 -31.26 -43.15
C PRO F 350 24.76 -32.47 -42.83
N TRP F 351 25.96 -32.18 -42.32
CA TRP F 351 26.84 -33.20 -41.76
C TRP F 351 26.55 -33.47 -40.30
N GLY F 352 25.57 -32.78 -39.73
CA GLY F 352 25.06 -33.10 -38.42
C GLY F 352 23.55 -33.18 -38.45
N PRO F 353 22.92 -32.98 -37.30
CA PRO F 353 21.45 -32.95 -37.24
C PRO F 353 20.84 -31.56 -37.35
N ALA F 354 21.60 -30.57 -37.83
CA ALA F 354 21.25 -29.16 -37.67
C ALA F 354 20.00 -28.81 -38.47
N SER F 355 19.10 -28.07 -37.85
CA SER F 355 17.68 -28.09 -38.24
C SER F 355 17.09 -26.69 -38.24
N ILE F 356 15.79 -26.64 -38.54
CA ILE F 356 15.01 -25.42 -38.42
C ILE F 356 14.54 -25.25 -36.99
N GLN F 357 14.60 -24.01 -36.51
CA GLN F 357 14.32 -23.68 -35.11
C GLN F 357 13.24 -22.61 -35.06
N VAL F 358 12.30 -22.76 -34.12
CA VAL F 358 11.33 -21.72 -33.85
C VAL F 358 11.79 -20.88 -32.68
N ALA F 359 11.38 -19.61 -32.69
CA ALA F 359 11.66 -18.70 -31.60
C ALA F 359 10.53 -17.69 -31.54
N LEU F 360 10.21 -17.26 -30.33
CA LEU F 360 9.11 -16.35 -30.08
C LEU F 360 9.65 -15.07 -29.48
N SER F 361 8.98 -13.96 -29.78
CA SER F 361 9.32 -12.69 -29.18
C SER F 361 8.04 -11.94 -28.86
N ARG F 362 8.16 -11.00 -27.92
CA ARG F 362 7.05 -10.13 -27.58
C ARG F 362 7.13 -8.88 -28.44
N LYS F 363 6.02 -8.53 -29.09
CA LYS F 363 5.98 -7.32 -29.89
C LYS F 363 6.01 -6.12 -28.95
N SER F 364 6.67 -5.06 -29.41
CA SER F 364 6.96 -3.89 -28.57
C SER F 364 5.68 -3.17 -28.14
N PRO F 365 5.51 -2.93 -26.84
CA PRO F 365 4.45 -2.01 -26.38
C PRO F 365 4.78 -0.58 -26.78
N TYR F 366 3.79 0.12 -27.32
CA TYR F 366 3.89 1.48 -27.84
C TYR F 366 4.82 1.45 -29.07
N LEU F 367 4.50 0.59 -30.03
CA LEU F 367 4.96 0.88 -31.37
C LEU F 367 4.03 1.91 -31.98
N PRO F 368 4.55 2.91 -32.68
CA PRO F 368 3.67 3.76 -33.49
C PRO F 368 3.20 3.06 -34.75
N SER F 369 3.86 1.96 -35.13
CA SER F 369 3.45 1.14 -36.25
C SER F 369 2.22 0.31 -35.91
N ALA F 370 1.32 0.15 -36.88
CA ALA F 370 0.19 -0.75 -36.76
C ALA F 370 0.57 -2.09 -37.36
N HIS F 371 -0.39 -3.04 -37.32
CA HIS F 371 -0.26 -4.39 -37.89
C HIS F 371 0.91 -5.14 -37.26
N ARG F 372 0.79 -5.42 -35.95
CA ARG F 372 1.94 -5.78 -35.11
C ARG F 372 2.46 -7.19 -35.34
N VAL F 373 1.85 -7.96 -36.24
CA VAL F 373 2.36 -9.30 -36.56
C VAL F 373 3.50 -9.15 -37.56
N SER F 374 4.69 -9.60 -37.18
CA SER F 374 5.87 -9.52 -38.03
C SER F 374 6.76 -10.73 -37.80
N GLY F 375 7.41 -11.20 -38.86
CA GLY F 375 8.28 -12.36 -38.78
C GLY F 375 9.65 -12.08 -39.35
N LEU F 376 10.63 -12.83 -38.83
CA LEU F 376 12.03 -12.69 -39.20
C LEU F 376 12.64 -14.08 -39.28
N MET F 377 13.60 -14.26 -40.18
CA MET F 377 14.38 -15.49 -40.26
C MET F 377 15.86 -15.17 -40.28
N MET F 378 16.64 -15.99 -39.56
CA MET F 378 18.09 -15.91 -39.55
C MET F 378 18.63 -17.30 -39.84
N ALA F 379 18.98 -17.56 -41.10
CA ALA F 379 19.37 -18.89 -41.53
C ALA F 379 20.60 -18.81 -42.41
N ASN F 380 21.40 -19.89 -42.39
CA ASN F 380 22.59 -19.99 -43.22
C ASN F 380 22.25 -20.85 -44.44
N HIS F 381 22.39 -20.26 -45.63
CA HIS F 381 22.06 -20.88 -46.90
C HIS F 381 23.30 -20.86 -47.77
N THR F 382 23.48 -21.91 -48.57
CA THR F 382 24.62 -21.96 -49.47
C THR F 382 24.41 -21.17 -50.75
N SER F 383 23.18 -20.72 -51.02
CA SER F 383 22.87 -20.00 -52.25
C SER F 383 23.59 -18.66 -52.34
N ILE F 384 23.91 -18.05 -51.19
CA ILE F 384 24.72 -16.83 -51.12
C ILE F 384 26.08 -17.02 -51.75
N SER F 385 26.60 -18.26 -51.76
CA SER F 385 27.88 -18.57 -52.41
C SER F 385 27.84 -18.21 -53.88
N SER F 386 26.70 -18.47 -54.54
CA SER F 386 26.55 -18.13 -55.96
C SER F 386 26.67 -16.63 -56.16
N LEU F 387 26.07 -15.84 -55.26
CA LEU F 387 26.22 -14.40 -55.33
C LEU F 387 27.67 -13.99 -55.08
N PHE F 388 28.33 -14.67 -54.13
CA PHE F 388 29.75 -14.44 -53.90
C PHE F 388 30.56 -14.81 -55.13
N GLU F 389 30.12 -15.85 -55.87
CA GLU F 389 30.82 -16.27 -57.08
C GLU F 389 30.80 -15.17 -58.13
N ARG F 390 29.74 -14.35 -58.15
CA ARG F 390 29.68 -13.21 -59.06
C ARG F 390 30.82 -12.25 -58.79
N THR F 391 31.07 -11.96 -57.50
CA THR F 391 32.24 -11.16 -57.13
C THR F 391 33.53 -11.90 -57.49
N CYS F 392 33.55 -13.23 -57.31
CA CYS F 392 34.71 -14.03 -57.71
C CYS F 392 34.90 -13.99 -59.21
N ARG F 393 33.82 -13.76 -59.98
CA ARG F 393 33.99 -13.52 -61.40
C ARG F 393 34.57 -12.12 -61.63
N GLN F 394 33.99 -11.11 -60.95
CA GLN F 394 34.13 -9.72 -61.41
C GLN F 394 35.56 -9.22 -61.30
N TYR F 395 36.16 -9.39 -60.11
CA TYR F 395 37.57 -9.06 -59.88
C TYR F 395 38.47 -9.77 -60.87
N ASP F 396 38.21 -11.07 -61.10
CA ASP F 396 39.01 -11.82 -62.06
C ASP F 396 38.85 -11.26 -63.46
N LYS F 397 37.62 -10.89 -63.83
CA LYS F 397 37.38 -10.26 -65.11
C LYS F 397 38.07 -8.91 -65.18
N LEU F 398 37.97 -8.12 -64.10
CA LEU F 398 38.61 -6.82 -64.09
C LEU F 398 40.12 -6.93 -63.87
N ARG F 399 40.61 -8.11 -63.50
CA ARG F 399 42.06 -8.28 -63.49
C ARG F 399 42.59 -8.59 -64.89
N LYS F 400 41.73 -9.13 -65.75
CA LYS F 400 42.22 -9.56 -67.07
C LYS F 400 42.16 -8.41 -68.08
N ARG F 401 41.17 -7.53 -67.95
CA ARG F 401 41.06 -6.40 -68.87
C ARG F 401 42.08 -5.33 -68.54
N GLU F 402 42.36 -5.11 -67.25
CA GLU F 402 43.36 -4.22 -66.69
C GLU F 402 43.17 -2.79 -67.18
N ALA F 403 41.99 -2.23 -66.89
CA ALA F 403 41.76 -0.80 -67.04
C ALA F 403 40.84 -0.33 -65.91
N PHE F 404 40.61 -1.21 -64.95
CA PHE F 404 39.65 -0.96 -63.88
C PHE F 404 40.20 -1.29 -62.50
N LEU F 405 41.41 -1.85 -62.41
CA LEU F 405 42.20 -1.76 -61.18
C LEU F 405 42.68 -0.32 -60.99
N GLU F 406 42.81 0.42 -62.09
CA GLU F 406 43.00 1.87 -62.23
C GLU F 406 44.40 2.33 -61.87
N GLN F 407 45.23 1.44 -61.31
CA GLN F 407 46.62 1.69 -60.90
C GLN F 407 46.71 2.91 -59.97
N PHE F 408 45.94 2.87 -58.89
CA PHE F 408 46.06 3.90 -57.86
C PHE F 408 47.30 3.64 -57.02
N ARG F 409 47.97 4.74 -56.64
CA ARG F 409 49.26 4.64 -55.96
C ARG F 409 49.11 4.14 -54.53
N LYS F 410 47.95 4.39 -53.92
CA LYS F 410 47.68 3.88 -52.58
C LYS F 410 47.57 2.37 -52.59
N GLU F 411 47.04 1.80 -53.67
CA GLU F 411 47.06 0.35 -53.85
C GLU F 411 48.47 -0.18 -54.02
N ASP F 412 49.37 0.62 -54.61
CA ASP F 412 50.76 0.21 -54.76
C ASP F 412 51.48 0.21 -53.43
N MET F 413 51.25 1.23 -52.59
CA MET F 413 51.91 1.24 -51.29
C MET F 413 51.22 0.34 -50.27
N PHE F 414 49.99 -0.10 -50.54
CA PHE F 414 49.36 -1.12 -49.72
C PHE F 414 50.07 -2.46 -49.88
N LYS F 415 50.36 -2.85 -51.12
CA LYS F 415 51.05 -4.10 -51.41
C LYS F 415 51.74 -4.01 -52.77
N ASP F 416 53.04 -4.29 -52.80
CA ASP F 416 53.80 -4.14 -54.03
C ASP F 416 53.49 -5.24 -55.04
N ASN F 417 53.27 -6.46 -54.57
CA ASN F 417 53.02 -7.59 -55.45
C ASN F 417 51.55 -7.72 -55.84
N PHE F 418 50.67 -6.98 -55.18
CA PHE F 418 49.21 -7.05 -55.34
C PHE F 418 48.68 -8.46 -55.09
N ASP F 419 49.31 -9.18 -54.17
CA ASP F 419 48.91 -10.54 -53.84
C ASP F 419 47.89 -10.62 -52.72
N GLU F 420 47.55 -9.48 -52.10
CA GLU F 420 46.48 -9.47 -51.10
C GLU F 420 45.12 -9.74 -51.74
N MET F 421 44.92 -9.25 -52.96
CA MET F 421 43.69 -9.56 -53.69
C MET F 421 43.62 -11.03 -54.05
N ASP F 422 44.75 -11.64 -54.41
CA ASP F 422 44.81 -13.08 -54.64
C ASP F 422 44.57 -13.86 -53.35
N THR F 423 45.04 -13.33 -52.22
CA THR F 423 44.77 -13.95 -50.93
C THR F 423 43.28 -13.90 -50.58
N SER F 424 42.64 -12.75 -50.87
CA SER F 424 41.19 -12.63 -50.67
C SER F 424 40.42 -13.58 -51.58
N ARG F 425 40.89 -13.73 -52.83
CA ARG F 425 40.26 -14.67 -53.76
C ARG F 425 40.42 -16.11 -53.28
N GLU F 426 41.59 -16.44 -52.72
CA GLU F 426 41.81 -17.76 -52.14
C GLU F 426 40.91 -18.01 -50.94
N ILE F 427 40.75 -17.00 -50.06
CA ILE F 427 39.90 -17.14 -48.87
C ILE F 427 38.44 -17.33 -49.28
N VAL F 428 37.97 -16.55 -50.24
CA VAL F 428 36.57 -16.70 -50.65
C VAL F 428 36.38 -17.98 -51.48
N GLN F 429 37.44 -18.49 -52.13
CA GLN F 429 37.34 -19.78 -52.81
C GLN F 429 37.23 -20.92 -51.81
N GLN F 430 37.99 -20.84 -50.71
CA GLN F 430 37.81 -21.75 -49.59
C GLN F 430 36.40 -21.65 -49.02
N LEU F 431 35.85 -20.43 -48.95
CA LEU F 431 34.48 -20.24 -48.49
C LEU F 431 33.47 -20.93 -49.40
N ILE F 432 33.67 -20.84 -50.72
CA ILE F 432 32.77 -21.49 -51.68
C ILE F 432 32.85 -23.01 -51.52
N ASP F 433 34.07 -23.55 -51.40
CA ASP F 433 34.25 -24.98 -51.21
C ASP F 433 33.70 -25.44 -49.87
N GLU F 434 33.71 -24.58 -48.86
CA GLU F 434 33.14 -24.94 -47.56
C GLU F 434 31.62 -24.92 -47.59
N TYR F 435 31.02 -24.00 -48.36
CA TYR F 435 29.57 -24.07 -48.60
C TYR F 435 29.20 -25.37 -49.31
N HIS F 436 29.95 -25.74 -50.34
CA HIS F 436 29.64 -26.96 -51.08
C HIS F 436 29.96 -28.23 -50.30
N ALA F 437 30.89 -28.17 -49.36
CA ALA F 437 31.13 -29.31 -48.47
C ALA F 437 30.07 -29.39 -47.38
N ALA F 438 29.53 -28.24 -46.96
CA ALA F 438 28.45 -28.25 -45.98
C ALA F 438 27.14 -28.74 -46.57
N THR F 439 26.99 -28.67 -47.91
CA THR F 439 25.87 -29.34 -48.55
C THR F 439 25.98 -30.87 -48.44
N ARG F 440 27.21 -31.38 -48.37
CA ARG F 440 27.44 -32.81 -48.24
C ARG F 440 27.20 -33.26 -46.80
N PRO F 441 26.93 -34.56 -46.58
CA PRO F 441 26.87 -35.07 -45.20
C PRO F 441 28.23 -35.26 -44.55
N ASP F 442 29.31 -34.90 -45.21
CA ASP F 442 30.64 -34.94 -44.63
C ASP F 442 31.24 -33.54 -44.61
N TYR F 443 31.79 -33.17 -43.46
CA TYR F 443 32.62 -31.98 -43.32
C TYR F 443 33.95 -32.39 -42.71
N ILE F 444 34.32 -33.67 -42.87
CA ILE F 444 35.68 -34.11 -42.60
C ILE F 444 36.55 -33.86 -43.82
N SER F 445 35.97 -33.39 -44.91
CA SER F 445 36.71 -32.97 -46.09
C SER F 445 36.06 -31.73 -46.69
N TRP F 446 36.79 -30.61 -46.71
CA TRP F 446 36.47 -29.53 -47.63
C TRP F 446 37.68 -29.27 -48.52
N GLY F 447 37.45 -28.60 -49.63
CA GLY F 447 38.51 -28.27 -50.56
C GLY F 447 39.28 -27.03 -50.14
N ARG G 3 38.51 23.22 15.50
CA ARG G 3 37.74 24.42 15.87
C ARG G 3 38.01 25.57 14.92
N GLU G 4 38.51 26.68 15.46
CA GLU G 4 38.78 27.87 14.69
C GLU G 4 40.23 27.86 14.25
N ILE G 5 40.45 28.12 12.95
CA ILE G 5 41.78 28.09 12.36
C ILE G 5 42.01 29.38 11.60
N ILE G 6 43.27 29.80 11.57
CA ILE G 6 43.66 31.10 11.03
C ILE G 6 44.62 30.86 9.87
N THR G 7 44.30 31.41 8.70
CA THR G 7 45.08 31.15 7.50
C THR G 7 46.36 31.98 7.52
N LEU G 8 47.49 31.30 7.39
CA LEU G 8 48.79 31.94 7.27
C LEU G 8 49.26 31.80 5.82
N GLN G 9 49.06 32.85 5.03
CA GLN G 9 49.40 32.80 3.61
C GLN G 9 50.84 33.24 3.40
N LEU G 10 51.57 32.48 2.59
CA LEU G 10 52.99 32.71 2.33
C LEU G 10 53.33 32.09 1.00
N GLY G 11 54.22 32.76 0.26
CA GLY G 11 54.44 32.44 -1.13
C GLY G 11 53.56 33.26 -2.05
N GLN G 12 54.01 33.40 -3.30
CA GLN G 12 53.26 34.21 -4.27
C GLN G 12 51.93 33.54 -4.62
N CYS G 13 51.97 32.25 -4.97
CA CYS G 13 50.74 31.51 -5.19
C CYS G 13 49.99 31.27 -3.88
N GLY G 14 50.70 31.25 -2.76
CA GLY G 14 50.03 31.17 -1.46
C GLY G 14 49.22 32.41 -1.14
N ASN G 15 49.77 33.59 -1.44
CA ASN G 15 49.00 34.82 -1.26
C ASN G 15 47.88 34.92 -2.29
N GLN G 16 48.10 34.40 -3.51
CA GLN G 16 47.04 34.38 -4.51
C GLN G 16 45.88 33.49 -4.09
N ILE G 17 46.16 32.29 -3.56
CA ILE G 17 45.08 31.42 -3.11
C ILE G 17 44.47 31.94 -1.80
N GLY G 18 45.22 32.71 -1.01
CA GLY G 18 44.63 33.34 0.16
C GLY G 18 43.61 34.41 -0.21
N PHE G 19 43.98 35.30 -1.14
CA PHE G 19 43.06 36.34 -1.60
C PHE G 19 41.86 35.73 -2.34
N GLU G 20 42.12 34.69 -3.14
CA GLU G 20 41.05 33.98 -3.84
C GLU G 20 40.14 33.26 -2.85
N PHE G 21 40.69 32.70 -1.78
CA PHE G 21 39.91 32.05 -0.74
C PHE G 21 39.04 33.05 0.01
N TRP G 22 39.56 34.24 0.29
CA TRP G 22 38.74 35.21 1.00
C TRP G 22 37.65 35.81 0.12
N LYS G 23 37.92 36.02 -1.18
CA LYS G 23 36.82 36.49 -2.03
C LYS G 23 35.82 35.37 -2.32
N GLN G 24 36.29 34.11 -2.32
CA GLN G 24 35.40 32.96 -2.43
C GLN G 24 34.49 32.85 -1.21
N LEU G 25 35.03 33.07 0.00
CA LEU G 25 34.21 33.04 1.19
C LEU G 25 33.32 34.28 1.30
N CYS G 26 33.73 35.40 0.72
CA CYS G 26 32.86 36.58 0.67
C CYS G 26 31.68 36.34 -0.24
N ALA G 27 31.90 35.67 -1.39
CA ALA G 27 30.78 35.29 -2.25
C ALA G 27 29.94 34.18 -1.63
N GLU G 28 30.58 33.30 -0.86
CA GLU G 28 29.89 32.13 -0.30
C GLU G 28 28.95 32.54 0.83
N HIS G 29 29.42 33.37 1.74
CA HIS G 29 28.60 33.85 2.85
C HIS G 29 27.82 35.08 2.42
N GLY G 30 26.73 35.35 3.15
CA GLY G 30 25.94 36.53 2.86
C GLY G 30 26.53 37.76 3.51
N ILE G 31 27.66 38.24 2.98
CA ILE G 31 28.37 39.36 3.58
C ILE G 31 28.70 40.37 2.48
N SER G 32 28.95 41.59 2.89
CA SER G 32 29.38 42.70 2.05
C SER G 32 30.90 42.67 1.91
N PRO G 33 31.49 43.46 1.00
CA PRO G 33 32.95 43.59 1.00
C PRO G 33 33.48 44.58 2.03
N GLU G 34 32.63 45.04 2.95
CA GLU G 34 33.06 45.70 4.17
C GLU G 34 33.00 44.79 5.38
N GLY G 35 32.18 43.74 5.32
CA GLY G 35 31.97 42.84 6.43
C GLY G 35 30.54 42.84 6.96
N ILE G 36 29.73 43.80 6.56
CA ILE G 36 28.39 43.97 7.12
C ILE G 36 27.49 42.81 6.67
N VAL G 37 26.62 42.36 7.57
CA VAL G 37 25.65 41.31 7.26
C VAL G 37 24.68 41.82 6.19
N GLU G 38 24.27 40.92 5.30
CA GLU G 38 23.37 41.25 4.21
C GLU G 38 21.92 41.03 4.63
N GLU G 39 21.01 41.12 3.65
CA GLU G 39 19.59 40.91 3.92
C GLU G 39 19.10 39.59 3.32
N PHE G 40 20.01 38.79 2.77
CA PHE G 40 19.70 37.44 2.33
C PHE G 40 20.51 36.38 3.09
N ALA G 41 21.31 36.78 4.07
CA ALA G 41 22.08 35.84 4.86
C ALA G 41 21.20 35.13 5.88
N THR G 45 20.13 30.13 13.16
CA THR G 45 21.23 30.82 12.50
C THR G 45 22.37 29.85 12.18
N ASP G 46 23.16 30.19 11.18
CA ASP G 46 24.37 29.44 10.86
C ASP G 46 25.57 30.03 11.57
N ARG G 47 26.67 29.29 11.58
CA ARG G 47 27.91 29.73 12.23
C ARG G 47 28.80 30.45 11.22
N LYS G 48 29.29 31.62 11.61
CA LYS G 48 30.29 32.37 10.84
C LYS G 48 31.47 32.72 11.75
N ASP G 49 31.94 31.75 12.52
CA ASP G 49 32.95 32.00 13.54
C ASP G 49 34.18 31.13 13.35
N VAL G 50 34.30 30.44 12.22
CA VAL G 50 35.44 29.55 12.01
C VAL G 50 36.61 30.32 11.41
N PHE G 51 36.33 31.28 10.54
CA PHE G 51 37.36 32.12 9.96
C PHE G 51 37.12 33.61 10.19
N PHE G 52 36.00 33.99 10.80
CA PHE G 52 35.60 35.39 10.91
C PHE G 52 35.36 35.73 12.37
N TYR G 53 35.95 36.83 12.82
CA TYR G 53 35.59 37.38 14.12
C TYR G 53 34.31 38.19 14.01
N GLN G 54 33.46 38.04 15.03
CA GLN G 54 32.23 38.82 15.19
C GLN G 54 32.65 40.22 15.63
N ALA G 55 33.05 41.05 14.68
CA ALA G 55 33.44 42.43 14.96
C ALA G 55 32.27 43.39 14.78
N ASP G 56 32.60 44.68 14.75
CA ASP G 56 31.83 45.75 15.38
C ASP G 56 30.35 45.87 14.99
N ASP G 57 30.03 45.93 13.70
CA ASP G 57 28.65 46.14 13.27
C ASP G 57 28.13 44.91 12.53
N GLU G 58 28.32 43.74 13.15
CA GLU G 58 28.25 42.42 12.53
C GLU G 58 29.24 42.33 11.37
N HIS G 59 30.41 42.93 11.55
CA HIS G 59 31.49 42.86 10.57
C HIS G 59 32.22 41.55 10.76
N TYR G 60 31.97 40.60 9.85
CA TYR G 60 32.62 39.30 9.93
C TYR G 60 34.03 39.46 9.35
N ILE G 61 34.94 39.96 10.18
CA ILE G 61 36.30 40.25 9.69
C ILE G 61 37.09 38.95 9.62
N PRO G 62 37.62 38.58 8.46
CA PRO G 62 38.41 37.35 8.34
C PRO G 62 39.73 37.46 9.07
N ARG G 63 40.06 36.42 9.82
CA ARG G 63 41.32 36.35 10.55
C ARG G 63 42.38 35.72 9.64
N ALA G 64 43.40 36.50 9.28
CA ALA G 64 44.40 36.04 8.33
C ALA G 64 45.75 36.65 8.68
N VAL G 65 46.81 35.98 8.22
CA VAL G 65 48.18 36.46 8.33
C VAL G 65 48.79 36.48 6.94
N LEU G 66 49.22 37.65 6.50
CA LEU G 66 49.90 37.81 5.21
C LEU G 66 51.39 37.94 5.49
N LEU G 67 52.17 37.01 4.95
CA LEU G 67 53.62 37.06 5.05
C LEU G 67 54.22 36.87 3.66
N ASP G 68 55.26 37.65 3.37
CA ASP G 68 56.07 37.50 2.16
C ASP G 68 57.38 38.25 2.34
N LEU G 69 58.07 38.47 1.21
CA LEU G 69 59.28 39.26 1.13
C LEU G 69 59.30 39.94 -0.23
N GLU G 70 59.65 41.25 -0.25
CA GLU G 70 59.68 42.11 -1.44
C GLU G 70 58.30 42.14 -2.09
N PRO G 71 57.36 42.89 -1.51
CA PRO G 71 55.92 42.69 -1.78
C PRO G 71 55.50 42.95 -3.22
N ARG G 72 54.57 42.11 -3.71
CA ARG G 72 54.05 42.24 -5.06
C ARG G 72 52.53 42.30 -5.12
N VAL G 73 51.84 41.45 -4.34
CA VAL G 73 50.40 41.28 -4.50
C VAL G 73 49.60 42.25 -3.63
N ILE G 74 50.25 42.89 -2.65
CA ILE G 74 49.58 43.80 -1.71
C ILE G 74 49.07 45.04 -2.44
N HIS G 75 49.72 45.43 -3.53
CA HIS G 75 49.21 46.51 -4.39
C HIS G 75 47.85 46.14 -4.98
N SER G 76 47.69 44.88 -5.41
CA SER G 76 46.39 44.42 -5.88
C SER G 76 45.38 44.33 -4.75
N ILE G 77 45.85 44.11 -3.51
CA ILE G 77 44.95 44.15 -2.37
C ILE G 77 44.54 45.59 -2.05
N LEU G 78 45.47 46.54 -2.24
CA LEU G 78 45.26 47.92 -1.82
C LEU G 78 44.24 48.63 -2.70
N ASN G 79 44.26 48.36 -4.01
CA ASN G 79 43.32 49.05 -4.90
C ASN G 79 42.01 48.28 -5.08
N SER G 80 41.63 47.47 -4.11
CA SER G 80 40.47 46.60 -4.18
C SER G 80 39.58 46.80 -2.95
N PRO G 81 38.31 46.37 -3.00
CA PRO G 81 37.47 46.49 -1.79
C PRO G 81 37.76 45.44 -0.71
N TYR G 82 38.85 44.68 -0.86
CA TYR G 82 39.28 43.74 0.17
C TYR G 82 40.41 44.31 1.01
N ALA G 83 40.71 45.60 0.86
CA ALA G 83 41.43 46.35 1.88
C ALA G 83 40.45 47.06 2.82
N LYS G 84 39.15 46.94 2.55
CA LYS G 84 38.11 47.44 3.43
C LYS G 84 37.32 46.31 4.08
N LEU G 85 37.62 45.05 3.72
CA LEU G 85 37.04 43.90 4.40
C LEU G 85 37.89 43.47 5.59
N TYR G 86 39.19 43.34 5.37
CA TYR G 86 40.16 43.02 6.42
C TYR G 86 41.27 44.07 6.39
N ASN G 87 42.41 43.74 6.99
CA ASN G 87 43.57 44.59 7.33
C ASN G 87 43.25 45.69 8.34
N PRO G 88 43.01 45.36 9.61
CA PRO G 88 43.10 46.39 10.66
C PRO G 88 44.51 46.66 11.14
N GLU G 89 45.47 45.87 10.58
CA GLU G 89 46.92 45.70 10.77
C GLU G 89 47.19 44.21 10.90
N ASN G 90 47.32 43.51 9.77
CA ASN G 90 47.76 42.12 9.78
C ASN G 90 48.70 41.81 8.62
N ILE G 91 48.97 42.80 7.77
CA ILE G 91 49.74 42.61 6.55
C ILE G 91 51.20 42.94 6.84
N TYR G 92 52.08 41.98 6.63
CA TYR G 92 53.51 42.16 6.81
C TYR G 92 54.19 42.11 5.44
N LEU G 93 55.16 43.00 5.26
CA LEU G 93 55.86 43.10 3.98
C LEU G 93 57.20 42.38 4.03
N GLY G 101 63.04 34.94 -0.31
CA GLY G 101 63.40 35.63 -1.53
C GLY G 101 63.21 34.80 -2.77
N ASN G 102 64.28 34.11 -3.20
CA ASN G 102 64.22 33.24 -4.36
C ASN G 102 64.79 31.85 -4.06
N ASN G 103 65.39 31.66 -2.90
CA ASN G 103 65.95 30.38 -2.50
C ASN G 103 65.43 30.00 -1.11
N TRP G 104 65.52 28.70 -0.80
CA TRP G 104 65.20 28.23 0.54
C TRP G 104 66.16 28.81 1.58
N ALA G 105 67.45 28.86 1.24
CA ALA G 105 68.44 29.31 2.22
C ALA G 105 68.37 30.81 2.45
N SER G 106 68.11 31.60 1.40
CA SER G 106 67.95 33.03 1.56
C SER G 106 66.70 33.35 2.37
N GLY G 107 65.61 32.62 2.12
CA GLY G 107 64.39 32.80 2.91
C GLY G 107 64.56 32.36 4.35
N PHE G 108 65.33 31.30 4.59
CA PHE G 108 65.64 30.85 5.95
C PHE G 108 66.45 31.88 6.71
N SER G 109 67.48 32.44 6.05
CA SER G 109 68.32 33.45 6.68
C SER G 109 67.55 34.76 6.89
N GLN G 110 66.63 35.08 5.99
CA GLN G 110 65.83 36.29 6.15
C GLN G 110 64.79 36.12 7.25
N GLY G 111 64.22 34.92 7.39
CA GLY G 111 63.28 34.66 8.46
C GLY G 111 63.94 34.51 9.82
N GLU G 112 65.24 34.19 9.84
CA GLU G 112 65.96 34.08 11.10
C GLU G 112 66.06 35.42 11.82
N LYS G 113 66.35 36.50 11.07
CA LYS G 113 66.58 37.79 11.71
C LYS G 113 65.29 38.48 12.14
N ILE G 114 64.17 38.19 11.48
CA ILE G 114 62.91 38.85 11.82
C ILE G 114 61.92 37.84 12.41
N HIS G 115 62.43 36.84 13.12
CA HIS G 115 61.56 35.86 13.75
C HIS G 115 60.74 36.46 14.89
N GLU G 116 61.27 37.51 15.55
CA GLU G 116 60.60 38.10 16.71
C GLU G 116 59.27 38.75 16.35
N ASP G 117 59.25 39.62 15.33
CA ASP G 117 58.02 40.34 15.04
C ASP G 117 57.00 39.47 14.30
N ILE G 118 57.45 38.47 13.54
CA ILE G 118 56.48 37.56 12.93
C ILE G 118 55.90 36.63 14.00
N PHE G 119 56.68 36.26 15.02
CA PHE G 119 56.11 35.52 16.14
C PHE G 119 55.18 36.40 16.97
N ASP G 120 55.45 37.70 17.02
CA ASP G 120 54.53 38.65 17.64
C ASP G 120 53.23 38.76 16.86
N ILE G 121 53.31 38.69 15.53
CA ILE G 121 52.11 38.68 14.68
C ILE G 121 51.29 37.42 14.93
N ILE G 122 51.96 36.27 15.05
CA ILE G 122 51.28 35.01 15.36
C ILE G 122 50.62 35.07 16.74
N ASP G 123 51.30 35.65 17.72
CA ASP G 123 50.73 35.84 19.05
C ASP G 123 49.54 36.80 19.04
N ARG G 124 49.63 37.86 18.24
CA ARG G 124 48.54 38.83 18.13
C ARG G 124 47.29 38.20 17.53
N GLU G 125 47.46 37.39 16.48
CA GLU G 125 46.31 36.73 15.88
C GLU G 125 45.79 35.60 16.76
N ALA G 126 46.66 34.94 17.54
CA ALA G 126 46.19 33.94 18.48
C ALA G 126 45.40 34.58 19.62
N ASP G 127 45.79 35.78 20.04
CA ASP G 127 45.01 36.51 21.04
C ASP G 127 43.72 37.07 20.44
N GLY G 128 43.73 37.35 19.14
CA GLY G 128 42.52 37.86 18.49
C GLY G 128 41.39 36.84 18.41
N SER G 129 41.73 35.58 18.18
CA SER G 129 40.72 34.54 18.09
C SER G 129 40.19 34.18 19.47
N ASP G 130 39.08 33.43 19.49
CA ASP G 130 38.42 33.11 20.75
C ASP G 130 38.64 31.65 21.13
N SER G 131 38.98 30.81 20.17
CA SER G 131 39.28 29.42 20.46
C SER G 131 40.33 28.91 19.48
N LEU G 132 41.59 28.95 19.90
CA LEU G 132 42.69 28.51 19.06
C LEU G 132 42.84 26.99 19.14
N GLU G 133 42.81 26.35 17.97
CA GLU G 133 43.00 24.91 17.88
C GLU G 133 44.04 24.53 16.83
N GLY G 134 44.22 25.35 15.79
CA GLY G 134 45.18 25.02 14.76
C GLY G 134 45.51 26.22 13.91
N PHE G 135 46.68 26.15 13.30
CA PHE G 135 47.16 27.17 12.36
C PHE G 135 47.18 26.54 10.97
N VAL G 136 46.24 26.96 10.13
CA VAL G 136 46.16 26.44 8.76
C VAL G 136 47.03 27.34 7.87
N LEU G 137 47.78 26.72 6.96
CA LEU G 137 48.70 27.44 6.09
C LEU G 137 48.25 27.32 4.64
N CYS G 138 48.06 28.46 3.98
CA CYS G 138 47.84 28.49 2.54
C CYS G 138 49.16 28.85 1.88
N HIS G 139 49.88 27.84 1.43
CA HIS G 139 51.30 27.99 1.08
C HIS G 139 51.55 27.34 -0.27
N SER G 140 52.60 27.79 -0.94
CA SER G 140 53.07 27.20 -2.19
C SER G 140 54.53 26.86 -2.05
N ILE G 141 54.89 25.60 -2.30
CA ILE G 141 56.28 25.18 -2.20
C ILE G 141 57.00 25.69 -3.45
N ALA G 142 58.16 26.33 -3.22
CA ALA G 142 58.97 27.00 -4.24
C ALA G 142 58.15 28.00 -5.05
N GLY G 143 57.43 28.87 -4.34
CA GLY G 143 56.72 29.99 -4.92
C GLY G 143 57.59 31.22 -5.08
N GLY G 144 58.87 31.10 -4.73
CA GLY G 144 59.72 32.25 -4.56
C GLY G 144 59.89 32.59 -3.09
N THR G 145 59.11 33.55 -2.61
CA THR G 145 59.25 34.05 -1.24
C THR G 145 58.83 33.02 -0.20
N GLY G 146 58.00 32.04 -0.59
CA GLY G 146 57.52 31.07 0.38
C GLY G 146 58.57 30.08 0.83
N SER G 147 59.52 29.75 -0.05
CA SER G 147 60.53 28.75 0.27
C SER G 147 61.51 29.28 1.32
N GLY G 148 61.74 28.47 2.35
CA GLY G 148 62.62 28.85 3.43
C GLY G 148 61.93 29.57 4.57
N LEU G 149 61.26 30.68 4.25
CA LEU G 149 60.47 31.39 5.24
C LEU G 149 59.30 30.54 5.74
N GLY G 150 58.70 29.77 4.83
CA GLY G 150 57.64 28.85 5.24
C GLY G 150 58.13 27.74 6.13
N SER G 151 59.29 27.16 5.81
CA SER G 151 59.85 26.09 6.64
C SER G 151 60.28 26.61 8.01
N TYR G 152 60.83 27.83 8.05
CA TYR G 152 61.21 28.43 9.33
C TYR G 152 59.97 28.77 10.16
N LEU G 153 58.89 29.19 9.50
CA LEU G 153 57.62 29.41 10.20
C LEU G 153 57.05 28.10 10.74
N LEU G 154 57.23 27.00 9.99
CA LEU G 154 56.82 25.68 10.47
C LEU G 154 57.63 25.25 11.70
N GLU G 155 58.94 25.51 11.68
CA GLU G 155 59.77 25.24 12.86
C GLU G 155 59.35 26.07 14.06
N ARG G 156 59.01 27.34 13.83
CA ARG G 156 58.54 28.20 14.91
C ARG G 156 57.20 27.74 15.47
N LEU G 157 56.29 27.28 14.60
CA LEU G 157 55.01 26.77 15.08
C LEU G 157 55.16 25.45 15.83
N ASN G 158 56.12 24.61 15.41
CA ASN G 158 56.35 23.36 16.13
C ASN G 158 57.00 23.61 17.49
N ASP G 159 57.94 24.56 17.55
CA ASP G 159 58.62 24.84 18.81
C ASP G 159 57.70 25.56 19.79
N ARG G 160 56.96 26.56 19.32
CA ARG G 160 56.15 27.38 20.20
C ARG G 160 54.79 26.75 20.51
N TYR G 161 54.20 26.04 19.56
CA TYR G 161 52.89 25.43 19.76
C TYR G 161 52.92 23.93 19.46
N PRO G 162 53.32 23.10 20.43
CA PRO G 162 53.17 21.66 20.25
C PRO G 162 51.76 21.19 20.55
N LYS G 163 50.98 22.03 21.24
CA LYS G 163 49.63 21.65 21.66
C LYS G 163 48.57 22.00 20.63
N LYS G 164 48.92 22.70 19.56
CA LYS G 164 47.97 23.09 18.53
C LYS G 164 48.30 22.41 17.20
N LEU G 165 47.39 22.52 16.25
CA LEU G 165 47.53 21.90 14.94
C LEU G 165 48.28 22.80 13.97
N VAL G 166 48.96 22.16 13.02
CA VAL G 166 49.55 22.82 11.87
C VAL G 166 48.98 22.15 10.62
N GLN G 167 48.15 22.86 9.87
CA GLN G 167 47.55 22.36 8.65
C GLN G 167 48.18 23.08 7.45
N THR G 168 48.55 22.31 6.43
CA THR G 168 49.21 22.88 5.26
C THR G 168 48.45 22.46 4.01
N TYR G 169 47.71 23.40 3.43
CA TYR G 169 47.17 23.26 2.08
C TYR G 169 48.22 23.80 1.11
N SER G 170 48.83 22.91 0.33
CA SER G 170 50.01 23.31 -0.41
C SER G 170 50.08 22.62 -1.75
N VAL G 171 50.70 23.32 -2.71
CA VAL G 171 51.06 22.76 -4.01
C VAL G 171 52.55 22.50 -4.00
N PHE G 172 52.97 21.45 -4.71
CA PHE G 172 54.36 21.00 -4.67
C PHE G 172 54.96 21.12 -6.07
N PRO G 173 56.23 21.51 -6.20
CA PRO G 173 56.76 21.85 -7.52
C PRO G 173 57.11 20.62 -8.36
N ASN G 174 56.26 20.37 -9.35
CA ASN G 174 56.54 19.33 -10.32
C ASN G 174 56.29 19.97 -11.69
N GLN G 175 57.30 19.91 -12.54
CA GLN G 175 57.20 20.39 -13.91
C GLN G 175 57.48 19.28 -14.91
N ASP G 176 57.55 18.03 -14.43
CA ASP G 176 58.02 16.85 -15.18
C ASP G 176 59.39 17.07 -15.77
N GLU G 177 60.26 17.74 -15.00
CA GLU G 177 61.65 18.08 -15.35
C GLU G 177 61.78 18.82 -16.68
N ASP G 180 62.62 22.90 -16.00
CA ASP G 180 62.18 24.26 -15.76
C ASP G 180 63.14 24.94 -14.78
N VAL G 181 62.88 24.76 -13.49
CA VAL G 181 63.69 25.36 -12.43
C VAL G 181 64.53 24.26 -11.80
N VAL G 182 65.81 24.54 -11.61
CA VAL G 182 66.78 23.55 -11.14
C VAL G 182 67.13 23.71 -9.68
N VAL G 183 66.56 24.69 -8.99
CA VAL G 183 66.80 24.89 -7.57
C VAL G 183 65.63 24.41 -6.72
N GLN G 184 64.44 24.27 -7.31
CA GLN G 184 63.27 23.81 -6.56
C GLN G 184 63.28 22.37 -6.00
N PRO G 185 64.01 21.36 -6.52
CA PRO G 185 63.98 20.07 -5.80
C PRO G 185 64.68 20.10 -4.44
N TYR G 186 65.77 20.86 -4.32
CA TYR G 186 66.44 21.02 -3.02
C TYR G 186 65.52 21.69 -2.02
N ASN G 187 64.87 22.78 -2.44
CA ASN G 187 63.99 23.55 -1.56
C ASN G 187 62.77 22.72 -1.17
N SER G 188 62.19 21.99 -2.13
CA SER G 188 61.01 21.18 -1.82
C SER G 188 61.34 20.00 -0.94
N LEU G 189 62.52 19.39 -1.09
CA LEU G 189 62.88 18.27 -0.23
C LEU G 189 63.18 18.74 1.19
N LEU G 190 63.87 19.88 1.34
CA LEU G 190 64.11 20.43 2.68
C LEU G 190 62.81 20.86 3.35
N THR G 191 61.91 21.51 2.60
CA THR G 191 60.64 21.94 3.16
C THR G 191 59.75 20.73 3.44
N LEU G 192 59.90 19.65 2.67
CA LEU G 192 59.15 18.42 2.93
C LEU G 192 59.63 17.75 4.21
N LYS G 193 60.94 17.79 4.48
CA LYS G 193 61.45 17.27 5.75
C LYS G 193 60.95 18.11 6.92
N ARG G 194 60.93 19.45 6.74
CA ARG G 194 60.34 20.32 7.76
C ARG G 194 58.84 20.08 7.92
N LEU G 195 58.14 19.72 6.83
CA LEU G 195 56.71 19.44 6.93
C LEU G 195 56.44 18.11 7.61
N THR G 196 57.35 17.14 7.47
CA THR G 196 57.19 15.90 8.20
C THR G 196 57.43 16.11 9.69
N GLN G 197 58.51 16.81 10.06
CA GLN G 197 58.84 16.91 11.48
C GLN G 197 58.10 18.03 12.21
N ASN G 198 57.64 19.06 11.53
CA ASN G 198 57.15 20.28 12.18
C ASN G 198 55.73 20.65 11.78
N ALA G 199 55.05 19.84 10.96
CA ALA G 199 53.66 20.07 10.62
C ALA G 199 52.86 18.81 10.92
N ASP G 200 51.58 19.00 11.24
CA ASP G 200 50.75 17.92 11.76
C ASP G 200 49.91 17.24 10.69
N CYS G 201 49.57 17.94 9.61
CA CYS G 201 48.85 17.34 8.48
C CYS G 201 49.13 18.14 7.22
N VAL G 202 49.34 17.42 6.11
CA VAL G 202 49.66 18.02 4.83
C VAL G 202 48.65 17.56 3.79
N VAL G 203 47.99 18.51 3.14
CA VAL G 203 47.16 18.24 1.97
C VAL G 203 47.99 18.58 0.74
N VAL G 204 48.35 17.56 -0.04
CA VAL G 204 49.33 17.68 -1.11
C VAL G 204 48.61 17.94 -2.43
N LEU G 205 49.14 18.89 -3.20
CA LEU G 205 48.69 19.16 -4.56
C LEU G 205 49.91 19.36 -5.44
N ASP G 206 49.70 19.27 -6.75
CA ASP G 206 50.80 19.28 -7.71
C ASP G 206 50.51 20.23 -8.86
N ASN G 207 51.58 20.78 -9.42
CA ASN G 207 51.43 21.69 -10.57
C ASN G 207 51.02 20.95 -11.83
N THR G 208 51.59 19.75 -12.05
CA THR G 208 51.23 18.98 -13.24
C THR G 208 49.81 18.43 -13.15
N ALA G 209 49.37 17.98 -11.97
CA ALA G 209 48.03 17.40 -11.87
C ALA G 209 46.95 18.46 -12.07
N LEU G 210 47.07 19.59 -11.36
CA LEU G 210 46.13 20.70 -11.53
C LEU G 210 46.23 21.30 -12.93
N ASN G 211 47.45 21.38 -13.49
CA ASN G 211 47.61 21.94 -14.83
C ASN G 211 47.03 21.02 -15.90
N ARG G 212 47.21 19.71 -15.74
CA ARG G 212 46.65 18.74 -16.70
C ARG G 212 45.13 18.73 -16.65
N ILE G 213 44.56 18.76 -15.45
CA ILE G 213 43.10 18.80 -15.33
C ILE G 213 42.57 20.14 -15.83
N ALA G 214 43.32 21.23 -15.64
CA ALA G 214 42.93 22.53 -16.19
C ALA G 214 42.98 22.54 -17.72
N THR G 215 43.98 21.90 -18.31
CA THR G 215 44.01 21.76 -19.77
C THR G 215 42.93 20.82 -20.29
N ASP G 216 42.47 19.88 -19.45
CA ASP G 216 41.42 18.96 -19.86
C ASP G 216 40.07 19.64 -19.84
N ARG G 217 39.69 20.22 -18.70
CA ARG G 217 38.35 20.79 -18.55
C ARG G 217 38.20 22.15 -19.24
N LEU G 218 39.31 22.83 -19.54
CA LEU G 218 39.27 24.13 -20.20
C LEU G 218 40.13 24.08 -21.45
N HIS G 219 40.42 25.25 -22.01
CA HIS G 219 41.24 25.36 -23.22
C HIS G 219 42.39 26.34 -23.01
N ILE G 220 43.08 26.23 -21.87
CA ILE G 220 44.17 27.13 -21.52
C ILE G 220 45.45 26.31 -21.42
N GLN G 221 46.60 26.97 -21.54
CA GLN G 221 47.84 26.38 -21.07
C GLN G 221 48.77 27.38 -20.38
N ASN G 222 48.75 28.65 -20.79
CA ASN G 222 49.64 29.64 -20.20
C ASN G 222 49.16 30.24 -18.87
N PRO G 223 47.87 30.69 -18.68
CA PRO G 223 47.53 31.25 -17.37
C PRO G 223 47.11 30.19 -16.34
N SER G 224 48.07 29.36 -15.94
CA SER G 224 47.77 28.27 -15.02
C SER G 224 47.47 28.78 -13.61
N PHE G 225 48.11 29.88 -13.20
CA PHE G 225 48.03 30.34 -11.81
C PHE G 225 46.61 30.78 -11.43
N SER G 226 45.94 31.53 -12.32
CA SER G 226 44.64 32.11 -11.98
C SER G 226 43.54 31.06 -11.86
N GLN G 227 43.69 29.92 -12.54
CA GLN G 227 42.72 28.84 -12.41
C GLN G 227 43.10 27.84 -11.33
N ILE G 228 44.41 27.71 -11.05
CA ILE G 228 44.85 26.97 -9.87
C ILE G 228 44.37 27.63 -8.59
N ASN G 229 44.29 28.98 -8.58
CA ASN G 229 43.71 29.70 -7.45
C ASN G 229 42.24 29.30 -7.23
N GLN G 230 41.47 29.22 -8.32
CA GLN G 230 40.07 28.81 -8.23
C GLN G 230 39.93 27.37 -7.76
N LEU G 231 40.77 26.47 -8.29
CA LEU G 231 40.69 25.06 -7.93
C LEU G 231 41.06 24.84 -6.45
N VAL G 232 42.14 25.45 -5.99
CA VAL G 232 42.56 25.31 -4.60
C VAL G 232 41.57 25.98 -3.65
N SER G 233 40.96 27.11 -4.06
CA SER G 233 39.94 27.74 -3.24
C SER G 233 38.69 26.87 -3.10
N THR G 234 38.27 26.24 -4.21
CA THR G 234 37.12 25.33 -4.14
C THR G 234 37.43 24.09 -3.29
N ILE G 235 38.66 23.56 -3.41
CA ILE G 235 39.08 22.42 -2.59
C ILE G 235 39.09 22.77 -1.11
N MET G 236 39.63 23.95 -0.77
CA MET G 236 39.72 24.37 0.63
C MET G 236 38.35 24.67 1.21
N SER G 237 37.47 25.29 0.41
CA SER G 237 36.10 25.53 0.86
C SER G 237 35.33 24.22 1.04
N ALA G 238 35.57 23.24 0.16
CA ALA G 238 34.91 21.95 0.31
C ALA G 238 35.41 21.20 1.54
N SER G 239 36.71 21.31 1.84
CA SER G 239 37.24 20.62 3.01
C SER G 239 36.82 21.29 4.32
N THR G 240 36.50 22.57 4.30
CA THR G 240 36.04 23.27 5.50
C THR G 240 34.55 23.60 5.47
N THR G 241 33.80 23.02 4.53
CA THR G 241 32.35 23.23 4.46
C THR G 241 31.63 22.74 5.71
N THR G 242 31.99 21.54 6.19
CA THR G 242 31.35 21.01 7.39
C THR G 242 31.77 21.75 8.65
N LEU G 243 32.90 22.46 8.63
CA LEU G 243 33.29 23.26 9.79
C LEU G 243 32.61 24.62 9.77
N ARG G 244 32.62 25.30 8.62
CA ARG G 244 31.99 26.62 8.50
C ARG G 244 30.48 26.54 8.62
N TYR G 245 29.85 25.65 7.88
CA TYR G 245 28.41 25.45 7.98
C TYR G 245 28.13 24.23 8.84
N PRO G 246 27.27 24.37 9.86
CA PRO G 246 27.17 23.33 10.90
C PRO G 246 26.54 22.03 10.39
N GLY G 247 27.35 20.99 10.41
CA GLY G 247 26.84 19.64 10.41
C GLY G 247 26.81 19.18 11.85
N TYR G 248 27.01 17.89 12.08
CA TYR G 248 27.12 17.42 13.45
C TYR G 248 28.13 16.29 13.60
N MET G 249 28.94 16.04 12.58
CA MET G 249 30.07 15.12 12.68
C MET G 249 31.36 15.93 12.70
N ASN G 250 32.18 15.68 13.73
CA ASN G 250 33.61 16.03 13.87
C ASN G 250 33.96 17.42 13.33
N ASN G 251 33.20 18.42 13.77
CA ASN G 251 33.32 19.77 13.24
C ASN G 251 34.48 20.54 13.83
N ASP G 252 35.16 19.97 14.83
CA ASP G 252 36.49 20.41 15.22
C ASP G 252 37.51 19.81 14.26
N LEU G 253 38.63 20.50 14.08
CA LEU G 253 39.63 20.05 13.13
C LEU G 253 40.30 18.78 13.63
N ILE G 254 40.47 18.68 14.95
CA ILE G 254 41.12 17.52 15.59
C ILE G 254 40.35 16.23 15.32
N GLY G 255 39.02 16.25 15.50
CA GLY G 255 38.24 15.05 15.27
C GLY G 255 38.07 14.71 13.80
N LEU G 256 38.11 15.73 12.93
CA LEU G 256 37.99 15.48 11.50
C LEU G 256 39.26 14.84 10.94
N ILE G 257 40.43 15.39 11.29
CA ILE G 257 41.69 14.81 10.80
C ILE G 257 42.05 13.56 11.60
N ALA G 258 41.36 13.30 12.71
CA ALA G 258 41.59 12.09 13.50
C ALA G 258 41.26 10.83 12.72
N SER G 259 40.19 10.84 11.94
CA SER G 259 39.89 9.69 11.10
C SER G 259 40.72 9.70 9.82
N LEU G 260 41.23 10.87 9.42
CA LEU G 260 41.83 11.01 8.09
C LEU G 260 43.24 10.44 8.01
N ILE G 261 43.98 10.40 9.11
CA ILE G 261 45.35 9.92 9.12
C ILE G 261 45.36 8.52 9.73
N PRO G 262 45.57 7.45 8.93
CA PRO G 262 45.66 6.12 9.52
C PRO G 262 47.05 5.76 10.00
N THR G 263 48.06 6.30 9.33
CA THR G 263 49.45 5.92 9.58
C THR G 263 50.16 7.17 10.06
N PRO G 264 50.76 7.12 11.25
CA PRO G 264 51.15 8.36 11.95
C PRO G 264 52.33 9.10 11.35
N ARG G 265 53.01 8.51 10.38
CA ARG G 265 54.05 9.23 9.66
C ARG G 265 53.59 9.55 8.25
N LEU G 266 52.65 8.78 7.73
CA LEU G 266 52.09 8.95 6.40
C LEU G 266 50.81 9.77 6.53
N HIS G 267 50.97 11.09 6.48
CA HIS G 267 49.88 12.02 6.70
C HIS G 267 49.61 12.88 5.47
N PHE G 268 49.98 12.36 4.30
CA PHE G 268 49.73 13.03 3.03
C PHE G 268 48.47 12.45 2.42
N LEU G 269 47.49 13.30 2.17
CA LEU G 269 46.14 12.87 1.87
C LEU G 269 45.79 13.17 0.41
N MET G 270 45.18 12.19 -0.24
CA MET G 270 44.62 12.40 -1.57
C MET G 270 43.41 13.32 -1.48
N THR G 271 43.27 14.18 -2.49
CA THR G 271 42.15 15.10 -2.52
C THR G 271 41.52 15.09 -3.91
N GLY G 272 40.40 14.40 -4.04
CA GLY G 272 39.63 14.42 -5.27
C GLY G 272 38.43 15.34 -5.17
N TYR G 273 37.81 15.59 -6.32
CA TYR G 273 36.66 16.49 -6.40
C TYR G 273 35.86 16.12 -7.64
N THR G 274 34.65 15.59 -7.44
CA THR G 274 33.87 15.04 -8.54
C THR G 274 33.42 16.06 -9.60
N PRO G 275 33.07 17.32 -9.29
CA PRO G 275 33.03 18.30 -10.38
C PRO G 275 34.38 18.95 -10.61
N LEU G 276 34.97 18.70 -11.78
CA LEU G 276 36.19 19.43 -12.15
C LEU G 276 35.83 20.85 -12.54
N THR G 277 34.78 20.99 -13.35
CA THR G 277 34.08 22.25 -13.52
C THR G 277 32.69 22.05 -12.90
N THR G 278 32.19 23.07 -12.22
CA THR G 278 30.89 22.94 -11.54
C THR G 278 29.73 23.13 -12.50
N ASP G 279 30.01 23.45 -13.76
CA ASP G 279 28.97 23.53 -14.79
C ASP G 279 29.27 22.53 -15.90
N LYS G 287 19.89 13.04 -11.75
CA LYS G 287 21.13 13.69 -12.14
C LYS G 287 22.30 12.76 -11.91
N THR G 288 22.69 12.62 -10.65
CA THR G 288 23.73 11.67 -10.26
C THR G 288 23.36 11.04 -8.93
N THR G 289 23.84 9.82 -8.73
CA THR G 289 23.73 9.16 -7.43
C THR G 289 25.09 9.15 -6.75
N VAL G 290 25.09 8.79 -5.46
CA VAL G 290 26.33 8.78 -4.72
C VAL G 290 27.20 7.58 -5.10
N LEU G 291 26.59 6.50 -5.62
CA LEU G 291 27.36 5.36 -6.12
C LEU G 291 28.24 5.77 -7.30
N ASP G 292 27.67 6.55 -8.23
CA ASP G 292 28.41 6.94 -9.43
C ASP G 292 29.52 7.93 -9.12
N VAL G 293 29.27 8.88 -8.20
CA VAL G 293 30.35 9.82 -7.86
C VAL G 293 31.39 9.16 -6.95
N MET G 294 31.05 8.11 -6.22
CA MET G 294 32.09 7.38 -5.49
C MET G 294 32.94 6.54 -6.44
N ARG G 295 32.32 5.94 -7.47
CA ARG G 295 33.09 5.22 -8.48
C ARG G 295 33.98 6.18 -9.28
N ARG G 296 33.47 7.39 -9.56
CA ARG G 296 34.25 8.46 -10.15
C ARG G 296 35.39 8.89 -9.22
N LEU G 297 35.09 8.99 -7.93
CA LEU G 297 35.96 9.69 -7.00
C LEU G 297 37.15 8.83 -6.58
N LEU G 298 37.00 7.50 -6.63
CA LEU G 298 38.13 6.63 -6.36
C LEU G 298 39.08 6.50 -7.55
N GLN G 299 38.66 6.92 -8.74
CA GLN G 299 39.57 6.90 -9.89
C GLN G 299 40.59 8.03 -9.76
N PRO G 300 41.86 7.78 -10.07
CA PRO G 300 42.89 8.83 -9.95
C PRO G 300 42.80 9.93 -11.00
N LYS G 301 42.03 9.73 -12.08
CA LYS G 301 41.88 10.77 -13.08
C LYS G 301 41.02 11.93 -12.59
N ASN G 302 40.09 11.68 -11.66
CA ASN G 302 39.32 12.75 -11.03
C ASN G 302 40.04 13.39 -9.86
N VAL G 303 41.13 12.78 -9.39
CA VAL G 303 41.91 13.32 -8.27
C VAL G 303 42.96 14.26 -8.82
N MET G 304 43.14 15.40 -8.15
CA MET G 304 44.13 16.41 -8.51
C MET G 304 45.51 16.11 -7.91
N VAL G 305 45.81 14.84 -7.62
CA VAL G 305 47.07 14.44 -7.05
C VAL G 305 47.66 13.36 -7.96
N SER G 306 48.94 13.51 -8.30
CA SER G 306 49.64 12.53 -9.13
C SER G 306 49.83 11.21 -8.37
N THR G 313 53.91 -2.36 -9.96
CA THR G 313 54.04 -1.99 -8.54
C THR G 313 52.71 -2.19 -7.80
N ASN G 314 52.80 -2.30 -6.47
CA ASN G 314 51.63 -2.52 -5.64
C ASN G 314 51.35 -1.25 -4.84
N HIS G 315 50.35 -0.48 -5.28
CA HIS G 315 49.89 0.68 -4.53
C HIS G 315 48.42 0.50 -4.14
N CYS G 316 48.12 0.82 -2.89
CA CYS G 316 46.77 0.74 -2.36
C CYS G 316 46.65 1.74 -1.22
N TYR G 317 45.41 2.13 -0.92
CA TYR G 317 45.15 3.03 0.20
C TYR G 317 45.43 2.36 1.54
N ILE G 318 45.40 3.16 2.60
CA ILE G 318 45.41 2.64 3.96
C ILE G 318 44.06 2.85 4.63
N ALA G 319 43.56 4.08 4.60
CA ALA G 319 42.18 4.38 5.00
C ALA G 319 41.63 5.46 4.09
N ILE G 320 40.34 5.33 3.78
CA ILE G 320 39.65 6.22 2.86
C ILE G 320 38.52 6.89 3.64
N LEU G 321 38.29 8.18 3.38
CA LEU G 321 37.07 8.83 3.83
C LEU G 321 36.60 9.77 2.73
N ASN G 322 35.29 9.82 2.52
CA ASN G 322 34.72 10.74 1.55
C ASN G 322 33.56 11.52 2.16
N ILE G 323 33.39 12.76 1.69
CA ILE G 323 32.37 13.66 2.20
C ILE G 323 31.47 14.06 1.02
N ILE G 324 30.18 13.81 1.17
CA ILE G 324 29.20 14.09 0.12
C ILE G 324 28.27 15.19 0.61
N GLN G 325 28.16 16.26 -0.19
CA GLN G 325 27.28 17.39 0.14
C GLN G 325 26.46 17.74 -1.09
N GLY G 326 25.15 17.88 -0.91
CA GLY G 326 24.26 18.22 -1.99
C GLY G 326 22.84 17.83 -1.67
N GLU G 327 22.07 17.56 -2.73
CA GLU G 327 20.72 17.04 -2.58
C GLU G 327 20.75 15.51 -2.48
N VAL G 328 21.17 15.01 -1.32
CA VAL G 328 21.50 13.60 -1.16
C VAL G 328 20.38 12.89 -0.41
N ASP G 329 20.09 11.66 -0.84
CA ASP G 329 19.25 10.73 -0.09
C ASP G 329 20.13 9.82 0.76
N PRO G 330 19.92 9.78 2.09
CA PRO G 330 20.85 9.06 2.97
C PRO G 330 20.84 7.54 2.82
N THR G 331 19.74 6.95 2.35
CA THR G 331 19.73 5.50 2.11
C THR G 331 20.56 5.15 0.88
N GLN G 332 20.75 6.10 -0.03
CA GLN G 332 21.71 5.88 -1.09
C GLN G 332 23.15 5.90 -0.56
N VAL G 333 23.42 6.66 0.50
CA VAL G 333 24.75 6.63 1.13
C VAL G 333 25.03 5.25 1.74
N HIS G 334 24.01 4.66 2.40
CA HIS G 334 23.99 3.24 2.77
C HIS G 334 24.38 2.33 1.62
N LYS G 335 23.54 2.27 0.57
CA LYS G 335 23.72 1.27 -0.49
C LYS G 335 25.00 1.52 -1.29
N SER G 336 25.40 2.78 -1.41
CA SER G 336 26.67 3.11 -2.06
C SER G 336 27.85 2.60 -1.26
N LEU G 337 27.83 2.77 0.07
CA LEU G 337 28.93 2.25 0.89
C LEU G 337 28.99 0.73 0.82
N GLN G 338 27.82 0.08 0.82
CA GLN G 338 27.76 -1.38 0.72
C GLN G 338 28.41 -1.87 -0.57
N ARG G 339 28.01 -1.28 -1.71
CA ARG G 339 28.49 -1.76 -2.99
C ARG G 339 29.94 -1.36 -3.26
N ILE G 340 30.35 -0.16 -2.80
CA ILE G 340 31.74 0.28 -2.93
C ILE G 340 32.70 -0.63 -2.17
N ARG G 341 32.41 -0.99 -0.92
CA ARG G 341 33.39 -1.84 -0.23
C ARG G 341 33.31 -3.29 -0.72
N GLU G 342 32.11 -3.77 -1.10
CA GLU G 342 32.05 -5.17 -1.51
C GLU G 342 32.56 -5.43 -2.92
N ARG G 343 32.49 -4.45 -3.84
CA ARG G 343 32.98 -4.77 -5.19
C ARG G 343 34.49 -4.59 -5.33
N LYS G 344 35.18 -4.33 -4.21
CA LYS G 344 36.65 -4.29 -4.10
C LYS G 344 37.26 -3.17 -4.95
N LEU G 345 36.59 -2.01 -4.98
CA LEU G 345 37.19 -0.82 -5.56
C LEU G 345 37.78 0.09 -4.50
N ALA G 346 37.54 -0.19 -3.22
CA ALA G 346 38.31 0.38 -2.13
C ALA G 346 39.47 -0.57 -1.90
N ASN G 347 40.66 -0.17 -2.37
CA ASN G 347 41.80 -1.06 -2.43
C ASN G 347 42.77 -0.71 -1.31
N PHE G 348 42.91 -1.61 -0.35
CA PHE G 348 43.72 -1.40 0.84
C PHE G 348 44.09 -2.74 1.44
N ILE G 349 45.37 -2.90 1.76
CA ILE G 349 45.87 -4.02 2.53
C ILE G 349 46.52 -3.46 3.79
N PRO G 350 45.77 -3.21 4.85
CA PRO G 350 46.37 -2.57 6.03
C PRO G 350 46.88 -3.57 7.06
N TRP G 351 47.61 -3.05 8.03
CA TRP G 351 48.01 -3.81 9.21
C TRP G 351 46.97 -3.73 10.31
N GLY G 352 45.88 -3.02 10.07
CA GLY G 352 44.72 -3.07 10.94
C GLY G 352 43.46 -3.28 10.14
N PRO G 353 42.32 -2.86 10.68
CA PRO G 353 41.05 -2.97 9.94
C PRO G 353 40.68 -1.71 9.16
N ALA G 354 41.63 -0.80 8.93
CA ALA G 354 41.32 0.56 8.51
C ALA G 354 40.72 0.58 7.10
N SER G 355 39.66 1.36 6.94
CA SER G 355 38.69 1.12 5.88
C SER G 355 38.26 2.41 5.21
N ILE G 356 37.33 2.25 4.25
CA ILE G 356 36.68 3.38 3.62
C ILE G 356 35.52 3.86 4.48
N GLN G 357 35.37 5.17 4.58
CA GLN G 357 34.41 5.82 5.47
C GLN G 357 33.53 6.75 4.67
N VAL G 358 32.23 6.75 4.97
CA VAL G 358 31.31 7.73 4.39
C VAL G 358 31.12 8.87 5.37
N ALA G 359 30.85 10.05 4.82
CA ALA G 359 30.55 11.23 5.60
C ALA G 359 29.62 12.12 4.79
N LEU G 360 28.73 12.80 5.49
CA LEU G 360 27.71 13.63 4.88
C LEU G 360 27.91 15.06 5.32
N SER G 361 27.57 15.99 4.43
CA SER G 361 27.61 17.41 4.75
C SER G 361 26.39 18.08 4.15
N ARG G 362 26.04 19.22 4.71
CA ARG G 362 24.97 20.05 4.19
C ARG G 362 25.58 21.05 3.21
N LYS G 363 25.00 21.12 2.01
CA LYS G 363 25.45 22.09 1.03
C LYS G 363 25.06 23.48 1.49
N SER G 364 25.91 24.46 1.19
CA SER G 364 25.76 25.81 1.72
C SER G 364 24.49 26.49 1.20
N PRO G 365 23.65 27.02 2.09
CA PRO G 365 22.57 27.91 1.67
C PRO G 365 23.15 29.23 1.16
N TYR G 366 22.63 29.69 0.01
CA TYR G 366 23.08 30.87 -0.71
C TYR G 366 24.51 30.63 -1.20
N LEU G 367 24.71 29.53 -1.91
CA LEU G 367 25.84 29.54 -2.83
C LEU G 367 25.43 30.28 -4.08
N PRO G 368 26.30 31.12 -4.64
CA PRO G 368 26.04 31.66 -5.98
C PRO G 368 26.28 30.62 -7.06
N SER G 369 26.98 29.55 -6.73
CA SER G 369 27.20 28.43 -7.65
C SER G 369 25.92 27.60 -7.80
N ALA G 370 25.68 27.12 -9.02
CA ALA G 370 24.62 26.17 -9.30
C ALA G 370 25.19 24.76 -9.22
N HIS G 371 24.31 23.77 -9.45
CA HIS G 371 24.64 22.34 -9.50
C HIS G 371 25.26 21.88 -8.17
N ARG G 372 24.45 21.92 -7.10
CA ARG G 372 24.94 21.90 -5.73
C ARG G 372 25.42 20.53 -5.28
N VAL G 373 25.36 19.51 -6.12
CA VAL G 373 25.89 18.19 -5.77
C VAL G 373 27.39 18.19 -6.01
N SER G 374 28.16 17.95 -4.95
CA SER G 374 29.62 17.94 -5.03
C SER G 374 30.18 16.92 -4.06
N GLY G 375 31.27 16.27 -4.45
CA GLY G 375 31.90 15.26 -3.63
C GLY G 375 33.37 15.51 -3.43
N LEU G 376 33.87 15.02 -2.29
CA LEU G 376 35.26 15.18 -1.90
C LEU G 376 35.74 13.89 -1.27
N MET G 377 37.04 13.58 -1.44
CA MET G 377 37.65 12.44 -0.77
C MET G 377 38.93 12.90 -0.08
N MET G 378 39.16 12.35 1.12
CA MET G 378 40.38 12.57 1.88
C MET G 378 40.92 11.21 2.29
N ALA G 379 41.87 10.68 1.52
CA ALA G 379 42.36 9.33 1.74
C ALA G 379 43.88 9.30 1.66
N ASN G 380 44.48 8.36 2.37
CA ASN G 380 45.92 8.17 2.36
C ASN G 380 46.24 7.00 1.42
N HIS G 381 47.02 7.30 0.38
CA HIS G 381 47.39 6.34 -0.66
C HIS G 381 48.91 6.27 -0.71
N THR G 382 49.44 5.08 -0.99
CA THR G 382 50.88 4.91 -1.09
C THR G 382 51.43 5.35 -2.44
N SER G 383 50.56 5.59 -3.43
CA SER G 383 51.01 5.96 -4.78
C SER G 383 51.74 7.29 -4.81
N ILE G 384 51.41 8.20 -3.87
CA ILE G 384 52.11 9.47 -3.70
C ILE G 384 53.60 9.27 -3.43
N SER G 385 53.98 8.11 -2.85
CA SER G 385 55.37 7.78 -2.62
C SER G 385 56.16 7.76 -3.92
N SER G 386 55.54 7.23 -4.98
CA SER G 386 56.19 7.20 -6.30
C SER G 386 56.48 8.61 -6.79
N LEU G 387 55.54 9.53 -6.58
CA LEU G 387 55.78 10.93 -6.93
C LEU G 387 56.88 11.51 -6.07
N PHE G 388 56.89 11.16 -4.78
CA PHE G 388 57.97 11.57 -3.90
C PHE G 388 59.30 10.99 -4.36
N GLU G 389 59.26 9.77 -4.92
CA GLU G 389 60.49 9.14 -5.43
C GLU G 389 61.09 9.92 -6.57
N ARG G 390 60.25 10.61 -7.36
CA ARG G 390 60.75 11.48 -8.41
C ARG G 390 61.62 12.58 -7.84
N THR G 391 61.16 13.20 -6.74
CA THR G 391 61.99 14.18 -6.04
C THR G 391 63.22 13.50 -5.44
N CYS G 392 63.07 12.26 -4.94
CA CYS G 392 64.22 11.51 -4.45
C CYS G 392 65.19 11.19 -5.57
N ARG G 393 64.70 11.11 -6.82
CA ARG G 393 65.63 11.02 -7.94
C ARG G 393 66.31 12.36 -8.17
N GLN G 394 65.51 13.45 -8.21
CA GLN G 394 65.95 14.69 -8.86
C GLN G 394 67.11 15.34 -8.13
N TYR G 395 66.98 15.52 -6.81
CA TYR G 395 68.06 16.04 -5.97
C TYR G 395 69.31 15.19 -6.10
N ASP G 396 69.16 13.86 -6.09
CA ASP G 396 70.30 12.97 -6.24
C ASP G 396 70.95 13.15 -7.60
N LYS G 397 70.12 13.30 -8.65
CA LYS G 397 70.65 13.57 -9.98
C LYS G 397 71.34 14.92 -10.01
N LEU G 398 70.71 15.93 -9.41
CA LEU G 398 71.32 17.26 -9.39
C LEU G 398 72.46 17.35 -8.40
N ARG G 399 72.62 16.34 -7.53
CA ARG G 399 73.82 16.33 -6.70
C ARG G 399 74.99 15.73 -7.47
N LYS G 400 74.72 14.90 -8.48
CA LYS G 400 75.80 14.23 -9.18
C LYS G 400 76.36 15.07 -10.31
N ARG G 401 75.51 15.86 -10.97
CA ARG G 401 75.96 16.72 -12.06
C ARG G 401 76.72 17.93 -11.52
N GLU G 402 76.26 18.48 -10.40
CA GLU G 402 76.86 19.58 -9.63
C GLU G 402 77.03 20.82 -10.51
N ALA G 403 75.92 21.31 -11.05
CA ALA G 403 75.87 22.64 -11.67
C ALA G 403 74.52 23.28 -11.36
N PHE G 404 73.76 22.65 -10.47
CA PHE G 404 72.39 23.06 -10.19
C PHE G 404 72.10 23.14 -8.70
N LEU G 405 73.04 22.72 -7.84
CA LEU G 405 73.04 23.20 -6.46
C LEU G 405 73.42 24.67 -6.41
N GLU G 406 74.17 25.13 -7.43
CA GLU G 406 74.48 26.51 -7.81
C GLU G 406 75.49 27.19 -6.89
N GLN G 407 75.85 26.54 -5.77
CA GLN G 407 76.80 27.02 -4.77
C GLN G 407 76.45 28.43 -4.29
N PHE G 408 75.22 28.59 -3.81
CA PHE G 408 74.83 29.84 -3.18
C PHE G 408 75.40 29.93 -1.78
N ARG G 409 75.82 31.13 -1.40
CA ARG G 409 76.55 31.32 -0.14
C ARG G 409 75.62 31.19 1.06
N LYS G 410 74.33 31.47 0.86
CA LYS G 410 73.36 31.28 1.94
C LYS G 410 73.18 29.81 2.27
N GLU G 411 73.29 28.94 1.25
CA GLU G 411 73.32 27.51 1.50
C GLU G 411 74.58 27.08 2.25
N ASP G 412 75.69 27.80 2.04
CA ASP G 412 76.91 27.49 2.75
C ASP G 412 76.82 27.89 4.22
N MET G 413 76.23 29.06 4.52
CA MET G 413 76.08 29.45 5.91
C MET G 413 74.91 28.77 6.59
N PHE G 414 73.99 28.16 5.84
CA PHE G 414 72.97 27.32 6.44
C PHE G 414 73.59 26.06 7.03
N LYS G 415 74.47 25.40 6.28
CA LYS G 415 75.14 24.19 6.74
C LYS G 415 76.44 24.01 5.99
N ASP G 416 77.55 23.85 6.72
CA ASP G 416 78.86 23.78 6.09
C ASP G 416 79.08 22.43 5.40
N ASN G 417 78.57 21.34 5.98
CA ASN G 417 78.78 20.02 5.43
C ASN G 417 77.75 19.66 4.36
N PHE G 418 76.68 20.45 4.24
CA PHE G 418 75.53 20.20 3.35
C PHE G 418 74.88 18.85 3.64
N ASP G 419 74.88 18.45 4.91
CA ASP G 419 74.29 17.18 5.31
C ASP G 419 72.82 17.28 5.70
N GLU G 420 72.26 18.50 5.72
CA GLU G 420 70.83 18.65 5.96
C GLU G 420 70.01 18.11 4.79
N MET G 421 70.53 18.26 3.57
CA MET G 421 69.87 17.66 2.41
C MET G 421 69.92 16.14 2.46
N ASP G 422 71.04 15.58 2.94
CA ASP G 422 71.12 14.14 3.14
C ASP G 422 70.19 13.69 4.26
N THR G 423 70.01 14.51 5.29
CA THR G 423 69.06 14.21 6.35
C THR G 423 67.63 14.21 5.83
N SER G 424 67.30 15.17 4.95
CA SER G 424 65.98 15.20 4.32
C SER G 424 65.77 13.99 3.42
N ARG G 425 66.81 13.58 2.69
CA ARG G 425 66.74 12.39 1.85
C ARG G 425 66.54 11.14 2.70
N GLU G 426 67.21 11.07 3.87
CA GLU G 426 67.01 9.96 4.79
C GLU G 426 65.59 9.93 5.35
N ILE G 427 65.05 11.09 5.70
CA ILE G 427 63.69 11.17 6.25
C ILE G 427 62.67 10.75 5.20
N VAL G 428 62.82 11.23 3.96
CA VAL G 428 61.86 10.85 2.93
C VAL G 428 62.08 9.38 2.50
N GLN G 429 63.29 8.84 2.66
CA GLN G 429 63.51 7.41 2.39
C GLN G 429 62.81 6.55 3.44
N GLN G 430 62.87 6.97 4.71
CA GLN G 430 62.06 6.34 5.75
C GLN G 430 60.57 6.45 5.45
N LEU G 431 60.14 7.60 4.89
CA LEU G 431 58.75 7.76 4.48
C LEU G 431 58.34 6.78 3.38
N ILE G 432 59.23 6.56 2.40
CA ILE G 432 58.96 5.61 1.33
C ILE G 432 58.86 4.19 1.89
N ASP G 433 59.78 3.83 2.78
CA ASP G 433 59.76 2.50 3.39
C ASP G 433 58.54 2.33 4.30
N GLU G 434 58.07 3.42 4.90
CA GLU G 434 56.87 3.33 5.74
C GLU G 434 55.60 3.20 4.91
N TYR G 435 55.55 3.84 3.72
CA TYR G 435 54.47 3.57 2.77
C TYR G 435 54.46 2.11 2.34
N HIS G 436 55.63 1.57 2.00
CA HIS G 436 55.70 0.19 1.56
C HIS G 436 55.48 -0.82 2.69
N ALA G 437 55.76 -0.44 3.93
CA ALA G 437 55.44 -1.29 5.07
C ALA G 437 53.95 -1.20 5.41
N ALA G 438 53.32 -0.05 5.17
CA ALA G 438 51.90 0.08 5.39
C ALA G 438 51.09 -0.67 4.34
N THR G 439 51.67 -0.93 3.16
CA THR G 439 51.04 -1.86 2.22
C THR G 439 51.00 -3.28 2.76
N ARG G 440 51.97 -3.65 3.60
CA ARG G 440 52.01 -4.97 4.20
C ARG G 440 51.01 -5.07 5.36
N PRO G 441 50.60 -6.30 5.73
CA PRO G 441 49.77 -6.45 6.93
C PRO G 441 50.55 -6.36 8.24
N ASP G 442 51.85 -6.06 8.18
CA ASP G 442 52.66 -5.82 9.37
C ASP G 442 53.23 -4.41 9.34
N TYR G 443 53.09 -3.72 10.46
CA TYR G 443 53.78 -2.47 10.72
C TYR G 443 54.55 -2.58 12.02
N ILE G 444 54.87 -3.81 12.42
CA ILE G 444 55.85 -4.05 13.46
C ILE G 444 57.26 -4.02 12.89
N SER G 445 57.38 -3.89 11.56
CA SER G 445 58.66 -3.70 10.90
C SER G 445 58.49 -2.72 9.74
N TRP G 446 59.18 -1.59 9.83
CA TRP G 446 59.47 -0.79 8.65
C TRP G 446 60.97 -0.65 8.51
N GLY G 447 61.41 -0.30 7.30
CA GLY G 447 62.82 -0.10 7.03
C GLY G 447 63.31 1.27 7.46
N ARG H 3 25.51 69.89 43.81
CA ARG H 3 24.34 70.74 43.91
C ARG H 3 24.24 71.69 42.71
N GLU H 4 24.25 72.99 43.00
CA GLU H 4 24.12 74.01 41.97
C GLU H 4 25.51 74.46 41.54
N ILE H 5 25.71 74.50 40.22
CA ILE H 5 27.00 74.85 39.65
C ILE H 5 26.80 75.94 38.61
N ILE H 6 27.82 76.79 38.48
CA ILE H 6 27.75 78.00 37.66
C ILE H 6 28.82 77.89 36.58
N THR H 7 28.41 78.04 35.33
CA THR H 7 29.33 77.85 34.22
C THR H 7 30.21 79.08 34.03
N LEU H 8 31.52 78.86 34.06
CA LEU H 8 32.49 79.91 33.78
C LEU H 8 33.10 79.66 32.41
N GLN H 9 32.59 80.36 31.40
CA GLN H 9 33.04 80.14 30.03
C GLN H 9 34.23 81.04 29.73
N LEU H 10 35.25 80.47 29.11
CA LEU H 10 36.49 81.15 28.80
C LEU H 10 37.16 80.44 27.63
N GLY H 11 37.79 81.22 26.76
CA GLY H 11 38.23 80.73 25.48
C GLY H 11 37.18 80.95 24.41
N GLN H 12 37.65 80.99 23.16
CA GLN H 12 36.74 81.21 22.03
C GLN H 12 35.79 80.03 21.84
N CYS H 13 36.34 78.81 21.79
CA CYS H 13 35.49 77.64 21.75
C CYS H 13 34.77 77.42 23.08
N GLY H 14 35.35 77.90 24.18
CA GLY H 14 34.64 77.85 25.46
C GLY H 14 33.41 78.73 25.49
N ASN H 15 33.51 79.94 24.93
CA ASN H 15 32.32 80.79 24.83
C ASN H 15 31.33 80.24 23.81
N GLN H 16 31.83 79.60 22.74
CA GLN H 16 30.95 78.96 21.77
C GLN H 16 30.15 77.81 22.40
N ILE H 17 30.82 76.95 23.17
CA ILE H 17 30.11 75.85 23.81
C ILE H 17 29.25 76.36 24.96
N GLY H 18 29.59 77.51 25.57
CA GLY H 18 28.71 78.09 26.56
C GLY H 18 27.40 78.61 25.97
N PHE H 19 27.49 79.35 24.86
CA PHE H 19 26.29 79.83 24.18
C PHE H 19 25.47 78.68 23.60
N GLU H 20 26.17 77.67 23.05
CA GLU H 20 25.50 76.48 22.53
C GLU H 20 24.83 75.70 23.66
N PHE H 21 25.47 75.63 24.83
CA PHE H 21 24.89 74.96 25.99
C PHE H 21 23.66 75.68 26.50
N TRP H 22 23.67 77.02 26.50
CA TRP H 22 22.50 77.73 26.99
C TRP H 22 21.34 77.68 25.98
N LYS H 23 21.62 77.69 24.68
CA LYS H 23 20.50 77.52 23.75
C LYS H 23 20.02 76.07 23.73
N GLN H 24 20.92 75.11 24.00
CA GLN H 24 20.53 73.71 24.16
C GLN H 24 19.62 73.53 25.38
N LEU H 25 19.93 74.18 26.49
CA LEU H 25 19.08 74.10 27.67
C LEU H 25 17.80 74.90 27.50
N CYS H 26 17.82 75.95 26.68
CA CYS H 26 16.59 76.67 26.37
C CYS H 26 15.65 75.81 25.53
N ALA H 27 16.19 75.06 24.57
CA ALA H 27 15.38 74.11 23.82
C ALA H 27 14.97 72.92 24.68
N GLU H 28 15.81 72.52 25.62
CA GLU H 28 15.56 71.34 26.44
C GLU H 28 14.44 71.57 27.45
N HIS H 29 14.49 72.70 28.14
CA HIS H 29 13.47 73.05 29.12
C HIS H 29 12.32 73.78 28.43
N GLY H 30 11.16 73.76 29.08
CA GLY H 30 10.01 74.46 28.54
C GLY H 30 10.05 75.94 28.88
N ILE H 31 10.96 76.68 28.26
CA ILE H 31 11.16 78.09 28.58
C ILE H 31 11.20 78.89 27.29
N SER H 32 10.93 80.18 27.41
CA SER H 32 10.98 81.16 26.33
C SER H 32 12.41 81.69 26.21
N PRO H 33 12.74 82.41 25.14
CA PRO H 33 14.05 83.09 25.11
C PRO H 33 14.08 84.41 25.89
N GLU H 34 13.05 84.68 26.68
CA GLU H 34 13.10 85.70 27.71
C GLU H 34 13.28 85.11 29.10
N GLY H 35 12.92 83.84 29.28
CA GLY H 35 12.96 83.19 30.57
C GLY H 35 11.62 82.75 31.09
N ILE H 36 10.53 83.23 30.48
CA ILE H 36 9.18 82.99 30.99
C ILE H 36 8.81 81.53 30.82
N VAL H 37 8.10 80.97 31.81
CA VAL H 37 7.62 79.60 31.74
C VAL H 37 6.63 79.46 30.59
N GLU H 38 6.65 78.30 29.93
CA GLU H 38 5.77 78.03 28.81
C GLU H 38 4.48 77.37 29.25
N GLU H 39 3.69 76.90 28.29
CA GLU H 39 2.44 76.23 28.60
C GLU H 39 2.51 74.74 28.32
N PHE H 40 3.69 74.24 27.96
CA PHE H 40 3.95 72.81 27.84
C PHE H 40 5.01 72.32 28.82
N ALA H 41 5.53 73.18 29.67
CA ALA H 41 6.54 72.80 30.65
C ALA H 41 5.90 72.04 31.81
N THR H 45 6.14 68.66 40.04
CA THR H 45 6.97 69.55 39.23
C THR H 45 8.40 69.05 39.14
N ASP H 46 9.10 69.45 38.08
CA ASP H 46 10.51 69.16 37.94
C ASP H 46 11.35 70.30 38.49
N ARG H 47 12.65 70.05 38.67
CA ARG H 47 13.57 71.04 39.20
C ARG H 47 14.22 71.82 38.05
N LYS H 48 14.20 73.14 38.16
CA LYS H 48 14.91 74.03 37.24
C LYS H 48 15.80 74.99 38.03
N ASP H 49 16.54 74.46 39.00
CA ASP H 49 17.29 75.28 39.95
C ASP H 49 18.77 74.92 39.96
N VAL H 50 19.23 74.11 39.01
CA VAL H 50 20.62 73.70 39.00
C VAL H 50 21.47 74.71 38.24
N PHE H 51 20.92 75.29 37.18
CA PHE H 51 21.62 76.31 36.41
C PHE H 51 20.83 77.61 36.30
N PHE H 52 19.61 77.65 36.81
CA PHE H 52 18.71 78.78 36.60
C PHE H 52 18.23 79.30 37.95
N TYR H 53 18.34 80.61 38.14
CA TYR H 53 17.70 81.24 39.28
C TYR H 53 16.23 81.48 39.00
N GLN H 54 15.41 81.23 40.02
CA GLN H 54 13.98 81.50 40.01
C GLN H 54 13.81 83.01 40.13
N ALA H 55 13.95 83.72 39.00
CA ALA H 55 13.78 85.16 38.97
C ALA H 55 12.35 85.54 38.58
N ASP H 56 12.18 86.83 38.26
CA ASP H 56 11.02 87.63 38.63
C ASP H 56 9.64 87.10 38.23
N ASP H 57 9.43 86.76 36.95
CA ASP H 57 8.11 86.34 36.50
C ASP H 57 8.15 84.88 36.05
N GLU H 58 8.71 84.03 36.93
CA GLU H 58 9.18 82.68 36.62
C GLU H 58 10.21 82.73 35.51
N HIS H 59 11.07 83.75 35.54
CA HIS H 59 12.17 83.89 34.60
C HIS H 59 13.32 83.02 35.08
N TYR H 60 13.52 81.88 34.42
CA TYR H 60 14.59 80.98 34.79
C TYR H 60 15.88 81.54 34.17
N ILE H 61 16.48 82.50 34.86
CA ILE H 61 17.66 83.17 34.32
C ILE H 61 18.88 82.29 34.55
N PRO H 62 19.60 81.91 33.49
CA PRO H 62 20.79 81.07 33.65
C PRO H 62 21.93 81.84 34.33
N ARG H 63 22.56 81.17 35.29
CA ARG H 63 23.69 81.74 36.02
C ARG H 63 24.96 81.38 35.27
N ALA H 64 25.65 82.40 34.74
CA ALA H 64 26.83 82.17 33.92
C ALA H 64 27.83 83.29 34.11
N VAL H 65 29.09 82.99 33.81
CA VAL H 65 30.16 83.98 33.81
C VAL H 65 30.84 83.93 32.45
N LEU H 66 30.85 85.06 31.75
CA LEU H 66 31.52 85.18 30.47
C LEU H 66 32.83 85.92 30.69
N LEU H 67 33.94 85.27 30.38
CA LEU H 67 35.26 85.87 30.47
C LEU H 67 35.99 85.65 29.15
N ASP H 68 36.70 86.68 28.69
CA ASP H 68 37.60 86.60 27.54
C ASP H 68 38.52 87.81 27.54
N LEU H 69 39.17 88.02 26.40
CA LEU H 69 40.01 89.18 26.13
C LEU H 69 39.88 89.52 24.65
N GLU H 70 39.73 90.83 24.34
CA GLU H 70 39.54 91.36 22.98
C GLU H 70 38.31 90.74 22.34
N PRO H 71 37.11 91.17 22.74
CA PRO H 71 35.87 90.40 22.53
C PRO H 71 35.50 90.16 21.07
N ARG H 72 34.99 88.96 20.79
CA ARG H 72 34.58 88.59 19.43
C ARG H 72 33.15 88.06 19.39
N VAL H 73 32.76 87.19 20.32
CA VAL H 73 31.50 86.46 20.23
C VAL H 73 30.33 87.22 20.85
N ILE H 74 30.62 88.24 21.67
CA ILE H 74 29.59 89.01 22.37
C ILE H 74 28.72 89.78 21.38
N HIS H 75 29.27 90.16 20.22
CA HIS H 75 28.46 90.74 19.16
C HIS H 75 27.39 89.78 18.66
N SER H 76 27.73 88.49 18.53
CA SER H 76 26.74 87.48 18.17
C SER H 76 25.75 87.25 19.30
N ILE H 77 26.16 87.49 20.55
CA ILE H 77 25.22 87.43 21.67
C ILE H 77 24.29 88.64 21.64
N LEU H 78 24.81 89.81 21.25
CA LEU H 78 24.06 91.06 21.34
C LEU H 78 22.93 91.14 20.33
N ASN H 79 23.16 90.63 19.11
CA ASN H 79 22.10 90.71 18.10
C ASN H 79 21.21 89.47 18.09
N SER H 80 21.07 88.80 19.23
CA SER H 80 20.31 87.56 19.36
C SER H 80 19.33 87.67 20.51
N PRO H 81 18.31 86.79 20.57
CA PRO H 81 17.39 86.83 21.73
C PRO H 81 17.95 86.22 23.01
N TYR H 82 19.24 85.92 23.03
CA TYR H 82 19.91 85.45 24.24
C TYR H 82 20.68 86.57 24.93
N ALA H 83 20.50 87.82 24.49
CA ALA H 83 20.80 88.97 25.32
C ALA H 83 19.56 89.44 26.07
N LYS H 84 18.42 88.79 25.85
CA LYS H 84 17.19 89.03 26.59
C LYS H 84 16.83 87.85 27.49
N LEU H 85 17.59 86.75 27.41
CA LEU H 85 17.43 85.64 28.34
C LEU H 85 18.28 85.83 29.59
N TYR H 86 19.56 86.15 29.41
CA TYR H 86 20.48 86.44 30.49
C TYR H 86 21.11 87.81 30.22
N ASN H 87 22.25 88.08 30.88
CA ASN H 87 22.98 89.34 31.01
C ASN H 87 22.19 90.42 31.75
N PRO H 88 22.00 90.31 33.06
CA PRO H 88 21.60 91.48 33.85
C PRO H 88 22.77 92.36 34.26
N GLU H 89 24.00 91.91 33.89
CA GLU H 89 25.40 92.34 34.11
C GLU H 89 26.19 91.12 34.58
N ASN H 90 26.64 90.29 33.63
CA ASN H 90 27.57 89.21 33.95
C ASN H 90 28.66 89.05 32.88
N ILE H 91 28.60 89.86 31.84
CA ILE H 91 29.49 89.73 30.69
C ILE H 91 30.69 90.64 30.89
N TYR H 92 31.88 90.06 30.90
CA TYR H 92 33.12 90.80 31.02
C TYR H 92 33.88 90.74 29.71
N LEU H 93 34.48 91.86 29.32
CA LEU H 93 35.19 91.94 28.05
C LEU H 93 36.70 91.82 28.25
N GLY H 101 45.21 86.41 25.69
CA GLY H 101 45.37 86.92 24.34
C GLY H 101 45.62 85.83 23.32
N ASN H 102 46.89 85.53 23.05
CA ASN H 102 47.26 84.47 22.12
C ASN H 102 48.28 83.50 22.72
N ASN H 103 48.80 83.80 23.90
CA ASN H 103 49.76 82.94 24.58
C ASN H 103 49.30 82.69 26.02
N TRP H 104 49.84 81.62 26.61
CA TRP H 104 49.61 81.36 28.03
C TRP H 104 50.20 82.46 28.89
N ALA H 105 51.40 82.93 28.56
CA ALA H 105 52.07 83.91 29.40
C ALA H 105 51.43 85.29 29.30
N SER H 106 50.99 85.67 28.10
CA SER H 106 50.29 86.94 27.93
C SER H 106 48.95 86.93 28.64
N GLY H 107 48.23 85.81 28.57
CA GLY H 107 46.98 85.67 29.31
C GLY H 107 47.17 85.65 30.81
N PHE H 108 48.27 85.03 31.27
CA PHE H 108 48.60 85.02 32.70
C PHE H 108 48.90 86.43 33.20
N SER H 109 49.71 87.17 32.44
CA SER H 109 50.06 88.54 32.82
C SER H 109 48.84 89.47 32.74
N GLN H 110 47.95 89.23 31.78
CA GLN H 110 46.75 90.04 31.67
C GLN H 110 45.76 89.73 32.78
N GLY H 111 45.67 88.45 33.19
CA GLY H 111 44.80 88.10 34.29
C GLY H 111 45.35 88.49 35.65
N GLU H 112 46.67 88.70 35.74
CA GLU H 112 47.28 89.14 36.99
C GLU H 112 46.81 90.54 37.38
N LYS H 113 46.75 91.46 36.42
CA LYS H 113 46.44 92.85 36.75
C LYS H 113 44.95 93.07 37.01
N ILE H 114 44.07 92.25 36.44
CA ILE H 114 42.63 92.43 36.62
C ILE H 114 42.05 91.28 37.42
N HIS H 115 42.83 90.72 38.35
CA HIS H 115 42.33 89.63 39.19
C HIS H 115 41.26 90.10 40.17
N GLU H 116 41.29 91.38 40.57
CA GLU H 116 40.37 91.91 41.56
C GLU H 116 38.92 91.92 41.07
N ASP H 117 38.68 92.48 39.88
CA ASP H 117 37.29 92.60 39.44
C ASP H 117 36.74 91.28 38.92
N ILE H 118 37.58 90.39 38.39
CA ILE H 118 37.07 89.07 38.02
C ILE H 118 36.78 88.24 39.27
N PHE H 119 37.56 88.42 40.34
CA PHE H 119 37.21 87.76 41.61
C PHE H 119 35.96 88.38 42.22
N ASP H 120 35.72 89.67 41.97
CA ASP H 120 34.47 90.30 42.37
C ASP H 120 33.29 89.75 41.58
N ILE H 121 33.50 89.43 40.30
CA ILE H 121 32.47 88.79 39.48
C ILE H 121 32.15 87.40 40.01
N ILE H 122 33.18 86.64 40.38
CA ILE H 122 33.00 85.31 40.98
C ILE H 122 32.24 85.40 42.30
N ASP H 123 32.59 86.40 43.12
CA ASP H 123 31.88 86.63 44.39
C ASP H 123 30.43 87.04 44.16
N ARG H 124 30.17 87.87 43.14
CA ARG H 124 28.82 88.30 42.82
C ARG H 124 27.95 87.14 42.38
N GLU H 125 28.49 86.25 41.54
CA GLU H 125 27.73 85.09 41.12
C GLU H 125 27.58 84.06 42.22
N ALA H 126 28.56 83.96 43.12
CA ALA H 126 28.42 83.08 44.28
C ALA H 126 27.36 83.60 45.24
N ASP H 127 27.24 84.92 45.38
CA ASP H 127 26.17 85.48 46.20
C ASP H 127 24.82 85.38 45.49
N GLY H 128 24.82 85.36 44.16
CA GLY H 128 23.58 85.23 43.41
C GLY H 128 22.92 83.87 43.56
N SER H 129 23.72 82.81 43.63
CA SER H 129 23.17 81.47 43.77
C SER H 129 22.70 81.23 45.21
N ASP H 130 21.94 80.15 45.39
CA ASP H 130 21.34 79.86 46.69
C ASP H 130 22.06 78.72 47.40
N SER H 131 22.77 77.88 46.65
CA SER H 131 23.53 76.80 47.23
C SER H 131 24.77 76.54 46.40
N LEU H 132 25.89 77.13 46.80
CA LEU H 132 27.14 76.98 46.08
C LEU H 132 27.83 75.69 46.49
N GLU H 133 28.14 74.86 45.50
CA GLU H 133 28.86 73.61 45.73
C GLU H 133 30.04 73.44 44.80
N GLY H 134 29.99 74.02 43.60
CA GLY H 134 31.09 73.88 42.67
C GLY H 134 31.02 74.90 41.56
N PHE H 135 32.19 75.16 40.98
CA PHE H 135 32.33 76.06 39.84
C PHE H 135 32.69 75.21 38.63
N VAL H 136 31.74 75.05 37.71
CA VAL H 136 31.97 74.28 36.50
C VAL H 136 32.51 75.21 35.42
N LEU H 137 33.51 74.75 34.68
CA LEU H 137 34.17 75.57 33.67
C LEU H 137 33.92 74.98 32.28
N CYS H 138 33.37 75.80 31.38
CA CYS H 138 33.27 75.45 29.97
C CYS H 138 34.42 76.13 29.25
N HIS H 139 35.50 75.40 29.03
CA HIS H 139 36.78 76.00 28.65
C HIS H 139 37.38 75.22 27.48
N SER H 140 38.24 75.88 26.72
CA SER H 140 38.98 75.26 25.62
C SER H 140 40.46 75.54 25.84
N ILE H 141 41.27 74.48 25.89
CA ILE H 141 42.70 74.66 26.07
C ILE H 141 43.30 75.13 24.74
N ALA H 142 44.10 76.20 24.81
CA ALA H 142 44.69 76.89 23.66
C ALA H 142 43.62 77.31 22.65
N GLY H 143 42.59 77.97 23.15
CA GLY H 143 41.56 78.59 22.33
C GLY H 143 41.92 79.99 21.90
N GLY H 144 43.12 80.43 22.27
CA GLY H 144 43.47 81.84 22.17
C GLY H 144 43.39 82.52 23.52
N THR H 145 42.26 83.19 23.77
CA THR H 145 42.09 83.98 24.99
C THR H 145 42.00 83.10 26.24
N GLY H 146 41.63 81.83 26.09
CA GLY H 146 41.46 80.97 27.25
C GLY H 146 42.77 80.57 27.91
N SER H 147 43.84 80.47 27.13
CA SER H 147 45.12 80.01 27.66
C SER H 147 45.74 81.07 28.56
N GLY H 148 46.17 80.64 29.74
CA GLY H 148 46.76 81.55 30.72
C GLY H 148 45.76 82.17 31.66
N LEU H 149 44.75 82.85 31.09
CA LEU H 149 43.67 83.41 31.91
C LEU H 149 42.87 82.30 32.58
N GLY H 150 42.66 81.18 31.88
CA GLY H 150 41.99 80.04 32.49
C GLY H 150 42.78 79.42 33.61
N SER H 151 44.10 79.25 33.42
CA SER H 151 44.94 78.69 34.46
C SER H 151 45.03 79.61 35.68
N TYR H 152 45.10 80.92 35.45
CA TYR H 152 45.11 81.88 36.55
C TYR H 152 43.78 81.88 37.29
N LEU H 153 42.67 81.72 36.56
CA LEU H 153 41.36 81.58 37.19
C LEU H 153 41.28 80.30 38.02
N LEU H 154 41.90 79.21 37.53
CA LEU H 154 41.98 77.97 38.30
C LEU H 154 42.77 78.15 39.58
N GLU H 155 43.89 78.89 39.52
CA GLU H 155 44.68 79.19 40.72
C GLU H 155 43.87 80.04 41.70
N ARG H 156 43.11 81.01 41.19
CA ARG H 156 42.26 81.84 42.05
C ARG H 156 41.15 81.03 42.71
N LEU H 157 40.55 80.09 41.96
CA LEU H 157 39.51 79.23 42.54
C LEU H 157 40.08 78.27 43.57
N ASN H 158 41.31 77.78 43.36
CA ASN H 158 41.93 76.90 44.34
C ASN H 158 42.33 77.65 45.60
N ASP H 159 42.85 78.87 45.45
CA ASP H 159 43.27 79.65 46.62
C ASP H 159 42.07 80.16 47.40
N ARG H 160 41.05 80.67 46.72
CA ARG H 160 39.92 81.30 47.40
C ARG H 160 38.87 80.28 47.85
N TYR H 161 38.66 79.22 47.08
CA TYR H 161 37.66 78.21 47.42
C TYR H 161 38.27 76.82 47.47
N PRO H 162 38.87 76.42 48.60
CA PRO H 162 39.27 75.02 48.74
C PRO H 162 38.11 74.13 49.15
N LYS H 163 37.02 74.73 49.64
CA LYS H 163 35.89 73.97 50.13
C LYS H 163 34.86 73.66 49.06
N LYS H 164 35.01 74.21 47.85
CA LYS H 164 34.08 73.99 46.76
C LYS H 164 34.75 73.21 45.63
N LEU H 165 33.93 72.77 44.67
CA LEU H 165 34.40 71.99 43.54
C LEU H 165 34.85 72.88 42.38
N VAL H 166 35.79 72.36 41.61
CA VAL H 166 36.18 72.94 40.32
C VAL H 166 36.01 71.86 39.27
N GLN H 167 35.04 72.03 38.39
CA GLN H 167 34.78 71.10 37.31
C GLN H 167 35.18 71.72 35.98
N THR H 168 35.90 70.96 35.15
CA THR H 168 36.39 71.48 33.88
C THR H 168 35.95 70.55 32.76
N TYR H 169 34.96 71.00 31.98
CA TYR H 169 34.63 70.39 30.70
C TYR H 169 35.48 71.06 29.63
N SER H 170 36.44 70.32 29.09
CA SER H 170 37.44 70.98 28.26
C SER H 170 37.87 70.10 27.10
N VAL H 171 38.27 70.76 26.02
CA VAL H 171 38.91 70.12 24.88
C VAL H 171 40.40 70.45 24.94
N PHE H 172 41.23 69.52 24.48
CA PHE H 172 42.67 69.64 24.61
C PHE H 172 43.32 69.68 23.23
N PRO H 173 44.34 70.50 23.01
CA PRO H 173 44.82 70.73 21.64
C PRO H 173 45.66 69.57 21.10
N ASN H 174 45.06 68.81 20.19
CA ASN H 174 45.77 67.78 19.48
C ASN H 174 45.43 67.97 18.01
N GLN H 175 46.45 68.13 17.18
CA GLN H 175 46.30 68.23 15.75
C GLN H 175 47.05 67.13 15.02
N ASP H 176 47.54 66.11 15.76
CA ASP H 176 48.45 65.08 15.31
C ASP H 176 49.71 65.68 14.67
N GLU H 177 50.19 66.77 15.26
CA GLU H 177 51.38 67.52 14.85
C GLU H 177 51.34 67.96 13.38
N ASP H 180 50.56 72.10 13.12
CA ASP H 180 49.63 73.21 13.05
C ASP H 180 50.19 74.40 13.85
N VAL H 181 49.90 74.41 15.15
CA VAL H 181 50.33 75.47 16.03
C VAL H 181 51.47 74.93 16.91
N VAL H 182 52.55 75.71 17.01
CA VAL H 182 53.77 75.28 17.69
C VAL H 182 53.91 75.88 19.09
N VAL H 183 52.95 76.68 19.53
CA VAL H 183 52.99 77.25 20.88
C VAL H 183 52.01 76.55 21.81
N GLN H 184 51.01 75.86 21.27
CA GLN H 184 50.04 75.16 22.12
C GLN H 184 50.53 73.99 22.99
N PRO H 185 51.62 73.23 22.70
CA PRO H 185 52.02 72.21 23.69
C PRO H 185 52.54 72.79 25.01
N TYR H 186 53.26 73.92 24.96
CA TYR H 186 53.71 74.59 26.18
C TYR H 186 52.54 75.05 27.02
N ASN H 187 51.56 75.70 26.36
CA ASN H 187 50.39 76.24 27.04
C ASN H 187 49.53 75.12 27.61
N SER H 188 49.35 74.03 26.84
CA SER H 188 48.53 72.93 27.32
C SER H 188 49.20 72.16 28.46
N LEU H 189 50.53 72.03 28.44
CA LEU H 189 51.21 71.34 29.53
C LEU H 189 51.19 72.18 30.81
N LEU H 190 51.40 73.49 30.69
CA LEU H 190 51.31 74.36 31.86
C LEU H 190 49.89 74.41 32.42
N THR H 191 48.88 74.50 31.55
CA THR H 191 47.50 74.52 32.01
C THR H 191 47.10 73.15 32.56
N LEU H 192 47.70 72.07 32.05
CA LEU H 192 47.44 70.73 32.58
C LEU H 192 48.03 70.57 33.98
N LYS H 193 49.21 71.16 34.23
CA LYS H 193 49.75 71.16 35.59
C LYS H 193 48.88 71.98 36.53
N ARG H 194 48.38 73.13 36.06
CA ARG H 194 47.44 73.91 36.85
C ARG H 194 46.11 73.16 37.07
N LEU H 195 45.70 72.35 36.10
CA LEU H 195 44.48 71.57 36.26
C LEU H 195 44.65 70.42 37.23
N THR H 196 45.87 69.86 37.30
CA THR H 196 46.12 68.82 38.30
C THR H 196 46.14 69.42 39.70
N GLN H 197 46.86 70.53 39.90
CA GLN H 197 46.99 71.05 41.26
C GLN H 197 45.85 71.93 41.72
N ASN H 198 45.09 72.54 40.81
CA ASN H 198 44.13 73.59 41.19
C ASN H 198 42.71 73.29 40.71
N ALA H 199 42.46 72.14 40.11
CA ALA H 199 41.11 71.75 39.73
C ALA H 199 40.81 70.37 40.31
N ASP H 200 39.52 70.12 40.58
CA ASP H 200 39.11 68.95 41.32
C ASP H 200 38.68 67.79 40.44
N CYS H 201 38.20 68.06 39.23
CA CYS H 201 37.85 67.02 38.27
C CYS H 201 37.92 67.57 36.86
N VAL H 202 38.46 66.78 35.94
CA VAL H 202 38.63 67.18 34.55
C VAL H 202 37.96 66.16 33.66
N VAL H 203 37.05 66.63 32.80
CA VAL H 203 36.48 65.83 31.72
C VAL H 203 37.23 66.19 30.46
N VAL H 204 38.00 65.24 29.92
CA VAL H 204 38.95 65.49 28.86
C VAL H 204 38.29 65.18 27.51
N LEU H 205 38.50 66.07 26.54
CA LEU H 205 38.10 65.87 25.16
C LEU H 205 39.23 66.32 24.24
N ASP H 206 39.17 65.88 22.99
CA ASP H 206 40.26 66.11 22.05
C ASP H 206 39.73 66.61 20.72
N ASN H 207 40.58 67.39 20.04
CA ASN H 207 40.19 67.91 18.73
C ASN H 207 40.20 66.83 17.66
N THR H 208 41.18 65.92 17.71
CA THR H 208 41.22 64.84 16.73
C THR H 208 40.12 63.82 16.95
N ALA H 209 39.78 63.50 18.20
CA ALA H 209 38.74 62.49 18.44
C ALA H 209 37.37 63.00 18.00
N LEU H 210 37.00 64.21 18.44
CA LEU H 210 35.75 64.81 18.02
C LEU H 210 35.72 65.10 16.53
N ASN H 211 36.86 65.51 15.96
CA ASN H 211 36.92 65.80 14.53
C ASN H 211 36.81 64.53 13.70
N ARG H 212 37.45 63.43 14.14
CA ARG H 212 37.37 62.16 13.43
C ARG H 212 35.96 61.58 13.48
N ILE H 213 35.32 61.65 14.66
CA ILE H 213 33.95 61.15 14.76
C ILE H 213 32.99 62.06 13.98
N ALA H 214 33.28 63.37 13.91
CA ALA H 214 32.49 64.27 13.09
C ALA H 214 32.63 63.98 11.59
N THR H 215 33.86 63.66 11.15
CA THR H 215 34.05 63.24 9.77
C THR H 215 33.45 61.87 9.48
N ASP H 216 33.31 61.03 10.51
CA ASP H 216 32.72 59.71 10.32
C ASP H 216 31.20 59.82 10.19
N ARG H 217 30.54 60.44 11.17
CA ARG H 217 29.08 60.47 11.18
C ARG H 217 28.50 61.50 10.22
N LEU H 218 29.30 62.47 9.77
CA LEU H 218 28.83 63.49 8.83
C LEU H 218 29.76 63.51 7.61
N HIS H 219 29.64 64.56 6.80
CA HIS H 219 30.45 64.71 5.60
C HIS H 219 31.14 66.07 5.58
N ILE H 220 31.72 66.47 6.71
CA ILE H 220 32.37 67.77 6.85
C ILE H 220 33.85 67.54 7.13
N GLN H 221 34.67 68.55 6.86
CA GLN H 221 36.01 68.58 7.45
C GLN H 221 36.45 69.98 7.88
N ASN H 222 35.98 71.02 7.21
CA ASN H 222 36.40 72.38 7.55
C ASN H 222 35.63 73.02 8.72
N PRO H 223 34.25 72.98 8.80
CA PRO H 223 33.60 73.63 9.95
C PRO H 223 33.54 72.73 11.19
N SER H 224 34.70 72.43 11.77
CA SER H 224 34.74 71.53 12.92
C SER H 224 34.16 72.17 14.17
N PHE H 225 34.31 73.49 14.33
CA PHE H 225 33.95 74.16 15.57
C PHE H 225 32.45 74.11 15.84
N SER H 226 31.63 74.34 14.82
CA SER H 226 30.19 74.44 15.01
C SER H 226 29.55 73.11 15.37
N GLN H 227 30.15 71.99 14.97
CA GLN H 227 29.64 70.67 15.34
C GLN H 227 30.28 70.15 16.62
N ILE H 228 31.51 70.59 16.92
CA ILE H 228 32.10 70.32 18.23
C ILE H 228 31.30 71.02 19.33
N ASN H 229 30.74 72.20 19.04
CA ASN H 229 29.83 72.87 19.98
C ASN H 229 28.61 71.99 20.29
N GLN H 230 28.00 71.41 19.25
CA GLN H 230 26.85 70.53 19.43
C GLN H 230 27.22 69.27 20.21
N LEU H 231 28.38 68.68 19.90
CA LEU H 231 28.80 67.45 20.56
C LEU H 231 29.09 67.69 22.05
N VAL H 232 29.83 68.76 22.36
CA VAL H 232 30.16 69.08 23.75
C VAL H 232 28.91 69.50 24.52
N SER H 233 27.96 70.20 23.88
CA SER H 233 26.71 70.56 24.54
C SER H 233 25.87 69.33 24.86
N THR H 234 25.81 68.37 23.94
CA THR H 234 25.07 67.13 24.21
C THR H 234 25.75 66.31 25.31
N ILE H 235 27.09 66.27 25.32
CA ILE H 235 27.83 65.58 26.36
C ILE H 235 27.59 66.21 27.73
N MET H 236 27.64 67.55 27.80
CA MET H 236 27.45 68.26 29.06
C MET H 236 26.01 68.13 29.57
N SER H 237 25.03 68.18 28.65
CA SER H 237 23.64 67.97 29.05
C SER H 237 23.39 66.55 29.51
N ALA H 238 24.06 65.57 28.88
CA ALA H 238 23.90 64.18 29.31
C ALA H 238 24.55 63.95 30.68
N SER H 239 25.68 64.60 30.94
CA SER H 239 26.34 64.44 32.24
C SER H 239 25.59 65.15 33.36
N THR H 240 24.82 66.19 33.06
CA THR H 240 24.04 66.88 34.07
C THR H 240 22.54 66.61 33.97
N THR H 241 22.13 65.61 33.18
CA THR H 241 20.72 65.24 33.07
C THR H 241 20.14 64.79 34.41
N THR H 242 20.88 63.95 35.14
CA THR H 242 20.37 63.48 36.43
C THR H 242 20.39 64.57 37.50
N LEU H 243 21.18 65.63 37.31
CA LEU H 243 21.15 66.74 38.26
C LEU H 243 20.01 67.71 37.93
N ARG H 244 19.86 68.07 36.66
CA ARG H 244 18.81 69.01 36.25
C ARG H 244 17.43 68.40 36.40
N TYR H 245 17.23 67.19 35.86
CA TYR H 245 15.97 66.49 36.01
C TYR H 245 16.08 65.46 37.14
N PRO H 246 15.15 65.48 38.10
CA PRO H 246 15.36 64.72 39.34
C PRO H 246 15.31 63.21 39.13
N GLY H 247 16.43 62.58 39.39
CA GLY H 247 16.47 61.16 39.70
C GLY H 247 16.49 61.04 41.21
N TYR H 248 17.13 60.00 41.72
CA TYR H 248 17.29 59.91 43.17
C TYR H 248 18.63 59.30 43.56
N MET H 249 19.56 59.18 42.62
CA MET H 249 20.93 58.79 42.92
C MET H 249 21.83 60.02 42.75
N ASN H 250 22.59 60.32 43.82
CA ASN H 250 23.77 61.20 43.86
C ASN H 250 23.63 62.48 43.02
N ASN H 251 22.52 63.18 43.22
CA ASN H 251 22.18 64.33 42.40
C ASN H 251 22.92 65.59 42.81
N ASP H 252 23.67 65.54 43.90
CA ASP H 252 24.71 66.52 44.18
C ASP H 252 25.96 66.17 43.38
N LEU H 253 26.75 67.18 43.04
CA LEU H 253 27.93 66.95 42.21
C LEU H 253 28.98 66.16 42.99
N ILE H 254 29.06 66.41 44.30
CA ILE H 254 30.03 65.75 45.17
C ILE H 254 29.81 64.24 45.21
N GLY H 255 28.57 63.79 45.38
CA GLY H 255 28.30 62.35 45.43
C GLY H 255 28.40 61.69 44.08
N LEU H 256 28.13 62.44 43.01
CA LEU H 256 28.23 61.87 41.66
C LEU H 256 29.69 61.66 41.27
N ILE H 257 30.54 62.66 41.48
CA ILE H 257 31.95 62.51 41.12
C ILE H 257 32.69 61.68 42.18
N ALA H 258 32.05 61.43 43.33
CA ALA H 258 32.65 60.60 44.36
C ALA H 258 32.87 59.17 43.90
N SER H 259 31.94 58.61 43.13
CA SER H 259 32.17 57.28 42.57
C SER H 259 33.02 57.34 41.32
N LEU H 260 33.10 58.50 40.67
CA LEU H 260 33.71 58.57 39.34
C LEU H 260 35.24 58.58 39.38
N ILE H 261 35.84 59.05 40.46
CA ILE H 261 37.30 59.13 40.57
C ILE H 261 37.77 58.02 41.48
N PRO H 262 38.42 56.97 40.96
CA PRO H 262 38.95 55.91 41.83
C PRO H 262 40.34 56.23 42.36
N THR H 263 41.13 56.96 41.59
CA THR H 263 42.52 57.18 41.91
C THR H 263 42.67 58.69 42.11
N PRO H 264 43.16 59.12 43.26
CA PRO H 264 43.00 60.52 43.67
C PRO H 264 43.87 61.52 42.91
N ARG H 265 44.80 61.04 42.10
CA ARG H 265 45.56 61.92 41.23
C ARG H 265 45.13 61.75 39.78
N LEU H 266 44.58 60.58 39.46
CA LEU H 266 44.12 60.25 38.12
C LEU H 266 42.62 60.54 38.07
N HIS H 267 42.28 61.77 37.72
CA HIS H 267 40.90 62.25 37.74
C HIS H 267 40.44 62.65 36.34
N PHE H 268 41.07 62.08 35.32
CA PHE H 268 40.71 62.33 33.93
C PHE H 268 39.79 61.19 33.48
N LEU H 269 38.60 61.55 33.03
CA LEU H 269 37.53 60.57 32.84
C LEU H 269 37.22 60.41 31.36
N MET H 270 37.07 59.16 30.94
CA MET H 270 36.59 58.86 29.60
C MET H 270 35.12 59.24 29.48
N THR H 271 34.74 59.75 28.32
CA THR H 271 33.37 60.15 28.08
C THR H 271 32.92 59.63 26.72
N GLY H 272 32.13 58.54 26.76
CA GLY H 272 31.52 58.01 25.56
C GLY H 272 30.06 58.41 25.45
N TYR H 273 29.49 58.15 24.28
CA TYR H 273 28.10 58.52 24.00
C TYR H 273 27.60 57.62 22.88
N THR H 274 26.65 56.73 23.21
CA THR H 274 26.23 55.70 22.25
C THR H 274 25.52 56.23 21.00
N PRO H 275 24.71 57.30 21.01
CA PRO H 275 24.40 57.93 19.73
C PRO H 275 25.44 58.98 19.36
N LEU H 276 26.17 58.74 18.27
CA LEU H 276 27.06 59.77 17.75
C LEU H 276 26.23 60.85 17.04
N THR H 277 25.28 60.41 16.23
CA THR H 277 24.17 61.23 15.78
C THR H 277 22.92 60.66 16.42
N THR H 278 22.00 61.53 16.86
CA THR H 278 20.81 61.07 17.55
C THR H 278 19.73 60.60 16.58
N ASP H 279 19.98 60.73 15.28
CA ASP H 279 19.08 60.20 14.27
C ASP H 279 19.82 59.17 13.41
N LYS H 287 14.29 47.93 19.63
CA LYS H 287 15.23 48.90 19.09
C LYS H 287 16.65 48.55 19.53
N THR H 288 16.96 48.85 20.79
CA THR H 288 18.23 48.47 21.38
C THR H 288 18.02 48.04 22.82
N THR H 289 18.89 47.16 23.29
CA THR H 289 18.92 46.80 24.69
C THR H 289 20.14 47.44 25.36
N VAL H 290 20.15 47.39 26.70
CA VAL H 290 21.26 48.01 27.42
C VAL H 290 22.54 47.17 27.31
N LEU H 291 22.41 45.87 27.05
CA LEU H 291 23.58 45.02 26.81
C LEU H 291 24.34 45.47 25.57
N ASP H 292 23.61 45.77 24.49
CA ASP H 292 24.24 46.14 23.23
C ASP H 292 24.88 47.53 23.32
N VAL H 293 24.22 48.48 23.98
CA VAL H 293 24.85 49.79 24.10
C VAL H 293 25.98 49.80 25.14
N MET H 294 25.99 48.87 26.09
CA MET H 294 27.16 48.76 26.96
C MET H 294 28.34 48.13 26.22
N ARG H 295 28.08 47.14 25.35
CA ARG H 295 29.14 46.57 24.53
C ARG H 295 29.67 47.60 23.54
N ARG H 296 28.76 48.43 23.00
CA ARG H 296 29.15 49.58 22.18
C ARG H 296 29.97 50.59 22.97
N LEU H 297 29.55 50.84 24.21
CA LEU H 297 30.02 51.99 24.95
C LEU H 297 31.40 51.76 25.55
N LEU H 298 31.75 50.50 25.81
CA LEU H 298 33.10 50.19 26.26
C LEU H 298 34.13 50.18 25.14
N GLN H 299 33.69 50.15 23.88
CA GLN H 299 34.62 50.24 22.76
C GLN H 299 35.14 51.67 22.62
N PRO H 300 36.44 51.86 22.38
CA PRO H 300 36.98 53.22 22.26
C PRO H 300 36.59 53.96 20.98
N LYS H 301 36.03 53.27 19.99
CA LYS H 301 35.59 53.94 18.77
C LYS H 301 34.32 54.75 18.99
N ASN H 302 33.49 54.38 19.95
CA ASN H 302 32.33 55.17 20.32
C ASN H 302 32.67 56.27 21.32
N VAL H 303 33.85 56.23 21.92
CA VAL H 303 34.29 57.24 22.88
C VAL H 303 34.95 58.38 22.13
N MET H 304 34.65 59.62 22.53
CA MET H 304 35.23 60.82 21.94
C MET H 304 36.55 61.20 22.59
N VAL H 305 37.27 60.24 23.15
CA VAL H 305 38.56 60.47 23.79
C VAL H 305 39.58 59.53 23.16
N SER H 306 40.73 60.08 22.78
CA SER H 306 41.81 59.28 22.20
C SER H 306 42.41 58.33 23.23
N THR H 313 51.33 47.30 24.75
CA THR H 313 51.19 47.98 26.03
C THR H 313 49.98 47.46 26.81
N ASN H 314 49.99 47.67 28.12
CA ASN H 314 48.92 47.21 28.99
C ASN H 314 48.12 48.41 29.48
N HIS H 315 46.95 48.63 28.88
CA HIS H 315 46.03 49.66 29.35
C HIS H 315 44.71 49.03 29.78
N CYS H 316 44.21 49.47 30.92
CA CYS H 316 42.94 49.00 31.46
C CYS H 316 42.37 50.08 32.35
N TYR H 317 41.05 50.03 32.56
CA TYR H 317 40.38 50.98 33.44
C TYR H 317 40.79 50.77 34.90
N ILE H 318 40.37 51.70 35.74
CA ILE H 318 40.46 51.50 37.20
C ILE H 318 39.07 51.34 37.80
N ALA H 319 38.15 52.26 37.50
CA ALA H 319 36.76 52.08 37.83
C ALA H 319 35.90 52.66 36.70
N ILE H 320 34.79 51.99 36.42
CA ILE H 320 33.89 52.34 35.33
C ILE H 320 32.54 52.67 35.94
N LEU H 321 31.87 53.69 35.41
CA LEU H 321 30.47 53.92 35.69
C LEU H 321 29.78 54.35 34.41
N ASN H 322 28.55 53.86 34.20
CA ASN H 322 27.78 54.26 33.05
C ASN H 322 26.37 54.66 33.47
N ILE H 323 25.80 55.61 32.74
CA ILE H 323 24.47 56.14 33.02
C ILE H 323 23.59 55.92 31.80
N ILE H 324 22.46 55.23 32.00
CA ILE H 324 21.54 54.90 30.92
C ILE H 324 20.23 55.63 31.16
N GLN H 325 19.80 56.39 30.14
CA GLN H 325 18.56 57.15 30.20
C GLN H 325 17.76 56.90 28.92
N GLY H 326 16.49 56.57 29.08
CA GLY H 326 15.63 56.31 27.94
C GLY H 326 14.43 55.48 28.36
N GLU H 327 13.90 54.73 27.39
CA GLU H 327 12.83 53.78 27.65
C GLU H 327 13.42 52.44 28.08
N VAL H 328 13.89 52.38 29.33
CA VAL H 328 14.71 51.27 29.81
C VAL H 328 13.87 50.36 30.70
N ASP H 329 14.09 49.04 30.57
CA ASP H 329 13.59 48.05 31.50
C ASP H 329 14.67 47.75 32.54
N PRO H 330 14.38 47.92 33.84
CA PRO H 330 15.44 47.80 34.86
C PRO H 330 16.01 46.40 35.05
N THR H 331 15.25 45.34 34.73
CA THR H 331 15.78 43.99 34.83
C THR H 331 16.79 43.72 33.71
N GLN H 332 16.69 44.46 32.61
CA GLN H 332 17.76 44.40 31.62
C GLN H 332 19.03 45.08 32.12
N VAL H 333 18.91 46.09 32.99
CA VAL H 333 20.10 46.69 33.61
C VAL H 333 20.81 45.68 34.51
N HIS H 334 20.03 44.92 35.28
CA HIS H 334 20.51 43.71 35.96
C HIS H 334 21.31 42.79 35.04
N LYS H 335 20.64 42.20 34.05
CA LYS H 335 21.26 41.14 33.24
C LYS H 335 22.41 41.67 32.39
N SER H 336 22.34 42.94 31.98
CA SER H 336 23.44 43.59 31.28
C SER H 336 24.65 43.73 32.18
N LEU H 337 24.46 44.16 33.43
CA LEU H 337 25.60 44.28 34.34
C LEU H 337 26.23 42.92 34.61
N GLN H 338 25.39 41.89 34.77
CA GLN H 338 25.88 40.53 35.00
C GLN H 338 26.77 40.06 33.84
N ARG H 339 26.27 40.20 32.61
CA ARG H 339 27.00 39.68 31.47
C ARG H 339 28.21 40.54 31.12
N ILE H 340 28.12 41.88 31.29
CA ILE H 340 29.25 42.77 31.06
C ILE H 340 30.42 42.47 31.99
N ARG H 341 30.18 42.30 33.31
CA ARG H 341 31.33 42.05 34.16
C ARG H 341 31.83 40.61 34.02
N GLU H 342 30.94 39.65 33.75
CA GLU H 342 31.44 38.27 33.67
C GLU H 342 32.12 37.94 32.35
N ARG H 343 31.77 38.59 31.24
CA ARG H 343 32.45 38.21 29.99
C ARG H 343 33.80 38.92 29.82
N LYS H 344 34.24 39.65 30.84
CA LYS H 344 35.57 40.26 30.93
C LYS H 344 35.80 41.33 29.86
N LEU H 345 34.74 42.10 29.57
CA LEU H 345 34.91 43.28 28.73
C LEU H 345 35.05 44.56 29.55
N ALA H 346 34.82 44.48 30.86
CA ALA H 346 35.23 45.52 31.80
C ALA H 346 36.64 45.16 32.23
N ASN H 347 37.62 45.86 31.68
CA ASN H 347 39.02 45.47 31.82
C ASN H 347 39.69 46.40 32.83
N PHE H 348 40.07 45.83 33.96
CA PHE H 348 40.64 46.58 35.07
C PHE H 348 41.44 45.64 35.96
N ILE H 349 42.65 46.05 36.29
CA ILE H 349 43.47 45.38 37.30
C ILE H 349 43.76 46.40 38.40
N PRO H 350 42.89 46.57 39.39
CA PRO H 350 43.11 47.63 40.37
C PRO H 350 43.86 47.13 41.60
N TRP H 351 44.27 48.08 42.44
CA TRP H 351 44.82 47.79 43.75
C TRP H 351 43.74 47.70 44.81
N GLY H 352 42.48 47.88 44.42
CA GLY H 352 41.36 47.59 45.29
C GLY H 352 40.34 46.73 44.56
N PRO H 353 39.08 46.80 45.00
CA PRO H 353 38.00 46.08 44.31
C PRO H 353 37.26 46.90 43.26
N ALA H 354 37.83 48.03 42.82
CA ALA H 354 37.07 49.05 42.11
C ALA H 354 36.63 48.54 40.74
N SER H 355 35.36 48.81 40.39
CA SER H 355 34.64 48.00 39.43
C SER H 355 33.83 48.86 38.48
N ILE H 356 33.11 48.17 37.59
CA ILE H 356 32.13 48.81 36.72
C ILE H 356 30.81 48.98 37.46
N GLN H 357 30.18 50.14 37.26
CA GLN H 357 28.98 50.53 37.99
C GLN H 357 27.88 50.88 36.99
N VAL H 358 26.67 50.45 37.29
CA VAL H 358 25.50 50.86 36.52
C VAL H 358 24.82 52.02 37.21
N ALA H 359 24.18 52.87 36.41
CA ALA H 359 23.41 53.98 36.90
C ALA H 359 22.28 54.26 35.92
N LEU H 360 21.15 54.68 36.45
CA LEU H 360 19.95 54.91 35.66
C LEU H 360 19.56 56.38 35.77
N SER H 361 18.98 56.90 34.69
CA SER H 361 18.47 58.26 34.69
C SER H 361 17.14 58.28 33.96
N ARG H 362 16.34 59.29 34.25
CA ARG H 362 15.09 59.52 33.55
C ARG H 362 15.36 60.45 32.38
N LYS H 363 14.91 60.04 31.19
CA LYS H 363 15.06 60.88 30.01
C LYS H 363 14.13 62.08 30.15
N SER H 364 14.58 63.22 29.64
CA SER H 364 13.90 64.49 29.85
C SER H 364 12.52 64.52 29.20
N PRO H 365 11.48 64.87 29.95
CA PRO H 365 10.18 65.18 29.33
C PRO H 365 10.26 66.47 28.53
N TYR H 366 9.72 66.44 27.31
CA TYR H 366 9.75 67.54 26.34
C TYR H 366 11.20 67.76 25.92
N LEU H 367 11.85 66.69 25.47
CA LEU H 367 12.96 66.93 24.58
C LEU H 367 12.43 67.18 23.18
N PRO H 368 12.96 68.16 22.45
CA PRO H 368 12.64 68.25 21.02
C PRO H 368 13.32 67.19 20.20
N SER H 369 14.35 66.54 20.76
CA SER H 369 15.04 65.43 20.12
C SER H 369 14.18 64.17 20.16
N ALA H 370 14.23 63.39 19.09
CA ALA H 370 13.62 62.07 19.04
C ALA H 370 14.66 61.03 19.43
N HIS H 371 14.25 59.76 19.42
CA HIS H 371 15.08 58.59 19.70
C HIS H 371 15.70 58.69 21.09
N ARG H 372 14.85 58.64 22.12
CA ARG H 372 15.20 59.10 23.47
C ARG H 372 16.13 58.13 24.23
N VAL H 373 16.51 57.01 23.63
CA VAL H 373 17.45 56.10 24.26
C VAL H 373 18.87 56.63 24.03
N SER H 374 19.58 56.93 25.12
CA SER H 374 20.93 57.45 25.03
C SER H 374 21.75 56.94 26.21
N GLY H 375 23.04 56.69 25.96
CA GLY H 375 23.91 56.18 27.00
C GLY H 375 25.17 57.01 27.13
N LEU H 376 25.73 56.99 28.34
CA LEU H 376 26.92 57.75 28.69
C LEU H 376 27.79 56.90 29.60
N MET H 377 29.11 57.08 29.50
CA MET H 377 30.05 56.43 30.40
C MET H 377 31.02 57.46 30.97
N MET H 378 31.33 57.31 32.25
CA MET H 378 32.31 58.14 32.94
C MET H 378 33.27 57.19 33.65
N ALA H 379 34.42 56.92 33.02
CA ALA H 379 35.35 55.93 33.53
C ALA H 379 36.77 56.46 33.45
N ASN H 380 37.62 55.98 34.36
CA ASN H 380 39.02 56.36 34.39
C ASN H 380 39.83 55.24 33.74
N HIS H 381 40.54 55.58 32.66
CA HIS H 381 41.31 54.65 31.85
C HIS H 381 42.75 55.13 31.81
N THR H 382 43.69 54.20 31.81
CA THR H 382 45.10 54.58 31.74
C THR H 382 45.57 54.89 30.32
N SER H 383 44.75 54.58 29.30
CA SER H 383 45.14 54.79 27.92
C SER H 383 45.31 56.27 27.58
N ILE H 384 44.61 57.15 28.29
CA ILE H 384 44.77 58.60 28.16
C ILE H 384 46.21 59.04 28.46
N SER H 385 46.93 58.26 29.30
CA SER H 385 48.34 58.54 29.59
C SER H 385 49.18 58.55 28.32
N SER H 386 48.88 57.61 27.41
CA SER H 386 49.60 57.55 26.14
C SER H 386 49.40 58.83 25.34
N LEU H 387 48.16 59.35 25.33
CA LEU H 387 47.89 60.62 24.67
C LEU H 387 48.63 61.75 25.38
N PHE H 388 48.66 61.70 26.72
CA PHE H 388 49.45 62.68 27.49
C PHE H 388 50.93 62.56 27.16
N GLU H 389 51.39 61.32 26.88
CA GLU H 389 52.79 61.10 26.55
C GLU H 389 53.16 61.81 25.24
N ARG H 390 52.18 61.94 24.32
CA ARG H 390 52.42 62.70 23.09
C ARG H 390 52.76 64.14 23.40
N THR H 391 52.03 64.76 24.34
CA THR H 391 52.37 66.09 24.80
C THR H 391 53.71 66.08 25.53
N CYS H 392 53.98 65.01 26.29
CA CYS H 392 55.29 64.87 26.94
C CYS H 392 56.40 64.70 25.92
N ARG H 393 56.08 64.19 24.72
CA ARG H 393 57.06 64.23 23.65
C ARG H 393 57.21 65.65 23.12
N GLN H 394 56.08 66.32 22.84
CA GLN H 394 56.07 67.47 21.92
C GLN H 394 56.86 68.65 22.48
N TYR H 395 56.56 69.04 23.72
CA TYR H 395 57.30 70.09 24.42
C TYR H 395 58.78 69.77 24.48
N ASP H 396 59.13 68.51 24.80
CA ASP H 396 60.52 68.11 24.85
C ASP H 396 61.17 68.23 23.48
N LYS H 397 60.44 67.83 22.43
CA LYS H 397 60.94 67.99 21.07
C LYS H 397 61.07 69.47 20.73
N LEU H 398 60.08 70.28 21.10
CA LEU H 398 60.15 71.69 20.80
C LEU H 398 61.09 72.42 21.75
N ARG H 399 61.54 71.76 22.83
CA ARG H 399 62.58 72.38 23.63
C ARG H 399 63.95 72.12 23.02
N LYS H 400 64.08 71.06 22.21
CA LYS H 400 65.40 70.71 21.69
C LYS H 400 65.69 71.44 20.39
N ARG H 401 64.66 71.69 19.57
CA ARG H 401 64.86 72.41 18.32
C ARG H 401 65.06 73.90 18.55
N GLU H 402 64.34 74.46 19.53
CA GLU H 402 64.44 75.83 20.03
C GLU H 402 64.21 76.84 18.90
N ALA H 403 63.04 76.75 18.26
CA ALA H 403 62.56 77.78 17.36
C ALA H 403 61.05 77.93 17.51
N PHE H 404 60.50 77.25 18.53
CA PHE H 404 59.06 77.16 18.72
C PHE H 404 58.64 77.44 20.15
N LEU H 405 59.59 77.60 21.08
CA LEU H 405 59.30 78.32 22.32
C LEU H 405 59.10 79.80 22.03
N GLU H 406 59.71 80.29 20.94
CA GLU H 406 59.52 81.57 20.24
C GLU H 406 60.13 82.76 20.99
N GLN H 407 60.61 82.54 22.22
CA GLN H 407 61.23 83.55 23.08
C GLN H 407 60.34 84.78 23.24
N PHE H 408 59.11 84.56 23.68
CA PHE H 408 58.23 85.67 24.00
C PHE H 408 58.62 86.26 25.35
N ARG H 409 58.53 87.59 25.44
CA ARG H 409 59.02 88.31 26.62
C ARG H 409 58.11 88.09 27.83
N LYS H 410 56.83 87.81 27.58
CA LYS H 410 55.91 87.50 28.68
C LYS H 410 56.27 86.17 29.33
N GLU H 411 56.78 85.22 28.53
CA GLU H 411 57.31 83.97 29.10
C GLU H 411 58.57 84.24 29.92
N ASP H 412 59.34 85.25 29.55
CA ASP H 412 60.54 85.60 30.31
C ASP H 412 60.18 86.23 31.66
N MET H 413 59.19 87.11 31.67
CA MET H 413 58.79 87.71 32.95
C MET H 413 57.89 86.79 33.77
N PHE H 414 57.33 85.74 33.17
CA PHE H 414 56.65 84.72 33.95
C PHE H 414 57.63 83.95 34.82
N LYS H 415 58.76 83.53 34.23
CA LYS H 415 59.78 82.78 34.95
C LYS H 415 61.13 82.96 34.25
N ASP H 416 62.14 83.39 34.99
CA ASP H 416 63.44 83.68 34.39
C ASP H 416 64.19 82.41 34.02
N ASN H 417 64.07 81.37 34.84
CA ASN H 417 64.81 80.13 34.59
C ASN H 417 64.08 79.18 33.65
N PHE H 418 62.80 79.47 33.34
CA PHE H 418 61.90 78.63 32.54
C PHE H 418 61.78 77.22 33.13
N ASP H 419 61.82 77.12 34.45
CA ASP H 419 61.71 75.84 35.14
C ASP H 419 60.28 75.46 35.49
N GLU H 420 59.31 76.35 35.24
CA GLU H 420 57.91 75.99 35.45
C GLU H 420 57.45 74.96 34.43
N MET H 421 57.98 75.02 33.21
CA MET H 421 57.68 73.99 32.21
C MET H 421 58.28 72.65 32.61
N ASP H 422 59.48 72.67 33.19
CA ASP H 422 60.09 71.45 33.72
C ASP H 422 59.29 70.91 34.91
N THR H 423 58.75 71.82 35.73
CA THR H 423 57.88 71.40 36.84
C THR H 423 56.60 70.75 36.32
N SER H 424 56.01 71.31 35.26
CA SER H 424 54.84 70.71 34.64
C SER H 424 55.16 69.34 34.03
N ARG H 425 56.34 69.22 33.42
CA ARG H 425 56.78 67.95 32.87
C ARG H 425 56.99 66.92 33.98
N GLU H 426 57.53 67.34 35.13
CA GLU H 426 57.68 66.47 36.28
C GLU H 426 56.34 66.02 36.83
N ILE H 427 55.37 66.94 36.93
CA ILE H 427 54.05 66.61 37.44
C ILE H 427 53.33 65.63 36.52
N VAL H 428 53.42 65.85 35.20
CA VAL H 428 52.75 64.93 34.28
C VAL H 428 53.51 63.61 34.20
N GLN H 429 54.83 63.60 34.47
CA GLN H 429 55.57 62.35 34.53
C GLN H 429 55.17 61.51 35.75
N GLN H 430 54.96 62.19 36.89
CA GLN H 430 54.36 61.54 38.06
C GLN H 430 52.97 61.02 37.73
N LEU H 431 52.20 61.76 36.93
CA LEU H 431 50.87 61.30 36.50
C LEU H 431 50.95 60.03 35.67
N ILE H 432 51.93 59.96 34.75
CA ILE H 432 52.13 58.76 33.91
C ILE H 432 52.51 57.56 34.78
N ASP H 433 53.43 57.78 35.73
CA ASP H 433 53.84 56.70 36.62
C ASP H 433 52.71 56.29 37.56
N GLU H 434 51.81 57.20 37.89
CA GLU H 434 50.67 56.86 38.73
C GLU H 434 49.61 56.07 37.95
N TYR H 435 49.43 56.39 36.66
CA TYR H 435 48.60 55.54 35.80
C TYR H 435 49.17 54.12 35.71
N HIS H 436 50.48 54.01 35.50
CA HIS H 436 51.09 52.69 35.38
C HIS H 436 51.17 51.95 36.70
N ALA H 437 51.19 52.66 37.84
CA ALA H 437 51.10 52.01 39.13
C ALA H 437 49.67 51.59 39.46
N ALA H 438 48.68 52.35 38.95
CA ALA H 438 47.29 51.96 39.14
C ALA H 438 46.91 50.76 38.29
N THR H 439 47.64 50.50 37.20
CA THR H 439 47.48 49.23 36.50
C THR H 439 47.92 48.05 37.35
N ARG H 440 48.88 48.26 38.25
CA ARG H 440 49.36 47.21 39.13
C ARG H 440 48.38 46.97 40.28
N PRO H 441 48.42 45.79 40.91
CA PRO H 441 47.62 45.60 42.13
C PRO H 441 48.20 46.26 43.38
N ASP H 442 49.29 47.00 43.26
CA ASP H 442 49.86 47.77 44.35
C ASP H 442 49.87 49.25 44.00
N TYR H 443 49.38 50.06 44.94
CA TYR H 443 49.55 51.50 44.90
C TYR H 443 50.19 51.97 46.19
N ILE H 444 50.91 51.07 46.85
CA ILE H 444 51.82 51.44 47.93
C ILE H 444 53.16 51.87 47.35
N SER H 445 53.32 51.76 46.04
CA SER H 445 54.49 52.28 45.34
C SER H 445 54.07 52.85 44.00
N TRP H 446 54.29 54.16 43.82
CA TRP H 446 54.35 54.73 42.48
C TRP H 446 55.71 55.40 42.31
N GLY H 447 56.09 55.63 41.06
CA GLY H 447 57.34 56.28 40.75
C GLY H 447 57.25 57.80 40.85
#